data_5NMP
#
_entry.id   5NMP
#
_cell.length_a   164.840
_cell.length_b   164.840
_cell.length_c   275.890
_cell.angle_alpha   90.00
_cell.angle_beta   90.00
_cell.angle_gamma   120.00
#
_symmetry.space_group_name_H-M   'P 32 2 1'
#
loop_
_entity.id
_entity.type
_entity.pdbx_description
1 polymer 'Isatin hydrolase'
2 non-polymer 'MANGANESE (II) ION'
3 non-polymer 'SUCCINIC ACID'
4 water water
#
_entity_poly.entity_id   1
_entity_poly.type   'polypeptide(L)'
_entity_poly.pdbx_seq_one_letter_code
;AMATSTTPTILPALAAGLARGNIRVVDLTQTLSPSFPTLQLPSQFGQVQPFKIERISHYDASGPAWYWNNFSCGEHTGTH
FDAPAHWITGRDYPGNSVDTIAPENFVAPAVVIDASAQVRENEDWLLTVDFLQAWEQRHGRIPAGAWVLFRTDWSLRVGD
AAAFLNIREDGAHTPGPTQEAVEWLIGERNVHGFGVETINTDAGQSYAWPLAYPCHTLMHGANRYGLQCLKNLDQLPPRG
AFILAAPLKIEGGSGSPLRVLALVE
;
_entity_poly.pdbx_strand_id   A,B,C,D,E,F,G,H,I,J
#
loop_
_chem_comp.id
_chem_comp.type
_chem_comp.name
_chem_comp.formula
MN non-polymer 'MANGANESE (II) ION' 'Mn 2'
SIN non-polymer 'SUCCINIC ACID' 'C4 H6 O4'
#
# COMPACT_ATOMS: atom_id res chain seq x y z
N ALA A 1 -52.71 -11.66 -44.15
CA ALA A 1 -53.43 -11.72 -45.43
C ALA A 1 -53.31 -13.11 -46.06
N MET A 2 -54.39 -13.89 -45.98
CA MET A 2 -54.37 -15.27 -46.44
C MET A 2 -55.54 -15.60 -47.36
N ALA A 3 -55.53 -16.82 -47.91
CA ALA A 3 -56.53 -17.28 -48.86
C ALA A 3 -57.91 -17.48 -48.23
N THR A 4 -58.87 -17.92 -49.03
CA THR A 4 -60.23 -18.11 -48.55
C THR A 4 -60.65 -19.59 -48.55
N SER A 5 -59.77 -20.46 -48.07
CA SER A 5 -60.15 -21.85 -47.80
C SER A 5 -59.95 -22.15 -46.32
N THR A 6 -60.57 -23.22 -45.83
CA THR A 6 -60.50 -23.57 -44.42
C THR A 6 -59.06 -23.85 -43.96
N THR A 7 -58.32 -24.62 -44.76
CA THR A 7 -56.92 -24.89 -44.45
C THR A 7 -56.03 -24.71 -45.68
N PRO A 8 -55.68 -23.45 -46.00
CA PRO A 8 -54.92 -23.10 -47.20
C PRO A 8 -53.43 -23.39 -47.09
N THR A 9 -52.68 -22.98 -48.12
CA THR A 9 -51.24 -23.06 -48.09
C THR A 9 -50.66 -21.75 -47.58
N ILE A 10 -49.54 -21.82 -46.88
CA ILE A 10 -49.02 -20.68 -46.13
C ILE A 10 -47.88 -19.95 -46.85
N LEU A 11 -47.05 -20.71 -47.57
CA LEU A 11 -45.88 -20.14 -48.22
C LEU A 11 -46.18 -19.05 -49.26
N PRO A 12 -47.27 -19.19 -50.05
CA PRO A 12 -47.59 -18.03 -50.89
C PRO A 12 -47.92 -16.78 -50.08
N ALA A 13 -48.66 -16.95 -48.98
CA ALA A 13 -49.01 -15.83 -48.12
C ALA A 13 -47.78 -15.24 -47.44
N LEU A 14 -46.83 -16.13 -47.09
CA LEU A 14 -45.60 -15.72 -46.44
C LEU A 14 -44.74 -14.86 -47.36
N ALA A 15 -44.57 -15.30 -48.59
CA ALA A 15 -43.77 -14.60 -49.58
C ALA A 15 -44.33 -13.20 -49.87
N ALA A 16 -45.66 -13.12 -49.94
CA ALA A 16 -46.33 -11.86 -50.23
C ALA A 16 -46.20 -10.90 -49.04
N GLY A 17 -46.28 -11.46 -47.84
CA GLY A 17 -46.14 -10.67 -46.62
C GLY A 17 -44.78 -10.01 -46.51
N LEU A 18 -43.73 -10.78 -46.77
CA LEU A 18 -42.37 -10.27 -46.72
C LEU A 18 -42.16 -9.20 -47.80
N ALA A 19 -42.79 -9.39 -48.95
CA ALA A 19 -42.67 -8.42 -50.04
C ALA A 19 -43.44 -7.13 -49.73
N ARG A 20 -44.61 -7.27 -49.13
CA ARG A 20 -45.42 -6.11 -48.76
C ARG A 20 -44.79 -5.30 -47.63
N GLY A 21 -44.07 -5.99 -46.74
CA GLY A 21 -43.50 -5.34 -45.58
C GLY A 21 -44.28 -5.65 -44.31
N ASN A 22 -45.29 -6.51 -44.43
CA ASN A 22 -46.05 -6.97 -43.27
C ASN A 22 -45.15 -7.74 -42.31
N ILE A 23 -44.24 -8.51 -42.88
CA ILE A 23 -43.28 -9.27 -42.11
C ILE A 23 -41.87 -8.71 -42.33
N ARG A 24 -41.23 -8.29 -41.25
CA ARG A 24 -39.90 -7.69 -41.34
C ARG A 24 -38.82 -8.72 -41.08
N VAL A 25 -37.61 -8.45 -41.58
CA VAL A 25 -36.47 -9.32 -41.35
C VAL A 25 -35.42 -8.60 -40.51
N VAL A 26 -35.14 -9.15 -39.33
CA VAL A 26 -34.15 -8.55 -38.43
C VAL A 26 -32.88 -9.38 -38.40
N ASP A 27 -31.74 -8.73 -38.61
CA ASP A 27 -30.44 -9.39 -38.59
C ASP A 27 -29.90 -9.45 -37.16
N LEU A 28 -29.74 -10.65 -36.64
CA LEU A 28 -29.27 -10.84 -35.27
C LEU A 28 -27.79 -11.22 -35.22
N THR A 29 -27.10 -11.02 -36.33
CA THR A 29 -25.74 -11.52 -36.48
C THR A 29 -24.69 -10.41 -36.36
N GLN A 30 -23.61 -10.69 -35.63
CA GLN A 30 -22.46 -9.81 -35.57
C GLN A 30 -21.61 -9.97 -36.83
N THR A 31 -20.77 -8.99 -37.12
CA THR A 31 -19.92 -9.03 -38.30
C THR A 31 -18.62 -9.79 -38.07
N LEU A 32 -18.39 -10.83 -38.88
CA LEU A 32 -17.14 -11.58 -38.84
C LEU A 32 -15.96 -10.75 -39.35
N SER A 33 -15.04 -10.43 -38.44
CA SER A 33 -13.89 -9.60 -38.77
C SER A 33 -12.72 -9.98 -37.86
N PRO A 34 -11.47 -9.69 -38.28
CA PRO A 34 -10.30 -9.99 -37.46
C PRO A 34 -10.30 -9.27 -36.11
N SER A 35 -11.15 -8.26 -35.95
CA SER A 35 -11.18 -7.50 -34.71
C SER A 35 -12.22 -8.05 -33.73
N PHE A 36 -13.00 -9.03 -34.17
CA PHE A 36 -14.01 -9.63 -33.30
C PHE A 36 -13.36 -10.43 -32.19
N PRO A 37 -13.85 -10.28 -30.94
CA PRO A 37 -13.28 -10.94 -29.76
C PRO A 37 -13.12 -12.45 -29.93
N THR A 38 -11.94 -12.95 -29.57
CA THR A 38 -11.65 -14.37 -29.68
C THR A 38 -11.56 -14.99 -28.29
N LEU A 39 -12.31 -16.08 -28.09
CA LEU A 39 -12.32 -16.78 -26.81
C LEU A 39 -10.96 -17.40 -26.49
N GLN A 40 -10.49 -17.17 -25.27
CA GLN A 40 -9.24 -17.79 -24.82
C GLN A 40 -9.46 -18.60 -23.55
N LEU A 41 -9.04 -19.86 -23.61
CA LEU A 41 -9.11 -20.78 -22.47
C LEU A 41 -7.76 -20.82 -21.77
N PRO A 42 -7.73 -21.35 -20.53
CA PRO A 42 -6.45 -21.60 -19.84
C PRO A 42 -5.45 -22.34 -20.72
N SER A 43 -4.16 -22.06 -20.52
CA SER A 43 -3.11 -22.50 -21.43
C SER A 43 -3.01 -24.01 -21.60
N GLN A 44 -3.56 -24.77 -20.66
CA GLN A 44 -3.49 -26.22 -20.70
C GLN A 44 -4.44 -26.82 -21.74
N PHE A 45 -5.35 -26.01 -22.26
CA PHE A 45 -6.32 -26.49 -23.23
C PHE A 45 -5.99 -26.05 -24.67
N GLY A 46 -6.61 -26.73 -25.64
CA GLY A 46 -6.50 -26.34 -27.03
C GLY A 46 -7.29 -25.07 -27.28
N GLN A 47 -6.79 -24.21 -28.15
CA GLN A 47 -7.40 -22.91 -28.38
C GLN A 47 -8.08 -22.80 -29.74
N VAL A 48 -9.15 -22.02 -29.81
CA VAL A 48 -9.80 -21.73 -31.08
C VAL A 48 -9.04 -20.63 -31.82
N GLN A 49 -8.95 -20.76 -33.14
CA GLN A 49 -8.32 -19.73 -33.97
C GLN A 49 -9.22 -18.51 -34.05
N PRO A 50 -8.60 -17.32 -34.08
CA PRO A 50 -9.35 -16.09 -34.37
C PRO A 50 -9.75 -16.05 -35.85
N PHE A 51 -10.62 -15.12 -36.23
CA PHE A 51 -11.03 -15.00 -37.62
C PHE A 51 -9.95 -14.30 -38.44
N LYS A 52 -9.44 -14.99 -39.46
CA LYS A 52 -8.45 -14.41 -40.36
C LYS A 52 -8.95 -14.43 -41.79
N ILE A 53 -8.74 -13.34 -42.52
CA ILE A 53 -9.18 -13.25 -43.89
C ILE A 53 -8.09 -12.70 -44.80
N GLU A 54 -7.87 -13.35 -45.94
CA GLU A 54 -6.85 -12.92 -46.88
C GLU A 54 -7.41 -12.82 -48.30
N ARG A 55 -7.14 -11.69 -48.94
CA ARG A 55 -7.66 -11.40 -50.26
C ARG A 55 -6.97 -12.25 -51.34
N ILE A 56 -7.76 -12.78 -52.26
CA ILE A 56 -7.21 -13.55 -53.38
C ILE A 56 -6.98 -12.64 -54.59
N SER A 57 -7.98 -11.83 -54.91
CA SER A 57 -7.88 -10.86 -56.00
C SER A 57 -8.87 -9.73 -55.80
N HIS A 58 -8.59 -8.58 -56.42
CA HIS A 58 -9.45 -7.40 -56.29
C HIS A 58 -9.52 -6.65 -57.61
N TYR A 59 -10.11 -7.30 -58.63
CA TYR A 59 -10.20 -6.77 -59.98
C TYR A 59 -8.83 -6.30 -60.49
N ASP A 60 -7.81 -7.13 -60.26
CA ASP A 60 -6.45 -6.77 -60.61
C ASP A 60 -5.72 -7.93 -61.29
N ALA A 61 -4.39 -7.87 -61.28
CA ALA A 61 -3.56 -8.88 -61.96
C ALA A 61 -3.86 -10.31 -61.48
N SER A 62 -4.21 -10.46 -60.21
CA SER A 62 -4.51 -11.78 -59.65
C SER A 62 -5.89 -12.29 -60.08
N GLY A 63 -6.72 -11.40 -60.61
CA GLY A 63 -8.08 -11.74 -61.01
C GLY A 63 -8.79 -10.53 -61.57
N PRO A 64 -8.58 -10.26 -62.87
CA PRO A 64 -8.95 -9.00 -63.53
C PRO A 64 -10.43 -8.63 -63.48
N ALA A 65 -11.32 -9.61 -63.38
CA ALA A 65 -12.75 -9.31 -63.46
C ALA A 65 -13.51 -9.68 -62.18
N TRP A 66 -12.79 -10.16 -61.18
CA TRP A 66 -13.45 -10.65 -59.97
C TRP A 66 -12.73 -10.30 -58.68
N TYR A 67 -13.43 -10.47 -57.57
CA TYR A 67 -12.92 -10.21 -56.23
C TYR A 67 -13.43 -11.27 -55.27
N TRP A 68 -12.53 -11.85 -54.47
CA TRP A 68 -12.91 -12.87 -53.49
C TRP A 68 -11.80 -13.15 -52.47
N ASN A 69 -12.18 -13.77 -51.36
CA ASN A 69 -11.26 -14.01 -50.25
C ASN A 69 -11.16 -15.47 -49.83
N ASN A 70 -10.08 -15.80 -49.13
CA ASN A 70 -9.99 -17.01 -48.32
C ASN A 70 -10.13 -16.62 -46.86
N PHE A 71 -10.70 -17.49 -46.03
CA PHE A 71 -10.77 -17.21 -44.60
C PHE A 71 -10.56 -18.44 -43.73
N SER A 72 -10.24 -18.19 -42.47
CA SER A 72 -10.07 -19.25 -41.49
C SER A 72 -10.59 -18.80 -40.14
N CYS A 73 -11.19 -19.73 -39.41
CA CYS A 73 -11.70 -19.46 -38.07
C CYS A 73 -12.05 -20.77 -37.39
N GLY A 74 -12.84 -20.69 -36.31
CA GLY A 74 -13.27 -21.88 -35.61
C GLY A 74 -14.76 -22.09 -35.78
N GLU A 75 -15.22 -23.30 -35.48
CA GLU A 75 -16.65 -23.58 -35.47
C GLU A 75 -17.37 -22.63 -34.52
N HIS A 76 -16.70 -22.26 -33.43
CA HIS A 76 -17.29 -21.41 -32.42
C HIS A 76 -16.71 -20.00 -32.47
N THR A 77 -16.90 -19.36 -33.63
CA THR A 77 -16.40 -18.01 -33.88
C THR A 77 -17.56 -17.07 -34.13
N GLY A 78 -17.58 -15.94 -33.42
CA GLY A 78 -18.61 -14.94 -33.60
C GLY A 78 -20.02 -15.44 -33.33
N THR A 79 -20.99 -14.89 -34.05
CA THR A 79 -22.36 -15.38 -33.98
C THR A 79 -22.39 -16.82 -34.47
N HIS A 80 -22.52 -17.77 -33.55
CA HIS A 80 -22.48 -19.18 -33.96
C HIS A 80 -23.48 -20.06 -33.24
N PHE A 81 -23.54 -21.31 -33.67
CA PHE A 81 -24.52 -22.30 -33.27
C PHE A 81 -23.83 -23.44 -32.53
N ASP A 82 -24.38 -23.85 -31.39
CA ASP A 82 -23.82 -24.98 -30.63
C ASP A 82 -24.66 -26.24 -30.85
N ALA A 83 -24.04 -27.26 -31.44
CA ALA A 83 -24.69 -28.57 -31.62
C ALA A 83 -24.45 -29.45 -30.39
N PRO A 84 -25.34 -30.41 -30.13
CA PRO A 84 -25.21 -31.25 -28.93
C PRO A 84 -23.88 -32.02 -28.84
N ALA A 85 -23.28 -32.32 -29.99
CA ALA A 85 -22.01 -33.07 -30.01
C ALA A 85 -20.88 -32.26 -29.39
N HIS A 86 -21.08 -30.96 -29.27
CA HIS A 86 -20.08 -30.05 -28.73
C HIS A 86 -19.70 -30.41 -27.29
N TRP A 87 -20.65 -31.00 -26.57
CA TRP A 87 -20.42 -31.36 -25.17
C TRP A 87 -20.47 -32.86 -24.95
N ILE A 88 -19.74 -33.32 -23.93
CA ILE A 88 -19.56 -34.75 -23.69
C ILE A 88 -20.87 -35.47 -23.36
N THR A 89 -21.87 -34.73 -22.86
CA THR A 89 -23.15 -35.33 -22.49
C THR A 89 -24.07 -35.50 -23.71
N GLY A 90 -23.69 -34.91 -24.83
CA GLY A 90 -24.49 -35.02 -26.04
C GLY A 90 -23.78 -35.76 -27.16
N ARG A 91 -22.70 -36.46 -26.81
CA ARG A 91 -21.83 -37.08 -27.80
C ARG A 91 -22.48 -38.23 -28.58
N ASP A 92 -23.47 -38.90 -27.98
CA ASP A 92 -23.98 -40.15 -28.55
C ASP A 92 -25.37 -40.05 -29.19
N TYR A 93 -25.94 -38.86 -29.25
CA TYR A 93 -27.21 -38.67 -29.96
C TYR A 93 -26.98 -38.83 -31.46
N PRO A 94 -27.96 -39.43 -32.17
CA PRO A 94 -27.86 -39.71 -33.61
C PRO A 94 -27.60 -38.47 -34.47
N GLY A 95 -28.51 -37.49 -34.42
CA GLY A 95 -28.35 -36.28 -35.20
C GLY A 95 -27.86 -35.14 -34.31
N ASN A 96 -26.60 -35.23 -33.89
CA ASN A 96 -26.06 -34.31 -32.90
C ASN A 96 -25.02 -33.34 -33.45
N SER A 97 -24.67 -33.49 -34.71
CA SER A 97 -23.71 -32.60 -35.36
C SER A 97 -24.42 -31.75 -36.42
N VAL A 98 -23.80 -30.64 -36.82
CA VAL A 98 -24.46 -29.67 -37.69
C VAL A 98 -24.77 -30.22 -39.09
N ASP A 99 -24.15 -31.34 -39.45
CA ASP A 99 -24.41 -31.96 -40.73
C ASP A 99 -25.46 -33.08 -40.63
N THR A 100 -25.82 -33.47 -39.40
CA THR A 100 -26.77 -34.57 -39.22
C THR A 100 -28.03 -34.19 -38.46
N ILE A 101 -28.04 -33.02 -37.82
CA ILE A 101 -29.24 -32.53 -37.15
C ILE A 101 -30.37 -32.39 -38.16
N ALA A 102 -31.56 -32.87 -37.80
CA ALA A 102 -32.73 -32.75 -38.67
C ALA A 102 -33.00 -31.29 -39.05
N PRO A 103 -33.04 -31.00 -40.35
CA PRO A 103 -33.20 -29.66 -40.93
C PRO A 103 -34.39 -28.88 -40.35
N GLU A 104 -35.39 -29.59 -39.86
CA GLU A 104 -36.57 -28.99 -39.25
C GLU A 104 -36.21 -28.11 -38.05
N ASN A 105 -35.10 -28.43 -37.38
CA ASN A 105 -34.70 -27.73 -36.17
C ASN A 105 -33.98 -26.41 -36.43
N PHE A 106 -33.80 -26.09 -37.72
CA PHE A 106 -33.10 -24.86 -38.08
C PHE A 106 -34.07 -23.68 -38.16
N VAL A 107 -35.36 -23.97 -37.95
CA VAL A 107 -36.39 -22.95 -37.91
C VAL A 107 -37.29 -23.18 -36.69
N ALA A 108 -37.53 -22.11 -35.94
CA ALA A 108 -38.29 -22.21 -34.68
C ALA A 108 -38.72 -20.85 -34.14
N PRO A 109 -39.84 -20.83 -33.40
CA PRO A 109 -40.29 -19.62 -32.70
C PRO A 109 -39.34 -19.23 -31.58
N ALA A 110 -39.43 -17.99 -31.10
CA ALA A 110 -38.57 -17.55 -30.01
C ALA A 110 -39.30 -16.63 -29.03
N VAL A 111 -38.87 -16.70 -27.78
CA VAL A 111 -39.27 -15.72 -26.78
C VAL A 111 -38.03 -14.93 -26.37
N VAL A 112 -38.23 -13.67 -26.00
CA VAL A 112 -37.10 -12.83 -25.63
C VAL A 112 -37.22 -12.37 -24.18
N ILE A 113 -36.23 -12.71 -23.37
CA ILE A 113 -36.20 -12.32 -21.97
C ILE A 113 -35.28 -11.13 -21.76
N ASP A 114 -35.85 -9.97 -21.43
CA ASP A 114 -35.05 -8.75 -21.28
C ASP A 114 -34.54 -8.56 -19.85
N ALA A 115 -33.23 -8.66 -19.69
CA ALA A 115 -32.60 -8.45 -18.39
C ALA A 115 -31.48 -7.41 -18.47
N SER A 116 -31.57 -6.54 -19.46
CA SER A 116 -30.53 -5.55 -19.72
C SER A 116 -30.32 -4.59 -18.55
N ALA A 117 -31.40 -4.20 -17.88
CA ALA A 117 -31.32 -3.28 -16.75
C ALA A 117 -30.61 -3.94 -15.56
N GLN A 118 -30.81 -5.24 -15.40
CA GLN A 118 -30.22 -5.97 -14.28
C GLN A 118 -28.73 -6.19 -14.51
N VAL A 119 -28.37 -6.54 -15.73
CA VAL A 119 -26.98 -6.79 -16.10
C VAL A 119 -26.17 -5.50 -16.09
N ARG A 120 -26.86 -4.38 -16.31
CA ARG A 120 -26.23 -3.08 -16.28
C ARG A 120 -25.69 -2.76 -14.89
N GLU A 121 -26.28 -3.39 -13.87
CA GLU A 121 -25.88 -3.14 -12.48
C GLU A 121 -25.15 -4.34 -11.87
N ASN A 122 -25.05 -5.42 -12.62
CA ASN A 122 -24.34 -6.61 -12.17
C ASN A 122 -23.93 -7.50 -13.34
N GLU A 123 -22.64 -7.54 -13.61
CA GLU A 123 -22.12 -8.33 -14.73
C GLU A 123 -22.16 -9.83 -14.45
N ASP A 124 -22.42 -10.19 -13.19
CA ASP A 124 -22.51 -11.60 -12.81
C ASP A 124 -23.95 -12.01 -12.51
N TRP A 125 -24.89 -11.19 -12.96
CA TRP A 125 -26.31 -11.41 -12.70
C TRP A 125 -26.78 -12.78 -13.20
N LEU A 126 -27.60 -13.44 -12.39
CA LEU A 126 -28.06 -14.79 -12.72
C LEU A 126 -29.56 -14.82 -13.02
N LEU A 127 -29.89 -15.40 -14.16
CA LEU A 127 -31.28 -15.64 -14.54
C LEU A 127 -31.87 -16.75 -13.69
N THR A 128 -32.91 -16.45 -12.94
CA THR A 128 -33.48 -17.42 -12.02
C THR A 128 -34.87 -17.89 -12.47
N VAL A 129 -35.33 -18.97 -11.85
CA VAL A 129 -36.66 -19.49 -12.11
C VAL A 129 -37.72 -18.46 -11.73
N ASP A 130 -37.51 -17.79 -10.60
CA ASP A 130 -38.42 -16.76 -10.13
C ASP A 130 -38.57 -15.66 -11.18
N PHE A 131 -37.46 -15.23 -11.76
CA PHE A 131 -37.49 -14.19 -12.78
C PHE A 131 -38.22 -14.66 -14.03
N LEU A 132 -38.01 -15.93 -14.40
CA LEU A 132 -38.68 -16.49 -15.56
C LEU A 132 -40.19 -16.60 -15.35
N GLN A 133 -40.60 -17.02 -14.15
CA GLN A 133 -42.03 -17.17 -13.84
C GLN A 133 -42.73 -15.82 -13.75
N ALA A 134 -42.00 -14.78 -13.38
CA ALA A 134 -42.55 -13.43 -13.34
C ALA A 134 -42.75 -12.91 -14.77
N TRP A 135 -41.84 -13.31 -15.66
CA TRP A 135 -41.92 -12.95 -17.07
C TRP A 135 -43.18 -13.53 -17.70
N GLU A 136 -43.49 -14.78 -17.38
CA GLU A 136 -44.68 -15.44 -17.90
C GLU A 136 -45.97 -14.80 -17.39
N GLN A 137 -45.91 -14.20 -16.20
CA GLN A 137 -47.07 -13.52 -15.64
C GLN A 137 -47.41 -12.27 -16.44
N ARG A 138 -46.43 -11.75 -17.16
CA ARG A 138 -46.60 -10.56 -17.97
C ARG A 138 -46.85 -10.89 -19.45
N HIS A 139 -46.20 -11.95 -19.95
CA HIS A 139 -46.19 -12.21 -21.39
C HIS A 139 -46.74 -13.58 -21.78
N GLY A 140 -47.10 -14.40 -20.80
CA GLY A 140 -47.67 -15.70 -21.09
C GLY A 140 -46.68 -16.83 -21.03
N ARG A 141 -47.18 -18.05 -21.09
CA ARG A 141 -46.37 -19.26 -20.98
C ARG A 141 -45.36 -19.38 -22.12
N ILE A 142 -44.11 -19.70 -21.77
CA ILE A 142 -43.08 -19.98 -22.76
C ILE A 142 -43.42 -21.26 -23.52
N PRO A 143 -43.62 -21.16 -24.84
CA PRO A 143 -44.09 -22.29 -25.65
C PRO A 143 -43.03 -23.37 -25.87
N ALA A 144 -43.47 -24.63 -25.91
CA ALA A 144 -42.57 -25.74 -26.13
C ALA A 144 -42.04 -25.72 -27.56
N GLY A 145 -40.73 -25.95 -27.71
CA GLY A 145 -40.09 -25.96 -29.01
C GLY A 145 -39.62 -24.59 -29.46
N ALA A 146 -39.54 -23.66 -28.51
CA ALA A 146 -39.14 -22.30 -28.83
C ALA A 146 -37.76 -21.98 -28.31
N TRP A 147 -37.04 -21.10 -29.01
CA TRP A 147 -35.80 -20.53 -28.49
C TRP A 147 -36.09 -19.65 -27.30
N VAL A 148 -35.19 -19.67 -26.32
CA VAL A 148 -35.21 -18.68 -25.25
C VAL A 148 -34.04 -17.73 -25.46
N LEU A 149 -34.32 -16.53 -25.94
CA LEU A 149 -33.28 -15.55 -26.22
C LEU A 149 -33.07 -14.63 -25.01
N PHE A 150 -31.89 -14.73 -24.42
CA PHE A 150 -31.52 -13.97 -23.24
C PHE A 150 -30.94 -12.60 -23.61
N ARG A 151 -31.77 -11.57 -23.59
CA ARG A 151 -31.31 -10.22 -23.93
C ARG A 151 -30.62 -9.54 -22.75
N THR A 152 -29.39 -9.10 -22.97
CA THR A 152 -28.59 -8.48 -21.91
C THR A 152 -27.93 -7.18 -22.37
N ASP A 153 -28.11 -6.82 -23.64
CA ASP A 153 -27.45 -5.67 -24.26
C ASP A 153 -25.92 -5.80 -24.23
N TRP A 154 -25.43 -7.02 -24.03
CA TRP A 154 -24.00 -7.28 -23.97
C TRP A 154 -23.33 -7.07 -25.32
N SER A 155 -24.11 -7.18 -26.39
CA SER A 155 -23.59 -7.02 -27.75
C SER A 155 -23.01 -5.64 -28.01
N LEU A 156 -23.35 -4.68 -27.16
CA LEU A 156 -22.86 -3.31 -27.32
C LEU A 156 -21.39 -3.19 -26.92
N ARG A 157 -20.86 -4.25 -26.32
CA ARG A 157 -19.47 -4.27 -25.88
C ARG A 157 -18.53 -4.77 -26.97
N VAL A 158 -19.09 -5.10 -28.14
CA VAL A 158 -18.34 -5.76 -29.20
C VAL A 158 -17.15 -4.94 -29.72
N GLY A 159 -17.21 -3.62 -29.58
CA GLY A 159 -16.12 -2.76 -30.00
C GLY A 159 -14.90 -2.85 -29.09
N ASP A 160 -15.10 -3.33 -27.87
CA ASP A 160 -14.03 -3.49 -26.89
C ASP A 160 -13.90 -4.97 -26.52
N ALA A 161 -12.89 -5.64 -27.08
CA ALA A 161 -12.70 -7.06 -26.88
C ALA A 161 -12.49 -7.41 -25.41
N ALA A 162 -11.74 -6.57 -24.69
CA ALA A 162 -11.50 -6.80 -23.27
C ALA A 162 -12.81 -6.72 -22.49
N ALA A 163 -13.65 -5.75 -22.85
CA ALA A 163 -14.94 -5.56 -22.18
C ALA A 163 -15.93 -6.66 -22.55
N PHE A 164 -15.82 -7.18 -23.76
CA PHE A 164 -16.74 -8.21 -24.25
C PHE A 164 -16.51 -9.54 -23.55
N LEU A 165 -15.24 -9.92 -23.41
CA LEU A 165 -14.88 -11.14 -22.71
C LEU A 165 -14.96 -10.93 -21.19
N ASN A 166 -14.60 -9.73 -20.75
CA ASN A 166 -14.67 -9.32 -19.34
C ASN A 166 -14.03 -10.31 -18.39
N ILE A 167 -12.71 -10.45 -18.50
CA ILE A 167 -11.97 -11.46 -17.77
C ILE A 167 -11.11 -10.85 -16.67
N ARG A 168 -11.22 -11.43 -15.47
CA ARG A 168 -10.38 -11.04 -14.34
C ARG A 168 -9.52 -12.24 -13.93
N GLU A 169 -8.89 -12.17 -12.76
CA GLU A 169 -7.93 -13.21 -12.36
C GLU A 169 -8.62 -14.55 -12.07
N ASP A 170 -9.94 -14.50 -11.84
CA ASP A 170 -10.68 -15.71 -11.54
C ASP A 170 -11.68 -16.05 -12.66
N GLY A 171 -11.30 -15.75 -13.89
CA GLY A 171 -12.11 -16.11 -15.04
C GLY A 171 -13.00 -14.99 -15.56
N ALA A 172 -13.93 -15.35 -16.44
CA ALA A 172 -14.81 -14.39 -17.07
C ALA A 172 -16.01 -14.05 -16.20
N HIS A 173 -16.40 -12.78 -16.17
CA HIS A 173 -17.55 -12.35 -15.41
C HIS A 173 -18.68 -11.90 -16.33
N THR A 174 -19.53 -12.84 -16.70
CA THR A 174 -20.65 -12.59 -17.61
C THR A 174 -21.93 -13.20 -17.04
N PRO A 175 -23.10 -12.63 -17.40
CA PRO A 175 -24.36 -13.14 -16.86
C PRO A 175 -24.76 -14.49 -17.45
N GLY A 176 -25.73 -15.16 -16.81
CA GLY A 176 -26.16 -16.48 -17.26
C GLY A 176 -27.21 -17.09 -16.35
N PRO A 177 -27.75 -18.26 -16.74
CA PRO A 177 -28.81 -18.92 -15.97
C PRO A 177 -28.27 -19.79 -14.84
N THR A 178 -29.06 -19.92 -13.78
CA THR A 178 -28.75 -20.87 -12.72
C THR A 178 -29.02 -22.28 -13.20
N GLN A 179 -28.52 -23.28 -12.48
CA GLN A 179 -28.80 -24.66 -12.83
C GLN A 179 -30.30 -24.94 -12.78
N GLU A 180 -30.97 -24.43 -11.76
CA GLU A 180 -32.40 -24.64 -11.59
C GLU A 180 -33.19 -24.06 -12.76
N ALA A 181 -32.75 -22.90 -13.25
CA ALA A 181 -33.40 -22.26 -14.40
C ALA A 181 -33.26 -23.11 -15.65
N VAL A 182 -32.06 -23.63 -15.87
CA VAL A 182 -31.80 -24.51 -17.00
C VAL A 182 -32.67 -25.77 -16.90
N GLU A 183 -32.73 -26.35 -15.71
CA GLU A 183 -33.56 -27.53 -15.47
C GLU A 183 -35.04 -27.25 -15.72
N TRP A 184 -35.50 -26.07 -15.29
CA TRP A 184 -36.89 -25.67 -15.46
C TRP A 184 -37.25 -25.47 -16.92
N LEU A 185 -36.38 -24.77 -17.65
CA LEU A 185 -36.59 -24.52 -19.07
C LEU A 185 -36.68 -25.81 -19.88
N ILE A 186 -35.85 -26.79 -19.53
CA ILE A 186 -35.85 -28.06 -20.24
C ILE A 186 -37.01 -28.95 -19.80
N GLY A 187 -37.15 -29.16 -18.50
CA GLY A 187 -38.11 -30.10 -17.96
C GLY A 187 -39.55 -29.63 -17.86
N GLU A 188 -39.75 -28.35 -17.58
CA GLU A 188 -41.10 -27.84 -17.39
C GLU A 188 -41.64 -27.07 -18.59
N ARG A 189 -40.77 -26.71 -19.52
CA ARG A 189 -41.17 -25.89 -20.66
C ARG A 189 -40.76 -26.46 -22.02
N ASN A 190 -39.85 -27.43 -21.99
CA ASN A 190 -39.46 -28.16 -23.19
C ASN A 190 -38.99 -27.23 -24.32
N VAL A 191 -38.09 -26.31 -23.96
CA VAL A 191 -37.61 -25.31 -24.91
C VAL A 191 -36.72 -25.93 -25.98
N HIS A 192 -36.55 -25.20 -27.08
CA HIS A 192 -35.77 -25.65 -28.22
C HIS A 192 -34.27 -25.47 -27.95
N GLY A 193 -33.94 -24.35 -27.31
CA GLY A 193 -32.56 -23.98 -27.10
C GLY A 193 -32.40 -22.70 -26.31
N PHE A 194 -31.15 -22.29 -26.13
CA PHE A 194 -30.84 -21.08 -25.37
C PHE A 194 -29.92 -20.15 -26.18
N GLY A 195 -30.29 -18.88 -26.29
CA GLY A 195 -29.51 -17.94 -27.09
C GLY A 195 -29.06 -16.72 -26.29
N VAL A 196 -27.79 -16.33 -26.48
CA VAL A 196 -27.22 -15.24 -25.70
C VAL A 196 -26.49 -14.20 -26.56
N GLU A 197 -26.10 -13.09 -25.95
CA GLU A 197 -25.32 -12.06 -26.63
C GLU A 197 -23.84 -12.18 -26.28
N THR A 198 -23.54 -13.02 -25.29
CA THR A 198 -22.17 -13.21 -24.83
C THR A 198 -21.47 -14.31 -25.61
N ILE A 199 -20.19 -14.53 -25.30
CA ILE A 199 -19.40 -15.56 -25.95
C ILE A 199 -19.63 -16.92 -25.27
N ASN A 200 -20.51 -16.94 -24.29
CA ASN A 200 -20.82 -18.18 -23.56
C ASN A 200 -22.30 -18.21 -23.14
N THR A 201 -22.97 -19.35 -23.35
CA THR A 201 -24.36 -19.47 -22.94
C THR A 201 -24.46 -19.56 -21.43
N ASP A 202 -23.39 -20.04 -20.80
CA ASP A 202 -23.33 -20.13 -19.36
C ASP A 202 -22.75 -18.88 -18.74
N ALA A 203 -23.06 -18.65 -17.48
CA ALA A 203 -22.43 -17.59 -16.71
C ALA A 203 -20.96 -17.92 -16.56
N GLY A 204 -20.10 -16.91 -16.74
CA GLY A 204 -18.67 -17.11 -16.72
C GLY A 204 -18.16 -17.79 -15.47
N GLN A 205 -18.77 -17.47 -14.33
CA GLN A 205 -18.31 -17.98 -13.04
C GLN A 205 -18.88 -19.36 -12.71
N SER A 206 -19.68 -19.91 -13.62
CA SER A 206 -20.33 -21.20 -13.37
C SER A 206 -19.37 -22.37 -13.59
N TYR A 207 -18.11 -22.07 -13.88
CA TYR A 207 -17.10 -23.10 -14.02
C TYR A 207 -16.80 -23.73 -12.67
N ALA A 208 -17.18 -23.02 -11.61
CA ALA A 208 -16.83 -23.43 -10.24
C ALA A 208 -18.04 -23.94 -9.46
N TRP A 209 -19.21 -23.93 -10.09
CA TRP A 209 -20.42 -24.47 -9.47
C TRP A 209 -20.30 -25.99 -9.36
N PRO A 210 -21.07 -26.61 -8.44
CA PRO A 210 -21.03 -28.08 -8.27
C PRO A 210 -21.22 -28.82 -9.59
N LEU A 211 -22.14 -28.35 -10.42
CA LEU A 211 -22.25 -28.85 -11.78
C LEU A 211 -21.81 -27.74 -12.72
N ALA A 212 -20.56 -27.82 -13.19
CA ALA A 212 -19.95 -26.78 -13.99
C ALA A 212 -20.63 -26.58 -15.34
N TYR A 213 -20.84 -25.32 -15.70
CA TYR A 213 -21.49 -24.95 -16.96
C TYR A 213 -22.79 -25.71 -17.19
N PRO A 214 -23.79 -25.46 -16.33
CA PRO A 214 -25.04 -26.22 -16.36
C PRO A 214 -25.80 -26.12 -17.69
N CYS A 215 -25.72 -24.98 -18.35
CA CYS A 215 -26.47 -24.79 -19.59
C CYS A 215 -25.90 -25.68 -20.69
N HIS A 216 -24.59 -25.64 -20.89
CA HIS A 216 -23.93 -26.55 -21.84
C HIS A 216 -24.19 -28.01 -21.50
N THR A 217 -24.00 -28.36 -20.24
CA THR A 217 -24.12 -29.75 -19.79
C THR A 217 -25.53 -30.31 -19.99
N LEU A 218 -26.53 -29.56 -19.55
CA LEU A 218 -27.90 -30.07 -19.52
C LEU A 218 -28.63 -29.90 -20.84
N MET A 219 -28.42 -28.77 -21.52
CA MET A 219 -29.10 -28.53 -22.80
C MET A 219 -28.60 -29.50 -23.86
N HIS A 220 -27.28 -29.59 -24.03
CA HIS A 220 -26.72 -30.54 -24.98
C HIS A 220 -26.96 -31.96 -24.51
N GLY A 221 -27.03 -32.15 -23.20
CA GLY A 221 -27.31 -33.44 -22.61
C GLY A 221 -28.74 -33.88 -22.86
N ALA A 222 -29.60 -32.93 -23.21
CA ALA A 222 -30.99 -33.22 -23.52
C ALA A 222 -31.25 -32.99 -25.00
N ASN A 223 -30.18 -33.07 -25.80
CA ASN A 223 -30.27 -32.95 -27.25
C ASN A 223 -30.82 -31.60 -27.72
N ARG A 224 -30.49 -30.53 -26.98
CA ARG A 224 -30.91 -29.17 -27.34
C ARG A 224 -29.74 -28.37 -27.92
N TYR A 225 -30.00 -27.12 -28.29
CA TYR A 225 -29.02 -26.31 -29.02
C TYR A 225 -28.74 -24.97 -28.36
N GLY A 226 -27.68 -24.29 -28.82
CA GLY A 226 -27.32 -22.99 -28.30
C GLY A 226 -26.96 -21.97 -29.37
N LEU A 227 -27.19 -20.69 -29.06
CA LEU A 227 -26.79 -19.59 -29.93
C LEU A 227 -25.96 -18.58 -29.15
N GLN A 228 -24.91 -18.06 -29.76
CA GLN A 228 -24.02 -17.13 -29.08
C GLN A 228 -23.71 -15.90 -29.92
N CYS A 229 -23.37 -14.81 -29.24
CA CYS A 229 -23.00 -13.54 -29.87
C CYS A 229 -24.10 -12.99 -30.76
N LEU A 230 -25.33 -13.00 -30.24
CA LEU A 230 -26.47 -12.41 -30.93
C LEU A 230 -26.52 -10.91 -30.68
N LYS A 231 -27.12 -10.18 -31.61
CA LYS A 231 -27.33 -8.75 -31.44
C LYS A 231 -28.73 -8.36 -31.91
N ASN A 232 -29.09 -7.10 -31.66
CA ASN A 232 -30.39 -6.54 -32.05
C ASN A 232 -31.59 -7.25 -31.42
N LEU A 233 -31.39 -7.85 -30.24
CA LEU A 233 -32.50 -8.49 -29.55
C LEU A 233 -33.51 -7.45 -29.08
N ASP A 234 -33.05 -6.21 -28.94
CA ASP A 234 -33.92 -5.11 -28.54
C ASP A 234 -34.95 -4.75 -29.60
N GLN A 235 -34.79 -5.28 -30.81
CA GLN A 235 -35.73 -5.02 -31.90
C GLN A 235 -36.76 -6.13 -32.04
N LEU A 236 -36.71 -7.08 -31.11
CA LEU A 236 -37.65 -8.21 -31.13
C LEU A 236 -38.71 -8.06 -30.06
N PRO A 237 -39.93 -8.52 -30.36
CA PRO A 237 -41.03 -8.56 -29.38
C PRO A 237 -40.77 -9.64 -28.33
N PRO A 238 -41.46 -9.58 -27.18
CA PRO A 238 -41.32 -10.61 -26.16
C PRO A 238 -41.63 -12.00 -26.71
N ARG A 239 -42.63 -12.07 -27.58
CA ARG A 239 -43.02 -13.33 -28.21
C ARG A 239 -43.61 -13.13 -29.59
N GLY A 240 -43.51 -14.14 -30.44
CA GLY A 240 -44.10 -14.09 -31.76
C GLY A 240 -43.08 -14.09 -32.88
N ALA A 241 -41.82 -13.81 -32.54
CA ALA A 241 -40.75 -13.79 -33.54
C ALA A 241 -40.41 -15.21 -33.99
N PHE A 242 -39.92 -15.32 -35.22
CA PHE A 242 -39.58 -16.61 -35.80
C PHE A 242 -38.12 -16.60 -36.24
N ILE A 243 -37.35 -17.59 -35.80
CA ILE A 243 -35.92 -17.56 -36.03
C ILE A 243 -35.45 -18.48 -37.15
N LEU A 244 -34.66 -17.92 -38.07
CA LEU A 244 -33.96 -18.71 -39.07
C LEU A 244 -32.51 -18.88 -38.66
N ALA A 245 -32.15 -20.09 -38.21
CA ALA A 245 -30.79 -20.36 -37.76
C ALA A 245 -30.28 -21.68 -38.29
N ALA A 246 -29.75 -21.64 -39.52
CA ALA A 246 -29.21 -22.84 -40.16
C ALA A 246 -27.68 -22.78 -40.22
N PRO A 247 -27.01 -23.74 -39.57
CA PRO A 247 -25.56 -23.82 -39.52
C PRO A 247 -24.95 -24.45 -40.77
N LEU A 248 -23.68 -24.15 -41.04
CA LEU A 248 -22.98 -24.76 -42.17
C LEU A 248 -22.97 -26.28 -42.04
N LYS A 249 -23.06 -26.97 -43.17
CA LYS A 249 -23.07 -28.42 -43.17
C LYS A 249 -21.66 -28.98 -43.06
N ILE A 250 -20.99 -28.66 -41.95
CA ILE A 250 -19.63 -29.11 -41.68
C ILE A 250 -19.63 -30.57 -41.24
N GLU A 251 -18.89 -31.42 -41.95
CA GLU A 251 -18.85 -32.85 -41.66
C GLU A 251 -18.41 -33.13 -40.23
N GLY A 252 -19.34 -33.63 -39.43
CA GLY A 252 -19.07 -33.93 -38.04
C GLY A 252 -18.86 -32.70 -37.18
N GLY A 253 -19.34 -31.56 -37.67
CA GLY A 253 -19.14 -30.28 -36.99
C GLY A 253 -19.86 -30.16 -35.66
N SER A 254 -19.15 -29.65 -34.66
CA SER A 254 -19.72 -29.47 -33.33
C SER A 254 -20.53 -28.18 -33.26
N GLY A 255 -20.39 -27.36 -34.28
CA GLY A 255 -21.13 -26.12 -34.39
C GLY A 255 -20.60 -25.36 -35.58
N SER A 256 -21.13 -24.17 -35.84
CA SER A 256 -20.60 -23.32 -36.89
C SER A 256 -21.09 -21.90 -36.76
N PRO A 257 -20.31 -20.93 -37.27
CA PRO A 257 -20.86 -19.58 -37.41
C PRO A 257 -22.03 -19.63 -38.40
N LEU A 258 -22.98 -18.72 -38.25
CA LEU A 258 -24.15 -18.72 -39.12
C LEU A 258 -24.81 -17.37 -39.17
N ARG A 259 -25.69 -17.18 -40.14
CA ARG A 259 -26.46 -15.96 -40.27
C ARG A 259 -27.80 -16.13 -39.60
N VAL A 260 -27.93 -15.60 -38.38
CA VAL A 260 -29.19 -15.71 -37.63
C VAL A 260 -30.15 -14.59 -38.00
N LEU A 261 -31.35 -14.97 -38.44
CA LEU A 261 -32.36 -13.99 -38.83
C LEU A 261 -33.64 -14.18 -38.03
N ALA A 262 -34.35 -13.08 -37.82
CA ALA A 262 -35.63 -13.12 -37.12
C ALA A 262 -36.75 -12.55 -38.00
N LEU A 263 -37.85 -13.28 -38.11
CA LEU A 263 -39.04 -12.76 -38.78
C LEU A 263 -39.98 -12.16 -37.74
N VAL A 264 -40.47 -10.96 -38.02
CA VAL A 264 -41.34 -10.27 -37.08
C VAL A 264 -42.61 -9.80 -37.77
N GLU A 265 -43.75 -10.10 -37.16
CA GLU A 265 -45.04 -9.76 -37.74
C GLU A 265 -45.88 -8.95 -36.75
N THR B 6 -49.50 -5.62 -33.88
CA THR B 6 -50.81 -6.16 -33.51
C THR B 6 -50.86 -7.68 -33.75
N THR B 7 -52.07 -8.23 -33.76
CA THR B 7 -52.28 -9.67 -33.87
C THR B 7 -51.76 -10.25 -35.18
N PRO B 8 -50.69 -11.07 -35.09
CA PRO B 8 -50.09 -11.70 -36.27
C PRO B 8 -50.94 -12.88 -36.76
N THR B 9 -50.81 -13.23 -38.03
CA THR B 9 -51.62 -14.30 -38.60
C THR B 9 -50.79 -15.33 -39.36
N ILE B 10 -49.78 -14.86 -40.08
CA ILE B 10 -49.00 -15.73 -40.96
C ILE B 10 -47.98 -16.56 -40.20
N LEU B 11 -47.15 -15.90 -39.39
CA LEU B 11 -46.09 -16.60 -38.65
C LEU B 11 -46.59 -17.73 -37.75
N PRO B 12 -47.69 -17.51 -36.99
CA PRO B 12 -48.20 -18.67 -36.22
C PRO B 12 -48.60 -19.85 -37.10
N ALA B 13 -49.17 -19.55 -38.27
CA ALA B 13 -49.56 -20.60 -39.21
C ALA B 13 -48.33 -21.34 -39.73
N LEU B 14 -47.26 -20.61 -40.01
CA LEU B 14 -46.02 -21.19 -40.49
C LEU B 14 -45.41 -22.15 -39.46
N ALA B 15 -45.37 -21.71 -38.20
CA ALA B 15 -44.82 -22.54 -37.13
C ALA B 15 -45.65 -23.79 -36.95
N ALA B 16 -46.98 -23.63 -36.97
CA ALA B 16 -47.89 -24.75 -36.81
C ALA B 16 -47.76 -25.75 -37.96
N GLY B 17 -47.64 -25.23 -39.17
CA GLY B 17 -47.50 -26.07 -40.36
C GLY B 17 -46.24 -26.89 -40.35
N LEU B 18 -45.15 -26.30 -39.87
CA LEU B 18 -43.88 -27.00 -39.74
C LEU B 18 -43.95 -28.06 -38.65
N ALA B 19 -44.67 -27.76 -37.58
CA ALA B 19 -44.78 -28.69 -36.46
C ALA B 19 -45.66 -29.88 -36.80
N ARG B 20 -46.75 -29.64 -37.55
CA ARG B 20 -47.68 -30.70 -37.90
C ARG B 20 -47.20 -31.55 -39.07
N GLY B 21 -46.33 -30.99 -39.90
CA GLY B 21 -45.77 -31.72 -41.02
C GLY B 21 -46.36 -31.30 -42.37
N ASN B 22 -47.27 -30.34 -42.36
CA ASN B 22 -47.83 -29.80 -43.60
C ASN B 22 -46.76 -29.15 -44.45
N ILE B 23 -45.80 -28.53 -43.78
CA ILE B 23 -44.68 -27.87 -44.43
C ILE B 23 -43.39 -28.65 -44.17
N ARG B 24 -42.72 -29.03 -45.26
CA ARG B 24 -41.48 -29.80 -45.14
C ARG B 24 -40.25 -28.94 -45.40
N VAL B 25 -39.16 -29.27 -44.72
CA VAL B 25 -37.89 -28.60 -44.94
C VAL B 25 -36.97 -29.50 -45.75
N VAL B 26 -36.43 -28.97 -46.84
CA VAL B 26 -35.51 -29.73 -47.68
C VAL B 26 -34.12 -29.10 -47.64
N ASP B 27 -33.11 -29.93 -47.35
CA ASP B 27 -31.73 -29.48 -47.30
C ASP B 27 -31.12 -29.51 -48.71
N LEU B 28 -30.82 -28.34 -49.26
CA LEU B 28 -30.26 -28.26 -50.61
C LEU B 28 -28.74 -28.14 -50.58
N THR B 29 -28.13 -28.52 -49.47
CA THR B 29 -26.73 -28.23 -49.23
C THR B 29 -25.85 -29.48 -49.28
N GLN B 30 -24.70 -29.36 -49.93
CA GLN B 30 -23.68 -30.41 -49.92
C GLN B 30 -22.88 -30.32 -48.62
N THR B 31 -22.38 -31.46 -48.14
CA THR B 31 -21.58 -31.49 -46.93
C THR B 31 -20.19 -30.90 -47.15
N LEU B 32 -19.75 -30.05 -46.23
CA LEU B 32 -18.39 -29.50 -46.29
C LEU B 32 -17.38 -30.50 -45.75
N SER B 33 -16.48 -30.95 -46.62
CA SER B 33 -15.46 -31.93 -46.28
C SER B 33 -14.24 -31.74 -47.16
N PRO B 34 -13.07 -32.22 -46.71
CA PRO B 34 -11.83 -32.11 -47.49
C PRO B 34 -11.89 -32.84 -48.84
N SER B 35 -12.83 -33.76 -48.99
CA SER B 35 -12.92 -34.58 -50.20
C SER B 35 -13.77 -33.94 -51.28
N PHE B 36 -14.52 -32.90 -50.92
CA PHE B 36 -15.37 -32.19 -51.87
C PHE B 36 -14.51 -31.47 -52.91
N PRO B 37 -14.95 -31.48 -54.18
CA PRO B 37 -14.23 -30.85 -55.30
C PRO B 37 -13.93 -29.37 -55.06
N THR B 38 -12.70 -28.97 -55.35
CA THR B 38 -12.28 -27.58 -55.17
C THR B 38 -12.13 -26.87 -56.50
N LEU B 39 -12.61 -25.63 -56.57
CA LEU B 39 -12.52 -24.81 -57.76
C LEU B 39 -11.05 -24.56 -58.14
N GLN B 40 -10.73 -24.74 -59.41
CA GLN B 40 -9.37 -24.54 -59.89
C GLN B 40 -9.30 -23.63 -61.11
N LEU B 41 -8.42 -22.64 -61.03
CA LEU B 41 -8.22 -21.67 -62.11
C LEU B 41 -6.84 -21.86 -62.74
N PRO B 42 -6.64 -21.32 -63.95
CA PRO B 42 -5.29 -21.29 -64.55
C PRO B 42 -4.25 -20.72 -63.59
N SER B 43 -3.06 -21.30 -63.59
CA SER B 43 -2.08 -21.06 -62.53
C SER B 43 -1.60 -19.61 -62.38
N GLN B 44 -1.94 -18.74 -63.33
CA GLN B 44 -1.53 -17.34 -63.24
C GLN B 44 -2.47 -16.53 -62.35
N PHE B 45 -3.62 -17.10 -62.04
CA PHE B 45 -4.60 -16.43 -61.19
C PHE B 45 -4.49 -16.90 -59.75
N GLY B 46 -4.97 -16.09 -58.83
CA GLY B 46 -5.04 -16.46 -57.43
C GLY B 46 -6.03 -17.60 -57.24
N GLN B 47 -5.72 -18.51 -56.31
CA GLN B 47 -6.53 -19.71 -56.15
C GLN B 47 -7.32 -19.70 -54.83
N VAL B 48 -8.50 -20.32 -54.87
CA VAL B 48 -9.28 -20.49 -53.66
C VAL B 48 -8.70 -21.66 -52.85
N GLN B 49 -8.72 -21.52 -51.53
CA GLN B 49 -8.19 -22.53 -50.63
C GLN B 49 -9.17 -23.69 -50.49
N PRO B 50 -8.66 -24.93 -50.51
CA PRO B 50 -9.52 -26.10 -50.26
C PRO B 50 -9.97 -26.17 -48.81
N PHE B 51 -11.11 -26.81 -48.56
CA PHE B 51 -11.62 -26.94 -47.21
C PHE B 51 -10.75 -27.87 -46.37
N LYS B 52 -10.22 -27.34 -45.27
CA LYS B 52 -9.43 -28.14 -44.33
C LYS B 52 -10.00 -28.00 -42.91
N ILE B 53 -9.83 -29.03 -42.09
CA ILE B 53 -10.36 -28.99 -40.74
C ILE B 53 -9.47 -29.75 -39.76
N GLU B 54 -9.25 -29.17 -38.59
CA GLU B 54 -8.41 -29.78 -37.57
C GLU B 54 -9.10 -29.76 -36.21
N ARG B 55 -9.02 -30.87 -35.49
CA ARG B 55 -9.62 -30.95 -34.16
C ARG B 55 -8.84 -30.14 -33.15
N ILE B 56 -9.57 -29.47 -32.25
CA ILE B 56 -8.96 -28.76 -31.15
C ILE B 56 -8.91 -29.68 -29.93
N SER B 57 -10.03 -30.35 -29.67
CA SER B 57 -10.13 -31.33 -28.60
C SER B 57 -11.27 -32.30 -28.89
N HIS B 58 -11.27 -33.45 -28.22
CA HIS B 58 -12.29 -34.47 -28.43
C HIS B 58 -12.56 -35.21 -27.12
N TYR B 59 -13.12 -34.49 -26.15
CA TYR B 59 -13.36 -35.02 -24.81
C TYR B 59 -12.09 -35.66 -24.23
N ASP B 60 -10.97 -34.97 -24.37
CA ASP B 60 -9.68 -35.51 -23.93
C ASP B 60 -8.89 -34.47 -23.14
N ALA B 61 -7.56 -34.64 -23.11
CA ALA B 61 -6.70 -33.75 -22.33
C ALA B 61 -6.76 -32.30 -22.82
N SER B 62 -6.97 -32.10 -24.12
CA SER B 62 -7.05 -30.76 -24.69
C SER B 62 -8.38 -30.08 -24.42
N GLY B 63 -9.35 -30.85 -23.93
CA GLY B 63 -10.67 -30.33 -23.65
C GLY B 63 -11.55 -31.44 -23.09
N PRO B 64 -11.46 -31.68 -21.78
CA PRO B 64 -12.06 -32.81 -21.06
C PRO B 64 -13.55 -33.03 -21.31
N ALA B 65 -14.34 -31.97 -21.43
CA ALA B 65 -15.79 -32.13 -21.53
C ALA B 65 -16.39 -31.62 -22.84
N TRP B 66 -15.54 -31.28 -23.81
CA TRP B 66 -16.05 -30.73 -25.06
C TRP B 66 -15.27 -31.15 -26.30
N TYR B 67 -15.90 -30.94 -27.45
CA TYR B 67 -15.32 -31.26 -28.75
C TYR B 67 -15.57 -30.11 -29.73
N TRP B 68 -14.54 -29.70 -30.45
CA TRP B 68 -14.68 -28.61 -31.43
C TRP B 68 -13.50 -28.55 -32.40
N ASN B 69 -13.72 -27.90 -33.54
CA ASN B 69 -12.71 -27.83 -34.59
C ASN B 69 -12.36 -26.40 -35.02
N ASN B 70 -11.21 -26.27 -35.67
CA ASN B 70 -10.89 -25.11 -36.49
C ASN B 70 -11.03 -25.50 -37.95
N PHE B 71 -11.30 -24.54 -38.82
CA PHE B 71 -11.37 -24.83 -40.26
C PHE B 71 -10.98 -23.63 -41.11
N SER B 72 -10.64 -23.91 -42.36
CA SER B 72 -10.30 -22.87 -43.32
C SER B 72 -10.79 -23.25 -44.71
N CYS B 73 -11.26 -22.25 -45.45
CA CYS B 73 -11.73 -22.46 -46.81
C CYS B 73 -11.76 -21.13 -47.54
N GLY B 74 -12.64 -21.04 -48.53
CA GLY B 74 -12.83 -19.79 -49.25
C GLY B 74 -14.27 -19.36 -49.16
N GLU B 75 -14.54 -18.13 -49.55
CA GLU B 75 -15.91 -17.66 -49.65
C GLU B 75 -16.69 -18.49 -50.67
N HIS B 76 -15.99 -18.95 -51.70
CA HIS B 76 -16.64 -19.72 -52.76
C HIS B 76 -16.29 -21.21 -52.66
N THR B 77 -16.65 -21.82 -51.55
CA THR B 77 -16.40 -23.23 -51.30
C THR B 77 -17.71 -23.99 -51.13
N GLY B 78 -17.83 -25.12 -51.82
CA GLY B 78 -19.01 -25.96 -51.72
C GLY B 78 -20.28 -25.21 -52.08
N THR B 79 -21.36 -25.53 -51.38
CA THR B 79 -22.61 -24.80 -51.55
C THR B 79 -22.43 -23.38 -51.04
N HIS B 80 -22.30 -22.42 -51.95
CA HIS B 80 -22.02 -21.06 -51.53
C HIS B 80 -22.87 -20.02 -52.25
N PHE B 81 -22.72 -18.78 -51.81
CA PHE B 81 -23.55 -17.66 -52.24
C PHE B 81 -22.67 -16.65 -52.96
N ASP B 82 -23.09 -16.22 -54.16
CA ASP B 82 -22.34 -15.24 -54.93
C ASP B 82 -22.98 -13.85 -54.81
N ALA B 83 -22.24 -12.90 -54.25
CA ALA B 83 -22.73 -11.53 -54.09
C ALA B 83 -22.29 -10.67 -55.28
N PRO B 84 -23.04 -9.59 -55.58
CA PRO B 84 -22.70 -8.75 -56.73
C PRO B 84 -21.28 -8.18 -56.70
N ALA B 85 -20.73 -7.97 -55.52
CA ALA B 85 -19.37 -7.41 -55.39
C ALA B 85 -18.31 -8.38 -55.92
N HIS B 86 -18.68 -9.65 -56.06
CA HIS B 86 -17.78 -10.69 -56.56
C HIS B 86 -17.29 -10.38 -57.97
N TRP B 87 -18.10 -9.67 -58.76
CA TRP B 87 -17.73 -9.38 -60.14
C TRP B 87 -17.55 -7.89 -60.38
N ILE B 88 -16.65 -7.54 -61.30
CA ILE B 88 -16.27 -6.16 -61.56
C ILE B 88 -17.44 -5.26 -61.97
N THR B 89 -18.49 -5.86 -62.53
CA THR B 89 -19.63 -5.07 -63.00
C THR B 89 -20.59 -4.69 -61.87
N GLY B 90 -20.43 -5.32 -60.71
CA GLY B 90 -21.30 -5.05 -59.58
C GLY B 90 -20.58 -4.40 -58.42
N ARG B 91 -19.35 -3.95 -58.67
CA ARG B 91 -18.50 -3.42 -57.60
C ARG B 91 -18.96 -2.06 -57.07
N ASP B 92 -19.80 -1.35 -57.84
CA ASP B 92 -20.18 0.00 -57.46
C ASP B 92 -21.59 0.12 -56.88
N TYR B 93 -22.31 -0.99 -56.82
CA TYR B 93 -23.62 -0.99 -56.16
C TYR B 93 -23.46 -0.85 -54.64
N PRO B 94 -24.34 -0.07 -54.01
CA PRO B 94 -24.41 -0.03 -52.55
C PRO B 94 -25.05 -1.31 -52.01
N GLY B 95 -24.53 -1.84 -50.91
CA GLY B 95 -25.06 -3.06 -50.33
C GLY B 95 -24.85 -4.24 -51.25
N ASN B 96 -23.60 -4.43 -51.70
CA ASN B 96 -23.29 -5.43 -52.70
C ASN B 96 -22.48 -6.59 -52.13
N SER B 97 -22.12 -6.51 -50.86
CA SER B 97 -21.37 -7.57 -50.20
C SER B 97 -22.25 -8.29 -49.17
N VAL B 98 -21.83 -9.48 -48.76
CA VAL B 98 -22.67 -10.33 -47.92
C VAL B 98 -22.95 -9.74 -46.52
N ASP B 99 -22.23 -8.70 -46.16
CA ASP B 99 -22.46 -8.04 -44.87
C ASP B 99 -23.28 -6.75 -45.01
N THR B 100 -23.55 -6.34 -46.26
CA THR B 100 -24.25 -5.09 -46.50
C THR B 100 -25.53 -5.27 -47.33
N ILE B 101 -25.70 -6.45 -47.91
CA ILE B 101 -26.92 -6.78 -48.64
C ILE B 101 -28.12 -6.70 -47.69
N ALA B 102 -29.20 -6.07 -48.13
CA ALA B 102 -30.43 -6.01 -47.36
C ALA B 102 -30.90 -7.42 -47.01
N PRO B 103 -31.08 -7.70 -45.71
CA PRO B 103 -31.44 -9.04 -45.22
C PRO B 103 -32.72 -9.59 -45.83
N GLU B 104 -33.57 -8.70 -46.35
CA GLU B 104 -34.81 -9.10 -47.00
C GLU B 104 -34.54 -9.99 -48.22
N ASN B 105 -33.34 -9.87 -48.78
CA ASN B 105 -32.95 -10.65 -49.95
C ASN B 105 -32.49 -12.06 -49.63
N PHE B 106 -32.51 -12.42 -48.35
CA PHE B 106 -32.02 -13.73 -47.93
C PHE B 106 -33.15 -14.74 -47.85
N VAL B 107 -34.36 -14.31 -48.22
CA VAL B 107 -35.51 -15.20 -48.29
C VAL B 107 -36.33 -14.85 -49.53
N ALA B 108 -36.60 -15.85 -50.37
CA ALA B 108 -37.26 -15.61 -51.65
C ALA B 108 -37.85 -16.89 -52.24
N PRO B 109 -38.95 -16.74 -53.00
CA PRO B 109 -39.53 -17.88 -53.73
C PRO B 109 -38.59 -18.39 -54.81
N ALA B 110 -38.95 -19.50 -55.43
CA ALA B 110 -38.10 -20.08 -56.46
C ALA B 110 -38.91 -20.86 -57.48
N VAL B 111 -38.43 -20.87 -58.71
CA VAL B 111 -38.93 -21.78 -59.72
C VAL B 111 -37.84 -22.82 -60.00
N VAL B 112 -38.24 -24.02 -60.38
CA VAL B 112 -37.28 -25.09 -60.64
C VAL B 112 -37.41 -25.61 -62.07
N ILE B 113 -36.41 -25.28 -62.89
CA ILE B 113 -36.41 -25.65 -64.29
C ILE B 113 -35.62 -26.95 -64.50
N ASP B 114 -36.34 -28.02 -64.81
CA ASP B 114 -35.74 -29.35 -64.94
C ASP B 114 -35.19 -29.59 -66.34
N ALA B 115 -33.88 -29.81 -66.41
CA ALA B 115 -33.22 -30.10 -67.67
C ALA B 115 -32.32 -31.32 -67.51
N SER B 116 -32.61 -32.15 -66.50
CA SER B 116 -31.79 -33.32 -66.22
C SER B 116 -31.76 -34.28 -67.41
N ALA B 117 -32.89 -34.44 -68.07
CA ALA B 117 -32.99 -35.34 -69.22
C ALA B 117 -32.14 -34.85 -70.38
N GLN B 118 -32.09 -33.54 -70.57
CA GLN B 118 -31.33 -32.95 -71.67
C GLN B 118 -29.83 -32.99 -71.40
N VAL B 119 -29.44 -32.69 -70.16
CA VAL B 119 -28.04 -32.66 -69.76
C VAL B 119 -27.44 -34.07 -69.77
N ARG B 120 -28.28 -35.06 -69.47
CA ARG B 120 -27.84 -36.44 -69.45
C ARG B 120 -27.42 -36.92 -70.84
N GLU B 121 -27.86 -36.20 -71.87
CA GLU B 121 -27.50 -36.54 -73.25
C GLU B 121 -26.47 -35.57 -73.83
N ASN B 122 -26.26 -34.45 -73.15
CA ASN B 122 -25.32 -33.44 -73.61
C ASN B 122 -24.77 -32.63 -72.44
N GLU B 123 -23.48 -32.83 -72.15
CA GLU B 123 -22.82 -32.20 -71.01
C GLU B 123 -22.66 -30.69 -71.19
N ASP B 124 -22.69 -30.23 -72.44
CA ASP B 124 -22.53 -28.81 -72.73
C ASP B 124 -23.85 -28.14 -73.08
N TRP B 125 -24.95 -28.76 -72.68
CA TRP B 125 -26.29 -28.27 -72.99
C TRP B 125 -26.50 -26.84 -72.50
N LEU B 126 -27.18 -26.03 -73.32
CA LEU B 126 -27.39 -24.63 -73.01
C LEU B 126 -28.86 -24.30 -72.75
N LEU B 127 -29.12 -23.57 -71.67
CA LEU B 127 -30.47 -23.10 -71.38
C LEU B 127 -30.80 -21.90 -72.27
N THR B 128 -31.84 -22.04 -73.09
CA THR B 128 -32.19 -20.99 -74.05
C THR B 128 -33.54 -20.35 -73.74
N VAL B 129 -33.83 -19.23 -74.40
CA VAL B 129 -35.07 -18.49 -74.19
C VAL B 129 -36.29 -19.33 -74.57
N ASP B 130 -36.16 -20.09 -75.67
CA ASP B 130 -37.25 -20.93 -76.15
C ASP B 130 -37.66 -22.00 -75.14
N PHE B 131 -36.68 -22.55 -74.43
CA PHE B 131 -36.93 -23.57 -73.41
C PHE B 131 -37.62 -22.94 -72.20
N LEU B 132 -37.21 -21.73 -71.84
CA LEU B 132 -37.81 -21.02 -70.73
C LEU B 132 -39.26 -20.63 -71.05
N GLN B 133 -39.49 -20.15 -72.26
CA GLN B 133 -40.82 -19.73 -72.67
C GLN B 133 -41.76 -20.94 -72.77
N ALA B 134 -41.22 -22.07 -73.18
CA ALA B 134 -41.96 -23.32 -73.23
C ALA B 134 -42.31 -23.79 -71.82
N TRP B 135 -41.37 -23.57 -70.90
CA TRP B 135 -41.57 -23.89 -69.48
C TRP B 135 -42.72 -23.09 -68.92
N GLU B 136 -42.80 -21.81 -69.30
CA GLU B 136 -43.84 -20.92 -68.81
C GLU B 136 -45.22 -21.32 -69.31
N GLN B 137 -45.29 -21.81 -70.54
CA GLN B 137 -46.56 -22.25 -71.10
C GLN B 137 -47.10 -23.46 -70.35
N ARG B 138 -46.22 -24.12 -69.60
CA ARG B 138 -46.56 -25.34 -68.89
C ARG B 138 -46.73 -25.11 -67.39
N HIS B 139 -45.97 -24.16 -66.85
CA HIS B 139 -45.94 -23.95 -65.39
C HIS B 139 -46.24 -22.52 -64.98
N GLY B 140 -46.60 -21.66 -65.94
CA GLY B 140 -46.91 -20.28 -65.65
C GLY B 140 -45.73 -19.35 -65.77
N ARG B 141 -46.00 -18.04 -65.72
CA ARG B 141 -44.96 -17.03 -65.85
C ARG B 141 -44.04 -17.01 -64.62
N ILE B 142 -42.74 -16.94 -64.89
CA ILE B 142 -41.74 -16.82 -63.83
C ILE B 142 -41.90 -15.50 -63.09
N PRO B 143 -42.22 -15.56 -61.79
CA PRO B 143 -42.50 -14.36 -61.00
C PRO B 143 -41.24 -13.54 -60.72
N ALA B 144 -41.40 -12.23 -60.65
CA ALA B 144 -40.28 -11.34 -60.34
C ALA B 144 -39.85 -11.53 -58.89
N GLY B 145 -38.55 -11.44 -58.64
CA GLY B 145 -38.01 -11.57 -57.30
C GLY B 145 -37.82 -13.01 -56.87
N ALA B 146 -37.90 -13.92 -57.84
CA ALA B 146 -37.79 -15.34 -57.53
C ALA B 146 -36.46 -15.91 -58.00
N TRP B 147 -35.94 -16.88 -57.27
CA TRP B 147 -34.76 -17.61 -57.72
C TRP B 147 -35.08 -18.42 -58.96
N VAL B 148 -34.12 -18.51 -59.87
CA VAL B 148 -34.22 -19.46 -60.96
C VAL B 148 -33.24 -20.60 -60.68
N LEU B 149 -33.80 -21.72 -60.22
CA LEU B 149 -32.99 -22.89 -59.88
C LEU B 149 -32.87 -23.84 -61.06
N PHE B 150 -31.65 -24.02 -61.54
CA PHE B 150 -31.37 -24.82 -62.72
C PHE B 150 -31.07 -26.28 -62.37
N ARG B 151 -32.08 -27.15 -62.46
CA ARG B 151 -31.87 -28.56 -62.14
C ARG B 151 -31.20 -29.31 -63.29
N THR B 152 -30.05 -29.92 -63.00
CA THR B 152 -29.31 -30.67 -64.00
C THR B 152 -28.90 -32.04 -63.50
N ASP B 153 -29.19 -32.32 -62.23
CA ASP B 153 -28.77 -33.55 -61.56
C ASP B 153 -27.26 -33.73 -61.61
N TRP B 154 -26.54 -32.61 -61.71
CA TRP B 154 -25.08 -32.64 -61.79
C TRP B 154 -24.48 -32.97 -60.43
N SER B 155 -25.28 -32.77 -59.38
CA SER B 155 -24.82 -33.00 -58.01
C SER B 155 -24.55 -34.48 -57.73
N LEU B 156 -25.07 -35.35 -58.58
CA LEU B 156 -24.84 -36.79 -58.43
C LEU B 156 -23.41 -37.17 -58.79
N ARG B 157 -22.70 -36.24 -59.42
CA ARG B 157 -21.31 -36.45 -59.81
C ARG B 157 -20.32 -36.08 -58.70
N VAL B 158 -20.85 -35.69 -57.55
CA VAL B 158 -20.03 -35.08 -56.50
C VAL B 158 -18.97 -36.05 -55.92
N GLY B 159 -19.23 -37.35 -55.99
CA GLY B 159 -18.30 -38.34 -55.48
C GLY B 159 -17.03 -38.44 -56.31
N ASP B 160 -17.12 -37.99 -57.57
CA ASP B 160 -15.99 -38.02 -58.48
C ASP B 160 -15.59 -36.57 -58.82
N ALA B 161 -14.49 -36.12 -58.25
CA ALA B 161 -14.06 -34.72 -58.40
C ALA B 161 -13.79 -34.37 -59.86
N ALA B 162 -13.11 -35.26 -60.57
CA ALA B 162 -12.74 -35.04 -61.96
C ALA B 162 -13.98 -34.95 -62.85
N ALA B 163 -14.98 -35.76 -62.53
CA ALA B 163 -16.23 -35.79 -63.28
C ALA B 163 -17.10 -34.58 -62.94
N PHE B 164 -17.00 -34.12 -61.70
CA PHE B 164 -17.79 -32.97 -61.24
C PHE B 164 -17.32 -31.68 -61.89
N LEU B 165 -16.01 -31.49 -61.95
CA LEU B 165 -15.44 -30.30 -62.57
C LEU B 165 -15.40 -30.48 -64.09
N ASN B 166 -15.23 -31.73 -64.52
CA ASN B 166 -15.30 -32.11 -65.94
C ASN B 166 -14.44 -31.26 -66.85
N ILE B 167 -13.17 -31.09 -66.47
CA ILE B 167 -12.24 -30.29 -67.25
C ILE B 167 -11.46 -31.16 -68.24
N ARG B 168 -11.52 -30.81 -69.51
CA ARG B 168 -10.69 -31.44 -70.51
C ARG B 168 -9.71 -30.40 -71.05
N GLU B 169 -8.95 -30.77 -72.08
CA GLU B 169 -7.91 -29.87 -72.60
C GLU B 169 -8.46 -28.57 -73.18
N ASP B 170 -9.77 -28.50 -73.38
CA ASP B 170 -10.40 -27.28 -73.89
C ASP B 170 -11.35 -26.68 -72.87
N GLY B 171 -10.98 -26.77 -71.60
CA GLY B 171 -11.76 -26.18 -70.53
C GLY B 171 -12.81 -27.10 -69.95
N ALA B 172 -13.66 -26.55 -69.07
CA ALA B 172 -14.70 -27.33 -68.41
C ALA B 172 -15.90 -27.53 -69.33
N HIS B 173 -16.59 -28.67 -69.16
CA HIS B 173 -17.78 -28.96 -69.94
C HIS B 173 -18.99 -29.17 -69.03
N THR B 174 -19.60 -28.08 -68.62
CA THR B 174 -20.77 -28.13 -67.74
C THR B 174 -21.91 -27.32 -68.34
N PRO B 175 -23.16 -27.74 -68.07
CA PRO B 175 -24.32 -27.04 -68.64
C PRO B 175 -24.49 -25.64 -68.05
N GLY B 176 -25.21 -24.78 -68.76
CA GLY B 176 -25.43 -23.41 -68.33
C GLY B 176 -26.33 -22.66 -69.28
N PRO B 177 -26.59 -21.38 -68.99
CA PRO B 177 -27.46 -20.54 -69.81
C PRO B 177 -26.74 -19.79 -70.92
N THR B 178 -27.47 -19.40 -71.96
CA THR B 178 -26.91 -18.53 -73.01
C THR B 178 -26.99 -17.09 -72.56
N GLN B 179 -26.29 -16.21 -73.25
CA GLN B 179 -26.33 -14.79 -72.95
C GLN B 179 -27.75 -14.25 -73.09
N GLU B 180 -28.44 -14.68 -74.16
CA GLU B 180 -29.83 -14.27 -74.38
C GLU B 180 -30.72 -14.68 -73.23
N ALA B 181 -30.49 -15.89 -72.72
CA ALA B 181 -31.29 -16.41 -71.61
C ALA B 181 -31.08 -15.57 -70.34
N VAL B 182 -29.84 -15.18 -70.08
CA VAL B 182 -29.54 -14.39 -68.91
C VAL B 182 -30.16 -13.00 -69.03
N GLU B 183 -29.99 -12.37 -70.20
CA GLU B 183 -30.59 -11.06 -70.47
C GLU B 183 -32.10 -11.09 -70.34
N TRP B 184 -32.71 -12.18 -70.81
CA TRP B 184 -34.16 -12.33 -70.76
C TRP B 184 -34.66 -12.45 -69.32
N LEU B 185 -34.02 -13.31 -68.53
CA LEU B 185 -34.41 -13.53 -67.14
C LEU B 185 -34.29 -12.25 -66.30
N ILE B 186 -33.30 -11.43 -66.62
CA ILE B 186 -33.06 -10.19 -65.89
C ILE B 186 -33.97 -9.07 -66.39
N GLY B 187 -33.98 -8.87 -67.71
CA GLY B 187 -34.65 -7.74 -68.30
C GLY B 187 -36.15 -7.90 -68.51
N GLU B 188 -36.60 -9.15 -68.64
CA GLU B 188 -38.00 -9.40 -68.96
C GLU B 188 -38.77 -10.03 -67.81
N ARG B 189 -38.06 -10.60 -66.84
CA ARG B 189 -38.72 -11.26 -65.72
C ARG B 189 -38.31 -10.68 -64.37
N ASN B 190 -37.17 -9.98 -64.33
CA ASN B 190 -36.66 -9.36 -63.11
C ASN B 190 -36.48 -10.38 -61.97
N VAL B 191 -35.73 -11.44 -62.27
CA VAL B 191 -35.52 -12.52 -61.31
C VAL B 191 -34.60 -12.11 -60.17
N HIS B 192 -34.64 -12.90 -59.10
CA HIS B 192 -33.83 -12.63 -57.92
C HIS B 192 -32.37 -13.03 -58.13
N GLY B 193 -32.17 -14.18 -58.76
CA GLY B 193 -30.84 -14.70 -58.99
C GLY B 193 -30.87 -16.06 -59.66
N PHE B 194 -29.70 -16.66 -59.82
CA PHE B 194 -29.56 -17.91 -60.54
C PHE B 194 -28.84 -18.94 -59.67
N GLY B 195 -29.42 -20.14 -59.54
CA GLY B 195 -28.85 -21.19 -58.71
C GLY B 195 -28.63 -22.50 -59.44
N VAL B 196 -27.46 -23.11 -59.26
CA VAL B 196 -27.12 -24.33 -59.99
C VAL B 196 -26.54 -25.42 -59.09
N GLU B 197 -26.40 -26.62 -59.65
CA GLU B 197 -25.80 -27.75 -58.96
C GLU B 197 -24.31 -27.87 -59.24
N THR B 198 -23.81 -27.02 -60.14
CA THR B 198 -22.41 -27.06 -60.53
C THR B 198 -21.57 -26.05 -59.78
N ILE B 199 -20.25 -26.11 -59.97
CA ILE B 199 -19.32 -25.17 -59.34
C ILE B 199 -19.30 -23.84 -60.10
N ASN B 200 -20.11 -23.76 -61.16
CA ASN B 200 -20.18 -22.55 -61.98
C ASN B 200 -21.62 -22.28 -62.41
N THR B 201 -22.11 -21.06 -62.20
CA THR B 201 -23.44 -20.69 -62.68
C THR B 201 -23.45 -20.54 -64.20
N ASP B 202 -22.29 -20.15 -64.74
CA ASP B 202 -22.11 -20.09 -66.19
C ASP B 202 -21.73 -21.44 -66.76
N ALA B 203 -22.07 -21.65 -68.03
CA ALA B 203 -21.63 -22.85 -68.74
C ALA B 203 -20.11 -22.87 -68.79
N GLY B 204 -19.53 -24.07 -68.62
CA GLY B 204 -18.08 -24.21 -68.59
C GLY B 204 -17.37 -23.66 -69.81
N GLN B 205 -17.95 -23.87 -70.98
CA GLN B 205 -17.35 -23.45 -72.23
C GLN B 205 -17.52 -21.97 -72.53
N SER B 206 -18.26 -21.26 -71.68
CA SER B 206 -18.55 -19.85 -71.91
C SER B 206 -17.36 -18.95 -71.58
N TYR B 207 -16.26 -19.56 -71.16
CA TYR B 207 -15.04 -18.79 -70.88
C TYR B 207 -14.44 -18.28 -72.18
N ALA B 208 -14.73 -18.98 -73.28
CA ALA B 208 -14.16 -18.66 -74.58
C ALA B 208 -15.10 -17.83 -75.44
N TRP B 209 -16.34 -17.66 -74.98
CA TRP B 209 -17.29 -16.81 -75.69
C TRP B 209 -16.76 -15.39 -75.74
N PRO B 210 -17.10 -14.64 -76.81
CA PRO B 210 -16.66 -13.25 -76.95
C PRO B 210 -17.09 -12.38 -75.78
N LEU B 211 -18.24 -12.71 -75.19
CA LEU B 211 -18.63 -12.15 -73.90
C LEU B 211 -18.55 -13.25 -72.86
N ALA B 212 -17.41 -13.35 -72.20
CA ALA B 212 -17.13 -14.46 -71.29
C ALA B 212 -17.98 -14.42 -70.02
N TYR B 213 -18.47 -15.60 -69.62
CA TYR B 213 -19.29 -15.74 -68.41
C TYR B 213 -20.43 -14.73 -68.33
N PRO B 214 -21.41 -14.85 -69.23
CA PRO B 214 -22.52 -13.89 -69.31
C PRO B 214 -23.37 -13.84 -68.04
N CYS B 215 -23.55 -14.98 -67.37
CA CYS B 215 -24.37 -15.01 -66.17
C CYS B 215 -23.73 -14.20 -65.05
N HIS B 216 -22.48 -14.54 -64.71
CA HIS B 216 -21.74 -13.77 -63.71
C HIS B 216 -21.73 -12.29 -64.04
N THR B 217 -21.39 -11.96 -65.28
CA THR B 217 -21.23 -10.57 -65.70
C THR B 217 -22.54 -9.78 -65.63
N LEU B 218 -23.61 -10.36 -66.13
CA LEU B 218 -24.88 -9.62 -66.24
C LEU B 218 -25.73 -9.70 -64.98
N MET B 219 -25.76 -10.87 -64.33
CA MET B 219 -26.56 -11.03 -63.13
C MET B 219 -26.02 -10.15 -62.01
N HIS B 220 -24.71 -10.20 -61.78
CA HIS B 220 -24.09 -9.36 -60.76
C HIS B 220 -24.05 -7.90 -61.20
N GLY B 221 -24.00 -7.68 -62.50
CA GLY B 221 -24.04 -6.33 -63.05
C GLY B 221 -25.39 -5.69 -62.84
N ALA B 222 -26.40 -6.52 -62.59
CA ALA B 222 -27.76 -6.05 -62.33
C ALA B 222 -28.10 -6.13 -60.85
N ASN B 223 -27.08 -6.21 -60.00
CA ASN B 223 -27.24 -6.28 -58.55
C ASN B 223 -28.06 -7.50 -58.12
N ARG B 224 -27.88 -8.61 -58.82
CA ARG B 224 -28.55 -9.86 -58.46
C ARG B 224 -27.53 -10.89 -57.96
N TYR B 225 -28.03 -12.06 -57.56
CA TYR B 225 -27.22 -13.00 -56.80
C TYR B 225 -27.08 -14.37 -57.48
N GLY B 226 -26.27 -15.23 -56.88
CA GLY B 226 -26.06 -16.58 -57.40
C GLY B 226 -25.85 -17.62 -56.31
N LEU B 227 -26.27 -18.86 -56.60
CA LEU B 227 -26.04 -19.99 -55.71
C LEU B 227 -25.36 -21.11 -56.46
N GLN B 228 -24.31 -21.68 -55.88
CA GLN B 228 -23.57 -22.74 -56.54
C GLN B 228 -23.56 -24.01 -55.70
N CYS B 229 -23.39 -25.15 -56.37
CA CYS B 229 -23.29 -26.47 -55.73
C CYS B 229 -24.51 -26.84 -54.88
N LEU B 230 -25.69 -26.64 -55.45
CA LEU B 230 -26.92 -27.07 -54.80
C LEU B 230 -27.16 -28.55 -55.02
N LYS B 231 -28.11 -29.12 -54.29
CA LYS B 231 -28.51 -30.51 -54.46
C LYS B 231 -29.95 -30.73 -54.04
N ASN B 232 -30.48 -31.92 -54.33
CA ASN B 232 -31.85 -32.27 -54.01
C ASN B 232 -32.89 -31.37 -54.69
N LEU B 233 -32.55 -30.86 -55.87
CA LEU B 233 -33.51 -30.07 -56.65
C LEU B 233 -34.62 -30.96 -57.19
N ASP B 234 -34.38 -32.26 -57.14
CA ASP B 234 -35.35 -33.25 -57.60
C ASP B 234 -36.55 -33.35 -56.66
N GLN B 235 -36.41 -32.83 -55.45
CA GLN B 235 -37.48 -32.93 -54.45
C GLN B 235 -38.29 -31.64 -54.36
N LEU B 236 -37.99 -30.68 -55.21
CA LEU B 236 -38.73 -29.42 -55.22
C LEU B 236 -39.76 -29.40 -56.34
N PRO B 237 -40.90 -28.74 -56.10
CA PRO B 237 -41.91 -28.55 -57.14
C PRO B 237 -41.43 -27.55 -58.19
N PRO B 238 -42.06 -27.52 -59.38
CA PRO B 238 -41.72 -26.53 -60.40
C PRO B 238 -41.86 -25.10 -59.89
N ARG B 239 -42.87 -24.86 -59.07
CA ARG B 239 -43.06 -23.56 -58.44
C ARG B 239 -43.73 -23.72 -57.07
N GLY B 240 -43.47 -22.78 -56.17
CA GLY B 240 -44.10 -22.79 -54.87
C GLY B 240 -43.14 -22.97 -53.71
N ALA B 241 -41.92 -23.38 -54.01
CA ALA B 241 -40.90 -23.57 -52.98
C ALA B 241 -40.39 -22.24 -52.48
N PHE B 242 -40.05 -22.18 -51.20
CA PHE B 242 -39.55 -20.96 -50.58
C PHE B 242 -38.12 -21.18 -50.08
N ILE B 243 -37.20 -20.31 -50.52
CA ILE B 243 -35.78 -20.53 -50.27
C ILE B 243 -35.21 -19.69 -49.12
N LEU B 244 -34.62 -20.37 -48.15
CA LEU B 244 -33.85 -19.71 -47.10
C LEU B 244 -32.37 -19.78 -47.44
N ALA B 245 -31.77 -18.64 -47.72
CA ALA B 245 -30.37 -18.61 -48.11
C ALA B 245 -29.66 -17.38 -47.57
N ALA B 246 -29.23 -17.46 -46.32
CA ALA B 246 -28.55 -16.33 -45.68
C ALA B 246 -27.05 -16.61 -45.57
N PRO B 247 -26.24 -15.76 -46.21
CA PRO B 247 -24.77 -15.90 -46.20
C PRO B 247 -24.15 -15.38 -44.90
N LEU B 248 -22.96 -15.90 -44.57
CA LEU B 248 -22.21 -15.43 -43.42
C LEU B 248 -21.94 -13.93 -43.53
N LYS B 249 -21.95 -13.24 -42.40
CA LYS B 249 -21.73 -11.80 -42.40
C LYS B 249 -20.24 -11.48 -42.40
N ILE B 250 -19.54 -11.94 -43.43
CA ILE B 250 -18.12 -11.66 -43.58
C ILE B 250 -17.91 -10.21 -44.02
N GLU B 251 -17.08 -9.49 -43.27
CA GLU B 251 -16.85 -8.07 -43.54
C GLU B 251 -16.29 -7.86 -44.93
N GLY B 252 -17.08 -7.22 -45.79
CA GLY B 252 -16.69 -6.94 -47.17
C GLY B 252 -16.62 -8.20 -48.01
N GLY B 253 -17.31 -9.25 -47.58
CA GLY B 253 -17.26 -10.53 -48.25
C GLY B 253 -17.91 -10.55 -49.61
N SER B 254 -17.25 -11.20 -50.57
CA SER B 254 -17.79 -11.31 -51.92
C SER B 254 -18.74 -12.48 -52.03
N GLY B 255 -18.86 -13.24 -50.95
CA GLY B 255 -19.71 -14.40 -50.91
C GLY B 255 -19.38 -15.23 -49.69
N SER B 256 -20.04 -16.37 -49.54
CA SER B 256 -19.75 -17.29 -48.45
C SER B 256 -20.44 -18.63 -48.67
N PRO B 257 -19.91 -19.69 -48.05
CA PRO B 257 -20.69 -20.92 -47.92
C PRO B 257 -21.90 -20.66 -47.05
N LEU B 258 -22.97 -21.44 -47.23
CA LEU B 258 -24.17 -21.25 -46.43
C LEU B 258 -25.05 -22.49 -46.42
N ARG B 259 -25.94 -22.57 -45.45
CA ARG B 259 -26.92 -23.65 -45.39
C ARG B 259 -28.16 -23.22 -46.15
N VAL B 260 -28.35 -23.78 -47.34
CA VAL B 260 -29.52 -23.46 -48.14
C VAL B 260 -30.67 -24.42 -47.85
N LEU B 261 -31.79 -23.86 -47.43
CA LEU B 261 -32.97 -24.65 -47.12
C LEU B 261 -34.12 -24.27 -48.04
N ALA B 262 -35.05 -25.20 -48.21
CA ALA B 262 -36.24 -24.94 -49.00
C ALA B 262 -37.48 -25.42 -48.26
N LEU B 263 -38.45 -24.52 -48.10
CA LEU B 263 -39.73 -24.89 -47.53
C LEU B 263 -40.67 -25.32 -48.65
N VAL B 264 -41.28 -26.49 -48.48
CA VAL B 264 -42.18 -27.02 -49.49
C VAL B 264 -43.48 -27.48 -48.85
N GLU B 265 -44.60 -27.23 -49.52
CA GLU B 265 -45.89 -27.69 -49.04
C GLU B 265 -46.77 -28.17 -50.19
N THR C 6 29.72 -72.21 7.51
CA THR C 6 30.73 -71.89 8.50
C THR C 6 31.81 -70.98 7.87
N THR C 7 32.75 -70.53 8.70
CA THR C 7 33.83 -69.63 8.29
C THR C 7 33.33 -68.36 7.60
N PRO C 8 32.58 -67.51 8.31
CA PRO C 8 32.26 -66.19 7.75
C PRO C 8 33.40 -65.20 7.99
N THR C 9 33.72 -64.39 6.99
CA THR C 9 34.83 -63.45 7.12
C THR C 9 34.41 -62.01 6.83
N ILE C 10 33.53 -61.82 5.86
CA ILE C 10 33.16 -60.49 5.40
C ILE C 10 32.38 -59.69 6.45
N LEU C 11 31.28 -60.24 6.93
CA LEU C 11 30.47 -59.56 7.93
C LEU C 11 31.18 -59.33 9.28
N PRO C 12 31.95 -60.33 9.77
CA PRO C 12 32.76 -60.02 10.96
C PRO C 12 33.75 -58.87 10.74
N ALA C 13 34.30 -58.77 9.53
CA ALA C 13 35.20 -57.68 9.18
C ALA C 13 34.46 -56.35 9.24
N LEU C 14 33.24 -56.34 8.74
CA LEU C 14 32.41 -55.14 8.73
C LEU C 14 32.07 -54.68 10.15
N ALA C 15 31.55 -55.60 10.96
CA ALA C 15 31.15 -55.28 12.32
C ALA C 15 32.33 -54.77 13.15
N ALA C 16 33.48 -55.41 12.97
CA ALA C 16 34.68 -55.03 13.71
C ALA C 16 35.19 -53.67 13.26
N GLY C 17 35.10 -53.40 11.95
CA GLY C 17 35.52 -52.13 11.40
C GLY C 17 34.72 -50.95 11.94
N LEU C 18 33.40 -51.16 12.05
CA LEU C 18 32.52 -50.13 12.60
C LEU C 18 32.83 -49.86 14.06
N ALA C 19 33.17 -50.90 14.80
CA ALA C 19 33.44 -50.79 16.22
C ALA C 19 34.78 -50.11 16.48
N ARG C 20 35.76 -50.36 15.61
CA ARG C 20 37.09 -49.79 15.75
C ARG C 20 37.18 -48.40 15.13
N GLY C 21 36.24 -48.07 14.26
CA GLY C 21 36.18 -46.76 13.66
C GLY C 21 36.75 -46.67 12.26
N ASN C 22 37.20 -47.80 11.73
CA ASN C 22 37.75 -47.86 10.37
C ASN C 22 36.67 -47.61 9.34
N ILE C 23 35.44 -48.02 9.66
CA ILE C 23 34.29 -47.71 8.82
C ILE C 23 33.46 -46.65 9.53
N ARG C 24 33.19 -45.55 8.85
CA ARG C 24 32.40 -44.47 9.43
C ARG C 24 31.01 -44.43 8.81
N VAL C 25 30.05 -43.90 9.56
CA VAL C 25 28.69 -43.76 9.07
C VAL C 25 28.35 -42.28 8.83
N VAL C 26 27.95 -41.96 7.61
CA VAL C 26 27.56 -40.60 7.26
C VAL C 26 26.06 -40.53 7.00
N ASP C 27 25.37 -39.68 7.74
CA ASP C 27 23.93 -39.49 7.57
C ASP C 27 23.65 -38.53 6.42
N LEU C 28 22.90 -38.97 5.43
CA LEU C 28 22.62 -38.16 4.24
C LEU C 28 21.20 -37.64 4.22
N THR C 29 20.54 -37.67 5.38
CA THR C 29 19.11 -37.40 5.44
C THR C 29 18.76 -36.03 6.00
N GLN C 30 17.84 -35.35 5.34
CA GLN C 30 17.26 -34.11 5.86
C GLN C 30 16.24 -34.45 6.95
N THR C 31 16.12 -33.58 7.94
CA THR C 31 15.17 -33.79 9.02
C THR C 31 13.73 -33.56 8.59
N LEU C 32 12.87 -34.54 8.83
CA LEU C 32 11.44 -34.41 8.58
C LEU C 32 10.80 -33.49 9.63
N SER C 33 10.30 -32.34 9.17
CA SER C 33 9.64 -31.40 10.05
C SER C 33 8.66 -30.54 9.24
N PRO C 34 7.65 -29.95 9.91
CA PRO C 34 6.67 -29.09 9.25
C PRO C 34 7.25 -27.88 8.54
N SER C 35 8.51 -27.54 8.79
CA SER C 35 9.12 -26.35 8.19
C SER C 35 9.87 -26.67 6.90
N PHE C 36 9.98 -27.95 6.58
CA PHE C 36 10.70 -28.39 5.38
C PHE C 36 9.90 -28.07 4.12
N PRO C 37 10.57 -27.58 3.06
CA PRO C 37 9.96 -27.18 1.79
C PRO C 37 9.07 -28.27 1.19
N THR C 38 7.87 -27.88 0.77
CA THR C 38 6.94 -28.82 0.16
C THR C 38 6.76 -28.51 -1.33
N LEU C 39 6.87 -29.55 -2.15
CA LEU C 39 6.70 -29.41 -3.59
C LEU C 39 5.27 -28.99 -3.93
N GLN C 40 5.15 -27.95 -4.75
CA GLN C 40 3.84 -27.50 -5.20
C GLN C 40 3.77 -27.52 -6.73
N LEU C 41 2.72 -28.15 -7.24
CA LEU C 41 2.50 -28.29 -8.68
C LEU C 41 1.43 -27.32 -9.15
N PRO C 42 1.34 -27.09 -10.47
CA PRO C 42 0.21 -26.35 -11.06
C PRO C 42 -1.14 -26.84 -10.51
N SER C 43 -2.06 -25.92 -10.30
CA SER C 43 -3.28 -26.19 -9.54
C SER C 43 -4.18 -27.28 -10.12
N GLN C 44 -3.99 -27.64 -11.39
CA GLN C 44 -4.86 -28.64 -12.00
C GLN C 44 -4.45 -30.06 -11.60
N PHE C 45 -3.29 -30.18 -10.95
CA PHE C 45 -2.81 -31.49 -10.50
C PHE C 45 -3.07 -31.69 -9.01
N GLY C 46 -3.04 -32.95 -8.58
CA GLY C 46 -3.16 -33.27 -7.16
C GLY C 46 -1.88 -32.92 -6.44
N GLN C 47 -2.01 -32.49 -5.19
CA GLN C 47 -0.85 -32.02 -4.44
C GLN C 47 -0.41 -33.01 -3.36
N VAL C 48 0.90 -33.04 -3.10
CA VAL C 48 1.44 -33.82 -1.99
C VAL C 48 1.29 -33.03 -0.70
N GLN C 49 0.98 -33.73 0.39
CA GLN C 49 0.85 -33.08 1.69
C GLN C 49 2.19 -32.72 2.30
N PRO C 50 2.24 -31.60 3.02
CA PRO C 50 3.43 -31.28 3.81
C PRO C 50 3.50 -32.18 5.04
N PHE C 51 4.67 -32.27 5.67
CA PHE C 51 4.82 -33.09 6.86
C PHE C 51 4.08 -32.46 8.05
N LYS C 52 3.22 -33.24 8.69
CA LYS C 52 2.50 -32.79 9.89
C LYS C 52 2.72 -33.79 11.02
N ILE C 53 2.72 -33.30 12.26
CA ILE C 53 2.93 -34.17 13.42
C ILE C 53 2.08 -33.70 14.61
N GLU C 54 1.49 -34.67 15.31
CA GLU C 54 0.61 -34.39 16.45
C GLU C 54 0.94 -35.23 17.67
N ARG C 55 1.07 -34.57 18.82
CA ARG C 55 1.34 -35.24 20.09
C ARG C 55 0.21 -36.17 20.49
N ILE C 56 0.56 -37.36 20.96
CA ILE C 56 -0.43 -38.24 21.57
C ILE C 56 -0.36 -38.13 23.08
N SER C 57 0.86 -38.19 23.60
CA SER C 57 1.11 -38.04 25.04
C SER C 57 2.56 -37.63 25.30
N HIS C 58 2.82 -37.10 26.48
CA HIS C 58 4.17 -36.67 26.85
C HIS C 58 4.39 -36.86 28.35
N TYR C 59 4.44 -38.12 28.77
CA TYR C 59 4.56 -38.49 30.19
C TYR C 59 3.51 -37.78 31.04
N ASP C 60 2.30 -37.66 30.53
CA ASP C 60 1.22 -36.96 31.22
C ASP C 60 -0.05 -37.81 31.30
N ALA C 61 -1.19 -37.16 31.54
CA ALA C 61 -2.46 -37.86 31.75
C ALA C 61 -2.83 -38.76 30.55
N SER C 62 -2.43 -38.36 29.35
CA SER C 62 -2.73 -39.14 28.15
C SER C 62 -1.80 -40.34 27.98
N GLY C 63 -0.76 -40.40 28.81
CA GLY C 63 0.22 -41.48 28.75
C GLY C 63 1.33 -41.28 29.74
N PRO C 64 1.06 -41.60 31.02
CA PRO C 64 1.88 -41.27 32.19
C PRO C 64 3.37 -41.61 32.06
N ALA C 65 3.69 -42.71 31.39
CA ALA C 65 5.07 -43.17 31.33
C ALA C 65 5.64 -43.17 29.92
N TRP C 66 4.92 -42.61 28.94
CA TRP C 66 5.40 -42.66 27.57
C TRP C 66 5.09 -41.40 26.75
N TYR C 67 5.91 -41.21 25.72
CA TYR C 67 5.76 -40.10 24.79
C TYR C 67 5.82 -40.64 23.37
N TRP C 68 4.91 -40.17 22.52
CA TRP C 68 4.83 -40.61 21.13
C TRP C 68 3.88 -39.75 20.30
N ASN C 69 4.07 -39.76 18.98
CA ASN C 69 3.30 -38.89 18.08
C ASN C 69 2.59 -39.63 16.95
N ASN C 70 1.63 -38.96 16.35
CA ASN C 70 1.09 -39.37 15.05
C ASN C 70 1.59 -38.41 13.99
N PHE C 71 1.87 -38.92 12.79
CA PHE C 71 2.34 -38.05 11.73
C PHE C 71 1.68 -38.37 10.40
N SER C 72 1.77 -37.42 9.47
CA SER C 72 1.22 -37.60 8.13
C SER C 72 2.07 -36.85 7.12
N CYS C 73 2.18 -37.42 5.93
CA CYS C 73 2.89 -36.78 4.83
C CYS C 73 2.64 -37.52 3.53
N GLY C 74 3.53 -37.32 2.57
CA GLY C 74 3.43 -38.00 1.30
C GLY C 74 4.58 -38.96 1.11
N GLU C 75 4.41 -39.87 0.14
CA GLU C 75 5.49 -40.79 -0.23
C GLU C 75 6.73 -40.02 -0.69
N HIS C 76 6.52 -38.82 -1.22
CA HIS C 76 7.61 -38.03 -1.76
C HIS C 76 7.90 -36.78 -0.94
N THR C 77 8.03 -36.97 0.36
CA THR C 77 8.32 -35.88 1.29
C THR C 77 9.77 -35.94 1.75
N GLY C 78 10.47 -34.80 1.68
CA GLY C 78 11.85 -34.71 2.14
C GLY C 78 12.78 -35.70 1.46
N THR C 79 13.77 -36.18 2.21
CA THR C 79 14.67 -37.21 1.71
C THR C 79 13.88 -38.48 1.46
N HIS C 80 13.72 -38.85 0.19
CA HIS C 80 12.88 -39.99 -0.15
C HIS C 80 13.35 -40.79 -1.36
N PHE C 81 12.69 -41.92 -1.56
CA PHE C 81 13.07 -42.92 -2.55
C PHE C 81 12.03 -42.94 -3.67
N ASP C 82 12.48 -42.93 -4.92
CA ASP C 82 11.53 -43.03 -6.05
C ASP C 82 11.57 -44.43 -6.66
N ALA C 83 10.44 -45.13 -6.62
CA ALA C 83 10.32 -46.47 -7.20
C ALA C 83 9.87 -46.35 -8.66
N PRO C 84 10.14 -47.38 -9.48
CA PRO C 84 9.74 -47.34 -10.89
C PRO C 84 8.24 -47.09 -11.13
N ALA C 85 7.39 -47.61 -10.26
CA ALA C 85 5.95 -47.47 -10.41
C ALA C 85 5.49 -46.01 -10.32
N HIS C 86 6.37 -45.16 -9.81
CA HIS C 86 6.09 -43.74 -9.67
C HIS C 86 5.86 -43.08 -11.03
N TRP C 87 6.47 -43.62 -12.08
CA TRP C 87 6.30 -43.06 -13.41
C TRP C 87 5.58 -44.03 -14.33
N ILE C 88 4.87 -43.48 -15.31
CA ILE C 88 4.00 -44.27 -16.20
C ILE C 88 4.78 -45.31 -17.02
N THR C 89 6.07 -45.06 -17.22
CA THR C 89 6.90 -45.95 -18.04
C THR C 89 7.35 -47.19 -17.26
N GLY C 90 7.22 -47.15 -15.94
CA GLY C 90 7.61 -48.27 -15.10
C GLY C 90 6.43 -48.94 -14.40
N ARG C 91 5.24 -48.74 -14.95
CA ARG C 91 4.01 -49.20 -14.30
C ARG C 91 3.83 -50.73 -14.33
N ASP C 92 4.46 -51.40 -15.28
CA ASP C 92 4.17 -52.81 -15.51
C ASP C 92 5.26 -53.78 -15.06
N TYR C 93 6.37 -53.26 -14.53
CA TYR C 93 7.42 -54.12 -14.01
C TYR C 93 6.94 -54.85 -12.76
N PRO C 94 7.35 -56.12 -12.61
CA PRO C 94 6.95 -56.96 -11.47
C PRO C 94 7.33 -56.38 -10.10
N GLY C 95 8.59 -56.00 -9.90
CA GLY C 95 9.02 -55.47 -8.62
C GLY C 95 9.24 -53.96 -8.69
N ASN C 96 8.17 -53.24 -8.93
CA ASN C 96 8.27 -51.81 -9.21
C ASN C 96 7.77 -50.89 -8.08
N SER C 97 7.26 -51.48 -7.01
CA SER C 97 6.82 -50.69 -5.86
C SER C 97 7.69 -51.00 -4.64
N VAL C 98 7.69 -50.11 -3.66
CA VAL C 98 8.61 -50.22 -2.53
C VAL C 98 8.39 -51.47 -1.67
N ASP C 99 7.25 -52.12 -1.86
CA ASP C 99 6.97 -53.36 -1.13
C ASP C 99 7.27 -54.61 -1.95
N THR C 100 7.62 -54.44 -3.23
CA THR C 100 7.86 -55.58 -4.10
C THR C 100 9.26 -55.59 -4.74
N ILE C 101 9.97 -54.48 -4.61
CA ILE C 101 11.35 -54.40 -5.07
C ILE C 101 12.19 -55.42 -4.31
N ALA C 102 13.03 -56.16 -5.02
CA ALA C 102 13.95 -57.10 -4.37
C ALA C 102 14.85 -56.33 -3.41
N PRO C 103 14.91 -56.78 -2.15
CA PRO C 103 15.62 -56.09 -1.07
C PRO C 103 17.12 -55.95 -1.33
N GLU C 104 17.66 -56.71 -2.27
CA GLU C 104 19.07 -56.61 -2.64
C GLU C 104 19.39 -55.25 -3.24
N ASN C 105 18.37 -54.57 -3.77
CA ASN C 105 18.55 -53.27 -4.39
C ASN C 105 18.60 -52.13 -3.39
N PHE C 106 18.48 -52.46 -2.10
CA PHE C 106 18.45 -51.45 -1.06
C PHE C 106 19.86 -51.12 -0.57
N VAL C 107 20.83 -51.93 -0.98
CA VAL C 107 22.22 -51.70 -0.64
C VAL C 107 23.08 -51.71 -1.91
N ALA C 108 23.87 -50.65 -2.10
CA ALA C 108 24.63 -50.48 -3.33
C ALA C 108 25.79 -49.50 -3.16
N PRO C 109 26.85 -49.67 -3.97
CA PRO C 109 27.94 -48.70 -3.99
C PRO C 109 27.50 -47.39 -4.65
N ALA C 110 28.31 -46.34 -4.51
CA ALA C 110 27.97 -45.07 -5.12
C ALA C 110 29.20 -44.29 -5.55
N VAL C 111 29.04 -43.49 -6.59
CA VAL C 111 30.04 -42.50 -6.96
C VAL C 111 29.45 -41.13 -6.71
N VAL C 112 30.30 -40.13 -6.49
CA VAL C 112 29.82 -38.78 -6.24
C VAL C 112 30.41 -37.79 -7.22
N ILE C 113 29.57 -37.28 -8.13
CA ILE C 113 30.02 -36.29 -9.10
C ILE C 113 29.79 -34.88 -8.54
N ASP C 114 30.89 -34.18 -8.27
CA ASP C 114 30.81 -32.84 -7.70
C ASP C 114 30.72 -31.76 -8.77
N ALA C 115 29.58 -31.08 -8.81
CA ALA C 115 29.37 -29.99 -9.76
C ALA C 115 28.95 -28.72 -9.04
N SER C 116 29.39 -28.57 -7.78
CA SER C 116 28.95 -27.45 -6.96
C SER C 116 29.44 -26.11 -7.51
N ALA C 117 30.64 -26.10 -8.09
CA ALA C 117 31.22 -24.87 -8.63
C ALA C 117 30.46 -24.38 -9.86
N GLN C 118 29.95 -25.32 -10.64
CA GLN C 118 29.20 -24.98 -11.85
C GLN C 118 27.81 -24.44 -11.50
N VAL C 119 27.13 -25.10 -10.57
CA VAL C 119 25.79 -24.71 -10.15
C VAL C 119 25.81 -23.33 -9.48
N ARG C 120 26.96 -23.00 -8.90
CA ARG C 120 27.14 -21.72 -8.23
C ARG C 120 27.10 -20.57 -9.25
N GLU C 121 27.35 -20.90 -10.52
CA GLU C 121 27.35 -19.89 -11.59
C GLU C 121 26.15 -20.03 -12.52
N ASN C 122 25.38 -21.10 -12.35
CA ASN C 122 24.20 -21.35 -13.16
C ASN C 122 23.25 -22.31 -12.47
N GLU C 123 22.09 -21.80 -12.03
CA GLU C 123 21.12 -22.63 -11.33
C GLU C 123 20.46 -23.64 -12.28
N ASP C 124 20.54 -23.37 -13.58
CA ASP C 124 19.98 -24.27 -14.59
C ASP C 124 21.04 -25.14 -15.25
N TRP C 125 22.18 -25.31 -14.58
CA TRP C 125 23.31 -26.05 -15.16
C TRP C 125 22.95 -27.49 -15.50
N LEU C 126 23.48 -27.97 -16.62
CA LEU C 126 23.16 -29.31 -17.09
C LEU C 126 24.35 -30.27 -17.02
N LEU C 127 24.14 -31.42 -16.38
CA LEU C 127 25.13 -32.48 -16.35
C LEU C 127 25.19 -33.18 -17.71
N THR C 128 26.36 -33.12 -18.34
CA THR C 128 26.50 -33.64 -19.70
C THR C 128 27.38 -34.89 -19.75
N VAL C 129 27.33 -35.59 -20.88
CA VAL C 129 28.18 -36.76 -21.09
C VAL C 129 29.65 -36.35 -21.04
N ASP C 130 29.97 -35.21 -21.63
CA ASP C 130 31.35 -34.69 -21.63
C ASP C 130 31.87 -34.53 -20.21
N PHE C 131 31.03 -34.01 -19.32
CA PHE C 131 31.41 -33.81 -17.94
C PHE C 131 31.67 -35.15 -17.25
N LEU C 132 30.80 -36.12 -17.50
CA LEU C 132 30.92 -37.44 -16.87
C LEU C 132 32.13 -38.20 -17.38
N GLN C 133 32.40 -38.10 -18.69
CA GLN C 133 33.56 -38.74 -19.28
C GLN C 133 34.85 -38.13 -18.72
N ALA C 134 34.85 -36.80 -18.58
CA ALA C 134 35.99 -36.10 -17.99
C ALA C 134 36.18 -36.49 -16.53
N TRP C 135 35.06 -36.73 -15.86
CA TRP C 135 35.08 -37.16 -14.46
C TRP C 135 35.75 -38.53 -14.34
N GLU C 136 35.44 -39.42 -15.28
CA GLU C 136 35.99 -40.78 -15.27
C GLU C 136 37.50 -40.81 -15.53
N GLN C 137 38.02 -39.77 -16.17
CA GLN C 137 39.46 -39.67 -16.41
C GLN C 137 40.21 -39.53 -15.08
N ARG C 138 39.56 -38.87 -14.13
CA ARG C 138 40.20 -38.52 -12.87
C ARG C 138 39.86 -39.50 -11.75
N HIS C 139 38.68 -40.11 -11.83
CA HIS C 139 38.18 -40.94 -10.74
C HIS C 139 37.85 -42.36 -11.16
N GLY C 140 38.11 -42.69 -12.43
CA GLY C 140 37.88 -44.04 -12.91
C GLY C 140 36.50 -44.27 -13.47
N ARG C 141 36.31 -45.44 -14.08
CA ARG C 141 35.04 -45.79 -14.69
C ARG C 141 33.95 -45.99 -13.64
N ILE C 142 32.77 -45.45 -13.93
CA ILE C 142 31.60 -45.64 -13.09
C ILE C 142 31.15 -47.10 -13.14
N PRO C 143 31.25 -47.80 -11.99
CA PRO C 143 30.92 -49.23 -11.94
C PRO C 143 29.42 -49.50 -12.13
N ALA C 144 29.08 -50.64 -12.71
CA ALA C 144 27.69 -51.01 -12.92
C ALA C 144 27.01 -51.30 -11.59
N GLY C 145 25.75 -50.89 -11.46
CA GLY C 145 24.98 -51.13 -10.25
C GLY C 145 25.30 -50.16 -9.13
N ALA C 146 25.94 -49.05 -9.47
CA ALA C 146 26.29 -48.03 -8.49
C ALA C 146 25.34 -46.83 -8.56
N TRP C 147 25.09 -46.23 -7.40
CA TRP C 147 24.38 -44.95 -7.37
C TRP C 147 25.21 -43.86 -8.02
N VAL C 148 24.56 -42.98 -8.75
CA VAL C 148 25.21 -41.76 -9.21
C VAL C 148 24.66 -40.60 -8.39
N LEU C 149 25.47 -40.11 -7.46
CA LEU C 149 25.04 -39.03 -6.58
C LEU C 149 25.53 -37.69 -7.12
N PHE C 150 24.57 -36.83 -7.44
CA PHE C 150 24.85 -35.54 -8.07
C PHE C 150 25.04 -34.44 -7.03
N ARG C 151 26.29 -34.16 -6.67
CA ARG C 151 26.55 -33.12 -5.68
C ARG C 151 26.45 -31.71 -6.29
N THR C 152 25.67 -30.86 -5.65
CA THR C 152 25.44 -29.50 -6.16
C THR C 152 25.51 -28.45 -5.04
N ASP C 153 25.68 -28.91 -3.81
CA ASP C 153 25.63 -28.05 -2.62
C ASP C 153 24.30 -27.31 -2.52
N TRP C 154 23.26 -27.87 -3.15
CA TRP C 154 21.94 -27.26 -3.16
C TRP C 154 21.27 -27.40 -1.80
N SER C 155 21.75 -28.33 -0.98
CA SER C 155 21.14 -28.61 0.32
C SER C 155 21.38 -27.47 1.31
N LEU C 156 22.28 -26.56 0.96
CA LEU C 156 22.57 -25.40 1.81
C LEU C 156 21.44 -24.36 1.72
N ARG C 157 20.61 -24.46 0.68
CA ARG C 157 19.51 -23.54 0.48
C ARG C 157 18.26 -23.94 1.26
N VAL C 158 18.38 -25.01 2.04
CA VAL C 158 17.20 -25.62 2.65
C VAL C 158 16.55 -24.73 3.73
N GLY C 159 17.32 -23.78 4.27
CA GLY C 159 16.79 -22.85 5.24
C GLY C 159 15.82 -21.85 4.62
N ASP C 160 16.04 -21.56 3.34
CA ASP C 160 15.20 -20.65 2.57
C ASP C 160 14.34 -21.46 1.59
N ALA C 161 13.11 -21.78 2.00
CA ALA C 161 12.26 -22.66 1.20
C ALA C 161 12.04 -22.12 -0.21
N ALA C 162 11.93 -20.81 -0.33
CA ALA C 162 11.77 -20.17 -1.62
C ALA C 162 13.00 -20.40 -2.49
N ALA C 163 14.18 -20.35 -1.88
CA ALA C 163 15.43 -20.56 -2.60
C ALA C 163 15.63 -22.03 -2.94
N PHE C 164 15.16 -22.91 -2.06
CA PHE C 164 15.29 -24.34 -2.26
C PHE C 164 14.46 -24.81 -3.45
N LEU C 165 13.24 -24.29 -3.56
CA LEU C 165 12.36 -24.64 -4.67
C LEU C 165 12.73 -23.85 -5.91
N ASN C 166 13.11 -22.59 -5.70
CA ASN C 166 13.57 -21.69 -6.77
C ASN C 166 12.60 -21.59 -7.93
N ILE C 167 11.38 -21.13 -7.65
CA ILE C 167 10.33 -21.11 -8.65
C ILE C 167 10.09 -19.73 -9.23
N ARG C 168 10.15 -19.64 -10.55
CA ARG C 168 9.82 -18.42 -11.28
C ARG C 168 8.55 -18.65 -12.08
N GLU C 169 8.20 -17.71 -12.96
CA GLU C 169 6.94 -17.79 -13.70
C GLU C 169 6.87 -19.01 -14.60
N ASP C 170 8.02 -19.52 -15.01
CA ASP C 170 8.09 -20.66 -15.92
C ASP C 170 8.58 -21.90 -15.19
N GLY C 171 8.27 -21.98 -13.90
CA GLY C 171 8.58 -23.16 -13.11
C GLY C 171 9.89 -23.08 -12.35
N ALA C 172 10.31 -24.22 -11.82
CA ALA C 172 11.52 -24.31 -11.02
C ALA C 172 12.77 -24.25 -11.87
N HIS C 173 13.80 -23.58 -11.35
CA HIS C 173 15.08 -23.51 -12.02
C HIS C 173 16.15 -24.21 -11.19
N THR C 174 16.39 -25.47 -11.51
CA THR C 174 17.27 -26.33 -10.72
C THR C 174 18.15 -27.19 -11.65
N PRO C 175 19.34 -27.60 -11.17
CA PRO C 175 20.26 -28.40 -11.97
C PRO C 175 19.73 -29.80 -12.30
N GLY C 176 20.25 -30.41 -13.36
CA GLY C 176 19.84 -31.75 -13.73
C GLY C 176 20.58 -32.28 -14.94
N PRO C 177 20.41 -33.58 -15.23
CA PRO C 177 21.08 -34.23 -16.36
C PRO C 177 20.36 -33.97 -17.68
N THR C 178 21.12 -33.97 -18.78
CA THR C 178 20.53 -33.91 -20.11
C THR C 178 20.01 -35.29 -20.48
N GLN C 179 19.18 -35.36 -21.51
CA GLN C 179 18.63 -36.64 -21.96
C GLN C 179 19.75 -37.61 -22.38
N GLU C 180 20.75 -37.07 -23.07
CA GLU C 180 21.88 -37.87 -23.51
C GLU C 180 22.65 -38.45 -22.33
N ALA C 181 22.74 -37.67 -21.25
CA ALA C 181 23.46 -38.10 -20.05
C ALA C 181 22.73 -39.22 -19.32
N VAL C 182 21.41 -39.12 -19.26
CA VAL C 182 20.62 -40.18 -18.63
C VAL C 182 20.72 -41.45 -19.46
N GLU C 183 20.62 -41.30 -20.78
CA GLU C 183 20.75 -42.44 -21.69
C GLU C 183 22.11 -43.10 -21.56
N TRP C 184 23.15 -42.29 -21.36
CA TRP C 184 24.52 -42.79 -21.25
C TRP C 184 24.71 -43.60 -19.97
N LEU C 185 24.26 -43.04 -18.85
CA LEU C 185 24.38 -43.69 -17.55
C LEU C 185 23.66 -45.04 -17.52
N ILE C 186 22.50 -45.11 -18.16
CA ILE C 186 21.70 -46.33 -18.20
C ILE C 186 22.26 -47.36 -19.17
N GLY C 187 22.52 -46.92 -20.41
CA GLY C 187 22.92 -47.82 -21.47
C GLY C 187 24.40 -48.20 -21.51
N GLU C 188 25.26 -47.24 -21.20
CA GLU C 188 26.70 -47.45 -21.31
C GLU C 188 27.37 -47.79 -19.99
N ARG C 189 26.69 -47.52 -18.89
CA ARG C 189 27.29 -47.72 -17.57
C ARG C 189 26.44 -48.58 -16.65
N ASN C 190 25.17 -48.74 -17.01
CA ASN C 190 24.27 -49.64 -16.28
C ASN C 190 24.17 -49.30 -14.79
N VAL C 191 23.96 -48.02 -14.49
CA VAL C 191 23.95 -47.58 -13.10
C VAL C 191 22.71 -48.04 -12.34
N HIS C 192 22.77 -47.92 -11.02
CA HIS C 192 21.69 -48.35 -10.13
C HIS C 192 20.57 -47.32 -10.05
N GLY C 193 20.94 -46.05 -10.16
CA GLY C 193 19.98 -44.97 -10.06
C GLY C 193 20.64 -43.61 -9.96
N PHE C 194 19.82 -42.58 -9.75
CA PHE C 194 20.30 -41.20 -9.72
C PHE C 194 19.85 -40.51 -8.43
N GLY C 195 20.79 -39.91 -7.70
CA GLY C 195 20.46 -39.24 -6.45
C GLY C 195 20.89 -37.78 -6.43
N VAL C 196 20.05 -36.92 -5.87
CA VAL C 196 20.27 -35.48 -5.92
C VAL C 196 20.00 -34.78 -4.59
N GLU C 197 20.38 -33.50 -4.52
CA GLU C 197 20.14 -32.68 -3.33
C GLU C 197 18.88 -31.85 -3.50
N THR C 198 18.39 -31.78 -4.73
CA THR C 198 17.20 -30.99 -5.04
C THR C 198 15.92 -31.79 -4.76
N ILE C 199 14.79 -31.16 -5.01
CA ILE C 199 13.50 -31.81 -4.78
C ILE C 199 13.02 -32.51 -6.06
N ASN C 200 13.87 -32.49 -7.08
CA ASN C 200 13.59 -33.18 -8.34
C ASN C 200 14.86 -33.80 -8.90
N THR C 201 14.80 -35.05 -9.35
CA THR C 201 15.98 -35.67 -9.96
C THR C 201 16.26 -35.04 -11.32
N ASP C 202 15.19 -34.61 -11.99
CA ASP C 202 15.30 -33.91 -13.28
C ASP C 202 15.56 -32.41 -13.09
N ALA C 203 16.10 -31.78 -14.12
CA ALA C 203 16.24 -30.33 -14.14
C ALA C 203 14.85 -29.70 -14.18
N GLY C 204 14.65 -28.66 -13.37
CA GLY C 204 13.35 -28.00 -13.28
C GLY C 204 12.75 -27.62 -14.61
N GLN C 205 13.59 -27.18 -15.55
CA GLN C 205 13.12 -26.69 -16.85
C GLN C 205 12.98 -27.80 -17.89
N SER C 206 13.21 -29.04 -17.48
CA SER C 206 13.12 -30.17 -18.40
C SER C 206 11.68 -30.53 -18.73
N TYR C 207 10.73 -29.81 -18.14
CA TYR C 207 9.32 -30.04 -18.44
C TYR C 207 9.01 -29.61 -19.88
N ALA C 208 9.82 -28.69 -20.39
CA ALA C 208 9.59 -28.11 -21.71
C ALA C 208 10.40 -28.80 -22.80
N TRP C 209 11.25 -29.75 -22.40
CA TRP C 209 12.07 -30.50 -23.35
C TRP C 209 11.20 -31.46 -24.17
N PRO C 210 11.66 -31.81 -25.40
CA PRO C 210 10.96 -32.74 -26.28
C PRO C 210 10.50 -34.00 -25.56
N LEU C 211 11.43 -34.69 -24.89
CA LEU C 211 11.07 -35.74 -23.96
C LEU C 211 11.15 -35.16 -22.55
N ALA C 212 9.98 -34.92 -21.95
CA ALA C 212 9.91 -34.23 -20.67
C ALA C 212 10.36 -35.10 -19.51
N TYR C 213 11.12 -34.49 -18.60
CA TYR C 213 11.65 -35.17 -17.42
C TYR C 213 12.37 -36.47 -17.77
N PRO C 214 13.48 -36.38 -18.52
CA PRO C 214 14.15 -37.59 -19.03
C PRO C 214 14.60 -38.55 -17.93
N CYS C 215 15.10 -38.01 -16.82
CA CYS C 215 15.61 -38.86 -15.74
C CYS C 215 14.50 -39.73 -15.15
N HIS C 216 13.41 -39.12 -14.71
CA HIS C 216 12.22 -39.86 -14.28
C HIS C 216 11.74 -40.85 -15.35
N THR C 217 11.64 -40.37 -16.58
CA THR C 217 11.07 -41.15 -17.67
C THR C 217 11.92 -42.37 -18.01
N LEU C 218 13.22 -42.15 -18.21
CA LEU C 218 14.10 -43.21 -18.69
C LEU C 218 14.64 -44.10 -17.58
N MET C 219 14.92 -43.53 -16.41
CA MET C 219 15.45 -44.31 -15.29
C MET C 219 14.37 -45.28 -14.78
N HIS C 220 13.18 -44.77 -14.50
CA HIS C 220 12.09 -45.63 -14.05
C HIS C 220 11.58 -46.53 -15.17
N GLY C 221 11.74 -46.07 -16.42
CA GLY C 221 11.36 -46.86 -17.57
C GLY C 221 12.33 -48.00 -17.80
N ALA C 222 13.51 -47.89 -17.19
CA ALA C 222 14.51 -48.96 -17.27
C ALA C 222 14.60 -49.72 -15.95
N ASN C 223 13.58 -49.54 -15.11
CA ASN C 223 13.44 -50.26 -13.85
C ASN C 223 14.53 -49.97 -12.82
N ARG C 224 15.01 -48.74 -12.75
CA ARG C 224 15.89 -48.33 -11.67
C ARG C 224 15.28 -47.16 -10.88
N TYR C 225 16.05 -46.58 -9.97
CA TYR C 225 15.47 -45.75 -8.91
C TYR C 225 16.05 -44.34 -8.81
N GLY C 226 15.46 -43.55 -7.92
CA GLY C 226 15.96 -42.21 -7.63
C GLY C 226 15.99 -41.88 -6.14
N LEU C 227 16.85 -40.94 -5.76
CA LEU C 227 16.90 -40.41 -4.41
C LEU C 227 16.85 -38.89 -4.46
N GLN C 228 16.05 -38.29 -3.59
CA GLN C 228 15.88 -36.83 -3.59
C GLN C 228 16.13 -36.22 -2.22
N CYS C 229 16.48 -34.93 -2.21
CA CYS C 229 16.74 -34.18 -0.99
C CYS C 229 17.82 -34.81 -0.10
N LEU C 230 18.93 -35.22 -0.70
CA LEU C 230 20.07 -35.70 0.05
C LEU C 230 20.87 -34.53 0.63
N LYS C 231 21.63 -34.78 1.69
CA LYS C 231 22.56 -33.78 2.20
C LYS C 231 23.89 -34.43 2.58
N ASN C 232 24.85 -33.60 2.98
CA ASN C 232 26.18 -34.06 3.39
C ASN C 232 26.97 -34.83 2.34
N LEU C 233 26.67 -34.57 1.06
CA LEU C 233 27.41 -35.22 -0.02
C LEU C 233 28.86 -34.74 -0.06
N ASP C 234 29.11 -33.59 0.54
CA ASP C 234 30.44 -33.02 0.59
C ASP C 234 31.38 -33.78 1.52
N GLN C 235 30.82 -34.75 2.25
CA GLN C 235 31.60 -35.57 3.18
C GLN C 235 31.92 -36.93 2.60
N LEU C 236 31.36 -37.23 1.43
CA LEU C 236 31.62 -38.51 0.77
C LEU C 236 32.77 -38.40 -0.22
N PRO C 237 33.55 -39.48 -0.38
CA PRO C 237 34.60 -39.52 -1.40
C PRO C 237 33.99 -39.70 -2.79
N PRO C 238 34.74 -39.37 -3.85
CA PRO C 238 34.24 -39.55 -5.23
C PRO C 238 33.89 -41.00 -5.51
N ARG C 239 34.59 -41.92 -4.86
CA ARG C 239 34.35 -43.34 -5.05
C ARG C 239 34.61 -44.12 -3.76
N GLY C 240 33.91 -45.23 -3.58
CA GLY C 240 34.17 -46.11 -2.44
C GLY C 240 33.08 -46.18 -1.41
N ALA C 241 32.21 -45.18 -1.36
CA ALA C 241 31.14 -45.15 -0.37
C ALA C 241 30.08 -46.20 -0.68
N PHE C 242 29.47 -46.73 0.37
CA PHE C 242 28.43 -47.75 0.25
C PHE C 242 27.13 -47.23 0.87
N ILE C 243 26.04 -47.29 0.10
CA ILE C 243 24.79 -46.63 0.48
C ILE C 243 23.74 -47.57 1.03
N LEU C 244 23.15 -47.20 2.15
CA LEU C 244 22.03 -47.94 2.74
C LEU C 244 20.73 -47.17 2.57
N ALA C 245 19.94 -47.56 1.56
CA ALA C 245 18.69 -46.86 1.27
C ALA C 245 17.50 -47.83 1.17
N ALA C 246 16.97 -48.22 2.33
CA ALA C 246 15.81 -49.10 2.37
C ALA C 246 14.53 -48.31 2.62
N PRO C 247 13.63 -48.29 1.62
CA PRO C 247 12.36 -47.58 1.75
C PRO C 247 11.33 -48.32 2.61
N LEU C 248 10.35 -47.59 3.14
CA LEU C 248 9.28 -48.19 3.92
C LEU C 248 8.51 -49.19 3.08
N LYS C 249 8.01 -50.25 3.71
CA LYS C 249 7.30 -51.30 3.00
C LYS C 249 5.83 -50.93 2.85
N ILE C 250 5.58 -49.82 2.16
CA ILE C 250 4.23 -49.35 1.88
C ILE C 250 3.59 -50.19 0.78
N GLU C 251 2.38 -50.67 1.03
CA GLU C 251 1.68 -51.53 0.08
C GLU C 251 1.39 -50.81 -1.23
N GLY C 252 2.05 -51.25 -2.29
CA GLY C 252 1.88 -50.66 -3.62
C GLY C 252 2.38 -49.23 -3.68
N GLY C 253 3.35 -48.90 -2.84
CA GLY C 253 3.86 -47.55 -2.75
C GLY C 253 4.80 -47.15 -3.87
N SER C 254 4.62 -45.94 -4.39
CA SER C 254 5.43 -45.41 -5.47
C SER C 254 6.78 -44.90 -4.99
N GLY C 255 6.89 -44.79 -3.67
CA GLY C 255 8.12 -44.33 -3.04
C GLY C 255 7.87 -44.10 -1.57
N SER C 256 8.91 -43.68 -0.84
CA SER C 256 8.73 -43.35 0.56
C SER C 256 9.89 -42.53 1.11
N PRO C 257 9.62 -41.71 2.13
CA PRO C 257 10.73 -41.10 2.88
C PRO C 257 11.51 -42.20 3.59
N LEU C 258 12.82 -42.02 3.70
CA LEU C 258 13.67 -43.04 4.29
C LEU C 258 14.93 -42.42 4.88
N ARG C 259 15.66 -43.22 5.66
CA ARG C 259 16.91 -42.79 6.26
C ARG C 259 18.07 -43.28 5.42
N VAL C 260 18.65 -42.39 4.62
CA VAL C 260 19.77 -42.76 3.78
C VAL C 260 21.09 -42.63 4.51
N LEU C 261 21.83 -43.73 4.61
CA LEU C 261 23.12 -43.75 5.28
C LEU C 261 24.22 -44.13 4.32
N ALA C 262 25.46 -43.74 4.64
CA ALA C 262 26.60 -44.06 3.80
C ALA C 262 27.77 -44.57 4.62
N LEU C 263 28.24 -45.78 4.30
CA LEU C 263 29.42 -46.33 4.94
C LEU C 263 30.67 -45.88 4.20
N VAL C 264 31.66 -45.38 4.93
CA VAL C 264 32.88 -44.86 4.33
C VAL C 264 34.11 -45.50 4.96
N GLU C 265 35.00 -46.01 4.11
CA GLU C 265 36.19 -46.72 4.58
C GLU C 265 37.47 -45.97 4.20
N ALA D 3 38.73 -38.25 4.56
CA ALA D 3 39.86 -39.13 4.85
C ALA D 3 39.49 -40.58 4.57
N THR D 4 39.92 -41.09 3.42
CA THR D 4 39.56 -42.43 2.98
C THR D 4 40.76 -43.36 2.82
N SER D 5 40.49 -44.66 2.83
CA SER D 5 41.52 -45.68 2.65
C SER D 5 41.87 -45.88 1.18
N THR D 6 43.15 -45.73 0.85
CA THR D 6 43.62 -45.86 -0.53
C THR D 6 43.40 -47.28 -1.05
N THR D 7 43.50 -48.25 -0.15
CA THR D 7 43.25 -49.65 -0.50
C THR D 7 42.16 -50.24 0.41
N PRO D 8 40.88 -50.03 0.04
CA PRO D 8 39.76 -50.58 0.81
C PRO D 8 39.66 -52.09 0.66
N THR D 9 39.30 -52.77 1.74
CA THR D 9 39.14 -54.22 1.69
C THR D 9 37.77 -54.67 2.17
N ILE D 10 37.27 -54.02 3.22
CA ILE D 10 36.00 -54.42 3.82
C ILE D 10 34.80 -54.15 2.92
N LEU D 11 34.64 -52.91 2.50
CA LEU D 11 33.50 -52.54 1.65
C LEU D 11 33.53 -53.13 0.23
N PRO D 12 34.72 -53.22 -0.41
CA PRO D 12 34.72 -53.93 -1.69
C PRO D 12 34.29 -55.39 -1.57
N ALA D 13 34.73 -56.07 -0.51
CA ALA D 13 34.36 -57.46 -0.28
C ALA D 13 32.86 -57.57 -0.01
N LEU D 14 32.32 -56.61 0.72
CA LEU D 14 30.90 -56.58 1.03
C LEU D 14 30.05 -56.44 -0.24
N ALA D 15 30.43 -55.49 -1.08
CA ALA D 15 29.68 -55.22 -2.30
C ALA D 15 29.74 -56.40 -3.26
N ALA D 16 30.89 -57.06 -3.32
CA ALA D 16 31.07 -58.19 -4.21
C ALA D 16 30.28 -59.40 -3.74
N GLY D 17 30.27 -59.63 -2.43
CA GLY D 17 29.54 -60.74 -1.85
C GLY D 17 28.05 -60.64 -2.09
N LEU D 18 27.54 -59.42 -2.04
CA LEU D 18 26.12 -59.17 -2.31
C LEU D 18 25.82 -59.42 -3.78
N ALA D 19 26.77 -59.09 -4.64
CA ALA D 19 26.60 -59.25 -6.08
C ALA D 19 26.73 -60.72 -6.49
N ARG D 20 27.64 -61.44 -5.85
CA ARG D 20 27.87 -62.85 -6.18
C ARG D 20 26.82 -63.77 -5.56
N GLY D 21 26.33 -63.40 -4.38
CA GLY D 21 25.32 -64.19 -3.70
C GLY D 21 25.79 -64.80 -2.39
N ASN D 22 27.07 -64.63 -2.07
CA ASN D 22 27.63 -65.13 -0.82
C ASN D 22 26.93 -64.51 0.39
N ILE D 23 26.56 -63.25 0.27
CA ILE D 23 25.83 -62.56 1.32
C ILE D 23 24.38 -62.32 0.89
N ARG D 24 23.43 -62.84 1.67
CA ARG D 24 22.03 -62.67 1.35
C ARG D 24 21.42 -61.51 2.12
N VAL D 25 20.35 -60.94 1.58
CA VAL D 25 19.59 -59.91 2.26
C VAL D 25 18.23 -60.48 2.64
N VAL D 26 17.88 -60.36 3.92
CA VAL D 26 16.58 -60.85 4.39
C VAL D 26 15.72 -59.69 4.89
N ASP D 27 14.53 -59.58 4.33
CA ASP D 27 13.57 -58.55 4.71
C ASP D 27 12.83 -58.96 6.00
N LEU D 28 13.04 -58.21 7.07
CA LEU D 28 12.40 -58.53 8.35
C LEU D 28 11.19 -57.65 8.63
N THR D 29 10.63 -57.06 7.57
CA THR D 29 9.58 -56.04 7.72
C THR D 29 8.19 -56.54 7.28
N GLN D 30 7.17 -56.18 8.06
CA GLN D 30 5.79 -56.42 7.67
C GLN D 30 5.30 -55.28 6.76
N THR D 31 4.34 -55.59 5.89
CA THR D 31 3.84 -54.61 4.94
C THR D 31 2.92 -53.57 5.59
N LEU D 32 3.22 -52.29 5.36
CA LEU D 32 2.35 -51.21 5.81
C LEU D 32 1.06 -51.17 4.99
N SER D 33 -0.06 -51.40 5.66
CA SER D 33 -1.36 -51.48 5.00
C SER D 33 -2.47 -51.18 6.01
N PRO D 34 -3.62 -50.68 5.52
CA PRO D 34 -4.77 -50.40 6.40
C PRO D 34 -5.29 -51.64 7.12
N SER D 35 -4.99 -52.82 6.59
CA SER D 35 -5.51 -54.07 7.16
C SER D 35 -4.57 -54.65 8.21
N PHE D 36 -3.46 -53.96 8.48
CA PHE D 36 -2.54 -54.39 9.51
C PHE D 36 -3.04 -53.98 10.88
N PRO D 37 -2.89 -54.88 11.88
CA PRO D 37 -3.36 -54.65 13.25
C PRO D 37 -2.87 -53.34 13.84
N THR D 38 -3.78 -52.58 14.44
CA THR D 38 -3.44 -51.31 15.06
C THR D 38 -3.44 -51.45 16.58
N LEU D 39 -2.37 -50.99 17.22
CA LEU D 39 -2.27 -51.03 18.67
C LEU D 39 -3.39 -50.25 19.33
N GLN D 40 -4.03 -50.85 20.31
CA GLN D 40 -5.14 -50.20 21.00
C GLN D 40 -4.95 -50.20 22.52
N LEU D 41 -5.04 -49.02 23.11
CA LEU D 41 -4.92 -48.84 24.55
C LEU D 41 -6.29 -48.57 25.17
N PRO D 42 -6.42 -48.75 26.50
CA PRO D 42 -7.65 -48.36 27.18
C PRO D 42 -8.05 -46.92 26.87
N SER D 43 -9.36 -46.66 26.80
CA SER D 43 -9.89 -45.42 26.25
C SER D 43 -9.48 -44.14 26.98
N GLN D 44 -8.97 -44.25 28.20
CA GLN D 44 -8.58 -43.04 28.94
C GLN D 44 -7.26 -42.48 28.42
N PHE D 45 -6.57 -43.25 27.58
CA PHE D 45 -5.29 -42.81 27.03
C PHE D 45 -5.40 -42.33 25.59
N GLY D 46 -4.39 -41.60 25.13
CA GLY D 46 -4.32 -41.18 23.75
C GLY D 46 -4.05 -42.38 22.87
N GLN D 47 -4.64 -42.39 21.67
CA GLN D 47 -4.51 -43.52 20.77
C GLN D 47 -3.62 -43.22 19.57
N VAL D 48 -2.90 -44.23 19.10
CA VAL D 48 -2.12 -44.12 17.87
C VAL D 48 -3.05 -44.34 16.67
N GLN D 49 -2.78 -43.63 15.58
CA GLN D 49 -3.60 -43.76 14.37
C GLN D 49 -3.30 -45.04 13.59
N PRO D 50 -4.35 -45.65 13.01
CA PRO D 50 -4.13 -46.75 12.07
C PRO D 50 -3.53 -46.24 10.76
N PHE D 51 -2.83 -47.10 10.03
CA PHE D 51 -2.23 -46.69 8.76
C PHE D 51 -3.30 -46.36 7.73
N LYS D 52 -3.25 -45.13 7.22
CA LYS D 52 -4.18 -44.69 6.17
C LYS D 52 -3.41 -44.18 4.96
N ILE D 53 -3.91 -44.49 3.77
CA ILE D 53 -3.25 -44.06 2.54
C ILE D 53 -4.28 -43.65 1.50
N GLU D 54 -4.00 -42.55 0.80
CA GLU D 54 -4.89 -42.03 -0.23
C GLU D 54 -4.11 -41.64 -1.49
N ARG D 55 -4.66 -41.94 -2.65
CA ARG D 55 -3.97 -41.65 -3.91
C ARG D 55 -4.07 -40.18 -4.28
N ILE D 56 -2.95 -39.63 -4.77
CA ILE D 56 -2.93 -38.28 -5.29
C ILE D 56 -3.26 -38.31 -6.78
N SER D 57 -2.66 -39.27 -7.48
CA SER D 57 -2.90 -39.46 -8.91
C SER D 57 -2.47 -40.85 -9.33
N HIS D 58 -3.03 -41.33 -10.44
CA HIS D 58 -2.69 -42.66 -10.96
C HIS D 58 -2.66 -42.63 -12.49
N TYR D 59 -1.68 -41.93 -13.04
CA TYR D 59 -1.54 -41.75 -14.49
C TYR D 59 -2.82 -41.22 -15.13
N ASP D 60 -3.49 -40.30 -14.44
CA ASP D 60 -4.77 -39.79 -14.91
C ASP D 60 -4.80 -38.27 -14.99
N ALA D 61 -5.99 -37.69 -14.92
CA ALA D 61 -6.16 -36.24 -15.03
C ALA D 61 -5.42 -35.50 -13.90
N SER D 62 -5.35 -36.11 -12.73
CA SER D 62 -4.71 -35.49 -11.56
C SER D 62 -3.18 -35.54 -11.64
N GLY D 63 -2.65 -36.27 -12.62
CA GLY D 63 -1.22 -36.42 -12.79
C GLY D 63 -0.92 -37.42 -13.90
N PRO D 64 -0.93 -36.94 -15.15
CA PRO D 64 -0.90 -37.74 -16.38
C PRO D 64 0.19 -38.81 -16.45
N ALA D 65 1.39 -38.50 -15.98
CA ALA D 65 2.52 -39.39 -16.20
C ALA D 65 3.06 -40.04 -14.93
N TRP D 66 2.44 -39.75 -13.78
CA TRP D 66 2.97 -40.25 -12.52
C TRP D 66 1.91 -40.79 -11.56
N TYR D 67 2.39 -41.53 -10.58
CA TYR D 67 1.55 -42.14 -9.55
C TYR D 67 2.21 -41.94 -8.18
N TRP D 68 1.41 -41.54 -7.20
CA TRP D 68 1.93 -41.32 -5.84
C TRP D 68 0.79 -41.15 -4.82
N ASN D 69 1.13 -41.32 -3.54
CA ASN D 69 0.13 -41.28 -2.48
C ASN D 69 0.49 -40.34 -1.33
N ASN D 70 -0.53 -39.95 -0.57
CA ASN D 70 -0.35 -39.38 0.76
C ASN D 70 -0.71 -40.45 1.79
N PHE D 71 -0.02 -40.47 2.91
CA PHE D 71 -0.35 -41.44 3.95
C PHE D 71 -0.22 -40.87 5.36
N SER D 72 -0.88 -41.51 6.30
CA SER D 72 -0.79 -41.09 7.70
C SER D 72 -0.78 -42.31 8.61
N CYS D 73 -0.03 -42.21 9.70
CA CYS D 73 0.01 -43.25 10.71
C CYS D 73 0.62 -42.72 12.00
N GLY D 74 1.16 -43.62 12.81
CA GLY D 74 1.83 -43.23 14.02
C GLY D 74 3.31 -43.58 13.95
N GLU D 75 4.09 -43.01 14.86
CA GLU D 75 5.49 -43.37 14.99
C GLU D 75 5.64 -44.86 15.26
N HIS D 76 4.67 -45.40 16.01
CA HIS D 76 4.70 -46.80 16.40
C HIS D 76 3.66 -47.62 15.65
N THR D 77 3.87 -47.73 14.34
CA THR D 77 2.96 -48.44 13.45
C THR D 77 3.72 -49.53 12.69
N GLY D 78 3.18 -50.75 12.72
CA GLY D 78 3.81 -51.87 12.03
C GLY D 78 5.22 -52.13 12.51
N THR D 79 6.09 -52.54 11.60
CA THR D 79 7.49 -52.76 11.92
C THR D 79 8.16 -51.42 12.22
N HIS D 80 8.43 -51.15 13.50
CA HIS D 80 8.95 -49.85 13.87
C HIS D 80 10.07 -49.90 14.90
N PHE D 81 10.73 -48.76 15.07
CA PHE D 81 11.88 -48.60 15.94
C PHE D 81 11.47 -47.79 17.17
N ASP D 82 11.84 -48.26 18.36
CA ASP D 82 11.52 -47.55 19.60
C ASP D 82 12.76 -46.88 20.20
N ALA D 83 12.72 -45.55 20.26
CA ALA D 83 13.85 -44.76 20.76
C ALA D 83 13.70 -44.54 22.27
N PRO D 84 14.82 -44.31 22.98
CA PRO D 84 14.76 -44.16 24.44
C PRO D 84 13.82 -43.04 24.91
N ALA D 85 13.64 -42.03 24.08
CA ALA D 85 12.79 -40.89 24.44
C ALA D 85 11.33 -41.31 24.60
N HIS D 86 10.98 -42.47 24.04
CA HIS D 86 9.62 -42.97 24.08
C HIS D 86 9.14 -43.25 25.51
N TRP D 87 10.07 -43.59 26.39
CA TRP D 87 9.70 -43.88 27.78
C TRP D 87 10.24 -42.82 28.74
N ILE D 88 9.52 -42.60 29.83
CA ILE D 88 9.83 -41.56 30.79
C ILE D 88 11.21 -41.74 31.43
N THR D 89 11.70 -42.98 31.43
CA THR D 89 12.99 -43.28 32.04
C THR D 89 14.17 -42.91 31.13
N GLY D 90 13.88 -42.60 29.88
CA GLY D 90 14.92 -42.22 28.94
C GLY D 90 14.77 -40.80 28.44
N ARG D 91 13.98 -40.00 29.16
CA ARG D 91 13.66 -38.64 28.73
C ARG D 91 14.86 -37.67 28.82
N ASP D 92 15.82 -37.99 29.69
CA ASP D 92 16.89 -37.05 29.99
C ASP D 92 18.22 -37.39 29.29
N TYR D 93 18.26 -38.51 28.58
CA TYR D 93 19.44 -38.86 27.81
C TYR D 93 19.60 -37.94 26.60
N PRO D 94 20.84 -37.54 26.30
CA PRO D 94 21.14 -36.81 25.07
C PRO D 94 21.13 -37.75 23.86
N GLY D 95 20.62 -37.27 22.73
CA GLY D 95 20.53 -38.09 21.55
C GLY D 95 19.62 -39.29 21.77
N ASN D 96 18.41 -39.03 22.26
CA ASN D 96 17.49 -40.09 22.63
C ASN D 96 16.31 -40.21 21.68
N SER D 97 16.26 -39.34 20.68
CA SER D 97 15.21 -39.38 19.67
C SER D 97 15.75 -39.83 18.32
N VAL D 98 14.86 -40.26 17.43
CA VAL D 98 15.27 -40.84 16.16
C VAL D 98 16.08 -39.89 15.27
N ASP D 99 16.01 -38.59 15.54
CA ASP D 99 16.74 -37.62 14.75
C ASP D 99 18.04 -37.17 15.41
N THR D 100 18.29 -37.60 16.64
CA THR D 100 19.48 -37.19 17.36
C THR D 100 20.39 -38.36 17.74
N ILE D 101 19.85 -39.58 17.70
CA ILE D 101 20.64 -40.79 17.91
C ILE D 101 21.81 -40.86 16.93
N ALA D 102 23.00 -41.18 17.44
CA ALA D 102 24.16 -41.36 16.59
C ALA D 102 23.90 -42.45 15.55
N PRO D 103 24.18 -42.14 14.27
CA PRO D 103 23.91 -43.05 13.14
C PRO D 103 24.64 -44.39 13.27
N GLU D 104 25.71 -44.41 14.05
CA GLU D 104 26.48 -45.62 14.28
C GLU D 104 25.63 -46.71 14.94
N ASN D 105 24.55 -46.29 15.59
CA ASN D 105 23.64 -47.21 16.26
C ASN D 105 22.59 -47.82 15.34
N PHE D 106 22.64 -47.48 14.05
CA PHE D 106 21.65 -47.97 13.10
C PHE D 106 22.14 -49.24 12.39
N VAL D 107 23.34 -49.67 12.74
CA VAL D 107 23.92 -50.89 12.18
C VAL D 107 24.60 -51.69 13.28
N ALA D 108 24.16 -52.94 13.46
CA ALA D 108 24.62 -53.76 14.58
C ALA D 108 24.46 -55.25 14.34
N PRO D 109 25.33 -56.06 14.97
CA PRO D 109 25.20 -57.52 14.96
C PRO D 109 23.95 -57.97 15.71
N ALA D 110 23.54 -59.22 15.50
CA ALA D 110 22.36 -59.73 16.19
C ALA D 110 22.47 -61.21 16.55
N VAL D 111 21.87 -61.57 17.68
CA VAL D 111 21.68 -62.96 18.05
C VAL D 111 20.20 -63.28 17.95
N VAL D 112 19.88 -64.53 17.64
CA VAL D 112 18.48 -64.92 17.51
C VAL D 112 18.12 -66.05 18.48
N ILE D 113 17.39 -65.72 19.53
CA ILE D 113 16.93 -66.73 20.48
C ILE D 113 15.62 -67.34 20.02
N ASP D 114 15.64 -68.63 19.68
CA ASP D 114 14.48 -69.31 19.13
C ASP D 114 13.63 -69.96 20.22
N ALA D 115 12.43 -69.44 20.40
CA ALA D 115 11.50 -69.98 21.40
C ALA D 115 10.16 -70.36 20.76
N SER D 116 10.16 -70.52 19.43
CA SER D 116 8.94 -70.77 18.70
C SER D 116 8.21 -72.03 19.15
N ALA D 117 8.97 -73.08 19.48
CA ALA D 117 8.38 -74.32 19.96
C ALA D 117 7.75 -74.13 21.34
N GLN D 118 8.41 -73.35 22.18
CA GLN D 118 7.92 -73.07 23.53
C GLN D 118 6.69 -72.18 23.52
N VAL D 119 6.69 -71.17 22.65
CA VAL D 119 5.56 -70.25 22.54
C VAL D 119 4.35 -70.95 21.91
N ARG D 120 4.64 -71.94 21.07
CA ARG D 120 3.60 -72.70 20.40
C ARG D 120 2.76 -73.50 21.40
N GLU D 121 3.33 -73.73 22.58
CA GLU D 121 2.64 -74.48 23.64
C GLU D 121 2.10 -73.55 24.73
N ASN D 122 2.65 -72.34 24.81
CA ASN D 122 2.24 -71.38 25.83
C ASN D 122 2.34 -69.94 25.33
N GLU D 123 1.19 -69.29 25.16
CA GLU D 123 1.14 -67.93 24.65
C GLU D 123 1.70 -66.91 25.63
N ASP D 124 1.75 -67.27 26.90
CA ASP D 124 2.26 -66.36 27.93
C ASP D 124 3.68 -66.73 28.36
N TRP D 125 4.37 -67.48 27.51
CA TRP D 125 5.73 -67.95 27.80
C TRP D 125 6.68 -66.82 28.10
N LEU D 126 7.54 -67.03 29.09
CA LEU D 126 8.46 -65.99 29.55
C LEU D 126 9.92 -66.34 29.29
N LEU D 127 10.62 -65.44 28.61
CA LEU D 127 12.05 -65.59 28.42
C LEU D 127 12.78 -65.35 29.75
N THR D 128 13.45 -66.38 30.23
CA THR D 128 14.09 -66.32 31.54
C THR D 128 15.61 -66.26 31.45
N VAL D 129 16.26 -65.90 32.55
CA VAL D 129 17.71 -65.84 32.62
C VAL D 129 18.32 -67.22 32.39
N ASP D 130 17.68 -68.24 32.94
CA ASP D 130 18.16 -69.61 32.80
C ASP D 130 18.11 -70.07 31.35
N PHE D 131 17.09 -69.63 30.62
CA PHE D 131 16.94 -70.00 29.22
C PHE D 131 18.04 -69.39 28.36
N LEU D 132 18.37 -68.13 28.63
CA LEU D 132 19.42 -67.43 27.91
C LEU D 132 20.79 -68.02 28.19
N GLN D 133 21.03 -68.40 29.44
CA GLN D 133 22.32 -68.98 29.82
C GLN D 133 22.50 -70.35 29.17
N ALA D 134 21.40 -71.09 29.02
CA ALA D 134 21.45 -72.38 28.34
C ALA D 134 21.73 -72.18 26.85
N TRP D 135 21.18 -71.10 26.31
CA TRP D 135 21.42 -70.72 24.93
C TRP D 135 22.90 -70.46 24.70
N GLU D 136 23.54 -69.79 25.66
CA GLU D 136 24.95 -69.44 25.54
C GLU D 136 25.87 -70.65 25.64
N GLN D 137 25.42 -71.69 26.35
CA GLN D 137 26.19 -72.92 26.43
C GLN D 137 26.13 -73.68 25.11
N ARG D 138 25.19 -73.27 24.25
CA ARG D 138 24.94 -73.94 23.00
C ARG D 138 25.50 -73.15 21.81
N HIS D 139 25.34 -71.84 21.86
CA HIS D 139 25.71 -70.98 20.73
C HIS D 139 26.82 -69.98 21.05
N GLY D 140 27.19 -69.87 22.32
CA GLY D 140 28.24 -68.96 22.72
C GLY D 140 27.73 -67.71 23.41
N ARG D 141 28.64 -66.94 23.99
CA ARG D 141 28.28 -65.73 24.73
C ARG D 141 27.67 -64.66 23.84
N ILE D 142 26.62 -64.01 24.34
CA ILE D 142 26.00 -62.90 23.62
C ILE D 142 26.93 -61.69 23.61
N PRO D 143 27.33 -61.24 22.41
CA PRO D 143 28.29 -60.14 22.29
C PRO D 143 27.69 -58.79 22.67
N ALA D 144 28.56 -57.88 23.11
CA ALA D 144 28.12 -56.54 23.50
C ALA D 144 27.76 -55.70 22.28
N GLY D 145 26.80 -54.79 22.46
CA GLY D 145 26.36 -53.92 21.39
C GLY D 145 25.63 -54.65 20.28
N ALA D 146 25.05 -55.81 20.61
CA ALA D 146 24.35 -56.60 19.62
C ALA D 146 22.85 -56.64 19.91
N TRP D 147 22.04 -56.72 18.85
CA TRP D 147 20.61 -56.88 18.98
C TRP D 147 20.28 -58.25 19.58
N VAL D 148 19.22 -58.32 20.37
CA VAL D 148 18.71 -59.60 20.83
C VAL D 148 17.34 -59.82 20.20
N LEU D 149 17.31 -60.61 19.14
CA LEU D 149 16.08 -60.86 18.41
C LEU D 149 15.34 -62.08 18.97
N PHE D 150 14.13 -61.82 19.46
CA PHE D 150 13.32 -62.84 20.11
C PHE D 150 12.37 -63.50 19.10
N ARG D 151 12.72 -64.71 18.67
CA ARG D 151 11.89 -65.41 17.68
C ARG D 151 10.79 -66.21 18.36
N THR D 152 9.55 -65.91 18.00
CA THR D 152 8.38 -66.55 18.58
C THR D 152 7.43 -67.06 17.50
N ASP D 153 7.74 -66.71 16.26
CA ASP D 153 6.90 -67.03 15.09
C ASP D 153 5.51 -66.43 15.22
N TRP D 154 5.39 -65.39 16.06
CA TRP D 154 4.13 -64.71 16.28
C TRP D 154 3.69 -63.94 15.03
N SER D 155 4.65 -63.62 14.17
CA SER D 155 4.38 -62.89 12.93
C SER D 155 3.44 -63.64 11.99
N LEU D 156 3.26 -64.94 12.23
CA LEU D 156 2.38 -65.74 11.39
C LEU D 156 0.91 -65.49 11.71
N ARG D 157 0.66 -64.87 12.87
CA ARG D 157 -0.69 -64.54 13.30
C ARG D 157 -1.20 -63.24 12.69
N VAL D 158 -0.38 -62.61 11.86
CA VAL D 158 -0.65 -61.24 11.41
C VAL D 158 -1.93 -61.12 10.58
N GLY D 159 -2.31 -62.21 9.90
CA GLY D 159 -3.51 -62.19 9.08
C GLY D 159 -4.79 -61.99 9.88
N ASP D 160 -4.74 -62.34 11.15
CA ASP D 160 -5.88 -62.20 12.05
C ASP D 160 -5.55 -61.16 13.12
N ALA D 161 -6.20 -60.00 13.04
CA ALA D 161 -5.93 -58.90 13.97
C ALA D 161 -6.21 -59.30 15.42
N ALA D 162 -7.31 -60.02 15.62
CA ALA D 162 -7.71 -60.45 16.96
C ALA D 162 -6.69 -61.41 17.54
N ALA D 163 -6.18 -62.30 16.71
CA ALA D 163 -5.22 -63.31 17.15
C ALA D 163 -3.82 -62.71 17.34
N PHE D 164 -3.51 -61.68 16.58
CA PHE D 164 -2.20 -61.04 16.67
C PHE D 164 -2.08 -60.21 17.95
N LEU D 165 -3.11 -59.43 18.26
CA LEU D 165 -3.11 -58.65 19.49
C LEU D 165 -3.41 -59.55 20.68
N ASN D 166 -4.28 -60.55 20.43
CA ASN D 166 -4.60 -61.58 21.41
C ASN D 166 -5.00 -61.01 22.76
N ILE D 167 -6.00 -60.14 22.76
CA ILE D 167 -6.48 -59.53 23.98
C ILE D 167 -7.77 -60.19 24.45
N ARG D 168 -7.78 -60.60 25.71
CA ARG D 168 -9.00 -61.13 26.31
C ARG D 168 -9.45 -60.21 27.44
N GLU D 169 -10.43 -60.66 28.23
CA GLU D 169 -10.98 -59.83 29.28
C GLU D 169 -9.96 -59.53 30.38
N ASP D 170 -8.85 -60.26 30.41
CA ASP D 170 -7.81 -60.02 31.40
C ASP D 170 -6.49 -59.57 30.78
N GLY D 171 -6.58 -58.77 29.72
CA GLY D 171 -5.40 -58.21 29.10
C GLY D 171 -4.91 -59.00 27.89
N ALA D 172 -3.78 -58.56 27.32
CA ALA D 172 -3.21 -59.24 26.16
C ALA D 172 -2.31 -60.39 26.58
N HIS D 173 -2.37 -61.49 25.84
CA HIS D 173 -1.60 -62.68 26.17
C HIS D 173 -0.53 -62.98 25.12
N THR D 174 0.64 -62.38 25.31
CA THR D 174 1.75 -62.52 24.37
C THR D 174 3.04 -62.80 25.13
N PRO D 175 3.98 -63.54 24.50
CA PRO D 175 5.24 -63.86 25.17
C PRO D 175 6.14 -62.63 25.37
N GLY D 176 7.16 -62.76 26.21
CA GLY D 176 8.04 -61.66 26.52
C GLY D 176 9.05 -62.02 27.60
N PRO D 177 10.01 -61.12 27.85
CA PRO D 177 11.08 -61.38 28.83
C PRO D 177 10.67 -61.03 30.26
N THR D 178 11.29 -61.68 31.24
CA THR D 178 11.07 -61.34 32.64
C THR D 178 11.95 -60.14 33.01
N GLN D 179 11.68 -59.54 34.17
CA GLN D 179 12.45 -58.39 34.62
C GLN D 179 13.91 -58.77 34.85
N GLU D 180 14.15 -59.94 35.44
CA GLU D 180 15.50 -60.42 35.69
C GLU D 180 16.24 -60.65 34.37
N ALA D 181 15.51 -61.11 33.36
CA ALA D 181 16.07 -61.35 32.04
C ALA D 181 16.51 -60.04 31.38
N VAL D 182 15.66 -59.02 31.49
CA VAL D 182 15.99 -57.71 30.95
C VAL D 182 17.20 -57.13 31.67
N GLU D 183 17.18 -57.19 32.99
CA GLU D 183 18.29 -56.69 33.80
C GLU D 183 19.59 -57.42 33.49
N TRP D 184 19.50 -58.72 33.25
CA TRP D 184 20.67 -59.53 32.93
C TRP D 184 21.24 -59.14 31.58
N LEU D 185 20.37 -58.96 30.60
CA LEU D 185 20.78 -58.57 29.26
C LEU D 185 21.40 -57.17 29.22
N ILE D 186 21.01 -56.31 30.15
CA ILE D 186 21.51 -54.93 30.19
C ILE D 186 22.77 -54.81 31.06
N GLY D 187 22.77 -55.48 32.21
CA GLY D 187 23.87 -55.39 33.14
C GLY D 187 25.05 -56.31 32.84
N GLU D 188 24.76 -57.59 32.64
CA GLU D 188 25.82 -58.59 32.46
C GLU D 188 26.27 -58.71 31.01
N ARG D 189 25.34 -58.45 30.10
CA ARG D 189 25.69 -58.29 28.70
C ARG D 189 25.46 -56.83 28.36
N ASN D 190 26.14 -56.30 27.36
CA ASN D 190 25.93 -54.91 27.01
C ASN D 190 25.17 -54.83 25.69
N VAL D 191 23.98 -55.40 25.68
CA VAL D 191 23.22 -55.56 24.45
C VAL D 191 22.77 -54.22 23.86
N HIS D 192 22.49 -54.23 22.57
CA HIS D 192 22.11 -53.03 21.86
C HIS D 192 20.62 -52.74 22.05
N GLY D 193 19.83 -53.81 22.16
CA GLY D 193 18.40 -53.67 22.35
C GLY D 193 17.65 -54.97 22.21
N PHE D 194 16.32 -54.89 22.20
CA PHE D 194 15.48 -56.06 22.16
C PHE D 194 14.49 -55.99 21.00
N GLY D 195 14.45 -57.03 20.17
CA GLY D 195 13.58 -57.07 19.01
C GLY D 195 12.59 -58.21 19.05
N VAL D 196 11.32 -57.91 18.76
CA VAL D 196 10.25 -58.90 18.88
C VAL D 196 9.39 -58.98 17.62
N GLU D 197 8.54 -60.01 17.56
CA GLU D 197 7.61 -60.18 16.45
C GLU D 197 6.21 -59.69 16.82
N THR D 198 6.02 -59.37 18.09
CA THR D 198 4.73 -58.91 18.58
C THR D 198 4.61 -57.39 18.50
N ILE D 199 3.44 -56.88 18.87
CA ILE D 199 3.18 -55.44 18.89
C ILE D 199 3.74 -54.81 20.17
N ASN D 200 4.45 -55.62 20.95
CA ASN D 200 4.99 -55.17 22.22
C ASN D 200 6.26 -55.96 22.58
N THR D 201 7.32 -55.24 22.97
CA THR D 201 8.55 -55.90 23.39
C THR D 201 8.35 -56.63 24.71
N ASP D 202 7.46 -56.09 25.55
CA ASP D 202 7.13 -56.73 26.83
C ASP D 202 6.05 -57.78 26.67
N ALA D 203 6.02 -58.74 27.59
CA ALA D 203 4.94 -59.71 27.65
C ALA D 203 3.63 -59.01 27.98
N GLY D 204 2.54 -59.45 27.35
CA GLY D 204 1.25 -58.82 27.52
C GLY D 204 0.78 -58.69 28.97
N GLN D 205 1.08 -59.70 29.77
CA GLN D 205 0.60 -59.75 31.15
C GLN D 205 1.51 -59.00 32.12
N SER D 206 2.57 -58.38 31.58
CA SER D 206 3.53 -57.68 32.42
C SER D 206 3.02 -56.32 32.89
N TYR D 207 1.76 -56.03 32.59
CA TYR D 207 1.15 -54.78 33.04
C TYR D 207 0.82 -54.86 34.52
N ALA D 208 0.68 -56.09 35.03
CA ALA D 208 0.27 -56.30 36.41
C ALA D 208 1.46 -56.67 37.32
N TRP D 209 2.65 -56.71 36.73
CA TRP D 209 3.87 -57.01 37.49
C TRP D 209 4.24 -55.84 38.40
N PRO D 210 4.99 -56.12 39.48
CA PRO D 210 5.50 -55.08 40.40
C PRO D 210 6.11 -53.90 39.65
N LEU D 211 6.87 -54.19 38.60
CA LEU D 211 7.32 -53.17 37.67
C LEU D 211 6.67 -53.42 36.31
N ALA D 212 5.67 -52.61 35.98
CA ALA D 212 4.93 -52.75 34.74
C ALA D 212 5.82 -52.50 33.52
N TYR D 213 5.71 -53.38 32.52
CA TYR D 213 6.50 -53.29 31.30
C TYR D 213 7.99 -53.10 31.57
N PRO D 214 8.65 -54.13 32.12
CA PRO D 214 10.07 -54.04 32.48
C PRO D 214 11.00 -53.74 31.31
N CYS D 215 10.72 -54.32 30.14
CA CYS D 215 11.60 -54.14 28.99
C CYS D 215 11.62 -52.68 28.55
N HIS D 216 10.45 -52.11 28.31
CA HIS D 216 10.32 -50.69 27.99
C HIS D 216 11.00 -49.81 29.05
N THR D 217 10.69 -50.06 30.31
CA THR D 217 11.18 -49.23 31.40
C THR D 217 12.70 -49.26 31.51
N LEU D 218 13.28 -50.46 31.49
CA LEU D 218 14.70 -50.61 31.78
C LEU D 218 15.60 -50.47 30.55
N MET D 219 15.14 -50.93 29.39
CA MET D 219 15.94 -50.84 28.18
C MET D 219 16.10 -49.38 27.77
N HIS D 220 14.98 -48.66 27.69
CA HIS D 220 15.03 -47.23 27.39
C HIS D 220 15.70 -46.47 28.53
N GLY D 221 15.53 -46.95 29.74
CA GLY D 221 16.17 -46.36 30.90
C GLY D 221 17.68 -46.49 30.86
N ALA D 222 18.16 -47.46 30.08
CA ALA D 222 19.59 -47.66 29.90
C ALA D 222 20.06 -47.08 28.57
N ASN D 223 19.27 -46.18 28.00
CA ASN D 223 19.57 -45.54 26.73
C ASN D 223 19.74 -46.55 25.59
N ARG D 224 18.92 -47.60 25.62
CA ARG D 224 18.95 -48.62 24.59
C ARG D 224 17.65 -48.66 23.79
N TYR D 225 17.58 -49.55 22.80
CA TYR D 225 16.53 -49.47 21.79
C TYR D 225 15.66 -50.72 21.71
N GLY D 226 14.67 -50.67 20.82
CA GLY D 226 13.76 -51.79 20.62
C GLY D 226 13.22 -51.88 19.21
N LEU D 227 12.85 -53.08 18.79
CA LEU D 227 12.21 -53.31 17.51
C LEU D 227 10.93 -54.11 17.70
N GLN D 228 9.90 -53.77 16.94
CA GLN D 228 8.62 -54.47 17.07
C GLN D 228 8.06 -54.89 15.71
N CYS D 229 7.24 -55.94 15.73
CA CYS D 229 6.58 -56.47 14.53
C CYS D 229 7.58 -56.93 13.46
N LEU D 230 8.60 -57.65 13.89
CA LEU D 230 9.57 -58.24 12.97
C LEU D 230 9.02 -59.52 12.37
N LYS D 231 9.61 -59.98 11.27
CA LYS D 231 9.26 -61.27 10.68
C LYS D 231 10.47 -61.92 10.01
N ASN D 232 10.27 -63.13 9.51
CA ASN D 232 11.33 -63.92 8.88
C ASN D 232 12.53 -64.18 9.77
N LEU D 233 12.31 -64.21 11.08
CA LEU D 233 13.38 -64.52 12.01
C LEU D 233 13.82 -65.97 11.88
N ASP D 234 12.98 -66.77 11.23
CA ASP D 234 13.26 -68.18 11.00
C ASP D 234 14.34 -68.38 9.93
N GLN D 235 14.72 -67.30 9.26
CA GLN D 235 15.71 -67.39 8.20
C GLN D 235 17.07 -66.85 8.64
N LEU D 236 17.19 -66.54 9.92
CA LEU D 236 18.43 -66.02 10.47
C LEU D 236 19.15 -67.08 11.30
N PRO D 237 20.48 -67.09 11.23
CA PRO D 237 21.29 -67.98 12.08
C PRO D 237 21.23 -67.54 13.54
N PRO D 238 21.59 -68.44 14.48
CA PRO D 238 21.65 -68.06 15.90
C PRO D 238 22.53 -66.84 16.12
N ARG D 239 23.65 -66.78 15.43
CA ARG D 239 24.53 -65.61 15.48
C ARG D 239 25.24 -65.39 14.15
N GLY D 240 25.66 -64.16 13.89
CA GLY D 240 26.40 -63.85 12.69
C GLY D 240 25.69 -62.87 11.77
N ALA D 241 24.39 -62.68 11.97
CA ALA D 241 23.62 -61.77 11.14
C ALA D 241 23.95 -60.32 11.46
N PHE D 242 23.77 -59.46 10.46
CA PHE D 242 24.05 -58.04 10.63
C PHE D 242 22.82 -57.22 10.26
N ILE D 243 22.35 -56.40 11.19
CA ILE D 243 21.06 -55.73 11.02
C ILE D 243 21.19 -54.29 10.57
N LEU D 244 20.45 -53.95 9.51
CA LEU D 244 20.32 -52.57 9.06
C LEU D 244 18.96 -52.03 9.52
N ALA D 245 18.98 -51.15 10.52
CA ALA D 245 17.74 -50.60 11.05
C ALA D 245 17.86 -49.10 11.31
N ALA D 246 17.57 -48.31 10.28
CA ALA D 246 17.68 -46.85 10.38
C ALA D 246 16.30 -46.20 10.37
N PRO D 247 15.90 -45.60 11.50
CA PRO D 247 14.59 -44.96 11.62
C PRO D 247 14.53 -43.63 10.87
N LEU D 248 13.32 -43.21 10.50
CA LEU D 248 13.12 -41.92 9.85
C LEU D 248 13.63 -40.79 10.72
N LYS D 249 14.17 -39.75 10.10
CA LYS D 249 14.69 -38.62 10.84
C LYS D 249 13.57 -37.65 11.22
N ILE D 250 12.62 -38.15 12.01
CA ILE D 250 11.52 -37.35 12.51
C ILE D 250 12.00 -36.43 13.63
N GLU D 251 11.67 -35.15 13.53
CA GLU D 251 12.11 -34.17 14.52
C GLU D 251 11.54 -34.49 15.90
N GLY D 252 12.42 -34.86 16.82
CA GLY D 252 12.01 -35.18 18.18
C GLY D 252 11.17 -36.44 18.30
N GLY D 253 11.26 -37.30 17.28
CA GLY D 253 10.45 -38.50 17.23
C GLY D 253 10.84 -39.55 18.25
N SER D 254 9.84 -40.16 18.88
CA SER D 254 10.06 -41.19 19.89
C SER D 254 10.32 -42.54 19.22
N GLY D 255 10.11 -42.58 17.92
CA GLY D 255 10.30 -43.78 17.13
C GLY D 255 9.76 -43.56 15.74
N SER D 256 9.85 -44.59 14.90
CA SER D 256 9.29 -44.50 13.56
C SER D 256 9.18 -45.88 12.93
N PRO D 257 8.25 -46.03 11.98
CA PRO D 257 8.27 -47.23 11.14
C PRO D 257 9.55 -47.24 10.30
N LEU D 258 10.10 -48.41 10.03
CA LEU D 258 11.34 -48.49 9.27
C LEU D 258 11.47 -49.81 8.53
N ARG D 259 12.43 -49.87 7.61
CA ARG D 259 12.70 -51.09 6.86
C ARG D 259 13.87 -51.82 7.49
N VAL D 260 13.57 -52.83 8.31
CA VAL D 260 14.61 -53.64 8.93
C VAL D 260 15.12 -54.71 7.98
N LEU D 261 16.43 -54.70 7.73
CA LEU D 261 17.07 -55.69 6.86
C LEU D 261 18.17 -56.44 7.61
N ALA D 262 18.35 -57.71 7.26
CA ALA D 262 19.41 -58.53 7.84
C ALA D 262 20.36 -59.05 6.77
N LEU D 263 21.67 -58.87 6.98
CA LEU D 263 22.67 -59.45 6.09
C LEU D 263 23.15 -60.79 6.66
N VAL D 264 23.07 -61.84 5.85
CA VAL D 264 23.42 -63.19 6.31
C VAL D 264 24.55 -63.80 5.48
N GLU D 265 25.58 -64.27 6.17
CA GLU D 265 26.73 -64.88 5.50
C GLU D 265 26.94 -66.32 5.97
N ALA E 3 -20.41 9.73 53.27
CA ALA E 3 -20.38 8.62 52.33
C ALA E 3 -19.02 7.91 52.35
N THR E 4 -18.08 8.46 53.11
CA THR E 4 -16.73 7.90 53.19
C THR E 4 -16.33 7.53 54.61
N SER E 5 -15.22 6.80 54.74
CA SER E 5 -14.70 6.41 56.04
C SER E 5 -13.98 7.56 56.73
N THR E 6 -14.35 7.81 57.98
CA THR E 6 -13.77 8.91 58.76
C THR E 6 -12.26 8.75 58.95
N THR E 7 -11.82 7.52 59.13
CA THR E 7 -10.40 7.21 59.22
C THR E 7 -10.05 5.94 58.47
N PRO E 8 -9.65 6.08 57.20
CA PRO E 8 -9.27 4.94 56.36
C PRO E 8 -7.96 4.30 56.82
N THR E 9 -7.82 3.01 56.59
CA THR E 9 -6.60 2.30 56.96
C THR E 9 -5.98 1.59 55.76
N ILE E 10 -6.83 1.10 54.86
CA ILE E 10 -6.37 0.32 53.72
C ILE E 10 -5.66 1.16 52.67
N LEU E 11 -6.35 2.17 52.15
CA LEU E 11 -5.79 3.03 51.11
C LEU E 11 -4.57 3.83 51.59
N PRO E 12 -4.58 4.36 52.83
CA PRO E 12 -3.33 4.95 53.31
C PRO E 12 -2.18 3.94 53.37
N ALA E 13 -2.48 2.68 53.67
CA ALA E 13 -1.46 1.64 53.72
C ALA E 13 -0.92 1.34 52.32
N LEU E 14 -1.81 1.32 51.34
CA LEU E 14 -1.42 1.08 49.95
C LEU E 14 -0.52 2.19 49.41
N ALA E 15 -0.94 3.43 49.60
CA ALA E 15 -0.19 4.58 49.12
C ALA E 15 1.19 4.64 49.76
N ALA E 16 1.26 4.35 51.06
CA ALA E 16 2.53 4.37 51.77
C ALA E 16 3.41 3.21 51.32
N GLY E 17 2.77 2.08 51.02
CA GLY E 17 3.47 0.90 50.57
C GLY E 17 4.13 1.10 49.22
N LEU E 18 3.44 1.79 48.33
CA LEU E 18 3.98 2.08 47.01
C LEU E 18 5.16 3.04 47.10
N ALA E 19 5.05 4.00 48.01
CA ALA E 19 6.09 5.01 48.17
C ALA E 19 7.35 4.43 48.79
N ARG E 20 7.18 3.55 49.76
CA ARG E 20 8.32 2.92 50.44
C ARG E 20 8.96 1.83 49.60
N GLY E 21 8.16 1.15 48.79
CA GLY E 21 8.66 0.09 47.92
C GLY E 21 8.25 -1.31 48.34
N ASN E 22 7.44 -1.41 49.39
CA ASN E 22 6.95 -2.70 49.85
C ASN E 22 5.99 -3.32 48.84
N ILE E 23 5.35 -2.44 48.06
CA ILE E 23 4.48 -2.88 46.97
C ILE E 23 5.03 -2.37 45.65
N ARG E 24 5.28 -3.29 44.72
CA ARG E 24 5.85 -2.92 43.43
C ARG E 24 4.81 -2.93 42.32
N VAL E 25 5.04 -2.11 41.29
CA VAL E 25 4.16 -2.07 40.14
C VAL E 25 4.84 -2.68 38.92
N VAL E 26 4.23 -3.71 38.35
CA VAL E 26 4.77 -4.37 37.18
C VAL E 26 3.92 -4.07 35.94
N ASP E 27 4.58 -3.60 34.88
CA ASP E 27 3.91 -3.33 33.62
C ASP E 27 3.76 -4.62 32.82
N LEU E 28 2.52 -5.00 32.52
CA LEU E 28 2.24 -6.23 31.78
C LEU E 28 1.90 -5.94 30.32
N THR E 29 2.14 -4.71 29.89
CA THR E 29 1.64 -4.24 28.59
C THR E 29 2.74 -4.15 27.53
N GLN E 30 2.42 -4.61 26.33
CA GLN E 30 3.32 -4.45 25.17
C GLN E 30 3.18 -3.04 24.61
N THR E 31 4.24 -2.55 23.96
CA THR E 31 4.22 -1.22 23.37
C THR E 31 3.37 -1.20 22.08
N LEU E 32 2.47 -0.23 21.99
CA LEU E 32 1.70 -0.01 20.78
C LEU E 32 2.54 0.69 19.73
N SER E 33 2.77 0.01 18.62
CA SER E 33 3.61 0.55 17.56
C SER E 33 3.20 -0.05 16.21
N PRO E 34 3.49 0.66 15.10
CA PRO E 34 3.17 0.15 13.77
C PRO E 34 3.86 -1.17 13.44
N SER E 35 4.86 -1.55 14.22
CA SER E 35 5.62 -2.76 13.96
C SER E 35 5.10 -3.97 14.75
N PHE E 36 4.12 -3.75 15.62
CA PHE E 36 3.57 -4.84 16.41
C PHE E 36 2.66 -5.72 15.56
N PRO E 37 2.82 -7.05 15.66
CA PRO E 37 2.07 -8.03 14.86
C PRO E 37 0.56 -7.79 14.88
N THR E 38 -0.08 -7.99 13.72
CA THR E 38 -1.52 -7.80 13.58
C THR E 38 -2.22 -9.13 13.31
N LEU E 39 -3.34 -9.35 13.97
CA LEU E 39 -4.13 -10.56 13.79
C LEU E 39 -4.59 -10.72 12.35
N GLN E 40 -4.43 -11.91 11.80
CA GLN E 40 -4.83 -12.19 10.41
C GLN E 40 -5.90 -13.27 10.35
N LEU E 41 -7.04 -12.94 9.73
CA LEU E 41 -8.13 -13.88 9.55
C LEU E 41 -8.23 -14.31 8.08
N PRO E 42 -8.96 -15.40 7.80
CA PRO E 42 -9.25 -15.78 6.40
C PRO E 42 -9.79 -14.61 5.59
N SER E 43 -9.38 -14.53 4.34
CA SER E 43 -9.62 -13.34 3.51
C SER E 43 -11.10 -12.94 3.38
N GLN E 44 -12.01 -13.91 3.53
CA GLN E 44 -13.43 -13.61 3.37
C GLN E 44 -14.03 -12.88 4.57
N PHE E 45 -13.25 -12.78 5.65
CA PHE E 45 -13.72 -12.10 6.86
C PHE E 45 -13.19 -10.68 6.93
N GLY E 46 -13.87 -9.83 7.71
CA GLY E 46 -13.42 -8.48 7.94
C GLY E 46 -12.13 -8.47 8.75
N GLN E 47 -11.18 -7.63 8.35
CA GLN E 47 -9.88 -7.61 9.00
C GLN E 47 -9.77 -6.47 10.01
N VAL E 48 -8.98 -6.69 11.05
CA VAL E 48 -8.73 -5.66 12.04
C VAL E 48 -7.58 -4.77 11.59
N GLN E 49 -7.69 -3.47 11.85
CA GLN E 49 -6.64 -2.53 11.46
C GLN E 49 -5.40 -2.65 12.34
N PRO E 50 -4.21 -2.52 11.73
CA PRO E 50 -2.96 -2.42 12.49
C PRO E 50 -2.83 -1.03 13.10
N PHE E 51 -1.95 -0.89 14.09
CA PHE E 51 -1.76 0.40 14.74
C PHE E 51 -1.05 1.38 13.82
N LYS E 52 -1.67 2.54 13.61
CA LYS E 52 -1.03 3.63 12.87
C LYS E 52 -1.01 4.90 13.71
N ILE E 53 0.03 5.71 13.53
CA ILE E 53 0.19 6.93 14.30
C ILE E 53 0.61 8.08 13.37
N GLU E 54 0.03 9.26 13.58
CA GLU E 54 0.25 10.40 12.70
C GLU E 54 0.59 11.68 13.46
N ARG E 55 1.72 12.30 13.13
CA ARG E 55 2.13 13.54 13.79
C ARG E 55 1.18 14.70 13.47
N ILE E 56 0.75 15.40 14.51
CA ILE E 56 -0.03 16.63 14.32
C ILE E 56 0.91 17.83 14.34
N SER E 57 1.80 17.85 15.33
CA SER E 57 2.81 18.90 15.43
C SER E 57 3.95 18.43 16.35
N HIS E 58 5.12 19.02 16.16
CA HIS E 58 6.29 18.69 16.97
C HIS E 58 7.10 19.94 17.29
N TYR E 59 6.51 20.82 18.10
CA TYR E 59 7.09 22.12 18.41
C TYR E 59 7.50 22.88 17.14
N ASP E 60 6.61 22.89 16.16
CA ASP E 60 6.94 23.50 14.86
C ASP E 60 5.85 24.47 14.39
N ALA E 61 5.81 24.73 13.10
CA ALA E 61 4.85 25.67 12.52
C ALA E 61 3.40 25.23 12.74
N SER E 62 3.20 23.93 12.90
CA SER E 62 1.86 23.36 13.09
C SER E 62 1.44 23.35 14.55
N GLY E 63 2.38 23.70 15.43
CA GLY E 63 2.13 23.72 16.86
C GLY E 63 3.40 24.07 17.60
N PRO E 64 3.70 25.37 17.69
CA PRO E 64 4.98 25.94 18.14
C PRO E 64 5.50 25.42 19.48
N ALA E 65 4.63 25.24 20.47
CA ALA E 65 5.09 24.88 21.81
C ALA E 65 4.58 23.53 22.30
N TRP E 66 3.99 22.74 21.40
CA TRP E 66 3.45 21.44 21.82
C TRP E 66 3.63 20.33 20.79
N TYR E 67 3.56 19.10 21.28
CA TYR E 67 3.71 17.91 20.46
C TYR E 67 2.58 16.93 20.77
N TRP E 68 1.94 16.41 19.73
CA TRP E 68 0.86 15.44 19.90
C TRP E 68 0.52 14.72 18.59
N ASN E 69 -0.21 13.62 18.71
CA ASN E 69 -0.51 12.76 17.56
C ASN E 69 -1.97 12.37 17.44
N ASN E 70 -2.32 11.88 16.26
CA ASN E 70 -3.54 11.11 16.07
C ASN E 70 -3.13 9.65 15.89
N PHE E 71 -4.02 8.73 16.22
CA PHE E 71 -3.73 7.32 16.01
C PHE E 71 -4.98 6.55 15.62
N SER E 72 -4.76 5.36 15.09
CA SER E 72 -5.87 4.48 14.72
C SER E 72 -5.48 3.03 14.95
N CYS E 73 -6.47 2.23 15.35
CA CYS E 73 -6.29 0.79 15.49
C CYS E 73 -7.63 0.13 15.66
N GLY E 74 -7.61 -1.13 16.09
CA GLY E 74 -8.83 -1.85 16.39
C GLY E 74 -9.00 -1.99 17.88
N GLU E 75 -10.18 -2.42 18.31
CA GLU E 75 -10.43 -2.71 19.71
C GLU E 75 -9.51 -3.83 20.19
N HIS E 76 -9.19 -4.75 19.29
CA HIS E 76 -8.37 -5.91 19.64
C HIS E 76 -6.96 -5.79 19.06
N THR E 77 -6.26 -4.74 19.46
CA THR E 77 -4.90 -4.48 19.02
C THR E 77 -3.94 -4.50 20.21
N GLY E 78 -2.83 -5.21 20.08
CA GLY E 78 -1.84 -5.31 21.14
C GLY E 78 -2.40 -5.87 22.42
N THR E 79 -1.84 -5.44 23.55
CA THR E 79 -2.38 -5.83 24.84
C THR E 79 -3.79 -5.26 24.99
N HIS E 80 -4.78 -6.13 24.93
CA HIS E 80 -6.16 -5.66 24.94
C HIS E 80 -7.12 -6.52 25.76
N PHE E 81 -8.31 -5.98 25.95
CA PHE E 81 -9.34 -6.55 26.81
C PHE E 81 -10.47 -7.11 25.94
N ASP E 82 -10.96 -8.30 26.28
CA ASP E 82 -12.07 -8.90 25.55
C ASP E 82 -13.36 -8.85 26.38
N ALA E 83 -14.33 -8.07 25.91
CA ALA E 83 -15.63 -7.99 26.56
C ALA E 83 -16.54 -9.14 26.12
N PRO E 84 -17.47 -9.55 26.98
CA PRO E 84 -18.39 -10.65 26.66
C PRO E 84 -19.17 -10.42 25.37
N ALA E 85 -19.44 -9.17 25.03
CA ALA E 85 -20.19 -8.83 23.83
C ALA E 85 -19.43 -9.17 22.56
N HIS E 86 -18.15 -9.47 22.71
CA HIS E 86 -17.28 -9.80 21.57
C HIS E 86 -17.73 -11.06 20.85
N TRP E 87 -18.28 -12.02 21.60
CA TRP E 87 -18.71 -13.27 21.01
C TRP E 87 -20.24 -13.35 20.98
N ILE E 88 -20.76 -14.16 20.06
CA ILE E 88 -22.19 -14.29 19.86
C ILE E 88 -22.86 -14.90 21.09
N THR E 89 -22.08 -15.61 21.89
CA THR E 89 -22.60 -16.29 23.07
C THR E 89 -22.85 -15.33 24.22
N GLY E 90 -22.35 -14.10 24.10
CA GLY E 90 -22.51 -13.10 25.15
C GLY E 90 -23.21 -11.84 24.71
N ARG E 91 -23.93 -11.93 23.59
CA ARG E 91 -24.59 -10.75 23.01
C ARG E 91 -25.80 -10.28 23.83
N ASP E 92 -26.34 -11.15 24.68
CA ASP E 92 -27.59 -10.85 25.36
C ASP E 92 -27.43 -10.54 26.85
N TYR E 93 -26.19 -10.52 27.33
CA TYR E 93 -25.94 -10.17 28.73
C TYR E 93 -26.02 -8.65 28.95
N PRO E 94 -26.63 -8.24 30.06
CA PRO E 94 -26.63 -6.82 30.43
C PRO E 94 -25.24 -6.37 30.89
N GLY E 95 -24.81 -5.20 30.44
CA GLY E 95 -23.49 -4.71 30.79
C GLY E 95 -22.39 -5.59 30.24
N ASN E 96 -22.42 -5.82 28.93
CA ASN E 96 -21.51 -6.76 28.29
C ASN E 96 -20.44 -6.08 27.42
N SER E 97 -20.52 -4.76 27.29
CA SER E 97 -19.52 -4.02 26.52
C SER E 97 -18.65 -3.18 27.45
N VAL E 98 -17.50 -2.76 26.96
CA VAL E 98 -16.50 -2.07 27.77
C VAL E 98 -17.00 -0.77 28.39
N ASP E 99 -18.07 -0.20 27.82
CA ASP E 99 -18.63 1.04 28.34
C ASP E 99 -19.76 0.78 29.33
N THR E 100 -20.16 -0.48 29.48
CA THR E 100 -21.28 -0.83 30.34
C THR E 100 -20.91 -1.85 31.42
N ILE E 101 -19.73 -2.44 31.32
CA ILE E 101 -19.26 -3.39 32.33
C ILE E 101 -19.08 -2.66 33.65
N ALA E 102 -19.59 -3.26 34.73
CA ALA E 102 -19.41 -2.70 36.07
C ALA E 102 -17.92 -2.51 36.37
N PRO E 103 -17.53 -1.29 36.76
CA PRO E 103 -16.14 -0.91 37.00
C PRO E 103 -15.45 -1.76 38.07
N GLU E 104 -16.24 -2.38 38.94
CA GLU E 104 -15.69 -3.26 39.97
C GLU E 104 -14.92 -4.43 39.35
N ASN E 105 -15.25 -4.77 38.10
CA ASN E 105 -14.61 -5.87 37.39
C ASN E 105 -13.24 -5.53 36.82
N PHE E 106 -12.82 -4.27 36.94
CA PHE E 106 -11.57 -3.81 36.37
C PHE E 106 -10.38 -4.00 37.31
N VAL E 107 -10.67 -4.38 38.55
CA VAL E 107 -9.62 -4.69 39.52
C VAL E 107 -9.91 -6.05 40.15
N ALA E 108 -8.91 -6.93 40.13
CA ALA E 108 -9.11 -8.32 40.58
C ALA E 108 -7.79 -9.00 40.91
N PRO E 109 -7.85 -10.01 41.81
CA PRO E 109 -6.67 -10.84 42.09
C PRO E 109 -6.34 -11.75 40.91
N ALA E 110 -5.15 -12.35 40.91
CA ALA E 110 -4.77 -13.25 39.84
C ALA E 110 -3.86 -14.37 40.30
N VAL E 111 -3.95 -15.52 39.63
CA VAL E 111 -2.97 -16.57 39.78
C VAL E 111 -2.21 -16.71 38.46
N VAL E 112 -0.97 -17.20 38.53
CA VAL E 112 -0.15 -17.35 37.34
C VAL E 112 0.26 -18.81 37.15
N ILE E 113 -0.30 -19.45 36.13
CA ILE E 113 0.08 -20.81 35.79
C ILE E 113 1.28 -20.77 34.86
N ASP E 114 2.40 -21.34 35.31
CA ASP E 114 3.63 -21.33 34.52
C ASP E 114 3.80 -22.61 33.70
N ALA E 115 3.72 -22.46 32.38
CA ALA E 115 3.93 -23.60 31.49
C ALA E 115 4.98 -23.26 30.43
N SER E 116 5.89 -22.36 30.78
CA SER E 116 6.90 -21.90 29.84
C SER E 116 7.82 -23.03 29.37
N ALA E 117 8.15 -23.95 30.28
CA ALA E 117 9.00 -25.08 29.94
C ALA E 117 8.29 -26.06 29.01
N GLN E 118 6.98 -26.20 29.20
CA GLN E 118 6.17 -27.10 28.39
C GLN E 118 5.99 -26.58 26.97
N VAL E 119 5.74 -25.28 26.85
CA VAL E 119 5.54 -24.64 25.56
C VAL E 119 6.83 -24.66 24.72
N ARG E 120 7.96 -24.51 25.40
CA ARG E 120 9.26 -24.52 24.73
C ARG E 120 9.51 -25.88 24.05
N GLU E 121 8.85 -26.92 24.57
CA GLU E 121 8.93 -28.26 23.99
C GLU E 121 7.84 -28.49 22.95
N ASN E 122 6.71 -27.81 23.12
CA ASN E 122 5.56 -28.00 22.24
C ASN E 122 4.81 -26.69 21.99
N GLU E 123 4.85 -26.21 20.76
CA GLU E 123 4.22 -24.95 20.39
C GLU E 123 2.70 -25.08 20.33
N ASP E 124 2.22 -26.31 20.27
CA ASP E 124 0.79 -26.59 20.27
C ASP E 124 0.33 -27.16 21.60
N TRP E 125 1.09 -26.88 22.66
CA TRP E 125 0.81 -27.44 23.98
C TRP E 125 -0.58 -27.07 24.48
N LEU E 126 -1.25 -28.03 25.10
CA LEU E 126 -2.61 -27.82 25.58
C LEU E 126 -2.67 -27.79 27.11
N LEU E 127 -3.34 -26.75 27.64
CA LEU E 127 -3.57 -26.64 29.06
C LEU E 127 -4.75 -27.51 29.47
N THR E 128 -4.48 -28.55 30.25
CA THR E 128 -5.51 -29.52 30.62
C THR E 128 -5.97 -29.35 32.06
N VAL E 129 -7.07 -30.00 32.41
CA VAL E 129 -7.58 -29.99 33.77
C VAL E 129 -6.57 -30.62 34.72
N ASP E 130 -5.98 -31.74 34.30
CA ASP E 130 -4.98 -32.45 35.11
C ASP E 130 -3.83 -31.54 35.51
N PHE E 131 -3.39 -30.69 34.60
CA PHE E 131 -2.28 -29.78 34.88
C PHE E 131 -2.70 -28.75 35.91
N LEU E 132 -3.92 -28.23 35.77
CA LEU E 132 -4.47 -27.26 36.70
C LEU E 132 -4.67 -27.86 38.09
N GLN E 133 -5.07 -29.12 38.13
CA GLN E 133 -5.28 -29.82 39.40
C GLN E 133 -3.95 -30.09 40.10
N ALA E 134 -2.89 -30.25 39.30
CA ALA E 134 -1.55 -30.45 39.85
C ALA E 134 -1.00 -29.13 40.38
N TRP E 135 -1.44 -28.02 39.78
CA TRP E 135 -1.01 -26.69 40.20
C TRP E 135 -1.59 -26.37 41.58
N GLU E 136 -2.84 -26.74 41.80
CA GLU E 136 -3.50 -26.49 43.07
C GLU E 136 -2.88 -27.33 44.20
N GLN E 137 -2.25 -28.43 43.83
CA GLN E 137 -1.55 -29.26 44.81
C GLN E 137 -0.27 -28.57 45.28
N ARG E 138 0.19 -27.59 44.50
CA ARG E 138 1.42 -26.89 44.82
C ARG E 138 1.18 -25.48 45.36
N HIS E 139 0.09 -24.85 44.93
CA HIS E 139 -0.15 -23.44 45.27
C HIS E 139 -1.53 -23.18 45.85
N GLY E 140 -2.29 -24.24 46.11
CA GLY E 140 -3.62 -24.09 46.69
C GLY E 140 -4.72 -23.88 45.66
N ARG E 141 -5.96 -23.87 46.13
CA ARG E 141 -7.13 -23.74 45.28
C ARG E 141 -7.16 -22.41 44.53
N ILE E 142 -7.54 -22.46 43.26
CA ILE E 142 -7.71 -21.23 42.47
C ILE E 142 -8.94 -20.47 42.95
N PRO E 143 -8.72 -19.28 43.50
CA PRO E 143 -9.81 -18.48 44.10
C PRO E 143 -10.79 -17.97 43.06
N ALA E 144 -12.06 -17.89 43.43
CA ALA E 144 -13.10 -17.39 42.53
C ALA E 144 -12.96 -15.89 42.32
N GLY E 145 -13.34 -15.43 41.13
CA GLY E 145 -13.28 -14.02 40.80
C GLY E 145 -11.86 -13.53 40.55
N ALA E 146 -10.98 -14.47 40.21
CA ALA E 146 -9.58 -14.14 39.96
C ALA E 146 -9.19 -14.39 38.50
N TRP E 147 -8.31 -13.54 37.97
CA TRP E 147 -7.74 -13.76 36.66
C TRP E 147 -6.88 -15.01 36.65
N VAL E 148 -6.99 -15.78 35.57
CA VAL E 148 -6.06 -16.89 35.36
C VAL E 148 -5.10 -16.52 34.25
N LEU E 149 -3.86 -16.25 34.63
CA LEU E 149 -2.85 -15.80 33.67
C LEU E 149 -2.01 -16.98 33.19
N PHE E 150 -2.05 -17.21 31.89
CA PHE E 150 -1.38 -18.34 31.25
C PHE E 150 0.02 -17.94 30.80
N ARG E 151 1.01 -18.13 31.66
CA ARG E 151 2.38 -17.79 31.28
C ARG E 151 2.97 -18.82 30.33
N THR E 152 3.43 -18.35 29.18
CA THR E 152 4.02 -19.24 28.17
C THR E 152 5.36 -18.70 27.70
N ASP E 153 5.67 -17.46 28.08
CA ASP E 153 6.83 -16.72 27.60
C ASP E 153 6.79 -16.54 26.09
N TRP E 154 5.58 -16.54 25.53
CA TRP E 154 5.40 -16.35 24.09
C TRP E 154 5.70 -14.91 23.71
N SER E 155 5.66 -14.02 24.70
CA SER E 155 5.87 -12.60 24.48
C SER E 155 7.30 -12.28 24.08
N LEU E 156 8.19 -13.27 24.20
CA LEU E 156 9.58 -13.09 23.83
C LEU E 156 9.76 -13.16 22.31
N ARG E 157 8.73 -13.61 21.62
CA ARG E 157 8.75 -13.74 20.17
C ARG E 157 8.29 -12.48 19.47
N VAL E 158 7.98 -11.44 20.25
CA VAL E 158 7.36 -10.24 19.73
C VAL E 158 8.24 -9.50 18.71
N GLY E 159 9.55 -9.62 18.84
CA GLY E 159 10.47 -8.98 17.92
C GLY E 159 10.38 -9.54 16.51
N ASP E 160 9.82 -10.75 16.40
CA ASP E 160 9.62 -11.42 15.12
C ASP E 160 8.14 -11.67 14.88
N ALA E 161 7.53 -10.86 14.02
CA ALA E 161 6.10 -10.93 13.76
C ALA E 161 5.67 -12.29 13.20
N ALA E 162 6.51 -12.89 12.37
CA ALA E 162 6.20 -14.19 11.78
C ALA E 162 6.24 -15.31 12.82
N ALA E 163 7.18 -15.19 13.76
CA ALA E 163 7.34 -16.18 14.82
C ALA E 163 6.30 -16.02 15.91
N PHE E 164 5.82 -14.78 16.10
CA PHE E 164 4.82 -14.48 17.13
C PHE E 164 3.46 -15.04 16.75
N LEU E 165 3.08 -14.89 15.49
CA LEU E 165 1.83 -15.43 14.99
C LEU E 165 1.94 -16.93 14.76
N ASN E 166 3.11 -17.35 14.30
CA ASN E 166 3.42 -18.76 14.06
C ASN E 166 2.41 -19.42 13.13
N ILE E 167 2.26 -18.86 11.94
CA ILE E 167 1.25 -19.35 10.99
C ILE E 167 1.86 -20.23 9.91
N ARG E 168 1.28 -21.42 9.75
CA ARG E 168 1.64 -22.31 8.65
C ARG E 168 0.44 -22.52 7.73
N GLU E 169 0.53 -23.47 6.82
CA GLU E 169 -0.53 -23.70 5.85
C GLU E 169 -1.81 -24.21 6.52
N ASP E 170 -1.67 -24.79 7.72
CA ASP E 170 -2.82 -25.34 8.43
C ASP E 170 -3.21 -24.49 9.63
N GLY E 171 -2.91 -23.19 9.55
CA GLY E 171 -3.32 -22.26 10.59
C GLY E 171 -2.22 -21.85 11.55
N ALA E 172 -2.61 -21.18 12.63
CA ALA E 172 -1.66 -20.75 13.65
C ALA E 172 -1.35 -21.89 14.63
N HIS E 173 -0.10 -21.94 15.08
CA HIS E 173 0.32 -22.97 16.02
C HIS E 173 0.76 -22.33 17.34
N THR E 174 -0.20 -22.14 18.24
CA THR E 174 0.05 -21.47 19.51
C THR E 174 -0.61 -22.22 20.66
N PRO E 175 -0.05 -22.10 21.88
CA PRO E 175 -0.58 -22.79 23.07
C PRO E 175 -1.98 -22.32 23.46
N GLY E 176 -2.67 -23.13 24.26
CA GLY E 176 -4.02 -22.78 24.70
C GLY E 176 -4.65 -23.88 25.54
N PRO E 177 -5.83 -23.59 26.12
CA PRO E 177 -6.53 -24.54 26.99
C PRO E 177 -7.43 -25.51 26.23
N THR E 178 -7.68 -26.67 26.82
CA THR E 178 -8.66 -27.61 26.28
C THR E 178 -10.06 -27.15 26.65
N GLN E 179 -11.08 -27.72 25.99
CA GLN E 179 -12.46 -27.35 26.28
C GLN E 179 -12.83 -27.73 27.72
N GLU E 180 -12.38 -28.91 28.14
CA GLU E 180 -12.62 -29.37 29.50
C GLU E 180 -12.01 -28.42 30.53
N ALA E 181 -10.84 -27.87 30.18
CA ALA E 181 -10.14 -26.94 31.06
C ALA E 181 -10.92 -25.64 31.24
N VAL E 182 -11.45 -25.12 30.13
CA VAL E 182 -12.25 -23.90 30.19
C VAL E 182 -13.52 -24.12 30.99
N GLU E 183 -14.20 -25.23 30.74
CA GLU E 183 -15.42 -25.58 31.47
C GLU E 183 -15.15 -25.76 32.96
N TRP E 184 -13.95 -26.25 33.27
CA TRP E 184 -13.56 -26.50 34.66
C TRP E 184 -13.29 -25.19 35.40
N LEU E 185 -12.53 -24.30 34.75
CA LEU E 185 -12.22 -23.00 35.34
C LEU E 185 -13.49 -22.18 35.60
N ILE E 186 -14.47 -22.29 34.71
CA ILE E 186 -15.71 -21.53 34.83
C ILE E 186 -16.67 -22.17 35.84
N GLY E 187 -16.89 -23.47 35.69
CA GLY E 187 -17.88 -24.17 36.49
C GLY E 187 -17.44 -24.62 37.87
N GLU E 188 -16.15 -24.94 38.01
CA GLU E 188 -15.64 -25.48 39.27
C GLU E 188 -14.85 -24.48 40.10
N ARG E 189 -14.38 -23.41 39.47
CA ARG E 189 -13.57 -22.43 40.19
C ARG E 189 -14.13 -21.01 40.10
N ASN E 190 -15.05 -20.79 39.16
CA ASN E 190 -15.72 -19.50 39.00
C ASN E 190 -14.72 -18.34 38.84
N VAL E 191 -13.79 -18.50 37.90
CA VAL E 191 -12.74 -17.51 37.68
C VAL E 191 -13.29 -16.24 37.05
N HIS E 192 -12.48 -15.18 37.08
CA HIS E 192 -12.84 -13.89 36.51
C HIS E 192 -12.70 -13.92 34.99
N GLY E 193 -11.63 -14.57 34.51
CA GLY E 193 -11.35 -14.64 33.09
C GLY E 193 -10.00 -15.28 32.81
N PHE E 194 -9.56 -15.14 31.56
CA PHE E 194 -8.36 -15.82 31.09
C PHE E 194 -7.41 -14.84 30.39
N GLY E 195 -6.15 -14.80 30.82
CA GLY E 195 -5.18 -13.89 30.23
C GLY E 195 -3.99 -14.63 29.65
N VAL E 196 -3.61 -14.26 28.43
CA VAL E 196 -2.54 -14.95 27.71
C VAL E 196 -1.49 -13.97 27.17
N GLU E 197 -0.36 -14.51 26.71
CA GLU E 197 0.70 -13.70 26.11
C GLU E 197 0.62 -13.77 24.58
N THR E 198 -0.21 -14.68 24.09
CA THR E 198 -0.41 -14.85 22.66
C THR E 198 -1.44 -13.87 22.14
N ILE E 199 -1.67 -13.88 20.83
CA ILE E 199 -2.64 -12.99 20.21
C ILE E 199 -4.02 -13.65 20.20
N ASN E 200 -4.14 -14.79 20.87
CA ASN E 200 -5.39 -15.52 20.96
C ASN E 200 -5.48 -16.26 22.31
N THR E 201 -6.61 -16.10 23.00
CA THR E 201 -6.79 -16.80 24.27
C THR E 201 -6.91 -18.31 24.04
N ASP E 202 -7.51 -18.67 22.92
CA ASP E 202 -7.61 -20.06 22.51
C ASP E 202 -6.34 -20.55 21.84
N ALA E 203 -6.19 -21.87 21.74
CA ALA E 203 -5.09 -22.45 20.99
C ALA E 203 -5.32 -22.23 19.50
N GLY E 204 -4.24 -22.00 18.76
CA GLY E 204 -4.34 -21.69 17.35
C GLY E 204 -5.04 -22.76 16.53
N GLN E 205 -4.89 -24.02 16.93
CA GLN E 205 -5.44 -25.13 16.18
C GLN E 205 -6.84 -25.51 16.63
N SER E 206 -7.40 -24.75 17.56
CA SER E 206 -8.71 -25.07 18.13
C SER E 206 -9.86 -24.71 17.20
N TYR E 207 -9.54 -24.21 16.00
CA TYR E 207 -10.58 -23.85 15.04
C TYR E 207 -11.21 -25.10 14.43
N ALA E 208 -10.51 -26.22 14.54
CA ALA E 208 -10.95 -27.48 13.92
C ALA E 208 -11.59 -28.42 14.93
N TRP E 209 -11.68 -27.98 16.18
CA TRP E 209 -12.28 -28.78 17.24
C TRP E 209 -13.80 -28.82 17.08
N PRO E 210 -14.46 -29.83 17.67
CA PRO E 210 -15.93 -29.94 17.60
C PRO E 210 -16.62 -28.68 18.13
N LEU E 211 -15.99 -28.00 19.08
CA LEU E 211 -16.39 -26.65 19.44
C LEU E 211 -15.24 -25.70 19.17
N ALA E 212 -15.32 -24.96 18.07
CA ALA E 212 -14.25 -24.07 17.66
C ALA E 212 -14.04 -22.92 18.66
N TYR E 213 -12.79 -22.71 19.05
CA TYR E 213 -12.41 -21.67 20.02
C TYR E 213 -13.24 -21.73 21.30
N PRO E 214 -13.05 -22.79 22.10
CA PRO E 214 -13.86 -23.03 23.30
C PRO E 214 -13.73 -21.93 24.36
N CYS E 215 -12.53 -21.39 24.55
CA CYS E 215 -12.32 -20.34 25.54
C CYS E 215 -13.17 -19.11 25.23
N HIS E 216 -13.00 -18.55 24.03
CA HIS E 216 -13.83 -17.43 23.59
C HIS E 216 -15.33 -17.71 23.75
N THR E 217 -15.75 -18.85 23.22
CA THR E 217 -17.17 -19.23 23.22
C THR E 217 -17.75 -19.35 24.63
N LEU E 218 -17.03 -20.04 25.51
CA LEU E 218 -17.57 -20.38 26.83
C LEU E 218 -17.30 -19.31 27.89
N MET E 219 -16.14 -18.67 27.82
CA MET E 219 -15.80 -17.61 28.78
C MET E 219 -16.73 -16.42 28.58
N HIS E 220 -16.85 -15.97 27.33
CA HIS E 220 -17.76 -14.88 27.02
C HIS E 220 -19.21 -15.34 27.11
N GLY E 221 -19.42 -16.65 27.01
CA GLY E 221 -20.74 -17.23 27.18
C GLY E 221 -21.16 -17.25 28.62
N ALA E 222 -20.18 -17.19 29.52
CA ALA E 222 -20.44 -17.16 30.95
C ALA E 222 -20.26 -15.75 31.51
N ASN E 223 -20.31 -14.76 30.62
CA ASN E 223 -20.19 -13.35 31.00
C ASN E 223 -18.85 -13.07 31.70
N ARG E 224 -17.78 -13.68 31.19
CA ARG E 224 -16.44 -13.48 31.74
C ARG E 224 -15.52 -12.86 30.69
N TYR E 225 -14.32 -12.48 31.11
CA TYR E 225 -13.47 -11.62 30.29
C TYR E 225 -12.16 -12.29 29.85
N GLY E 226 -11.40 -11.59 29.02
CA GLY E 226 -10.13 -12.10 28.53
C GLY E 226 -9.08 -11.02 28.36
N LEU E 227 -7.82 -11.41 28.46
CA LEU E 227 -6.70 -10.50 28.20
C LEU E 227 -5.71 -11.14 27.23
N GLN E 228 -5.19 -10.37 26.30
CA GLN E 228 -4.27 -10.90 25.30
C GLN E 228 -3.01 -10.05 25.17
N CYS E 229 -1.95 -10.67 24.65
CA CYS E 229 -0.66 -10.03 24.46
C CYS E 229 -0.10 -9.43 25.75
N LEU E 230 -0.17 -10.20 26.83
CA LEU E 230 0.42 -9.78 28.10
C LEU E 230 1.92 -10.06 28.08
N LYS E 231 2.66 -9.38 28.94
CA LYS E 231 4.09 -9.64 29.07
C LYS E 231 4.52 -9.51 30.53
N ASN E 232 5.78 -9.85 30.80
CA ASN E 232 6.35 -9.80 32.15
C ASN E 232 5.59 -10.65 33.18
N LEU E 233 5.08 -11.79 32.75
CA LEU E 233 4.37 -12.68 33.67
C LEU E 233 5.35 -13.44 34.56
N ASP E 234 6.61 -13.51 34.12
CA ASP E 234 7.66 -14.16 34.88
C ASP E 234 8.03 -13.37 36.12
N GLN E 235 7.58 -12.13 36.19
CA GLN E 235 7.89 -11.25 37.33
C GLN E 235 6.79 -11.30 38.38
N LEU E 236 5.80 -12.15 38.16
CA LEU E 236 4.67 -12.26 39.08
C LEU E 236 4.74 -13.55 39.89
N PRO E 237 4.28 -13.51 41.15
CA PRO E 237 4.22 -14.71 41.99
C PRO E 237 3.14 -15.67 41.52
N PRO E 238 3.21 -16.94 41.93
CA PRO E 238 2.16 -17.91 41.58
C PRO E 238 0.77 -17.43 42.00
N ARG E 239 0.70 -16.77 43.15
CA ARG E 239 -0.54 -16.14 43.60
C ARG E 239 -0.22 -14.94 44.48
N GLY E 240 -1.17 -14.01 44.58
CA GLY E 240 -0.98 -12.83 45.41
C GLY E 240 -0.97 -11.53 44.65
N ALA E 241 -0.73 -11.59 43.34
CA ALA E 241 -0.68 -10.39 42.51
C ALA E 241 -2.07 -9.80 42.32
N PHE E 242 -2.12 -8.48 42.17
CA PHE E 242 -3.40 -7.78 41.99
C PHE E 242 -3.40 -7.03 40.66
N ILE E 243 -4.42 -7.26 39.86
CA ILE E 243 -4.44 -6.75 38.49
C ILE E 243 -5.30 -5.49 38.31
N LEU E 244 -4.72 -4.50 37.63
CA LEU E 244 -5.47 -3.31 37.25
C LEU E 244 -5.65 -3.32 35.74
N ALA E 245 -6.86 -3.65 35.28
CA ALA E 245 -7.14 -3.76 33.86
C ALA E 245 -8.43 -3.04 33.47
N ALA E 246 -8.35 -1.71 33.33
CA ALA E 246 -9.51 -0.91 32.97
C ALA E 246 -9.49 -0.52 31.50
N PRO E 247 -10.40 -1.08 30.70
CA PRO E 247 -10.48 -0.80 29.26
C PRO E 247 -11.06 0.57 28.96
N LEU E 248 -10.76 1.11 27.78
CA LEU E 248 -11.31 2.39 27.35
C LEU E 248 -12.83 2.35 27.33
N LYS E 249 -13.46 3.49 27.63
CA LYS E 249 -14.91 3.55 27.65
C LYS E 249 -15.47 3.80 26.24
N ILE E 250 -15.19 2.88 25.33
CA ILE E 250 -15.69 2.97 23.96
C ILE E 250 -17.17 2.58 23.90
N GLU E 251 -17.99 3.47 23.33
CA GLU E 251 -19.43 3.23 23.26
C GLU E 251 -19.76 1.95 22.51
N GLY E 252 -20.37 0.99 23.22
CA GLY E 252 -20.74 -0.28 22.65
C GLY E 252 -19.55 -1.10 22.16
N GLY E 253 -18.40 -0.90 22.80
CA GLY E 253 -17.17 -1.55 22.38
C GLY E 253 -17.06 -3.00 22.81
N SER E 254 -16.52 -3.84 21.93
CA SER E 254 -16.38 -5.27 22.21
C SER E 254 -15.07 -5.54 22.94
N GLY E 255 -14.30 -4.49 23.16
CA GLY E 255 -13.01 -4.60 23.82
C GLY E 255 -12.24 -3.32 23.56
N SER E 256 -11.00 -3.26 24.07
CA SER E 256 -10.15 -2.10 23.83
C SER E 256 -8.71 -2.39 24.23
N PRO E 257 -7.76 -1.68 23.61
CA PRO E 257 -6.40 -1.69 24.15
C PRO E 257 -6.40 -1.08 25.54
N LEU E 258 -5.48 -1.49 26.39
CA LEU E 258 -5.42 -0.95 27.74
C LEU E 258 -4.06 -1.16 28.38
N ARG E 259 -3.79 -0.39 29.42
CA ARG E 259 -2.56 -0.55 30.19
C ARG E 259 -2.82 -1.51 31.35
N VAL E 260 -2.31 -2.73 31.23
CA VAL E 260 -2.46 -3.72 32.28
C VAL E 260 -1.33 -3.61 33.29
N LEU E 261 -1.68 -3.38 34.55
CA LEU E 261 -0.68 -3.27 35.61
C LEU E 261 -0.90 -4.33 36.69
N ALA E 262 0.17 -4.72 37.36
CA ALA E 262 0.07 -5.68 38.45
C ALA E 262 0.76 -5.15 39.70
N LEU E 263 0.05 -5.25 40.83
CA LEU E 263 0.62 -4.91 42.12
C LEU E 263 1.16 -6.17 42.79
N VAL E 264 2.39 -6.11 43.26
CA VAL E 264 3.05 -7.27 43.87
C VAL E 264 3.65 -6.90 45.23
N GLU E 265 3.39 -7.75 46.22
CA GLU E 265 3.87 -7.52 47.58
C GLU E 265 4.58 -8.75 48.14
N THR F 6 8.07 -13.82 52.56
CA THR F 6 7.36 -12.70 53.19
C THR F 6 5.92 -13.08 53.48
N THR F 7 5.20 -12.20 54.18
CA THR F 7 3.79 -12.41 54.48
C THR F 7 3.00 -11.13 54.24
N PRO F 8 2.44 -10.99 53.03
CA PRO F 8 1.71 -9.79 52.60
C PRO F 8 0.42 -9.55 53.38
N THR F 9 0.08 -8.29 53.62
CA THR F 9 -1.12 -7.94 54.37
C THR F 9 -1.95 -6.88 53.65
N ILE F 10 -1.26 -5.95 52.99
CA ILE F 10 -1.92 -4.81 52.35
C ILE F 10 -2.82 -5.21 51.18
N LEU F 11 -2.25 -5.89 50.18
CA LEU F 11 -3.02 -6.32 49.02
C LEU F 11 -4.17 -7.28 49.37
N PRO F 12 -3.95 -8.24 50.29
CA PRO F 12 -5.10 -9.06 50.68
C PRO F 12 -6.21 -8.24 51.36
N ALA F 13 -5.84 -7.16 52.04
CA ALA F 13 -6.81 -6.29 52.68
C ALA F 13 -7.57 -5.47 51.63
N LEU F 14 -6.86 -5.04 50.59
CA LEU F 14 -7.46 -4.29 49.50
C LEU F 14 -8.44 -5.14 48.70
N ALA F 15 -8.07 -6.39 48.45
CA ALA F 15 -8.92 -7.31 47.70
C ALA F 15 -10.19 -7.62 48.47
N ALA F 16 -10.05 -7.87 49.77
CA ALA F 16 -11.19 -8.20 50.62
C ALA F 16 -12.11 -6.99 50.81
N GLY F 17 -11.50 -5.80 50.88
CA GLY F 17 -12.27 -4.58 50.99
C GLY F 17 -13.12 -4.33 49.76
N LEU F 18 -12.57 -4.61 48.59
CA LEU F 18 -13.28 -4.45 47.33
C LEU F 18 -14.40 -5.47 47.19
N ALA F 19 -14.16 -6.67 47.71
CA ALA F 19 -15.13 -7.76 47.62
C ALA F 19 -16.27 -7.55 48.61
N ARG F 20 -15.94 -7.01 49.78
CA ARG F 20 -16.94 -6.78 50.82
C ARG F 20 -17.74 -5.50 50.56
N GLY F 21 -17.09 -4.52 49.94
CA GLY F 21 -17.75 -3.27 49.62
C GLY F 21 -17.20 -2.10 50.39
N ASN F 22 -16.28 -2.37 51.31
CA ASN F 22 -15.63 -1.33 52.10
C ASN F 22 -14.90 -0.34 51.19
N ILE F 23 -14.31 -0.86 50.12
CA ILE F 23 -13.71 -0.01 49.10
C ILE F 23 -14.64 0.06 47.90
N ARG F 24 -15.00 1.27 47.49
CA ARG F 24 -15.88 1.44 46.35
C ARG F 24 -15.09 1.96 45.15
N VAL F 25 -15.51 1.56 43.95
CA VAL F 25 -14.88 2.02 42.72
C VAL F 25 -15.75 3.04 42.00
N VAL F 26 -15.18 4.20 41.71
CA VAL F 26 -15.92 5.25 41.02
C VAL F 26 -15.33 5.52 39.63
N ASP F 27 -16.20 5.51 38.62
CA ASP F 27 -15.78 5.77 37.24
C ASP F 27 -15.71 7.28 36.98
N LEU F 28 -14.54 7.76 36.60
CA LEU F 28 -14.35 9.19 36.34
C LEU F 28 -14.22 9.48 34.84
N THR F 29 -14.64 8.53 34.02
CA THR F 29 -14.39 8.59 32.58
C THR F 29 -15.65 8.93 31.78
N GLN F 30 -15.51 9.86 30.83
CA GLN F 30 -16.55 10.13 29.85
C GLN F 30 -16.55 9.06 28.76
N THR F 31 -17.71 8.81 28.16
CA THR F 31 -17.82 7.79 27.11
C THR F 31 -17.21 8.26 25.79
N LEU F 32 -16.40 7.41 25.18
CA LEU F 32 -15.82 7.68 23.87
C LEU F 32 -16.85 7.50 22.76
N SER F 33 -17.25 8.61 22.16
CA SER F 33 -18.32 8.61 21.17
C SER F 33 -18.02 9.60 20.05
N PRO F 34 -18.54 9.34 18.84
CA PRO F 34 -18.40 10.31 17.75
C PRO F 34 -19.09 11.64 18.06
N SER F 35 -20.07 11.62 18.96
CA SER F 35 -20.82 12.83 19.30
C SER F 35 -20.13 13.67 20.38
N PHE F 36 -19.05 13.14 20.94
CA PHE F 36 -18.32 13.84 21.99
C PHE F 36 -17.59 15.06 21.42
N PRO F 37 -17.59 16.18 22.17
CA PRO F 37 -16.95 17.43 21.76
C PRO F 37 -15.48 17.26 21.34
N THR F 38 -15.10 17.91 20.26
CA THR F 38 -13.73 17.86 19.75
C THR F 38 -13.03 19.21 19.92
N LEU F 39 -11.82 19.18 20.47
CA LEU F 39 -11.02 20.39 20.65
C LEU F 39 -10.69 21.03 19.30
N GLN F 40 -10.99 22.32 19.16
CA GLN F 40 -10.67 23.04 17.93
C GLN F 40 -9.69 24.18 18.21
N LEU F 41 -8.69 24.28 17.34
CA LEU F 41 -7.66 25.32 17.46
C LEU F 41 -7.79 26.29 16.29
N PRO F 42 -7.10 27.44 16.37
CA PRO F 42 -7.00 28.33 15.21
C PRO F 42 -6.59 27.57 13.95
N SER F 43 -7.15 27.96 12.80
CA SER F 43 -7.03 27.18 11.57
C SER F 43 -5.59 26.99 11.09
N GLN F 44 -4.68 27.85 11.55
CA GLN F 44 -3.29 27.76 11.10
C GLN F 44 -2.51 26.65 11.80
N PHE F 45 -3.08 26.09 12.87
CA PHE F 45 -2.43 25.00 13.59
C PHE F 45 -2.98 23.64 13.17
N GLY F 46 -2.24 22.59 13.50
CA GLY F 46 -2.72 21.24 13.28
C GLY F 46 -3.87 20.93 14.22
N GLN F 47 -4.84 20.14 13.74
CA GLN F 47 -6.01 19.83 14.53
C GLN F 47 -6.03 18.37 14.99
N VAL F 48 -6.67 18.11 16.12
CA VAL F 48 -6.86 16.75 16.60
C VAL F 48 -8.09 16.14 15.94
N GLN F 49 -8.03 14.85 15.62
CA GLN F 49 -9.15 14.15 15.01
C GLN F 49 -10.26 13.86 16.01
N PRO F 50 -11.52 13.91 15.56
CA PRO F 50 -12.63 13.49 16.41
C PRO F 50 -12.69 11.98 16.51
N PHE F 51 -13.37 11.45 17.53
CA PHE F 51 -13.49 10.01 17.66
C PHE F 51 -14.37 9.45 16.55
N LYS F 52 -13.85 8.46 15.82
CA LYS F 52 -14.60 7.78 14.77
C LYS F 52 -14.51 6.27 14.95
N ILE F 53 -15.59 5.56 14.64
CA ILE F 53 -15.61 4.12 14.83
C ILE F 53 -16.40 3.42 13.71
N GLU F 54 -15.83 2.35 13.18
CA GLU F 54 -16.48 1.59 12.12
C GLU F 54 -16.52 0.10 12.48
N ARG F 55 -17.67 -0.53 12.22
CA ARG F 55 -17.88 -1.92 12.57
C ARG F 55 -17.22 -2.88 11.57
N ILE F 56 -16.55 -3.90 12.09
CA ILE F 56 -15.94 -4.92 11.24
C ILE F 56 -16.95 -6.03 10.95
N SER F 57 -17.61 -6.52 12.00
CA SER F 57 -18.64 -7.53 11.87
C SER F 57 -19.55 -7.54 13.10
N HIS F 58 -20.74 -8.10 12.93
CA HIS F 58 -21.74 -8.14 14.00
C HIS F 58 -22.50 -9.46 13.92
N TYR F 59 -21.79 -10.56 14.18
CA TYR F 59 -22.35 -11.90 14.09
C TYR F 59 -22.99 -12.15 12.73
N ASP F 60 -22.32 -11.70 11.67
CA ASP F 60 -22.86 -11.78 10.31
C ASP F 60 -21.88 -12.43 9.34
N ALA F 61 -22.01 -12.12 8.06
CA ALA F 61 -21.18 -12.73 7.03
C ALA F 61 -19.70 -12.38 7.20
N SER F 62 -19.43 -11.18 7.71
CA SER F 62 -18.05 -10.72 7.90
C SER F 62 -17.40 -11.33 9.13
N GLY F 63 -18.22 -11.91 10.00
CA GLY F 63 -17.74 -12.55 11.21
C GLY F 63 -18.90 -13.21 11.94
N PRO F 64 -19.19 -14.48 11.59
CA PRO F 64 -20.37 -15.23 12.02
C PRO F 64 -20.58 -15.30 13.53
N ALA F 65 -19.51 -15.44 14.31
CA ALA F 65 -19.65 -15.68 15.74
C ALA F 65 -19.06 -14.56 16.60
N TRP F 66 -18.64 -13.46 15.98
CA TRP F 66 -18.00 -12.40 16.73
C TRP F 66 -18.37 -10.99 16.27
N TYR F 67 -18.20 -10.03 17.17
CA TYR F 67 -18.47 -8.63 16.93
C TYR F 67 -17.29 -7.78 17.39
N TRP F 68 -16.84 -6.86 16.55
CA TRP F 68 -15.72 -5.98 16.89
C TRP F 68 -15.61 -4.79 15.93
N ASN F 69 -14.88 -3.76 16.37
CA ASN F 69 -14.77 -2.51 15.63
C ASN F 69 -13.33 -2.05 15.41
N ASN F 70 -13.15 -1.17 14.43
CA ASN F 70 -11.94 -0.36 14.33
C ASN F 70 -12.26 1.08 14.67
N PHE F 71 -11.33 1.77 15.33
CA PHE F 71 -11.58 3.17 15.70
C PHE F 71 -10.36 4.05 15.44
N SER F 72 -10.59 5.35 15.43
CA SER F 72 -9.52 6.33 15.29
C SER F 72 -9.84 7.58 16.09
N CYS F 73 -8.81 8.20 16.65
CA CYS F 73 -8.96 9.46 17.37
C CYS F 73 -7.60 10.04 17.67
N GLY F 74 -7.56 11.05 18.54
CA GLY F 74 -6.29 11.66 18.90
C GLY F 74 -5.85 11.17 20.26
N GLU F 75 -4.58 11.42 20.57
CA GLU F 75 -4.06 11.13 21.90
C GLU F 75 -4.82 11.93 22.95
N HIS F 76 -5.23 13.15 22.57
CA HIS F 76 -5.90 14.04 23.51
C HIS F 76 -7.40 14.12 23.25
N THR F 77 -8.03 12.95 23.16
CA THR F 77 -9.46 12.83 22.89
C THR F 77 -10.23 12.36 24.12
N GLY F 78 -11.28 13.08 24.49
CA GLY F 78 -12.11 12.71 25.62
C GLY F 78 -11.33 12.71 26.92
N THR F 79 -11.71 11.83 27.84
CA THR F 79 -10.97 11.68 29.08
C THR F 79 -9.57 11.18 28.76
N HIS F 80 -8.57 12.05 28.90
CA HIS F 80 -7.21 11.68 28.50
C HIS F 80 -6.13 12.19 29.45
N PHE F 81 -4.94 11.65 29.27
CA PHE F 81 -3.77 11.87 30.12
C PHE F 81 -2.76 12.74 29.38
N ASP F 82 -2.15 13.70 30.06
CA ASP F 82 -1.13 14.56 29.45
C ASP F 82 0.27 14.23 29.97
N ALA F 83 1.14 13.79 29.07
CA ALA F 83 2.53 13.50 29.43
C ALA F 83 3.39 14.75 29.24
N PRO F 84 4.49 14.87 30.01
CA PRO F 84 5.36 16.04 29.94
C PRO F 84 5.88 16.36 28.53
N ALA F 85 6.01 15.34 27.69
CA ALA F 85 6.53 15.55 26.33
C ALA F 85 5.53 16.32 25.48
N HIS F 86 4.30 16.41 25.95
CA HIS F 86 3.24 17.12 25.22
C HIS F 86 3.57 18.61 25.07
N TRP F 87 4.31 19.18 26.01
CA TRP F 87 4.69 20.58 25.93
C TRP F 87 6.20 20.74 25.74
N ILE F 88 6.59 21.82 25.07
CA ILE F 88 7.99 22.04 24.71
C ILE F 88 8.91 22.15 25.94
N THR F 89 8.35 22.62 27.05
CA THR F 89 9.14 22.81 28.27
C THR F 89 9.49 21.50 28.97
N GLY F 90 8.85 20.41 28.55
CA GLY F 90 9.12 19.10 29.14
C GLY F 90 9.77 18.13 28.18
N ARG F 91 10.28 18.64 27.07
CA ARG F 91 10.82 17.79 26.01
C ARG F 91 12.12 17.09 26.39
N ASP F 92 12.82 17.61 27.40
CA ASP F 92 14.17 17.13 27.71
C ASP F 92 14.22 16.16 28.89
N TYR F 93 13.09 15.95 29.56
CA TYR F 93 13.03 15.00 30.67
C TYR F 93 13.10 13.56 30.18
N PRO F 94 13.73 12.67 30.97
CA PRO F 94 13.89 11.25 30.65
C PRO F 94 12.59 10.53 30.29
N GLY F 95 11.82 10.11 31.28
CA GLY F 95 10.59 9.38 31.01
C GLY F 95 9.42 10.33 30.84
N ASN F 96 9.34 10.97 29.68
CA ASN F 96 8.36 12.04 29.47
C ASN F 96 7.20 11.66 28.56
N SER F 97 7.27 10.47 27.96
CA SER F 97 6.18 9.98 27.13
C SER F 97 5.43 8.84 27.82
N VAL F 98 4.21 8.58 27.37
CA VAL F 98 3.34 7.61 28.04
C VAL F 98 3.89 6.18 28.07
N ASP F 99 4.88 5.89 27.22
CA ASP F 99 5.47 4.56 27.18
C ASP F 99 6.76 4.48 28.00
N THR F 100 7.26 5.62 28.46
CA THR F 100 8.53 5.66 29.19
C THR F 100 8.37 6.18 30.62
N ILE F 101 7.21 6.77 30.92
CA ILE F 101 6.91 7.21 32.27
C ILE F 101 6.93 6.01 33.22
N ALA F 102 7.54 6.16 34.38
CA ALA F 102 7.58 5.11 35.37
C ALA F 102 6.16 4.72 35.81
N PRO F 103 5.84 3.42 35.72
CA PRO F 103 4.51 2.86 36.02
C PRO F 103 3.99 3.24 37.40
N GLU F 104 4.90 3.57 38.32
CA GLU F 104 4.53 3.97 39.67
C GLU F 104 3.69 5.24 39.68
N ASN F 105 3.85 6.06 38.63
CA ASN F 105 3.14 7.32 38.54
C ASN F 105 1.69 7.16 38.08
N PHE F 106 1.30 5.93 37.75
CA PHE F 106 -0.05 5.66 37.26
C PHE F 106 -1.03 5.45 38.40
N VAL F 107 -0.50 5.41 39.62
CA VAL F 107 -1.32 5.28 40.82
C VAL F 107 -0.91 6.31 41.87
N ALA F 108 -1.87 7.14 42.31
CA ALA F 108 -1.57 8.23 43.24
C ALA F 108 -2.81 8.75 43.96
N PRO F 109 -2.63 9.26 45.18
CA PRO F 109 -3.69 9.92 45.95
C PRO F 109 -4.18 11.21 45.28
N ALA F 110 -5.36 11.69 45.68
CA ALA F 110 -5.89 12.92 45.11
C ALA F 110 -6.69 13.73 46.11
N VAL F 111 -6.60 15.05 46.00
CA VAL F 111 -7.50 15.95 46.70
C VAL F 111 -8.49 16.50 45.67
N VAL F 112 -9.72 16.75 46.11
CA VAL F 112 -10.74 17.29 45.22
C VAL F 112 -11.21 18.66 45.69
N ILE F 113 -10.99 19.67 44.86
CA ILE F 113 -11.34 21.05 45.19
C ILE F 113 -12.64 21.46 44.52
N ASP F 114 -13.67 21.70 45.34
CA ASP F 114 -15.01 22.01 44.83
C ASP F 114 -15.20 23.51 44.62
N ALA F 115 -15.23 23.91 43.35
CA ALA F 115 -15.47 25.30 42.99
C ALA F 115 -16.73 25.42 42.15
N SER F 116 -17.60 24.42 42.23
CA SER F 116 -18.81 24.36 41.42
C SER F 116 -19.71 25.57 41.61
N ALA F 117 -19.90 25.97 42.86
CA ALA F 117 -20.76 27.11 43.18
C ALA F 117 -20.20 28.41 42.59
N GLN F 118 -18.89 28.56 42.64
CA GLN F 118 -18.23 29.75 42.12
C GLN F 118 -18.31 29.80 40.59
N VAL F 119 -18.04 28.67 39.96
CA VAL F 119 -18.07 28.57 38.50
C VAL F 119 -19.48 28.82 37.94
N ARG F 120 -20.49 28.33 38.65
CA ARG F 120 -21.87 28.49 38.23
C ARG F 120 -22.26 29.96 38.12
N GLU F 121 -21.52 30.82 38.83
CA GLU F 121 -21.78 32.25 38.81
C GLU F 121 -20.82 32.98 37.85
N ASN F 122 -19.71 32.33 37.52
CA ASN F 122 -18.71 32.92 36.63
C ASN F 122 -17.98 31.85 35.82
N GLU F 123 -18.21 31.85 34.51
CA GLU F 123 -17.61 30.86 33.62
C GLU F 123 -16.09 31.04 33.49
N ASP F 124 -15.61 32.24 33.80
CA ASP F 124 -14.18 32.53 33.71
C ASP F 124 -13.49 32.50 35.07
N TRP F 125 -14.13 31.87 36.06
CA TRP F 125 -13.62 31.87 37.43
C TRP F 125 -12.20 31.31 37.52
N LEU F 126 -11.36 31.97 38.31
CA LEU F 126 -9.96 31.62 38.40
C LEU F 126 -9.61 31.06 39.77
N LEU F 127 -9.00 29.87 39.78
CA LEU F 127 -8.51 29.26 41.01
C LEU F 127 -7.26 29.99 41.49
N THR F 128 -7.36 30.65 42.64
CA THR F 128 -6.25 31.43 43.18
C THR F 128 -5.60 30.76 44.38
N VAL F 129 -4.44 31.28 44.77
CA VAL F 129 -3.73 30.78 45.93
C VAL F 129 -4.53 31.00 47.21
N ASP F 130 -5.18 32.16 47.30
CA ASP F 130 -6.01 32.47 48.47
C ASP F 130 -7.14 31.45 48.64
N PHE F 131 -7.71 31.00 47.53
CA PHE F 131 -8.75 29.98 47.57
C PHE F 131 -8.19 28.65 48.06
N LEU F 132 -6.98 28.32 47.61
CA LEU F 132 -6.33 27.07 47.99
C LEU F 132 -5.91 27.06 49.45
N GLN F 133 -5.32 28.16 49.92
CA GLN F 133 -4.88 28.23 51.30
C GLN F 133 -6.06 28.22 52.26
N ALA F 134 -7.20 28.70 51.79
CA ALA F 134 -8.44 28.64 52.55
C ALA F 134 -8.99 27.22 52.55
N TRP F 135 -8.72 26.50 51.47
CA TRP F 135 -9.14 25.11 51.33
C TRP F 135 -8.39 24.24 52.34
N GLU F 136 -7.10 24.54 52.52
CA GLU F 136 -6.26 23.78 53.43
C GLU F 136 -6.63 24.00 54.89
N GLN F 137 -7.18 25.17 55.20
CA GLN F 137 -7.65 25.45 56.55
C GLN F 137 -8.81 24.53 56.90
N ARG F 138 -9.56 24.12 55.89
CA ARG F 138 -10.76 23.32 56.08
C ARG F 138 -10.51 21.82 55.89
N HIS F 139 -9.62 21.48 54.97
CA HIS F 139 -9.45 20.07 54.58
C HIS F 139 -8.03 19.54 54.76
N GLY F 140 -7.16 20.36 55.34
CA GLY F 140 -5.79 19.94 55.61
C GLY F 140 -4.81 20.25 54.50
N ARG F 141 -3.53 20.05 54.80
CA ARG F 141 -2.46 20.36 53.86
C ARG F 141 -2.48 19.40 52.67
N ILE F 142 -2.24 19.94 51.48
CA ILE F 142 -2.17 19.14 50.27
C ILE F 142 -0.88 18.31 50.25
N PRO F 143 -1.03 16.98 50.31
CA PRO F 143 0.12 16.08 50.38
C PRO F 143 0.89 16.01 49.07
N ALA F 144 2.19 15.78 49.15
CA ALA F 144 3.02 15.68 47.96
C ALA F 144 2.68 14.42 47.16
N GLY F 145 2.85 14.51 45.84
CA GLY F 145 2.61 13.37 44.98
C GLY F 145 1.13 13.07 44.78
N ALA F 146 0.28 14.04 45.13
CA ALA F 146 -1.16 13.87 45.01
C ALA F 146 -1.70 14.59 43.78
N TRP F 147 -2.77 14.05 43.21
CA TRP F 147 -3.48 14.75 42.14
C TRP F 147 -4.28 15.90 42.74
N VAL F 148 -4.28 17.03 42.06
CA VAL F 148 -5.21 18.09 42.41
C VAL F 148 -6.34 18.12 41.39
N LEU F 149 -7.49 17.58 41.79
CA LEU F 149 -8.65 17.51 40.91
C LEU F 149 -9.56 18.72 41.10
N PHE F 150 -9.69 19.51 40.03
CA PHE F 150 -10.42 20.77 40.05
C PHE F 150 -11.89 20.57 39.67
N ARG F 151 -12.76 20.42 40.67
CA ARG F 151 -14.18 20.20 40.40
C ARG F 151 -14.92 21.49 40.04
N THR F 152 -15.56 21.48 38.86
CA THR F 152 -16.29 22.64 38.37
C THR F 152 -17.69 22.27 37.88
N ASP F 153 -18.00 20.97 37.93
CA ASP F 153 -19.28 20.44 37.40
C ASP F 153 -19.48 20.78 35.93
N TRP F 154 -18.39 21.00 35.22
CA TRP F 154 -18.44 21.35 33.81
C TRP F 154 -18.86 20.16 32.97
N SER F 155 -18.63 18.96 33.52
CA SER F 155 -18.93 17.71 32.82
C SER F 155 -20.42 17.51 32.55
N LEU F 156 -21.25 18.34 33.16
CA LEU F 156 -22.70 18.24 32.97
C LEU F 156 -23.13 18.94 31.69
N ARG F 157 -22.19 19.66 31.07
CA ARG F 157 -22.44 20.35 29.81
C ARG F 157 -22.18 19.46 28.60
N VAL F 158 -21.75 18.23 28.87
CA VAL F 158 -21.26 17.33 27.82
C VAL F 158 -22.33 17.00 26.78
N GLY F 159 -23.60 17.15 27.14
CA GLY F 159 -24.68 16.90 26.20
C GLY F 159 -24.76 17.95 25.10
N ASP F 160 -24.21 19.12 25.38
CA ASP F 160 -24.20 20.22 24.42
C ASP F 160 -22.76 20.60 24.08
N ALA F 161 -22.32 20.23 22.88
CA ALA F 161 -20.96 20.48 22.44
C ALA F 161 -20.62 21.96 22.47
N ALA F 162 -21.59 22.79 22.10
CA ALA F 162 -21.38 24.24 22.05
C ALA F 162 -21.17 24.80 23.45
N ALA F 163 -21.91 24.30 24.42
CA ALA F 163 -21.82 24.77 25.79
C ALA F 163 -20.57 24.22 26.48
N PHE F 164 -20.15 23.02 26.09
CA PHE F 164 -18.99 22.37 26.70
C PHE F 164 -17.69 23.07 26.32
N LEU F 165 -17.58 23.44 25.05
CA LEU F 165 -16.41 24.15 24.56
C LEU F 165 -16.50 25.63 24.92
N ASN F 166 -17.72 26.17 24.80
CA ASN F 166 -18.03 27.53 25.22
C ASN F 166 -17.15 28.58 24.55
N ILE F 167 -17.11 28.58 23.23
CA ILE F 167 -16.27 29.50 22.48
C ILE F 167 -17.06 30.69 21.96
N ARG F 168 -16.56 31.89 22.24
CA ARG F 168 -17.14 33.10 21.69
C ARG F 168 -16.12 33.85 20.83
N GLU F 169 -16.45 35.05 20.40
CA GLU F 169 -15.63 35.76 19.41
C GLU F 169 -14.24 36.14 19.93
N ASP F 170 -14.02 36.01 21.24
CA ASP F 170 -12.71 36.29 21.81
C ASP F 170 -12.11 35.05 22.45
N GLY F 171 -12.54 33.88 21.98
CA GLY F 171 -11.97 32.62 22.45
C GLY F 171 -12.86 31.83 23.36
N ALA F 172 -12.27 30.86 24.06
CA ALA F 172 -12.99 30.00 24.99
C ALA F 172 -13.08 30.62 26.37
N HIS F 173 -14.22 30.42 27.04
CA HIS F 173 -14.42 30.94 28.39
C HIS F 173 -14.66 29.80 29.39
N THR F 174 -13.57 29.29 29.94
CA THR F 174 -13.61 28.15 30.86
C THR F 174 -12.77 28.42 32.11
N PRO F 175 -13.14 27.83 33.25
CA PRO F 175 -12.39 28.02 34.50
C PRO F 175 -10.96 27.50 34.44
N GLY F 176 -10.12 27.95 35.36
CA GLY F 176 -8.74 27.50 35.39
C GLY F 176 -7.91 28.19 36.47
N PRO F 177 -6.70 27.69 36.70
CA PRO F 177 -5.80 28.24 37.73
C PRO F 177 -5.01 29.44 37.23
N THR F 178 -4.63 30.32 38.15
CA THR F 178 -3.74 31.42 37.81
C THR F 178 -2.31 30.88 37.77
N GLN F 179 -1.40 31.66 37.19
CA GLN F 179 0.00 31.26 37.14
C GLN F 179 0.58 31.11 38.55
N GLU F 180 0.22 32.03 39.45
CA GLU F 180 0.69 31.98 40.83
C GLU F 180 0.19 30.70 41.51
N ALA F 181 -1.04 30.31 41.20
CA ALA F 181 -1.62 29.10 41.75
C ALA F 181 -0.90 27.85 41.26
N VAL F 182 -0.55 27.82 39.98
CA VAL F 182 0.19 26.69 39.42
C VAL F 182 1.59 26.63 40.01
N GLU F 183 2.24 27.78 40.10
CA GLU F 183 3.57 27.88 40.69
C GLU F 183 3.57 27.43 42.15
N TRP F 184 2.52 27.79 42.87
CA TRP F 184 2.40 27.42 44.27
C TRP F 184 2.21 25.92 44.44
N LEU F 185 1.37 25.33 43.59
CA LEU F 185 1.08 23.90 43.65
C LEU F 185 2.34 23.07 43.37
N ILE F 186 3.13 23.51 42.41
CA ILE F 186 4.36 22.81 42.05
C ILE F 186 5.45 23.00 43.09
N GLY F 187 5.75 24.24 43.43
CA GLY F 187 6.88 24.57 44.28
C GLY F 187 6.67 24.42 45.78
N GLU F 188 5.46 24.69 46.25
CA GLU F 188 5.19 24.67 47.69
C GLU F 188 4.46 23.40 48.14
N ARG F 189 3.92 22.64 47.19
CA ARG F 189 3.15 21.45 47.54
C ARG F 189 3.64 20.19 46.84
N ASN F 190 4.38 20.36 45.75
CA ASN F 190 4.98 19.24 45.02
C ASN F 190 3.93 18.22 44.58
N VAL F 191 2.88 18.71 43.92
CA VAL F 191 1.77 17.86 43.50
C VAL F 191 2.15 16.95 42.34
N HIS F 192 1.31 15.94 42.11
CA HIS F 192 1.53 14.95 41.06
C HIS F 192 1.15 15.52 39.69
N GLY F 193 0.06 16.29 39.69
CA GLY F 193 -0.48 16.87 38.47
C GLY F 193 -1.80 17.56 38.71
N PHE F 194 -2.44 17.99 37.64
CA PHE F 194 -3.69 18.76 37.72
C PHE F 194 -4.76 18.10 36.86
N GLY F 195 -5.94 17.87 37.44
CA GLY F 195 -7.03 17.24 36.73
C GLY F 195 -8.27 18.10 36.67
N VAL F 196 -8.87 18.18 35.49
CA VAL F 196 -10.04 19.05 35.28
C VAL F 196 -11.19 18.31 34.61
N GLU F 197 -12.35 18.97 34.52
CA GLU F 197 -13.51 18.43 33.84
C GLU F 197 -13.65 19.04 32.45
N THR F 198 -12.89 20.10 32.20
CA THR F 198 -12.95 20.81 30.94
C THR F 198 -12.03 20.18 29.90
N ILE F 199 -12.05 20.73 28.68
CA ILE F 199 -11.21 20.25 27.59
C ILE F 199 -9.82 20.92 27.68
N ASN F 200 -9.60 21.67 28.76
CA ASN F 200 -8.33 22.35 28.96
C ASN F 200 -7.98 22.41 30.44
N THR F 201 -6.73 22.07 30.79
CA THR F 201 -6.30 22.20 32.18
C THR F 201 -6.14 23.66 32.53
N ASP F 202 -5.79 24.48 31.53
CA ASP F 202 -5.70 25.92 31.70
C ASP F 202 -7.04 26.60 31.47
N ALA F 203 -7.17 27.83 31.96
CA ALA F 203 -8.36 28.63 31.69
C ALA F 203 -8.37 29.08 30.24
N GLY F 204 -9.55 29.09 29.63
CA GLY F 204 -9.69 29.42 28.22
C GLY F 204 -9.08 30.74 27.80
N GLN F 205 -9.20 31.75 28.65
CA GLN F 205 -8.74 33.09 28.32
C GLN F 205 -7.27 33.32 28.66
N SER F 206 -6.59 32.26 29.11
CA SER F 206 -5.21 32.37 29.52
C SER F 206 -4.23 32.37 28.35
N TYR F 207 -4.75 32.48 27.14
CA TYR F 207 -3.91 32.53 25.95
C TYR F 207 -3.32 33.93 25.78
N ALA F 208 -3.84 34.88 26.54
CA ALA F 208 -3.42 36.27 26.43
C ALA F 208 -2.65 36.75 27.66
N TRP F 209 -2.50 35.86 28.64
CA TRP F 209 -1.76 36.17 29.86
C TRP F 209 -0.27 36.33 29.52
N PRO F 210 0.49 37.03 30.38
CA PRO F 210 1.94 37.20 30.19
C PRO F 210 2.64 35.87 29.88
N LEU F 211 2.24 34.81 30.58
CA LEU F 211 2.65 33.47 30.22
C LEU F 211 1.43 32.67 29.78
N ALA F 212 1.31 32.46 28.48
CA ALA F 212 0.17 31.74 27.92
C ALA F 212 0.11 30.30 28.41
N TYR F 213 -1.06 29.88 28.86
CA TYR F 213 -1.29 28.53 29.39
C TYR F 213 -0.28 28.16 30.48
N PRO F 214 -0.34 28.86 31.62
CA PRO F 214 0.64 28.63 32.70
C PRO F 214 0.63 27.19 33.22
N CYS F 215 -0.53 26.55 33.27
CA CYS F 215 -0.60 25.19 33.78
C CYS F 215 0.18 24.23 32.86
N HIS F 216 -0.21 24.17 31.59
CA HIS F 216 0.49 23.34 30.61
C HIS F 216 2.01 23.59 30.62
N THR F 217 2.40 24.86 30.58
CA THR F 217 3.80 25.23 30.50
C THR F 217 4.61 24.84 31.73
N LEU F 218 4.07 25.13 32.92
CA LEU F 218 4.83 24.95 34.15
C LEU F 218 4.73 23.54 34.70
N MET F 219 3.55 22.95 34.61
CA MET F 219 3.33 21.60 35.12
C MET F 219 4.13 20.57 34.31
N HIS F 220 4.04 20.66 32.98
CA HIS F 220 4.83 19.78 32.12
C HIS F 220 6.31 20.17 32.16
N GLY F 221 6.58 21.42 32.50
CA GLY F 221 7.94 21.88 32.66
C GLY F 221 8.59 21.35 33.93
N ALA F 222 7.76 20.94 34.88
CA ALA F 222 8.25 20.36 36.13
C ALA F 222 8.13 18.83 36.11
N ASN F 223 8.01 18.27 34.90
CA ASN F 223 7.87 16.83 34.71
C ASN F 223 6.66 16.26 35.45
N ARG F 224 5.54 16.98 35.39
CA ARG F 224 4.29 16.53 36.02
C ARG F 224 3.20 16.31 34.97
N TYR F 225 2.05 15.81 35.41
CA TYR F 225 1.05 15.28 34.47
C TYR F 225 -0.27 16.02 34.50
N GLY F 226 -1.16 15.68 33.58
CA GLY F 226 -2.47 16.30 33.51
C GLY F 226 -3.57 15.31 33.14
N LEU F 227 -4.78 15.57 33.62
CA LEU F 227 -5.94 14.79 33.23
C LEU F 227 -7.06 15.72 32.79
N GLN F 228 -7.75 15.35 31.71
CA GLN F 228 -8.80 16.20 31.17
C GLN F 228 -10.09 15.45 30.92
N CYS F 229 -11.20 16.19 30.89
CA CYS F 229 -12.53 15.62 30.68
C CYS F 229 -12.90 14.54 31.69
N LEU F 230 -12.59 14.79 32.96
CA LEU F 230 -13.03 13.93 34.04
C LEU F 230 -14.51 14.19 34.35
N LYS F 231 -15.16 13.22 35.01
CA LYS F 231 -16.53 13.41 35.46
C LYS F 231 -16.74 12.73 36.81
N ASN F 232 -17.94 12.90 37.38
CA ASN F 232 -18.29 12.32 38.68
C ASN F 232 -17.36 12.72 39.82
N LEU F 233 -16.77 13.92 39.74
CA LEU F 233 -15.93 14.41 40.82
C LEU F 233 -16.77 14.74 42.04
N ASP F 234 -18.07 14.93 41.82
CA ASP F 234 -19.01 15.24 42.89
C ASP F 234 -19.24 14.04 43.80
N GLN F 235 -18.73 12.88 43.39
CA GLN F 235 -18.89 11.66 44.17
C GLN F 235 -17.62 11.32 44.95
N LEU F 236 -16.60 12.17 44.81
CA LEU F 236 -15.34 11.98 45.52
C LEU F 236 -15.27 12.89 46.76
N PRO F 237 -14.65 12.39 47.83
CA PRO F 237 -14.39 13.20 49.03
C PRO F 237 -13.26 14.21 48.77
N PRO F 238 -13.17 15.27 49.61
CA PRO F 238 -12.09 16.25 49.48
C PRO F 238 -10.71 15.60 49.62
N ARG F 239 -10.62 14.56 50.44
CA ARG F 239 -9.37 13.83 50.63
C ARG F 239 -9.62 12.34 50.82
N GLY F 240 -8.64 11.52 50.46
CA GLY F 240 -8.70 10.09 50.71
C GLY F 240 -8.87 9.23 49.47
N ALA F 241 -9.19 9.87 48.34
CA ALA F 241 -9.41 9.14 47.11
C ALA F 241 -8.09 8.68 46.49
N PHE F 242 -8.10 7.50 45.90
CA PHE F 242 -6.92 6.94 45.27
C PHE F 242 -7.17 6.69 43.78
N ILE F 243 -6.44 7.41 42.92
CA ILE F 243 -6.72 7.42 41.49
C ILE F 243 -5.90 6.42 40.68
N LEU F 244 -6.60 5.57 39.92
CA LEU F 244 -5.95 4.70 38.95
C LEU F 244 -6.02 5.34 37.57
N ALA F 245 -4.88 5.79 37.06
CA ALA F 245 -4.86 6.52 35.79
C ALA F 245 -3.67 6.10 34.92
N ALA F 246 -3.78 4.93 34.32
CA ALA F 246 -2.72 4.41 33.46
C ALA F 246 -3.06 4.61 31.98
N PRO F 247 -2.20 5.36 31.28
CA PRO F 247 -2.37 5.65 29.84
C PRO F 247 -1.92 4.49 28.94
N LEU F 248 -2.42 4.46 27.71
CA LEU F 248 -2.01 3.47 26.73
C LEU F 248 -0.51 3.58 26.45
N LYS F 249 0.16 2.44 26.33
CA LYS F 249 1.60 2.43 26.09
C LYS F 249 1.92 2.74 24.63
N ILE F 250 1.56 3.95 24.20
CA ILE F 250 1.83 4.42 22.84
C ILE F 250 3.29 4.86 22.68
N GLU F 251 3.98 4.24 21.72
CA GLU F 251 5.37 4.57 21.43
C GLU F 251 5.57 6.06 21.17
N GLY F 252 6.32 6.72 22.04
CA GLY F 252 6.59 8.15 21.94
C GLY F 252 5.36 9.01 22.08
N GLY F 253 4.31 8.48 22.71
CA GLY F 253 3.05 9.18 22.82
C GLY F 253 3.07 10.34 23.78
N SER F 254 2.47 11.46 23.38
CA SER F 254 2.44 12.66 24.21
C SER F 254 1.29 12.62 25.21
N GLY F 255 0.43 11.61 25.06
CA GLY F 255 -0.70 11.43 25.93
C GLY F 255 -1.56 10.32 25.35
N SER F 256 -2.67 10.01 26.00
CA SER F 256 -3.59 9.01 25.48
C SER F 256 -4.92 9.05 26.23
N PRO F 257 -6.00 8.65 25.56
CA PRO F 257 -7.25 8.43 26.30
C PRO F 257 -7.05 7.27 27.26
N LEU F 258 -7.79 7.25 28.35
CA LEU F 258 -7.62 6.20 29.35
C LEU F 258 -8.87 6.07 30.23
N ARG F 259 -8.92 4.97 30.98
CA ARG F 259 -10.03 4.75 31.90
C ARG F 259 -9.59 5.17 33.30
N VAL F 260 -10.03 6.36 33.72
CA VAL F 260 -9.65 6.86 35.04
C VAL F 260 -10.60 6.34 36.12
N LEU F 261 -10.05 5.67 37.12
CA LEU F 261 -10.84 5.12 38.21
C LEU F 261 -10.42 5.69 39.54
N ALA F 262 -11.37 5.73 40.48
CA ALA F 262 -11.08 6.18 41.83
C ALA F 262 -11.49 5.13 42.84
N LEU F 263 -10.56 4.76 43.72
CA LEU F 263 -10.90 3.91 44.85
C LEU F 263 -11.27 4.80 46.03
N VAL F 264 -12.37 4.49 46.70
CA VAL F 264 -12.85 5.32 47.80
C VAL F 264 -13.11 4.50 49.04
N GLU F 265 -12.44 4.86 50.14
CA GLU F 265 -12.60 4.18 51.41
C GLU F 265 -13.26 5.08 52.45
N SER G 5 -9.04 37.81 14.11
CA SER G 5 -8.55 36.57 14.72
C SER G 5 -9.19 36.34 16.08
N THR G 6 -9.89 35.21 16.20
CA THR G 6 -10.56 34.85 17.44
C THR G 6 -9.56 34.65 18.58
N THR G 7 -8.48 33.93 18.29
CA THR G 7 -7.44 33.68 19.29
C THR G 7 -6.07 34.00 18.71
N PRO G 8 -5.59 35.24 18.94
CA PRO G 8 -4.26 35.65 18.47
C PRO G 8 -3.15 34.95 19.24
N THR G 9 -2.07 34.57 18.56
CA THR G 9 -1.00 33.81 19.19
C THR G 9 0.40 34.34 18.87
N ILE G 10 0.55 34.97 17.71
CA ILE G 10 1.86 35.45 17.28
C ILE G 10 2.30 36.70 18.05
N LEU G 11 1.43 37.72 18.08
CA LEU G 11 1.75 38.96 18.77
C LEU G 11 1.89 38.79 20.30
N PRO G 12 1.00 38.03 20.95
CA PRO G 12 1.25 37.83 22.38
C PRO G 12 2.57 37.10 22.66
N ALA G 13 2.98 36.22 21.74
CA ALA G 13 4.22 35.49 21.87
C ALA G 13 5.42 36.40 21.66
N LEU G 14 5.31 37.29 20.68
CA LEU G 14 6.36 38.27 20.40
C LEU G 14 6.61 39.17 21.61
N ALA G 15 5.52 39.70 22.16
CA ALA G 15 5.62 40.57 23.32
C ALA G 15 6.19 39.85 24.52
N ALA G 16 5.78 38.58 24.69
CA ALA G 16 6.24 37.78 25.83
C ALA G 16 7.71 37.38 25.68
N GLY G 17 8.13 37.12 24.43
CA GLY G 17 9.51 36.77 24.16
C GLY G 17 10.44 37.95 24.38
N LEU G 18 9.99 39.13 23.95
CA LEU G 18 10.75 40.36 24.15
C LEU G 18 10.91 40.68 25.63
N ALA G 19 9.91 40.30 26.43
CA ALA G 19 9.92 40.59 27.86
C ALA G 19 10.88 39.67 28.63
N ARG G 20 10.86 38.38 28.28
CA ARG G 20 11.68 37.41 28.99
C ARG G 20 13.11 37.33 28.45
N GLY G 21 13.33 37.92 27.27
CA GLY G 21 14.67 38.02 26.71
C GLY G 21 14.99 37.03 25.60
N ASN G 22 14.00 36.23 25.21
CA ASN G 22 14.17 35.29 24.10
C ASN G 22 14.50 36.03 22.82
N ILE G 23 13.87 37.19 22.63
CA ILE G 23 14.09 38.03 21.46
C ILE G 23 14.78 39.32 21.88
N ARG G 24 15.89 39.65 21.21
CA ARG G 24 16.64 40.85 21.53
C ARG G 24 16.41 41.95 20.48
N VAL G 25 16.46 43.19 20.92
CA VAL G 25 16.37 44.33 20.02
C VAL G 25 17.75 44.95 19.79
N VAL G 26 18.17 45.00 18.54
CA VAL G 26 19.48 45.54 18.20
C VAL G 26 19.35 46.88 17.48
N ASP G 27 20.08 47.89 17.97
CA ASP G 27 20.05 49.23 17.40
C ASP G 27 21.08 49.35 16.27
N LEU G 28 20.59 49.59 15.05
CA LEU G 28 21.48 49.71 13.90
C LEU G 28 21.69 51.17 13.47
N THR G 29 21.35 52.10 14.36
CA THR G 29 21.28 53.51 14.01
C THR G 29 22.44 54.33 14.56
N GLN G 30 23.03 55.18 13.72
CA GLN G 30 24.04 56.13 14.15
C GLN G 30 23.38 57.32 14.86
N THR G 31 24.10 57.95 15.78
CA THR G 31 23.57 59.09 16.51
C THR G 31 23.57 60.36 15.67
N LEU G 32 22.41 61.01 15.57
CA LEU G 32 22.31 62.30 14.89
C LEU G 32 22.96 63.41 15.69
N SER G 33 24.04 63.95 15.16
CA SER G 33 24.83 64.97 15.84
C SER G 33 25.50 65.92 14.84
N PRO G 34 25.81 67.15 15.27
CA PRO G 34 26.52 68.11 14.42
C PRO G 34 27.86 67.59 13.90
N SER G 35 28.49 66.68 14.63
CA SER G 35 29.79 66.15 14.26
C SER G 35 29.71 65.01 13.23
N PHE G 36 28.50 64.52 12.97
CA PHE G 36 28.33 63.44 12.01
C PHE G 36 28.61 63.92 10.59
N PRO G 37 29.37 63.11 9.81
CA PRO G 37 29.79 63.43 8.44
C PRO G 37 28.62 63.82 7.53
N THR G 38 28.81 64.89 6.77
CA THR G 38 27.79 65.37 5.85
C THR G 38 28.22 65.12 4.40
N LEU G 39 27.30 64.58 3.60
CA LEU G 39 27.56 64.36 2.19
C LEU G 39 27.78 65.69 1.47
N GLN G 40 28.86 65.78 0.71
CA GLN G 40 29.14 66.98 -0.06
C GLN G 40 29.40 66.65 -1.52
N LEU G 41 28.66 67.31 -2.40
CA LEU G 41 28.73 67.05 -3.84
C LEU G 41 29.57 68.13 -4.54
N PRO G 42 29.91 67.89 -5.82
CA PRO G 42 30.52 68.96 -6.63
C PRO G 42 29.75 70.27 -6.52
N SER G 43 30.47 71.39 -6.54
CA SER G 43 29.91 72.68 -6.16
C SER G 43 28.78 73.17 -7.06
N GLN G 44 28.65 72.61 -8.26
CA GLN G 44 27.62 73.07 -9.20
C GLN G 44 26.25 72.52 -8.84
N PHE G 45 26.21 71.60 -7.88
CA PHE G 45 24.96 70.97 -7.45
C PHE G 45 24.44 71.59 -6.14
N GLY G 46 23.16 71.37 -5.86
CA GLY G 46 22.59 71.78 -4.59
C GLY G 46 23.11 70.91 -3.46
N GLN G 47 23.42 71.51 -2.33
CA GLN G 47 24.03 70.78 -1.21
C GLN G 47 23.01 70.43 -0.13
N VAL G 48 23.13 69.23 0.43
CA VAL G 48 22.28 68.84 1.56
C VAL G 48 22.84 69.46 2.84
N GLN G 49 21.95 69.84 3.75
CA GLN G 49 22.35 70.49 5.00
C GLN G 49 22.87 69.50 6.04
N PRO G 50 23.90 69.92 6.80
CA PRO G 50 24.39 69.13 7.94
C PRO G 50 23.40 69.19 9.10
N PHE G 51 23.54 68.29 10.07
CA PHE G 51 22.67 68.30 11.22
C PHE G 51 22.99 69.47 12.15
N LYS G 52 21.98 70.30 12.42
CA LYS G 52 22.11 71.41 13.37
C LYS G 52 21.04 71.29 14.45
N ILE G 53 21.37 71.69 15.67
CA ILE G 53 20.41 71.61 16.77
C ILE G 53 20.57 72.79 17.74
N GLU G 54 19.45 73.40 18.14
CA GLU G 54 19.49 74.53 19.06
C GLU G 54 18.51 74.36 20.23
N ARG G 55 18.96 74.72 21.42
CA ARG G 55 18.13 74.63 22.61
C ARG G 55 16.99 75.65 22.61
N ILE G 56 15.83 75.22 23.07
CA ILE G 56 14.71 76.12 23.29
C ILE G 56 14.69 76.52 24.77
N SER G 57 14.86 75.52 25.63
CA SER G 57 14.93 75.73 27.08
C SER G 57 15.62 74.55 27.76
N HIS G 58 16.16 74.78 28.95
CA HIS G 58 16.84 73.73 29.69
C HIS G 58 16.64 73.91 31.19
N TYR G 59 15.39 73.81 31.61
CA TYR G 59 15.01 74.00 33.02
C TYR G 59 15.48 75.35 33.54
N ASP G 60 15.42 76.37 32.68
CA ASP G 60 15.90 77.71 33.02
C ASP G 60 14.85 78.78 32.72
N ALA G 61 15.30 80.02 32.57
CA ALA G 61 14.39 81.14 32.35
C ALA G 61 13.53 80.98 31.09
N SER G 62 14.07 80.25 30.11
CA SER G 62 13.36 80.01 28.85
C SER G 62 12.31 78.92 28.98
N GLY G 63 12.35 78.18 30.09
CA GLY G 63 11.41 77.10 30.35
C GLY G 63 11.81 76.32 31.58
N PRO G 64 11.42 76.82 32.76
CA PRO G 64 11.92 76.33 34.05
C PRO G 64 11.62 74.86 34.36
N ALA G 65 10.60 74.29 33.73
CA ALA G 65 10.22 72.92 34.07
C ALA G 65 10.45 71.93 32.94
N TRP G 66 10.81 72.42 31.75
CA TRP G 66 10.97 71.54 30.60
C TRP G 66 12.25 71.79 29.82
N TYR G 67 12.59 70.83 28.95
CA TYR G 67 13.76 70.89 28.09
C TYR G 67 13.42 70.32 26.72
N TRP G 68 13.80 71.04 25.67
CA TRP G 68 13.53 70.61 24.29
C TRP G 68 14.33 71.42 23.26
N ASN G 69 14.47 70.86 22.06
CA ASN G 69 15.28 71.49 21.02
C ASN G 69 14.53 71.74 19.71
N ASN G 70 15.15 72.55 18.85
CA ASN G 70 14.81 72.65 17.45
C ASN G 70 15.98 72.14 16.63
N PHE G 71 15.72 71.40 15.56
CA PHE G 71 16.81 70.89 14.75
C PHE G 71 16.56 71.06 13.25
N SER G 72 17.62 70.95 12.48
CA SER G 72 17.52 71.02 11.03
C SER G 72 18.50 70.05 10.38
N CYS G 73 18.10 69.47 9.26
CA CYS G 73 18.94 68.58 8.47
C CYS G 73 18.30 68.30 7.12
N GLY G 74 18.81 67.30 6.42
CA GLY G 74 18.25 66.91 5.13
C GLY G 74 17.57 65.57 5.23
N GLU G 75 16.78 65.23 4.20
CA GLU G 75 16.13 63.93 4.15
C GLU G 75 17.16 62.80 4.21
N HIS G 76 18.32 63.04 3.62
CA HIS G 76 19.38 62.04 3.57
C HIS G 76 20.52 62.43 4.51
N THR G 77 20.24 62.36 5.81
CA THR G 77 21.21 62.68 6.83
C THR G 77 21.33 61.50 7.80
N GLY G 78 22.56 61.10 8.11
CA GLY G 78 22.82 59.99 9.00
C GLY G 78 22.21 58.69 8.53
N THR G 79 21.85 57.84 9.49
CA THR G 79 21.10 56.62 9.19
C THR G 79 19.75 57.01 8.61
N HIS G 80 19.58 56.83 7.30
CA HIS G 80 18.35 57.25 6.66
C HIS G 80 17.83 56.25 5.63
N PHE G 81 16.63 56.53 5.14
CA PHE G 81 15.90 55.66 4.23
C PHE G 81 15.80 56.32 2.86
N ASP G 82 16.05 55.56 1.80
CA ASP G 82 15.92 56.08 0.43
C ASP G 82 14.66 55.51 -0.25
N ALA G 83 13.76 56.40 -0.64
CA ALA G 83 12.54 56.01 -1.33
C ALA G 83 12.74 56.09 -2.85
N PRO G 84 12.00 55.27 -3.63
CA PRO G 84 12.17 55.22 -5.09
C PRO G 84 12.06 56.58 -5.78
N ALA G 85 11.32 57.51 -5.18
CA ALA G 85 11.16 58.85 -5.77
C ALA G 85 12.46 59.65 -5.73
N HIS G 86 13.42 59.19 -4.94
CA HIS G 86 14.71 59.85 -4.79
C HIS G 86 15.47 59.90 -6.10
N TRP G 87 15.27 58.88 -6.94
CA TRP G 87 15.95 58.83 -8.22
C TRP G 87 14.98 59.07 -9.37
N ILE G 88 15.51 59.47 -10.52
CA ILE G 88 14.69 59.85 -11.67
C ILE G 88 13.99 58.64 -12.27
N THR G 89 14.54 57.45 -12.02
CA THR G 89 13.99 56.22 -12.58
C THR G 89 12.76 55.73 -11.81
N GLY G 90 12.52 56.30 -10.64
CA GLY G 90 11.39 55.90 -9.81
C GLY G 90 10.37 56.99 -9.60
N ARG G 91 10.33 57.95 -10.53
CA ARG G 91 9.46 59.11 -10.40
C ARG G 91 8.01 58.80 -10.77
N ASP G 92 7.80 57.74 -11.54
CA ASP G 92 6.48 57.43 -12.08
C ASP G 92 5.75 56.33 -11.33
N TYR G 93 6.37 55.79 -10.29
CA TYR G 93 5.75 54.72 -9.51
C TYR G 93 4.72 55.26 -8.51
N PRO G 94 3.58 54.56 -8.40
CA PRO G 94 2.57 54.89 -7.39
C PRO G 94 3.04 54.50 -5.99
N GLY G 95 2.96 55.44 -5.04
CA GLY G 95 3.45 55.19 -3.70
C GLY G 95 4.96 55.06 -3.69
N ASN G 96 5.64 56.11 -4.16
CA ASN G 96 7.08 56.10 -4.30
C ASN G 96 7.80 57.00 -3.30
N SER G 97 7.02 57.74 -2.51
CA SER G 97 7.59 58.62 -1.49
C SER G 97 7.30 58.08 -0.09
N VAL G 98 8.06 58.54 0.89
CA VAL G 98 7.98 58.01 2.26
C VAL G 98 6.60 58.12 2.90
N ASP G 99 5.75 59.00 2.37
CA ASP G 99 4.43 59.19 2.92
C ASP G 99 3.36 58.40 2.17
N THR G 100 3.75 57.79 1.06
CA THR G 100 2.79 57.07 0.22
C THR G 100 3.15 55.60 0.02
N ILE G 101 4.34 55.20 0.47
CA ILE G 101 4.73 53.80 0.44
C ILE G 101 3.82 52.99 1.35
N ALA G 102 3.40 51.82 0.88
CA ALA G 102 2.59 50.91 1.68
C ALA G 102 3.34 50.54 2.97
N PRO G 103 2.69 50.79 4.13
CA PRO G 103 3.29 50.61 5.45
C PRO G 103 3.82 49.18 5.70
N GLU G 104 3.31 48.21 4.95
CA GLU G 104 3.75 46.82 5.08
C GLU G 104 5.24 46.66 4.74
N ASN G 105 5.75 47.57 3.91
CA ASN G 105 7.15 47.50 3.47
C ASN G 105 8.13 48.02 4.51
N PHE G 106 7.62 48.41 5.68
CA PHE G 106 8.47 48.95 6.73
C PHE G 106 8.94 47.85 7.69
N VAL G 107 8.48 46.63 7.43
CA VAL G 107 8.93 45.46 8.18
C VAL G 107 9.30 44.34 7.22
N ALA G 108 10.52 43.82 7.34
CA ALA G 108 11.01 42.82 6.41
C ALA G 108 12.19 42.05 6.98
N PRO G 109 12.34 40.77 6.57
CA PRO G 109 13.51 39.96 6.95
C PRO G 109 14.80 40.54 6.37
N ALA G 110 15.95 40.06 6.83
CA ALA G 110 17.21 40.55 6.32
C ALA G 110 18.30 39.48 6.34
N VAL G 111 19.18 39.55 5.34
CA VAL G 111 20.39 38.75 5.33
C VAL G 111 21.59 39.68 5.46
N VAL G 112 22.64 39.22 6.12
CA VAL G 112 23.83 40.04 6.33
C VAL G 112 25.05 39.44 5.64
N ILE G 113 25.56 40.16 4.63
CA ILE G 113 26.73 39.73 3.87
C ILE G 113 28.01 40.34 4.45
N ASP G 114 28.87 39.50 5.02
CA ASP G 114 30.09 40.00 5.65
C ASP G 114 31.25 40.05 4.67
N ALA G 115 31.67 41.27 4.34
CA ALA G 115 32.81 41.51 3.46
C ALA G 115 33.80 42.46 4.12
N SER G 116 33.75 42.52 5.44
CA SER G 116 34.60 43.44 6.20
C SER G 116 36.07 43.11 6.00
N ALA G 117 36.41 41.82 5.94
CA ALA G 117 37.79 41.41 5.75
C ALA G 117 38.32 41.86 4.39
N GLN G 118 37.46 41.81 3.38
CA GLN G 118 37.83 42.22 2.03
C GLN G 118 38.01 43.73 1.94
N VAL G 119 37.10 44.47 2.55
CA VAL G 119 37.13 45.93 2.54
C VAL G 119 38.35 46.46 3.28
N ARG G 120 38.80 45.69 4.27
CA ARG G 120 39.96 46.06 5.06
C ARG G 120 41.24 46.12 4.22
N GLU G 121 41.23 45.44 3.08
CA GLU G 121 42.40 45.43 2.21
C GLU G 121 42.21 46.28 0.96
N ASN G 122 40.97 46.65 0.68
CA ASN G 122 40.65 47.48 -0.49
C ASN G 122 39.41 48.32 -0.24
N GLU G 123 39.60 49.63 -0.16
CA GLU G 123 38.48 50.53 0.14
C GLU G 123 37.54 50.68 -1.06
N ASP G 124 38.00 50.26 -2.23
CA ASP G 124 37.18 50.33 -3.44
C ASP G 124 36.58 48.98 -3.82
N TRP G 125 36.59 48.05 -2.87
CA TRP G 125 36.17 46.66 -3.12
C TRP G 125 34.76 46.57 -3.70
N LEU G 126 34.58 45.67 -4.66
CA LEU G 126 33.30 45.53 -5.34
C LEU G 126 32.60 44.22 -5.01
N LEU G 127 31.36 44.32 -4.54
CA LEU G 127 30.53 43.15 -4.27
C LEU G 127 30.07 42.52 -5.59
N THR G 128 30.57 41.32 -5.89
CA THR G 128 30.26 40.64 -7.14
C THR G 128 29.25 39.51 -6.95
N VAL G 129 28.66 39.07 -8.05
CA VAL G 129 27.70 37.98 -8.03
C VAL G 129 28.35 36.70 -7.51
N ASP G 130 29.61 36.50 -7.88
CA ASP G 130 30.38 35.34 -7.44
C ASP G 130 30.44 35.27 -5.92
N PHE G 131 30.60 36.43 -5.29
CA PHE G 131 30.68 36.52 -3.84
C PHE G 131 29.32 36.19 -3.21
N LEU G 132 28.25 36.66 -3.85
CA LEU G 132 26.90 36.41 -3.36
C LEU G 132 26.53 34.92 -3.48
N GLN G 133 26.96 34.31 -4.58
CA GLN G 133 26.68 32.89 -4.79
C GLN G 133 27.51 32.03 -3.85
N ALA G 134 28.70 32.51 -3.51
CA ALA G 134 29.54 31.83 -2.52
C ALA G 134 28.88 31.90 -1.15
N TRP G 135 28.27 33.05 -0.88
CA TRP G 135 27.55 33.26 0.38
C TRP G 135 26.38 32.30 0.50
N GLU G 136 25.68 32.09 -0.61
CA GLU G 136 24.51 31.24 -0.62
C GLU G 136 24.86 29.76 -0.44
N GLN G 137 26.08 29.39 -0.78
CA GLN G 137 26.54 28.00 -0.62
C GLN G 137 26.72 27.66 0.85
N ARG G 138 26.89 28.68 1.69
CA ARG G 138 27.10 28.46 3.11
C ARG G 138 25.87 28.81 3.94
N HIS G 139 25.09 29.78 3.48
CA HIS G 139 23.97 30.29 4.28
C HIS G 139 22.62 30.17 3.60
N GLY G 140 22.58 29.56 2.42
CA GLY G 140 21.33 29.33 1.73
C GLY G 140 20.91 30.46 0.81
N ARG G 141 19.81 30.24 0.10
CA ARG G 141 19.31 31.19 -0.89
C ARG G 141 18.78 32.47 -0.23
N ILE G 142 19.03 33.61 -0.87
CA ILE G 142 18.50 34.88 -0.40
C ILE G 142 16.99 34.94 -0.63
N PRO G 143 16.21 35.05 0.45
CA PRO G 143 14.75 35.07 0.36
C PRO G 143 14.23 36.33 -0.31
N ALA G 144 13.13 36.20 -1.07
CA ALA G 144 12.52 37.35 -1.72
C ALA G 144 11.83 38.25 -0.69
N GLY G 145 11.87 39.55 -0.93
CA GLY G 145 11.22 40.51 -0.06
C GLY G 145 12.06 40.85 1.17
N ALA G 146 13.31 40.43 1.17
CA ALA G 146 14.19 40.64 2.32
C ALA G 146 15.25 41.69 2.04
N TRP G 147 15.67 42.39 3.10
CA TRP G 147 16.78 43.33 2.98
C TRP G 147 18.10 42.60 2.76
N VAL G 148 18.96 43.15 1.92
CA VAL G 148 20.33 42.65 1.80
C VAL G 148 21.27 43.67 2.45
N LEU G 149 21.75 43.32 3.64
CA LEU G 149 22.59 44.23 4.42
C LEU G 149 24.08 43.96 4.18
N PHE G 150 24.75 44.93 3.58
CA PHE G 150 26.14 44.83 3.19
C PHE G 150 27.07 45.24 4.34
N ARG G 151 27.58 44.27 5.09
CA ARG G 151 28.46 44.56 6.22
C ARG G 151 29.89 44.82 5.77
N THR G 152 30.42 45.99 6.13
CA THR G 152 31.77 46.37 5.72
C THR G 152 32.62 46.87 6.88
N ASP G 153 31.99 47.03 8.05
CA ASP G 153 32.63 47.61 9.23
C ASP G 153 33.09 49.04 8.98
N TRP G 154 32.46 49.69 7.99
CA TRP G 154 32.79 51.06 7.64
C TRP G 154 32.35 52.01 8.75
N SER G 155 31.37 51.59 9.53
CA SER G 155 30.77 52.41 10.57
C SER G 155 31.75 52.73 11.70
N LEU G 156 32.85 52.00 11.77
CA LEU G 156 33.87 52.25 12.78
C LEU G 156 34.71 53.48 12.44
N ARG G 157 34.48 54.03 11.25
CA ARG G 157 35.17 55.25 10.81
C ARG G 157 34.44 56.52 11.22
N VAL G 158 33.29 56.36 11.87
CA VAL G 158 32.37 57.48 12.09
C VAL G 158 32.99 58.59 12.96
N GLY G 159 33.97 58.23 13.78
CA GLY G 159 34.65 59.21 14.60
C GLY G 159 35.51 60.15 13.80
N ASP G 160 35.87 59.73 12.58
CA ASP G 160 36.70 60.54 11.69
C ASP G 160 35.92 60.84 10.42
N ALA G 161 35.38 62.05 10.33
CA ALA G 161 34.56 62.44 9.18
C ALA G 161 35.30 62.29 7.85
N ALA G 162 36.57 62.68 7.84
CA ALA G 162 37.39 62.55 6.64
C ALA G 162 37.53 61.10 6.20
N ALA G 163 37.76 60.21 7.17
CA ALA G 163 37.92 58.79 6.88
C ALA G 163 36.59 58.15 6.47
N PHE G 164 35.50 58.65 7.04
CA PHE G 164 34.18 58.12 6.75
C PHE G 164 33.76 58.44 5.31
N LEU G 165 34.02 59.66 4.87
CA LEU G 165 33.70 60.06 3.50
C LEU G 165 34.76 59.54 2.52
N ASN G 166 36.01 59.53 2.98
CA ASN G 166 37.15 59.00 2.21
C ASN G 166 37.24 59.61 0.81
N ILE G 167 37.35 60.94 0.76
CA ILE G 167 37.30 61.63 -0.52
C ILE G 167 38.66 62.15 -0.96
N ARG G 168 39.06 61.77 -2.16
CA ARG G 168 40.31 62.22 -2.73
C ARG G 168 40.06 63.11 -3.95
N GLU G 169 41.06 63.24 -4.81
CA GLU G 169 40.99 64.15 -5.95
C GLU G 169 39.93 63.74 -6.98
N ASP G 170 39.55 62.46 -6.96
CA ASP G 170 38.65 61.93 -7.97
C ASP G 170 37.38 61.36 -7.36
N GLY G 171 36.91 61.95 -6.28
CA GLY G 171 35.68 61.53 -5.65
C GLY G 171 35.89 60.62 -4.45
N ALA G 172 34.81 60.02 -3.97
CA ALA G 172 34.85 59.15 -2.81
C ALA G 172 35.31 57.74 -3.18
N HIS G 173 36.10 57.14 -2.30
CA HIS G 173 36.53 55.76 -2.51
C HIS G 173 35.89 54.86 -1.45
N THR G 174 34.74 54.30 -1.79
CA THR G 174 33.98 53.47 -0.87
C THR G 174 33.50 52.19 -1.56
N PRO G 175 33.26 51.12 -0.78
CA PRO G 175 32.77 49.86 -1.36
C PRO G 175 31.37 49.97 -1.93
N GLY G 176 31.01 49.06 -2.82
CA GLY G 176 29.69 49.01 -3.41
C GLY G 176 29.52 47.83 -4.33
N PRO G 177 28.28 47.57 -4.77
CA PRO G 177 27.98 46.44 -5.67
C PRO G 177 28.25 46.78 -7.13
N THR G 178 28.55 45.76 -7.93
CA THR G 178 28.68 45.94 -9.37
C THR G 178 27.28 46.05 -9.98
N GLN G 179 27.20 46.53 -11.22
CA GLN G 179 25.91 46.64 -11.89
C GLN G 179 25.28 45.26 -12.05
N GLU G 180 26.11 44.27 -12.34
CA GLU G 180 25.64 42.89 -12.47
C GLU G 180 25.04 42.39 -11.16
N ALA G 181 25.65 42.80 -10.04
CA ALA G 181 25.18 42.39 -8.72
C ALA G 181 23.80 42.96 -8.41
N VAL G 182 23.61 44.24 -8.72
CA VAL G 182 22.33 44.90 -8.50
C VAL G 182 21.23 44.27 -9.35
N GLU G 183 21.54 44.02 -10.62
CA GLU G 183 20.59 43.38 -11.53
C GLU G 183 20.23 41.97 -11.06
N TRP G 184 21.24 41.25 -10.57
CA TRP G 184 21.05 39.88 -10.10
C TRP G 184 20.17 39.84 -8.85
N LEU G 185 20.37 40.80 -7.94
CA LEU G 185 19.59 40.85 -6.72
C LEU G 185 18.14 41.22 -6.99
N ILE G 186 17.91 41.93 -8.09
CA ILE G 186 16.56 42.37 -8.46
C ILE G 186 15.89 41.38 -9.40
N GLY G 187 16.68 40.77 -10.29
CA GLY G 187 16.14 39.84 -11.27
C GLY G 187 16.03 38.41 -10.77
N GLU G 188 17.15 37.86 -10.30
CA GLU G 188 17.20 36.46 -9.89
C GLU G 188 16.65 36.26 -8.49
N ARG G 189 16.83 37.27 -7.65
CA ARG G 189 16.16 37.32 -6.35
C ARG G 189 15.18 38.48 -6.39
N ASN G 190 14.24 38.51 -5.46
CA ASN G 190 13.30 39.62 -5.42
C ASN G 190 13.47 40.37 -4.11
N VAL G 191 14.68 40.86 -3.87
CA VAL G 191 15.04 41.47 -2.59
C VAL G 191 14.25 42.74 -2.30
N HIS G 192 14.20 43.11 -1.02
CA HIS G 192 13.45 44.28 -0.59
C HIS G 192 14.24 45.56 -0.85
N GLY G 193 15.54 45.50 -0.57
CA GLY G 193 16.40 46.64 -0.76
C GLY G 193 17.85 46.38 -0.41
N PHE G 194 18.65 47.44 -0.41
CA PHE G 194 20.07 47.34 -0.14
C PHE G 194 20.43 48.25 1.03
N GLY G 195 21.23 47.74 1.97
CA GLY G 195 21.61 48.50 3.14
C GLY G 195 23.11 48.51 3.42
N VAL G 196 23.68 49.71 3.54
CA VAL G 196 25.13 49.86 3.71
C VAL G 196 25.51 50.64 4.97
N GLU G 197 26.79 50.58 5.33
CA GLU G 197 27.32 51.34 6.46
C GLU G 197 27.96 52.63 5.96
N THR G 198 28.15 52.72 4.65
CA THR G 198 28.69 53.92 4.03
C THR G 198 27.59 54.96 3.85
N ILE G 199 27.95 56.13 3.33
CA ILE G 199 26.99 57.20 3.14
C ILE G 199 26.42 57.15 1.71
N ASN G 200 26.67 56.03 1.04
CA ASN G 200 26.18 55.81 -0.31
C ASN G 200 25.96 54.32 -0.56
N THR G 201 24.81 53.97 -1.13
CA THR G 201 24.54 52.57 -1.45
C THR G 201 25.43 52.11 -2.60
N ASP G 202 25.78 53.04 -3.48
CA ASP G 202 26.68 52.76 -4.59
C ASP G 202 28.14 52.96 -4.20
N ALA G 203 29.03 52.26 -4.89
CA ALA G 203 30.46 52.49 -4.74
C ALA G 203 30.78 53.93 -5.14
N GLY G 204 31.70 54.55 -4.42
CA GLY G 204 32.04 55.94 -4.65
C GLY G 204 32.54 56.23 -6.04
N GLN G 205 33.18 55.26 -6.67
CA GLN G 205 33.78 55.46 -7.99
C GLN G 205 32.84 55.01 -9.11
N SER G 206 31.59 54.69 -8.77
CA SER G 206 30.63 54.22 -9.74
C SER G 206 30.01 55.37 -10.55
N TYR G 207 30.44 56.59 -10.26
CA TYR G 207 29.95 57.75 -10.98
C TYR G 207 30.48 57.75 -12.41
N ALA G 208 31.61 57.07 -12.62
CA ALA G 208 32.28 57.05 -13.91
C ALA G 208 32.01 55.78 -14.70
N TRP G 209 31.19 54.89 -14.13
CA TRP G 209 30.83 53.64 -14.78
C TRP G 209 29.88 53.93 -15.95
N PRO G 210 29.79 53.00 -16.93
CA PRO G 210 28.88 53.14 -18.07
C PRO G 210 27.47 53.52 -17.65
N LEU G 211 26.97 52.88 -16.60
CA LEU G 211 25.74 53.31 -15.96
C LEU G 211 26.07 53.84 -14.58
N ALA G 212 26.01 55.16 -14.43
CA ALA G 212 26.41 55.82 -13.18
C ALA G 212 25.47 55.46 -12.03
N TYR G 213 26.06 55.11 -10.89
CA TYR G 213 25.31 54.71 -9.69
C TYR G 213 24.24 53.66 -10.00
N PRO G 214 24.68 52.42 -10.30
CA PRO G 214 23.74 51.36 -10.69
C PRO G 214 22.72 51.01 -9.61
N CYS G 215 23.15 50.98 -8.35
CA CYS G 215 22.25 50.61 -7.26
C CYS G 215 21.11 51.63 -7.13
N HIS G 216 21.44 52.90 -6.99
CA HIS G 216 20.43 53.96 -6.97
C HIS G 216 19.53 53.90 -8.20
N THR G 217 20.14 53.73 -9.36
CA THR G 217 19.42 53.73 -10.62
C THR G 217 18.46 52.56 -10.75
N LEU G 218 18.97 51.34 -10.54
CA LEU G 218 18.21 50.13 -10.82
C LEU G 218 17.32 49.68 -9.66
N MET G 219 17.77 49.87 -8.42
CA MET G 219 16.97 49.46 -7.26
C MET G 219 15.74 50.34 -7.13
N HIS G 220 15.94 51.65 -7.19
CA HIS G 220 14.82 52.59 -7.15
C HIS G 220 14.00 52.49 -8.43
N GLY G 221 14.65 52.07 -9.51
CA GLY G 221 13.98 51.88 -10.78
C GLY G 221 13.09 50.65 -10.76
N ALA G 222 13.34 49.76 -9.80
CA ALA G 222 12.54 48.56 -9.63
C ALA G 222 11.56 48.71 -8.47
N ASN G 223 11.31 49.96 -8.10
CA ASN G 223 10.41 50.30 -6.98
C ASN G 223 10.85 49.64 -5.68
N ARG G 224 12.17 49.63 -5.45
CA ARG G 224 12.72 49.09 -4.20
C ARG G 224 13.42 50.20 -3.41
N TYR G 225 14.00 49.84 -2.27
CA TYR G 225 14.43 50.84 -1.29
C TYR G 225 15.90 50.69 -0.88
N GLY G 226 16.39 51.66 -0.11
CA GLY G 226 17.75 51.64 0.38
C GLY G 226 17.90 52.14 1.80
N LEU G 227 18.95 51.67 2.48
CA LEU G 227 19.30 52.14 3.81
C LEU G 227 20.78 52.51 3.85
N GLN G 228 21.10 53.62 4.50
CA GLN G 228 22.50 54.08 4.56
C GLN G 228 22.93 54.43 5.97
N CYS G 229 24.25 54.36 6.19
CA CYS G 229 24.87 54.67 7.49
C CYS G 229 24.33 53.81 8.63
N LEU G 230 24.22 52.51 8.38
CA LEU G 230 23.86 51.55 9.43
C LEU G 230 25.07 51.19 10.26
N LYS G 231 24.83 50.67 11.46
CA LYS G 231 25.90 50.17 12.32
C LYS G 231 25.47 48.91 13.07
N ASN G 232 26.40 48.32 13.82
CA ASN G 232 26.16 47.10 14.59
C ASN G 232 25.67 45.92 13.77
N LEU G 233 26.01 45.90 12.48
CA LEU G 233 25.67 44.75 11.64
C LEU G 233 26.42 43.50 12.11
N ASP G 234 27.49 43.71 12.87
CA ASP G 234 28.31 42.63 13.39
C ASP G 234 27.61 41.86 14.50
N GLN G 235 26.43 42.32 14.90
CA GLN G 235 25.67 41.66 15.95
C GLN G 235 24.47 40.89 15.40
N LEU G 236 24.32 40.92 14.08
CA LEU G 236 23.22 40.21 13.43
C LEU G 236 23.69 38.90 12.81
N PRO G 237 22.85 37.86 12.87
CA PRO G 237 23.14 36.60 12.21
C PRO G 237 23.08 36.74 10.69
N PRO G 238 23.72 35.82 9.95
CA PRO G 238 23.69 35.84 8.48
C PRO G 238 22.28 35.89 7.93
N ARG G 239 21.34 35.25 8.63
CA ARG G 239 19.93 35.31 8.26
C ARG G 239 19.07 35.08 9.50
N GLY G 240 17.80 35.48 9.42
CA GLY G 240 16.88 35.30 10.53
C GLY G 240 16.51 36.58 11.23
N ALA G 241 17.29 37.64 11.01
CA ALA G 241 17.01 38.92 11.63
C ALA G 241 15.78 39.58 10.98
N PHE G 242 15.01 40.31 11.78
CA PHE G 242 13.83 41.00 11.29
C PHE G 242 13.95 42.50 11.51
N ILE G 243 13.83 43.26 10.42
CA ILE G 243 14.14 44.69 10.46
C ILE G 243 12.92 45.59 10.58
N LEU G 244 12.96 46.51 11.54
CA LEU G 244 11.97 47.56 11.66
C LEU G 244 12.55 48.86 11.13
N ALA G 245 12.04 49.33 9.99
CA ALA G 245 12.57 50.53 9.35
C ALA G 245 11.47 51.41 8.78
N ALA G 246 10.80 52.16 9.65
CA ALA G 246 9.73 53.05 9.21
C ALA G 246 10.21 54.50 9.16
N PRO G 247 10.22 55.09 7.96
CA PRO G 247 10.67 56.47 7.75
C PRO G 247 9.62 57.50 8.17
N LEU G 248 10.06 58.74 8.42
CA LEU G 248 9.15 59.84 8.74
C LEU G 248 8.14 60.05 7.61
N LYS G 249 6.91 60.39 7.98
CA LYS G 249 5.87 60.60 6.99
C LYS G 249 5.94 62.03 6.43
N ILE G 250 7.03 62.32 5.71
CA ILE G 250 7.24 63.63 5.11
C ILE G 250 6.46 63.77 3.80
N GLU G 251 5.71 64.86 3.68
CA GLU G 251 4.85 65.09 2.52
C GLU G 251 5.64 65.12 1.21
N GLY G 252 5.55 64.04 0.45
CA GLY G 252 6.25 63.92 -0.82
C GLY G 252 7.75 63.80 -0.63
N GLY G 253 8.15 63.21 0.49
CA GLY G 253 9.56 63.09 0.82
C GLY G 253 10.27 61.99 0.06
N SER G 254 11.48 62.28 -0.39
CA SER G 254 12.30 61.30 -1.11
C SER G 254 12.98 60.34 -0.15
N GLY G 255 12.87 60.64 1.14
CA GLY G 255 13.49 59.84 2.17
C GLY G 255 13.47 60.59 3.48
N SER G 256 14.00 59.96 4.53
CA SER G 256 14.10 60.61 5.83
C SER G 256 15.06 59.88 6.74
N PRO G 257 15.62 60.58 7.73
CA PRO G 257 16.32 59.87 8.79
C PRO G 257 15.33 59.02 9.58
N LEU G 258 15.77 57.88 10.08
CA LEU G 258 14.87 57.01 10.83
C LEU G 258 15.63 56.17 11.85
N ARG G 259 14.89 55.56 12.76
CA ARG G 259 15.48 54.65 13.74
C ARG G 259 15.36 53.22 13.25
N VAL G 260 16.48 52.64 12.83
CA VAL G 260 16.46 51.26 12.34
C VAL G 260 16.73 50.26 13.46
N LEU G 261 15.78 49.36 13.69
CA LEU G 261 15.89 48.34 14.72
C LEU G 261 15.87 46.93 14.13
N ALA G 262 16.53 46.01 14.80
CA ALA G 262 16.57 44.62 14.36
C ALA G 262 16.17 43.67 15.48
N LEU G 263 15.16 42.84 15.22
CA LEU G 263 14.76 41.81 16.16
C LEU G 263 15.55 40.53 15.87
N VAL G 264 16.14 39.96 16.91
CA VAL G 264 16.98 38.77 16.75
C VAL G 264 16.60 37.72 17.78
N GLU G 265 16.50 36.46 17.34
CA GLU G 265 16.19 35.36 18.23
C GLU G 265 17.18 34.21 18.05
N SER H 5 16.76 23.66 24.51
CA SER H 5 16.00 23.94 23.29
C SER H 5 14.54 24.25 23.60
N THR H 6 14.26 24.58 24.87
CA THR H 6 12.89 24.79 25.33
C THR H 6 12.40 26.22 25.11
N THR H 7 12.47 26.67 23.85
CA THR H 7 11.97 28.00 23.49
C THR H 7 11.44 27.99 22.06
N PRO H 8 10.18 28.40 21.87
CA PRO H 8 9.51 28.44 20.57
C PRO H 8 10.15 29.43 19.59
N THR H 9 10.05 29.15 18.29
CA THR H 9 10.62 30.01 17.26
C THR H 9 9.55 30.99 16.75
N ILE H 10 9.70 32.26 17.14
CA ILE H 10 8.64 33.25 16.95
C ILE H 10 8.78 34.12 15.69
N LEU H 11 9.99 34.58 15.41
CA LEU H 11 10.23 35.50 14.29
C LEU H 11 9.86 34.95 12.90
N PRO H 12 10.19 33.67 12.61
CA PRO H 12 9.72 33.16 11.31
C PRO H 12 8.20 33.15 11.18
N ALA H 13 7.50 32.95 12.29
CA ALA H 13 6.04 32.98 12.29
C ALA H 13 5.52 34.40 12.09
N LEU H 14 6.21 35.37 12.66
CA LEU H 14 5.86 36.78 12.51
C LEU H 14 6.03 37.23 11.07
N ALA H 15 7.18 36.90 10.48
CA ALA H 15 7.48 37.28 9.11
C ALA H 15 6.48 36.66 8.12
N ALA H 16 6.17 35.39 8.33
CA ALA H 16 5.25 34.68 7.45
C ALA H 16 3.82 35.20 7.64
N GLY H 17 3.49 35.57 8.87
CA GLY H 17 2.16 36.09 9.18
C GLY H 17 1.89 37.42 8.49
N LEU H 18 2.90 38.28 8.44
CA LEU H 18 2.79 39.56 7.78
C LEU H 18 2.67 39.40 6.27
N ALA H 19 3.40 38.42 5.73
CA ALA H 19 3.44 38.21 4.29
C ALA H 19 2.11 37.64 3.77
N ARG H 20 1.53 36.70 4.49
CA ARG H 20 0.27 36.07 4.07
C ARG H 20 -0.94 36.91 4.42
N GLY H 21 -0.75 37.91 5.28
CA GLY H 21 -1.82 38.85 5.61
C GLY H 21 -2.58 38.54 6.89
N ASN H 22 -2.12 37.53 7.63
CA ASN H 22 -2.74 37.19 8.91
C ASN H 22 -2.53 38.31 9.92
N ILE H 23 -1.43 39.05 9.76
CA ILE H 23 -1.15 40.21 10.58
C ILE H 23 -1.10 41.45 9.70
N ARG H 24 -1.88 42.47 10.06
CA ARG H 24 -1.95 43.68 9.24
C ARG H 24 -1.21 44.85 9.90
N VAL H 25 -0.78 45.80 9.07
CA VAL H 25 -0.05 46.97 9.55
C VAL H 25 -0.92 48.23 9.46
N VAL H 26 -1.03 48.93 10.57
CA VAL H 26 -1.85 50.15 10.64
C VAL H 26 -0.99 51.39 10.88
N ASP H 27 -1.11 52.36 10.00
CA ASP H 27 -0.35 53.61 10.11
C ASP H 27 -1.04 54.57 11.08
N LEU H 28 -0.34 54.92 12.17
CA LEU H 28 -0.91 55.81 13.19
C LEU H 28 -0.31 57.21 13.13
N THR H 29 0.40 57.51 12.06
CA THR H 29 1.14 58.77 11.97
C THR H 29 0.44 59.81 11.10
N GLN H 30 0.44 61.06 11.57
CA GLN H 30 -0.02 62.19 10.78
C GLN H 30 1.07 62.62 9.82
N THR H 31 0.68 63.13 8.66
CA THR H 31 1.62 63.58 7.64
C THR H 31 2.35 64.86 8.07
N LEU H 32 3.66 64.88 7.89
CA LEU H 32 4.47 66.06 8.16
C LEU H 32 4.39 67.06 7.00
N SER H 33 3.97 68.28 7.31
CA SER H 33 3.84 69.32 6.30
C SER H 33 3.84 70.70 6.96
N PRO H 34 4.23 71.75 6.22
CA PRO H 34 4.26 73.11 6.76
C PRO H 34 2.90 73.64 7.21
N SER H 35 1.82 72.95 6.84
CA SER H 35 0.47 73.39 7.20
C SER H 35 0.00 72.76 8.51
N PHE H 36 0.76 71.80 9.02
CA PHE H 36 0.39 71.12 10.26
C PHE H 36 0.50 72.08 11.46
N PRO H 37 -0.53 72.07 12.32
CA PRO H 37 -0.62 72.94 13.49
C PRO H 37 0.60 72.89 14.41
N THR H 38 1.01 74.06 14.92
CA THR H 38 2.20 74.15 15.76
C THR H 38 1.86 74.59 17.17
N LEU H 39 2.45 73.93 18.16
CA LEU H 39 2.25 74.26 19.56
C LEU H 39 2.70 75.68 19.87
N GLN H 40 1.86 76.41 20.61
CA GLN H 40 2.17 77.79 20.96
C GLN H 40 2.10 78.02 22.47
N LEU H 41 3.20 78.51 23.03
CA LEU H 41 3.31 78.82 24.45
C LEU H 41 3.19 80.32 24.66
N PRO H 42 3.00 80.76 25.93
CA PRO H 42 3.07 82.19 26.24
C PRO H 42 4.36 82.83 25.73
N SER H 43 4.29 84.10 25.36
CA SER H 43 5.37 84.77 24.63
C SER H 43 6.71 84.84 25.37
N GLN H 44 6.67 84.78 26.70
CA GLN H 44 7.88 84.93 27.49
C GLN H 44 8.77 83.69 27.48
N PHE H 45 8.25 82.58 26.95
CA PHE H 45 9.02 81.34 26.88
C PHE H 45 9.48 81.04 25.45
N GLY H 46 10.43 80.13 25.32
CA GLY H 46 10.94 79.73 24.01
C GLY H 46 9.89 79.00 23.20
N GLN H 47 9.90 79.20 21.89
CA GLN H 47 8.87 78.61 21.03
C GLN H 47 9.45 77.54 20.12
N VAL H 48 8.66 76.50 19.87
CA VAL H 48 9.05 75.44 18.95
C VAL H 48 8.76 75.89 17.53
N GLN H 49 9.68 75.60 16.62
CA GLN H 49 9.55 76.02 15.23
C GLN H 49 8.67 75.04 14.46
N PRO H 50 7.78 75.56 13.59
CA PRO H 50 6.95 74.70 12.74
C PRO H 50 7.79 73.94 11.71
N PHE H 51 7.15 72.98 11.03
CA PHE H 51 7.85 72.20 10.01
C PHE H 51 8.05 73.03 8.75
N LYS H 52 9.31 73.25 8.38
CA LYS H 52 9.64 73.92 7.14
C LYS H 52 10.43 72.98 6.23
N ILE H 53 10.21 73.09 4.93
CA ILE H 53 10.89 72.23 3.97
C ILE H 53 11.20 72.98 2.67
N GLU H 54 12.42 72.78 2.17
CA GLU H 54 12.82 73.40 0.91
C GLU H 54 13.48 72.36 0.00
N ARG H 55 13.22 72.49 -1.29
CA ARG H 55 13.73 71.55 -2.27
C ARG H 55 15.20 71.84 -2.60
N ILE H 56 15.98 70.78 -2.81
CA ILE H 56 17.38 70.93 -3.21
C ILE H 56 17.52 70.79 -4.72
N SER H 57 16.88 69.76 -5.26
CA SER H 57 16.89 69.49 -6.69
C SER H 57 15.69 68.64 -7.09
N HIS H 58 15.27 68.77 -8.35
CA HIS H 58 14.13 68.02 -8.87
C HIS H 58 14.39 67.55 -10.29
N TYR H 59 15.38 66.66 -10.44
CA TYR H 59 15.82 66.17 -11.74
C TYR H 59 16.13 67.32 -12.69
N ASP H 60 16.85 68.33 -12.19
CA ASP H 60 17.17 69.51 -12.98
C ASP H 60 18.66 69.86 -12.92
N ALA H 61 18.96 71.15 -13.04
CA ALA H 61 20.35 71.61 -13.06
C ALA H 61 21.03 71.43 -11.70
N SER H 62 20.23 71.41 -10.64
CA SER H 62 20.75 71.26 -9.28
C SER H 62 20.95 69.80 -8.90
N GLY H 63 20.57 68.89 -9.79
CA GLY H 63 20.69 67.47 -9.56
C GLY H 63 19.97 66.69 -10.64
N PRO H 64 20.67 66.47 -11.78
CA PRO H 64 20.11 65.92 -13.03
C PRO H 64 19.31 64.63 -12.88
N ALA H 65 19.67 63.78 -11.92
CA ALA H 65 19.07 62.45 -11.86
C ALA H 65 18.39 62.13 -10.53
N TRP H 66 18.40 63.09 -9.60
CA TRP H 66 17.85 62.82 -8.28
C TRP H 66 16.98 63.93 -7.72
N TYR H 67 16.21 63.59 -6.68
CA TYR H 67 15.32 64.52 -6.02
C TYR H 67 15.42 64.35 -4.50
N TRP H 68 15.51 65.46 -3.78
CA TRP H 68 15.63 65.44 -2.33
C TRP H 68 15.38 66.82 -1.71
N ASN H 69 15.12 66.85 -0.40
CA ASN H 69 14.84 68.10 0.29
C ASN H 69 15.64 68.29 1.57
N ASN H 70 15.73 69.53 2.03
CA ASN H 70 16.17 69.85 3.37
C ASN H 70 14.95 70.24 4.19
N PHE H 71 14.92 69.89 5.48
CA PHE H 71 13.79 70.27 6.32
C PHE H 71 14.24 70.68 7.71
N SER H 72 13.37 71.40 8.42
CA SER H 72 13.67 71.86 9.77
C SER H 72 12.40 71.87 10.61
N CYS H 73 12.53 71.52 11.88
CA CYS H 73 11.39 71.48 12.79
C CYS H 73 11.87 71.37 14.23
N GLY H 74 10.93 71.10 15.14
CA GLY H 74 11.28 70.88 16.53
C GLY H 74 11.23 69.39 16.83
N GLU H 75 11.78 69.02 17.98
CA GLU H 75 11.68 67.64 18.44
C GLU H 75 10.23 67.25 18.64
N HIS H 76 9.43 68.21 19.11
CA HIS H 76 8.02 67.95 19.39
C HIS H 76 7.13 68.52 18.30
N THR H 77 7.34 68.05 17.07
CA THR H 77 6.54 68.49 15.93
C THR H 77 5.71 67.31 15.38
N GLY H 78 4.42 67.53 15.23
CA GLY H 78 3.54 66.51 14.68
C GLY H 78 3.46 65.26 15.54
N THR H 79 3.37 64.11 14.91
CA THR H 79 3.38 62.84 15.62
C THR H 79 4.76 62.60 16.21
N HIS H 80 4.92 62.88 17.50
CA HIS H 80 6.23 62.77 18.13
C HIS H 80 6.26 61.92 19.40
N PHE H 81 7.48 61.65 19.86
CA PHE H 81 7.73 60.84 21.04
C PHE H 81 8.22 61.73 22.16
N ASP H 82 7.70 61.53 23.38
CA ASP H 82 8.14 62.31 24.54
C ASP H 82 9.04 61.48 25.44
N ALA H 83 10.28 61.93 25.62
CA ALA H 83 11.23 61.25 26.48
C ALA H 83 11.15 61.81 27.92
N PRO H 84 11.55 61.01 28.91
CA PRO H 84 11.54 61.47 30.31
C PRO H 84 12.38 62.73 30.54
N ALA H 85 13.43 62.91 29.75
CA ALA H 85 14.31 64.06 29.88
C ALA H 85 13.61 65.37 29.51
N HIS H 86 12.48 65.26 28.81
CA HIS H 86 11.70 66.43 28.41
C HIS H 86 11.19 67.22 29.61
N TRP H 87 10.95 66.53 30.73
CA TRP H 87 10.44 67.21 31.93
C TRP H 87 11.45 67.17 33.07
N ILE H 88 11.36 68.16 33.95
CA ILE H 88 12.33 68.33 35.03
C ILE H 88 12.30 67.19 36.05
N THR H 89 11.16 66.51 36.14
CA THR H 89 11.02 65.41 37.08
C THR H 89 11.66 64.12 36.56
N GLY H 90 12.16 64.14 35.33
CA GLY H 90 12.79 62.98 34.74
C GLY H 90 14.20 63.22 34.26
N ARG H 91 14.79 64.35 34.65
CA ARG H 91 16.10 64.76 34.15
C ARG H 91 17.25 63.92 34.70
N ASP H 92 17.00 63.20 35.81
CA ASP H 92 18.07 62.49 36.50
C ASP H 92 18.06 60.98 36.26
N TYR H 93 17.09 60.50 35.50
CA TYR H 93 17.06 59.08 35.15
C TYR H 93 18.12 58.73 34.11
N PRO H 94 18.84 57.63 34.32
CA PRO H 94 19.76 57.11 33.30
C PRO H 94 18.99 56.63 32.08
N GLY H 95 19.47 56.93 30.88
CA GLY H 95 18.79 56.54 29.67
C GLY H 95 17.43 57.18 29.56
N ASN H 96 17.40 58.51 29.64
CA ASN H 96 16.14 59.26 29.65
C ASN H 96 15.93 60.08 28.38
N SER H 97 16.93 60.11 27.51
CA SER H 97 16.81 60.81 26.24
C SER H 97 16.69 59.81 25.08
N VAL H 98 16.21 60.27 23.93
CA VAL H 98 15.88 59.36 22.82
C VAL H 98 17.06 58.56 22.29
N ASP H 99 18.27 59.06 22.51
CA ASP H 99 19.47 58.36 22.06
C ASP H 99 20.01 57.40 23.10
N THR H 100 19.46 57.45 24.32
CA THR H 100 19.99 56.64 25.42
C THR H 100 18.96 55.66 25.98
N ILE H 101 17.69 55.87 25.69
CA ILE H 101 16.63 54.94 26.07
C ILE H 101 16.89 53.55 25.49
N ALA H 102 16.74 52.52 26.32
CA ALA H 102 16.88 51.14 25.85
C ALA H 102 15.92 50.86 24.71
N PRO H 103 16.43 50.29 23.60
CA PRO H 103 15.66 50.04 22.39
C PRO H 103 14.49 49.09 22.60
N GLU H 104 14.53 48.33 23.70
CA GLU H 104 13.45 47.40 24.02
C GLU H 104 12.15 48.14 24.31
N ASN H 105 12.27 49.41 24.70
CA ASN H 105 11.12 50.24 25.03
C ASN H 105 10.43 50.84 23.81
N PHE H 106 10.97 50.57 22.63
CA PHE H 106 10.41 51.13 21.40
C PHE H 106 9.35 50.21 20.80
N VAL H 107 9.23 49.01 21.37
CA VAL H 107 8.20 48.06 20.97
C VAL H 107 7.45 47.55 22.19
N ALA H 108 6.13 47.67 22.16
CA ALA H 108 5.31 47.34 23.33
C ALA H 108 3.84 47.16 22.98
N PRO H 109 3.13 46.32 23.74
CA PRO H 109 1.69 46.13 23.58
C PRO H 109 0.92 47.43 23.87
N ALA H 110 -0.37 47.43 23.58
CA ALA H 110 -1.18 48.63 23.83
C ALA H 110 -2.65 48.30 24.06
N VAL H 111 -3.30 49.15 24.85
CA VAL H 111 -4.75 49.10 25.01
C VAL H 111 -5.35 50.39 24.45
N VAL H 112 -6.59 50.31 23.99
CA VAL H 112 -7.25 51.46 23.41
C VAL H 112 -8.52 51.82 24.18
N ILE H 113 -8.47 52.92 24.92
CA ILE H 113 -9.64 53.41 25.64
C ILE H 113 -10.42 54.37 24.75
N ASP H 114 -11.64 53.95 24.37
CA ASP H 114 -12.48 54.76 23.50
C ASP H 114 -13.31 55.76 24.29
N ALA H 115 -13.18 57.04 23.94
CA ALA H 115 -13.93 58.09 24.61
C ALA H 115 -14.37 59.16 23.62
N SER H 116 -14.54 58.78 22.36
CA SER H 116 -14.92 59.71 21.31
C SER H 116 -16.31 60.29 21.53
N ALA H 117 -17.21 59.47 22.05
CA ALA H 117 -18.59 59.89 22.28
C ALA H 117 -18.69 60.94 23.38
N GLN H 118 -17.86 60.78 24.42
CA GLN H 118 -17.86 61.72 25.55
C GLN H 118 -17.23 63.06 25.17
N VAL H 119 -16.11 62.99 24.45
CA VAL H 119 -15.39 64.19 24.01
C VAL H 119 -16.24 65.01 23.03
N ARG H 120 -17.01 64.30 22.20
CA ARG H 120 -17.85 64.94 21.20
C ARG H 120 -18.92 65.83 21.84
N GLU H 121 -19.17 65.64 23.13
CA GLU H 121 -20.13 66.46 23.86
C GLU H 121 -19.44 67.44 24.81
N ASN H 122 -18.17 67.19 25.08
CA ASN H 122 -17.39 68.06 25.98
C ASN H 122 -15.93 68.14 25.56
N GLU H 123 -15.50 69.33 25.15
CA GLU H 123 -14.14 69.54 24.66
C GLU H 123 -13.10 69.48 25.78
N ASP H 124 -13.55 69.70 27.01
CA ASP H 124 -12.66 69.68 28.17
C ASP H 124 -12.88 68.44 29.02
N TRP H 125 -13.37 67.37 28.40
CA TRP H 125 -13.68 66.14 29.12
C TRP H 125 -12.43 65.54 29.76
N LEU H 126 -12.58 65.05 30.98
CA LEU H 126 -11.45 64.51 31.73
C LEU H 126 -11.55 63.00 31.93
N LEU H 127 -10.46 62.31 31.61
CA LEU H 127 -10.36 60.87 31.83
C LEU H 127 -10.16 60.58 33.32
N THR H 128 -11.12 59.91 33.94
CA THR H 128 -11.07 59.69 35.39
C THR H 128 -10.81 58.23 35.75
N VAL H 129 -10.58 57.99 37.04
CA VAL H 129 -10.34 56.65 37.55
C VAL H 129 -11.61 55.80 37.42
N ASP H 130 -12.76 56.44 37.63
CA ASP H 130 -14.05 55.77 37.48
C ASP H 130 -14.22 55.22 36.07
N PHE H 131 -13.83 56.00 35.08
CA PHE H 131 -13.97 55.60 33.68
C PHE H 131 -12.98 54.49 33.33
N LEU H 132 -11.78 54.56 33.89
CA LEU H 132 -10.76 53.54 33.62
C LEU H 132 -11.12 52.21 34.24
N GLN H 133 -11.64 52.25 35.48
CA GLN H 133 -12.06 51.03 36.16
C GLN H 133 -13.30 50.43 35.49
N ALA H 134 -14.14 51.29 34.93
CA ALA H 134 -15.29 50.83 34.18
C ALA H 134 -14.86 50.16 32.89
N TRP H 135 -13.76 50.65 32.31
CA TRP H 135 -13.20 50.08 31.10
C TRP H 135 -12.66 48.68 31.36
N GLU H 136 -12.14 48.47 32.55
CA GLU H 136 -11.60 47.17 32.93
C GLU H 136 -12.70 46.16 33.24
N GLN H 137 -13.85 46.66 33.69
CA GLN H 137 -15.00 45.81 33.94
C GLN H 137 -15.57 45.30 32.63
N ARG H 138 -15.23 45.98 31.54
CA ARG H 138 -15.76 45.66 30.23
C ARG H 138 -14.72 44.94 29.36
N HIS H 139 -13.48 45.41 29.42
CA HIS H 139 -12.44 44.91 28.52
C HIS H 139 -11.33 44.13 29.24
N GLY H 140 -11.37 44.13 30.57
CA GLY H 140 -10.37 43.40 31.34
C GLY H 140 -9.27 44.29 31.89
N ARG H 141 -8.39 43.69 32.69
CA ARG H 141 -7.31 44.42 33.35
C ARG H 141 -6.28 44.97 32.35
N ILE H 142 -5.83 46.20 32.61
CA ILE H 142 -4.78 46.81 31.79
C ILE H 142 -3.42 46.20 32.11
N PRO H 143 -2.77 45.60 31.11
CA PRO H 143 -1.51 44.87 31.31
C PRO H 143 -0.33 45.80 31.58
N ALA H 144 0.69 45.27 32.27
CA ALA H 144 1.89 46.04 32.56
C ALA H 144 2.78 46.17 31.32
N GLY H 145 3.46 47.31 31.20
CA GLY H 145 4.37 47.54 30.10
C GLY H 145 3.69 47.85 28.78
N ALA H 146 2.41 48.20 28.83
CA ALA H 146 1.63 48.46 27.63
C ALA H 146 1.25 49.92 27.50
N TRP H 147 1.21 50.42 26.26
CA TRP H 147 0.77 51.79 25.99
C TRP H 147 -0.68 51.97 26.39
N VAL H 148 -1.01 53.15 26.90
CA VAL H 148 -2.41 53.50 27.11
C VAL H 148 -2.79 54.56 26.07
N LEU H 149 -3.51 54.13 25.05
CA LEU H 149 -3.87 55.00 23.94
C LEU H 149 -5.23 55.64 24.14
N PHE H 150 -5.24 56.96 24.25
CA PHE H 150 -6.47 57.71 24.53
C PHE H 150 -7.19 58.10 23.25
N ARG H 151 -8.10 57.25 22.79
CA ARG H 151 -8.88 57.54 21.59
C ARG H 151 -9.94 58.59 21.87
N THR H 152 -9.94 59.65 21.06
CA THR H 152 -10.89 60.75 21.22
C THR H 152 -11.44 61.21 19.86
N ASP H 153 -10.96 60.59 18.78
CA ASP H 153 -11.32 60.97 17.42
C ASP H 153 -11.01 62.43 17.13
N TRP H 154 -10.00 62.96 17.81
CA TRP H 154 -9.61 64.36 17.68
C TRP H 154 -8.80 64.58 16.41
N SER H 155 -8.25 63.48 15.89
CA SER H 155 -7.40 63.54 14.70
C SER H 155 -8.19 63.87 13.44
N LEU H 156 -9.51 63.88 13.56
CA LEU H 156 -10.37 64.23 12.43
C LEU H 156 -10.45 65.74 12.26
N ARG H 157 -9.87 66.46 13.21
CA ARG H 157 -9.88 67.92 13.19
C ARG H 157 -8.60 68.49 12.58
N VAL H 158 -7.73 67.61 12.10
CA VAL H 158 -6.39 68.00 11.65
C VAL H 158 -6.44 68.92 10.42
N GLY H 159 -7.52 68.85 9.65
CA GLY H 159 -7.67 69.69 8.47
C GLY H 159 -7.86 71.14 8.81
N ASP H 160 -8.37 71.41 10.00
CA ASP H 160 -8.57 72.77 10.49
C ASP H 160 -7.65 73.04 11.67
N ALA H 161 -6.60 73.82 11.45
CA ALA H 161 -5.59 74.08 12.46
C ALA H 161 -6.15 74.78 13.70
N ALA H 162 -7.08 75.71 13.49
CA ALA H 162 -7.71 76.44 14.58
C ALA H 162 -8.60 75.51 15.40
N ALA H 163 -9.25 74.58 14.72
CA ALA H 163 -10.14 73.63 15.38
C ALA H 163 -9.35 72.52 16.08
N PHE H 164 -8.19 72.18 15.53
CA PHE H 164 -7.35 71.13 16.11
C PHE H 164 -6.74 71.59 17.43
N LEU H 165 -6.24 72.81 17.45
CA LEU H 165 -5.69 73.39 18.67
C LEU H 165 -6.82 73.78 19.62
N ASN H 166 -7.85 74.41 19.07
CA ASN H 166 -9.01 74.85 19.85
C ASN H 166 -8.60 75.76 21.00
N ILE H 167 -7.86 76.80 20.69
CA ILE H 167 -7.34 77.73 21.69
C ILE H 167 -8.14 79.02 21.75
N ARG H 168 -8.55 79.40 22.95
CA ARG H 168 -9.23 80.68 23.15
C ARG H 168 -8.41 81.58 24.08
N GLU H 169 -9.03 82.64 24.58
CA GLU H 169 -8.34 83.64 25.39
C GLU H 169 -7.88 83.10 26.74
N ASP H 170 -8.43 81.95 27.14
CA ASP H 170 -8.08 81.36 28.43
C ASP H 170 -7.33 80.04 28.28
N GLY H 171 -6.58 79.92 27.17
CA GLY H 171 -5.77 78.74 26.94
C GLY H 171 -6.41 77.73 26.01
N ALA H 172 -5.84 76.53 25.95
CA ALA H 172 -6.33 75.47 25.08
C ALA H 172 -7.43 74.66 25.76
N HIS H 173 -8.38 74.17 24.98
CA HIS H 173 -9.48 73.37 25.51
C HIS H 173 -9.50 71.98 24.90
N THR H 174 -8.72 71.07 25.48
CA THR H 174 -8.58 69.71 24.97
C THR H 174 -8.78 68.67 26.06
N PRO H 175 -9.19 67.45 25.69
CA PRO H 175 -9.35 66.36 26.65
C PRO H 175 -8.03 65.96 27.30
N GLY H 176 -8.10 65.23 28.40
CA GLY H 176 -6.91 64.79 29.11
C GLY H 176 -7.26 64.08 30.40
N PRO H 177 -6.27 63.39 30.99
CA PRO H 177 -6.49 62.66 32.24
C PRO H 177 -6.41 63.55 33.48
N THR H 178 -7.05 63.14 34.56
CA THR H 178 -6.91 63.84 35.84
C THR H 178 -5.64 63.36 36.53
N GLN H 179 -5.21 64.08 37.56
CA GLN H 179 -4.03 63.70 38.31
C GLN H 179 -4.21 62.33 38.95
N GLU H 180 -5.44 62.06 39.41
CA GLU H 180 -5.78 60.78 40.00
C GLU H 180 -5.64 59.65 38.98
N ALA H 181 -6.00 59.95 37.74
CA ALA H 181 -5.93 58.96 36.66
C ALA H 181 -4.48 58.63 36.33
N VAL H 182 -3.63 59.64 36.27
CA VAL H 182 -2.23 59.45 35.92
C VAL H 182 -1.51 58.63 36.99
N GLU H 183 -1.71 58.98 38.26
CA GLU H 183 -1.09 58.26 39.36
C GLU H 183 -1.57 56.80 39.43
N TRP H 184 -2.84 56.59 39.09
CA TRP H 184 -3.42 55.25 39.13
C TRP H 184 -2.83 54.38 38.02
N LEU H 185 -2.61 54.97 36.85
CA LEU H 185 -2.05 54.25 35.71
C LEU H 185 -0.57 53.90 35.93
N ILE H 186 0.10 54.63 36.80
CA ILE H 186 1.51 54.39 37.09
C ILE H 186 1.69 53.54 38.34
N GLY H 187 0.88 53.82 39.36
CA GLY H 187 1.02 53.16 40.64
C GLY H 187 0.39 51.79 40.74
N GLU H 188 -0.81 51.65 40.21
CA GLU H 188 -1.54 50.38 40.29
C GLU H 188 -1.33 49.54 39.05
N ARG H 189 -1.12 50.20 37.93
CA ARG H 189 -0.73 49.51 36.70
C ARG H 189 0.69 49.94 36.35
N ASN H 190 1.45 49.07 35.73
CA ASN H 190 2.82 49.42 35.36
C ASN H 190 2.90 49.76 33.88
N VAL H 191 2.10 50.74 33.47
CA VAL H 191 1.95 51.06 32.05
C VAL H 191 3.23 51.63 31.45
N HIS H 192 3.34 51.50 30.13
CA HIS H 192 4.51 51.96 29.40
C HIS H 192 4.48 53.48 29.24
N GLY H 193 3.31 54.02 28.93
CA GLY H 193 3.15 55.45 28.74
C GLY H 193 1.77 55.86 28.29
N PHE H 194 1.64 57.11 27.87
CA PHE H 194 0.35 57.66 27.48
C PHE H 194 0.37 58.18 26.04
N GLY H 195 -0.59 57.74 25.23
CA GLY H 195 -0.66 58.16 23.84
C GLY H 195 -1.99 58.82 23.49
N VAL H 196 -1.92 59.99 22.86
CA VAL H 196 -3.13 60.76 22.54
C VAL H 196 -3.19 61.16 21.07
N GLU H 197 -4.30 61.78 20.68
CA GLU H 197 -4.48 62.27 19.32
C GLU H 197 -4.33 63.78 19.27
N THR H 198 -4.32 64.41 20.45
CA THR H 198 -4.24 65.85 20.56
C THR H 198 -2.79 66.34 20.50
N ILE H 199 -2.61 67.65 20.67
CA ILE H 199 -1.29 68.27 20.60
C ILE H 199 -0.62 68.26 21.98
N ASN H 200 -1.32 67.72 22.96
CA ASN H 200 -0.81 67.66 24.34
C ASN H 200 -1.32 66.41 25.05
N THR H 201 -0.45 65.73 25.78
CA THR H 201 -0.85 64.55 26.55
C THR H 201 -1.77 64.96 27.69
N ASP H 202 -1.53 66.14 28.25
CA ASP H 202 -2.37 66.70 29.29
C ASP H 202 -3.58 67.43 28.71
N ALA H 203 -4.61 67.60 29.54
CA ALA H 203 -5.76 68.42 29.17
C ALA H 203 -5.28 69.86 29.01
N GLY H 204 -5.89 70.59 28.08
CA GLY H 204 -5.51 71.96 27.81
C GLY H 204 -5.63 72.86 29.03
N GLN H 205 -6.66 72.63 29.83
CA GLN H 205 -6.93 73.46 31.00
C GLN H 205 -6.17 73.00 32.24
N SER H 206 -5.34 71.97 32.09
CA SER H 206 -4.60 71.43 33.22
C SER H 206 -3.33 72.25 33.50
N TYR H 207 -3.17 73.36 32.78
CA TYR H 207 -2.06 74.27 33.03
C TYR H 207 -2.35 75.12 34.26
N ALA H 208 -3.63 75.29 34.58
CA ALA H 208 -4.05 76.15 35.67
C ALA H 208 -4.33 75.36 36.95
N TRP H 209 -4.22 74.04 36.86
CA TRP H 209 -4.37 73.18 38.03
C TRP H 209 -3.23 73.43 39.01
N PRO H 210 -3.49 73.25 40.32
CA PRO H 210 -2.47 73.46 41.35
C PRO H 210 -1.19 72.67 41.10
N LEU H 211 -1.31 71.49 40.51
CA LEU H 211 -0.15 70.77 39.99
C LEU H 211 -0.23 70.78 38.46
N ALA H 212 0.43 71.77 37.86
CA ALA H 212 0.34 72.01 36.42
C ALA H 212 0.86 70.85 35.60
N TYR H 213 0.06 70.43 34.62
CA TYR H 213 0.41 69.33 33.71
C TYR H 213 0.83 68.06 34.45
N PRO H 214 -0.13 67.41 35.14
CA PRO H 214 0.17 66.21 35.93
C PRO H 214 0.71 65.05 35.10
N CYS H 215 0.24 64.89 33.87
CA CYS H 215 0.66 63.76 33.06
C CYS H 215 2.14 63.88 32.68
N HIS H 216 2.54 65.05 32.19
CA HIS H 216 3.95 65.27 31.88
C HIS H 216 4.81 65.11 33.14
N THR H 217 4.34 65.67 34.24
CA THR H 217 5.11 65.67 35.48
C THR H 217 5.28 64.28 36.06
N LEU H 218 4.20 63.51 36.12
CA LEU H 218 4.23 62.20 36.79
C LEU H 218 4.69 61.06 35.89
N MET H 219 4.29 61.07 34.63
CA MET H 219 4.68 60.01 33.69
C MET H 219 6.18 60.07 33.44
N HIS H 220 6.67 61.26 33.11
CA HIS H 220 8.11 61.44 32.89
C HIS H 220 8.86 61.38 34.21
N GLY H 221 8.16 61.69 35.30
CA GLY H 221 8.75 61.60 36.62
C GLY H 221 8.91 60.15 37.04
N ALA H 222 8.13 59.27 36.42
CA ALA H 222 8.21 57.85 36.67
C ALA H 222 8.99 57.13 35.57
N ASN H 223 9.82 57.90 34.87
CA ASN H 223 10.65 57.37 33.78
C ASN H 223 9.83 56.65 32.71
N ARG H 224 8.64 57.18 32.41
CA ARG H 224 7.79 56.63 31.37
C ARG H 224 7.67 57.60 30.20
N TYR H 225 6.95 57.19 29.16
CA TYR H 225 7.00 57.89 27.88
C TYR H 225 5.64 58.41 27.42
N GLY H 226 5.64 59.11 26.29
CA GLY H 226 4.40 59.64 25.73
C GLY H 226 4.40 59.71 24.21
N LEU H 227 3.21 59.66 23.63
CA LEU H 227 3.04 59.83 22.19
C LEU H 227 1.95 60.86 21.92
N GLN H 228 2.21 61.77 20.99
CA GLN H 228 1.25 62.81 20.66
C GLN H 228 0.90 62.81 19.17
N CYS H 229 -0.28 63.34 18.86
CA CYS H 229 -0.78 63.44 17.48
C CYS H 229 -0.88 62.10 16.77
N LEU H 230 -1.55 61.13 17.40
CA LEU H 230 -1.81 59.84 16.77
C LEU H 230 -3.08 59.90 15.93
N LYS H 231 -3.25 58.94 15.02
CA LYS H 231 -4.46 58.84 14.22
C LYS H 231 -4.81 57.39 13.94
N ASN H 232 -6.01 57.17 13.40
CA ASN H 232 -6.50 55.84 13.07
C ASN H 232 -6.55 54.88 14.25
N LEU H 233 -6.85 55.40 15.43
CA LEU H 233 -7.01 54.55 16.61
C LEU H 233 -8.37 53.84 16.55
N ASP H 234 -9.19 54.24 15.59
CA ASP H 234 -10.51 53.66 15.40
C ASP H 234 -10.42 52.29 14.74
N GLN H 235 -9.22 51.92 14.29
CA GLN H 235 -9.01 50.64 13.63
C GLN H 235 -8.31 49.64 14.55
N LEU H 236 -8.05 50.04 15.78
CA LEU H 236 -7.38 49.18 16.74
C LEU H 236 -8.37 48.55 17.72
N PRO H 237 -8.14 47.27 18.07
CA PRO H 237 -8.93 46.55 19.07
C PRO H 237 -8.62 47.02 20.48
N PRO H 238 -9.54 46.82 21.43
CA PRO H 238 -9.31 47.18 22.83
C PRO H 238 -8.02 46.59 23.37
N ARG H 239 -7.74 45.34 23.00
CA ARG H 239 -6.51 44.67 23.41
C ARG H 239 -5.87 43.94 22.23
N GLY H 240 -4.57 43.64 22.36
CA GLY H 240 -3.89 42.83 21.38
C GLY H 240 -3.00 43.59 20.41
N ALA H 241 -3.18 44.90 20.33
CA ALA H 241 -2.39 45.71 19.41
C ALA H 241 -0.93 45.83 19.87
N PHE H 242 -0.01 45.70 18.92
CA PHE H 242 1.42 45.85 19.21
C PHE H 242 1.97 47.09 18.51
N ILE H 243 2.71 47.91 19.25
CA ILE H 243 3.12 49.22 18.74
C ILE H 243 4.61 49.35 18.46
N LEU H 244 4.93 49.80 17.24
CA LEU H 244 6.29 50.12 16.86
C LEU H 244 6.49 51.64 16.89
N ALA H 245 7.24 52.12 17.88
CA ALA H 245 7.47 53.55 18.03
C ALA H 245 8.93 53.84 18.40
N ALA H 246 9.78 53.87 17.38
CA ALA H 246 11.20 54.15 17.58
C ALA H 246 11.53 55.59 17.16
N PRO H 247 11.96 56.42 18.12
CA PRO H 247 12.28 57.82 17.87
C PRO H 247 13.65 58.00 17.21
N LEU H 248 13.86 59.16 16.58
CA LEU H 248 15.15 59.46 15.98
C LEU H 248 16.24 59.51 17.03
N LYS H 249 17.43 59.02 16.69
CA LYS H 249 18.53 58.97 17.64
C LYS H 249 19.25 60.32 17.72
N ILE H 250 18.51 61.35 18.14
CA ILE H 250 19.06 62.68 18.32
C ILE H 250 19.91 62.73 19.59
N GLU H 251 21.12 63.28 19.48
CA GLU H 251 22.03 63.36 20.63
C GLU H 251 21.44 64.18 21.77
N GLY H 252 21.09 63.49 22.85
CA GLY H 252 20.50 64.13 24.02
C GLY H 252 19.13 64.72 23.74
N GLY H 253 18.43 64.14 22.78
CA GLY H 253 17.12 64.63 22.38
C GLY H 253 16.04 64.36 23.41
N SER H 254 15.24 65.39 23.71
CA SER H 254 14.17 65.27 24.68
C SER H 254 12.94 64.61 24.07
N GLY H 255 13.01 64.34 22.76
CA GLY H 255 11.93 63.70 22.04
C GLY H 255 12.21 63.82 20.56
N SER H 256 11.34 63.25 19.72
CA SER H 256 11.50 63.34 18.28
C SER H 256 10.22 62.98 17.54
N PRO H 257 10.02 63.56 16.35
CA PRO H 257 8.95 63.07 15.49
C PRO H 257 9.29 61.66 15.03
N LEU H 258 8.28 60.82 14.80
CA LEU H 258 8.53 59.43 14.46
C LEU H 258 7.39 58.78 13.70
N ARG H 259 7.67 57.64 13.08
CA ARG H 259 6.65 56.87 12.38
C ARG H 259 6.09 55.79 13.31
N VAL H 260 4.88 56.00 13.79
CA VAL H 260 4.26 55.04 14.69
C VAL H 260 3.40 54.03 13.92
N LEU H 261 3.73 52.75 14.07
CA LEU H 261 2.98 51.68 13.41
C LEU H 261 2.37 50.74 14.44
N ALA H 262 1.25 50.11 14.05
CA ALA H 262 0.58 49.16 14.92
C ALA H 262 0.34 47.84 14.21
N LEU H 263 0.73 46.75 14.86
CA LEU H 263 0.47 45.41 14.33
C LEU H 263 -0.81 44.83 14.92
N VAL H 264 -1.70 44.37 14.04
CA VAL H 264 -2.96 43.79 14.48
C VAL H 264 -3.12 42.37 13.96
N GLU H 265 -3.44 41.46 14.87
CA GLU H 265 -3.58 40.04 14.52
C GLU H 265 -5.00 39.54 14.74
N ALA I 1 10.74 -9.76 9.58
CA ALA I 1 9.58 -10.64 9.63
C ALA I 1 8.81 -10.61 8.31
N MET I 2 7.48 -10.70 8.40
CA MET I 2 6.60 -10.74 7.23
C MET I 2 6.95 -11.90 6.30
N ALA I 3 6.25 -13.02 6.47
CA ALA I 3 6.53 -14.24 5.72
C ALA I 3 6.04 -14.17 4.27
N THR I 4 6.73 -14.89 3.39
CA THR I 4 6.38 -14.93 1.98
C THR I 4 6.04 -16.35 1.53
N SER I 5 5.49 -16.48 0.33
CA SER I 5 5.13 -17.79 -0.20
C SER I 5 6.34 -18.52 -0.74
N THR I 6 6.37 -19.84 -0.56
CA THR I 6 7.46 -20.66 -1.05
C THR I 6 7.37 -20.83 -2.57
N THR I 7 6.17 -20.64 -3.11
CA THR I 7 5.95 -20.75 -4.54
C THR I 7 5.17 -19.54 -5.05
N PRO I 8 5.90 -18.45 -5.36
CA PRO I 8 5.29 -17.22 -5.86
C PRO I 8 4.88 -17.32 -7.33
N THR I 9 3.79 -16.66 -7.69
CA THR I 9 3.30 -16.71 -9.06
C THR I 9 3.10 -15.31 -9.64
N ILE I 10 2.42 -14.44 -8.88
CA ILE I 10 2.01 -13.13 -9.36
C ILE I 10 3.18 -12.23 -9.74
N LEU I 11 4.06 -11.94 -8.78
CA LEU I 11 5.20 -11.06 -9.03
C LEU I 11 6.23 -11.61 -10.03
N PRO I 12 6.54 -12.92 -9.98
CA PRO I 12 7.43 -13.44 -11.03
C PRO I 12 6.86 -13.26 -12.44
N ALA I 13 5.54 -13.42 -12.58
CA ALA I 13 4.88 -13.22 -13.87
C ALA I 13 4.99 -11.76 -14.31
N LEU I 14 4.83 -10.85 -13.37
CA LEU I 14 4.96 -9.42 -13.63
C LEU I 14 6.37 -9.08 -14.11
N ALA I 15 7.37 -9.61 -13.42
CA ALA I 15 8.77 -9.36 -13.75
C ALA I 15 9.10 -9.87 -15.15
N ALA I 16 8.67 -11.09 -15.45
CA ALA I 16 8.94 -11.71 -16.74
C ALA I 16 8.23 -10.94 -17.87
N GLY I 17 6.98 -10.55 -17.62
CA GLY I 17 6.19 -9.83 -18.60
C GLY I 17 6.85 -8.52 -19.02
N LEU I 18 7.46 -7.83 -18.06
CA LEU I 18 8.16 -6.58 -18.35
C LEU I 18 9.43 -6.86 -19.15
N ALA I 19 10.09 -7.96 -18.82
CA ALA I 19 11.36 -8.30 -19.45
C ALA I 19 11.19 -8.79 -20.88
N ARG I 20 10.10 -9.51 -21.13
CA ARG I 20 9.86 -10.08 -22.47
C ARG I 20 9.06 -9.14 -23.36
N GLY I 21 8.47 -8.10 -22.79
CA GLY I 21 7.71 -7.13 -23.55
C GLY I 21 6.19 -7.32 -23.51
N ASN I 22 5.74 -8.36 -22.82
CA ASN I 22 4.30 -8.62 -22.69
C ASN I 22 3.61 -7.53 -21.90
N ILE I 23 4.34 -6.95 -20.95
CA ILE I 23 3.85 -5.80 -20.21
C ILE I 23 4.65 -4.58 -20.66
N ARG I 24 3.95 -3.54 -21.09
CA ARG I 24 4.61 -2.31 -21.52
C ARG I 24 4.40 -1.21 -20.50
N VAL I 25 5.41 -0.36 -20.33
CA VAL I 25 5.30 0.76 -19.42
C VAL I 25 5.08 2.06 -20.18
N VAL I 26 4.02 2.78 -19.84
CA VAL I 26 3.72 4.05 -20.47
C VAL I 26 3.87 5.20 -19.47
N ASP I 27 4.73 6.16 -19.82
CA ASP I 27 4.95 7.35 -19.01
C ASP I 27 3.79 8.33 -19.17
N LEU I 28 3.18 8.73 -18.07
CA LEU I 28 2.05 9.67 -18.14
C LEU I 28 2.43 11.04 -17.60
N THR I 29 3.73 11.27 -17.44
CA THR I 29 4.22 12.46 -16.76
C THR I 29 4.77 13.53 -17.70
N GLN I 30 4.39 14.78 -17.45
CA GLN I 30 4.97 15.93 -18.12
C GLN I 30 6.34 16.24 -17.54
N THR I 31 7.24 16.76 -18.37
CA THR I 31 8.58 17.11 -17.92
C THR I 31 8.54 18.36 -17.04
N LEU I 32 9.22 18.31 -15.90
CA LEU I 32 9.36 19.46 -15.03
C LEU I 32 10.44 20.41 -15.55
N SER I 33 10.02 21.60 -15.97
CA SER I 33 10.96 22.60 -16.49
C SER I 33 10.46 24.02 -16.19
N PRO I 34 11.37 25.01 -16.19
CA PRO I 34 11.00 26.40 -15.94
C PRO I 34 9.93 26.94 -16.90
N SER I 35 9.72 26.25 -18.02
CA SER I 35 8.80 26.72 -19.05
C SER I 35 7.40 26.13 -18.90
N PHE I 36 7.24 25.19 -17.98
CA PHE I 36 5.93 24.57 -17.76
C PHE I 36 4.96 25.56 -17.13
N PRO I 37 3.70 25.56 -17.61
CA PRO I 37 2.69 26.51 -17.13
C PRO I 37 2.47 26.45 -15.61
N THR I 38 2.34 27.63 -14.99
CA THR I 38 2.13 27.72 -13.56
C THR I 38 0.71 28.20 -13.25
N LEU I 39 0.05 27.51 -12.32
CA LEU I 39 -1.28 27.90 -11.89
C LEU I 39 -1.26 29.29 -11.27
N GLN I 40 -2.22 30.12 -11.64
CA GLN I 40 -2.30 31.47 -11.10
C GLN I 40 -3.72 31.82 -10.63
N LEU I 41 -3.82 32.20 -9.37
CA LEU I 41 -5.11 32.51 -8.75
C LEU I 41 -5.35 34.02 -8.74
N PRO I 42 -6.58 34.44 -8.41
CA PRO I 42 -6.83 35.86 -8.14
C PRO I 42 -5.81 36.43 -7.15
N SER I 43 -5.51 37.72 -7.29
CA SER I 43 -4.39 38.33 -6.58
C SER I 43 -4.51 38.33 -5.06
N GLN I 44 -5.72 38.26 -4.52
CA GLN I 44 -5.90 38.30 -3.08
C GLN I 44 -5.45 37.00 -2.40
N PHE I 45 -5.35 35.94 -3.19
CA PHE I 45 -4.94 34.62 -2.68
C PHE I 45 -3.43 34.44 -2.76
N GLY I 46 -2.91 33.51 -1.96
CA GLY I 46 -1.50 33.14 -2.03
C GLY I 46 -1.22 32.34 -3.30
N GLN I 47 -0.05 32.55 -3.87
CA GLN I 47 0.28 31.95 -5.16
C GLN I 47 1.33 30.85 -5.03
N VAL I 48 1.25 29.86 -5.91
CA VAL I 48 2.21 28.76 -5.94
C VAL I 48 3.41 29.14 -6.81
N GLN I 49 4.60 28.73 -6.38
CA GLN I 49 5.83 29.00 -7.13
C GLN I 49 5.90 28.22 -8.45
N PRO I 50 6.49 28.84 -9.47
CA PRO I 50 6.83 28.11 -10.70
C PRO I 50 8.03 27.19 -10.45
N PHE I 51 8.28 26.27 -11.39
CA PHE I 51 9.43 25.38 -11.25
C PHE I 51 10.73 26.13 -11.57
N LYS I 52 11.64 26.15 -10.60
CA LYS I 52 12.96 26.74 -10.80
C LYS I 52 14.04 25.71 -10.50
N ILE I 53 15.14 25.78 -11.23
CA ILE I 53 16.23 24.84 -11.05
C ILE I 53 17.57 25.55 -11.28
N GLU I 54 18.53 25.26 -10.40
CA GLU I 54 19.86 25.84 -10.52
C GLU I 54 20.94 24.78 -10.37
N ARG I 55 21.86 24.76 -11.32
CA ARG I 55 22.94 23.79 -11.35
C ARG I 55 23.94 24.03 -10.22
N ILE I 56 24.32 22.95 -9.53
CA ILE I 56 25.32 23.04 -8.48
C ILE I 56 26.73 22.84 -9.05
N SER I 57 26.87 21.84 -9.92
CA SER I 57 28.13 21.58 -10.60
C SER I 57 27.92 20.77 -11.86
N HIS I 58 28.85 20.88 -12.80
CA HIS I 58 28.79 20.12 -14.05
C HIS I 58 30.16 19.59 -14.42
N TYR I 59 30.68 18.68 -13.58
CA TYR I 59 32.02 18.11 -13.75
C TYR I 59 33.07 19.22 -13.87
N ASP I 60 32.94 20.25 -13.04
CA ASP I 60 33.83 21.40 -13.09
C ASP I 60 34.44 21.71 -11.73
N ALA I 61 34.76 22.99 -11.50
CA ALA I 61 35.41 23.40 -10.26
C ALA I 61 34.51 23.22 -9.03
N SER I 62 33.20 23.32 -9.24
CA SER I 62 32.23 23.20 -8.15
C SER I 62 31.95 21.74 -7.80
N GLY I 63 32.43 20.83 -8.64
CA GLY I 63 32.19 19.41 -8.46
C GLY I 63 32.84 18.60 -9.56
N PRO I 64 34.14 18.33 -9.43
CA PRO I 64 35.04 17.76 -10.45
C PRO I 64 34.52 16.50 -11.14
N ALA I 65 33.85 15.62 -10.41
CA ALA I 65 33.47 14.33 -10.97
C ALA I 65 31.97 14.07 -10.95
N TRP I 66 31.18 15.11 -10.69
CA TRP I 66 29.74 14.92 -10.60
C TRP I 66 28.90 16.10 -11.08
N TYR I 67 27.67 15.81 -11.43
CA TYR I 67 26.70 16.79 -11.91
C TYR I 67 25.40 16.63 -11.14
N TRP I 68 24.84 17.73 -10.65
CA TRP I 68 23.57 17.71 -9.93
C TRP I 68 22.98 19.11 -9.74
N ASN I 69 21.69 19.16 -9.39
CA ASN I 69 20.98 20.44 -9.29
C ASN I 69 20.24 20.64 -7.97
N ASN I 70 19.90 21.90 -7.71
CA ASN I 70 18.91 22.25 -6.69
C ASN I 70 17.67 22.77 -7.41
N PHE I 71 16.49 22.47 -6.88
CA PHE I 71 15.28 22.96 -7.51
C PHE I 71 14.24 23.40 -6.47
N SER I 72 13.21 24.09 -6.96
CA SER I 72 12.14 24.58 -6.12
C SER I 72 10.85 24.63 -6.90
N CYS I 73 9.74 24.36 -6.22
CA CYS I 73 8.40 24.48 -6.81
C CYS I 73 7.34 24.40 -5.74
N GLY I 74 6.12 24.07 -6.14
CA GLY I 74 5.03 23.88 -5.21
C GLY I 74 4.58 22.44 -5.20
N GLU I 75 3.76 22.09 -4.21
CA GLU I 75 3.20 20.74 -4.13
C GLU I 75 2.36 20.44 -5.38
N HIS I 76 1.76 21.48 -5.94
CA HIS I 76 0.86 21.30 -7.07
C HIS I 76 1.45 21.87 -8.36
N THR I 77 2.65 21.39 -8.70
CA THR I 77 3.34 21.81 -9.89
C THR I 77 3.47 20.65 -10.89
N GLY I 78 3.09 20.91 -12.15
CA GLY I 78 3.17 19.91 -13.19
C GLY I 78 2.28 18.71 -12.92
N THR I 79 2.70 17.54 -13.39
CA THR I 79 2.00 16.30 -13.09
C THR I 79 2.10 16.05 -11.59
N HIS I 80 0.99 16.23 -10.88
CA HIS I 80 1.02 16.08 -9.44
C HIS I 80 -0.20 15.33 -8.88
N PHE I 81 -0.11 15.02 -7.59
CA PHE I 81 -1.09 14.23 -6.87
C PHE I 81 -1.81 15.11 -5.87
N ASP I 82 -3.13 14.98 -5.79
CA ASP I 82 -3.92 15.75 -4.82
C ASP I 82 -4.39 14.86 -3.67
N ALA I 83 -3.93 15.14 -2.46
CA ALA I 83 -4.36 14.41 -1.27
C ALA I 83 -5.60 15.08 -0.65
N PRO I 84 -6.42 14.31 0.09
CA PRO I 84 -7.65 14.83 0.69
C PRO I 84 -7.47 16.04 1.62
N ALA I 85 -6.31 16.16 2.25
CA ALA I 85 -6.07 17.28 3.17
C ALA I 85 -5.99 18.61 2.42
N HIS I 86 -5.79 18.54 1.10
CA HIS I 86 -5.70 19.73 0.27
C HIS I 86 -6.95 20.60 0.37
N TRP I 87 -8.10 19.95 0.49
CA TRP I 87 -9.37 20.66 0.60
C TRP I 87 -9.91 20.61 2.02
N ILE I 88 -10.75 21.57 2.38
CA ILE I 88 -11.22 21.70 3.75
C ILE I 88 -12.18 20.55 4.12
N THR I 89 -12.82 19.97 3.12
CA THR I 89 -13.77 18.89 3.36
C THR I 89 -13.08 17.56 3.67
N GLY I 90 -11.76 17.52 3.49
CA GLY I 90 -11.00 16.32 3.76
C GLY I 90 -10.01 16.45 4.91
N ARG I 91 -10.13 17.54 5.66
CA ARG I 91 -9.14 17.84 6.70
C ARG I 91 -9.17 16.88 7.89
N ASP I 92 -10.33 16.27 8.15
CA ASP I 92 -10.50 15.47 9.37
C ASP I 92 -10.41 13.96 9.17
N TYR I 93 -10.09 13.52 7.97
CA TYR I 93 -9.87 12.10 7.73
C TYR I 93 -8.49 11.67 8.20
N PRO I 94 -8.37 10.43 8.71
CA PRO I 94 -7.07 9.83 9.01
C PRO I 94 -6.32 9.47 7.73
N GLY I 95 -5.01 9.67 7.72
CA GLY I 95 -4.19 9.36 6.54
C GLY I 95 -4.61 10.14 5.32
N ASN I 96 -4.67 11.46 5.44
CA ASN I 96 -5.20 12.32 4.40
C ASN I 96 -4.13 13.20 3.75
N SER I 97 -2.89 13.01 4.16
CA SER I 97 -1.76 13.73 3.58
C SER I 97 -0.82 12.73 2.92
N VAL I 98 0.02 13.23 2.00
CA VAL I 98 0.84 12.35 1.15
C VAL I 98 1.81 11.47 1.94
N ASP I 99 2.09 11.83 3.19
CA ASP I 99 3.00 11.04 4.01
C ASP I 99 2.26 10.08 4.93
N THR I 100 0.93 10.17 4.98
CA THR I 100 0.14 9.33 5.88
C THR I 100 -0.89 8.48 5.16
N ILE I 101 -1.08 8.72 3.86
CA ILE I 101 -1.98 7.91 3.06
C ILE I 101 -1.43 6.48 2.97
N ALA I 102 -2.29 5.50 3.18
CA ALA I 102 -1.90 4.09 3.11
C ALA I 102 -1.30 3.77 1.74
N PRO I 103 -0.07 3.22 1.73
CA PRO I 103 0.71 2.91 0.52
C PRO I 103 -0.06 2.10 -0.51
N GLU I 104 -1.01 1.28 -0.06
CA GLU I 104 -1.83 0.47 -0.96
C GLU I 104 -2.62 1.33 -1.96
N ASN I 105 -2.85 2.59 -1.59
CA ASN I 105 -3.60 3.50 -2.44
C ASN I 105 -2.77 4.12 -3.56
N PHE I 106 -1.48 3.78 -3.59
CA PHE I 106 -0.59 4.34 -4.60
C PHE I 106 -0.50 3.45 -5.84
N VAL I 107 -1.23 2.33 -5.80
CA VAL I 107 -1.35 1.44 -6.96
C VAL I 107 -2.83 1.09 -7.16
N ALA I 108 -3.32 1.26 -8.39
CA ALA I 108 -4.73 1.05 -8.67
C ALA I 108 -5.00 0.90 -10.16
N PRO I 109 -6.05 0.14 -10.51
CA PRO I 109 -6.49 0.04 -11.91
C PRO I 109 -7.06 1.36 -12.39
N ALA I 110 -7.27 1.50 -13.69
CA ALA I 110 -7.86 2.72 -14.22
C ALA I 110 -8.74 2.48 -15.44
N VAL I 111 -9.77 3.30 -15.58
CA VAL I 111 -10.53 3.36 -16.82
C VAL I 111 -10.23 4.70 -17.49
N VAL I 112 -10.13 4.69 -18.81
CA VAL I 112 -9.81 5.91 -19.54
C VAL I 112 -11.00 6.33 -20.38
N ILE I 113 -11.50 7.53 -20.13
CA ILE I 113 -12.68 8.03 -20.81
C ILE I 113 -12.33 9.10 -21.82
N ASP I 114 -12.52 8.76 -23.10
CA ASP I 114 -12.12 9.64 -24.20
C ASP I 114 -13.21 10.65 -24.53
N ALA I 115 -12.89 11.92 -24.34
CA ALA I 115 -13.81 13.00 -24.68
C ALA I 115 -13.09 14.05 -25.52
N SER I 116 -11.96 13.66 -26.11
CA SER I 116 -11.11 14.59 -26.85
C SER I 116 -11.84 15.24 -28.03
N ALA I 117 -12.67 14.46 -28.72
CA ALA I 117 -13.42 14.99 -29.87
C ALA I 117 -14.41 16.06 -29.43
N GLN I 118 -15.02 15.86 -28.27
CA GLN I 118 -16.00 16.81 -27.74
C GLN I 118 -15.32 18.10 -27.28
N VAL I 119 -14.18 17.97 -26.60
CA VAL I 119 -13.43 19.13 -26.12
C VAL I 119 -12.90 19.96 -27.28
N ARG I 120 -12.60 19.28 -28.39
CA ARG I 120 -12.05 19.94 -29.56
C ARG I 120 -13.03 20.92 -30.18
N GLU I 121 -14.31 20.76 -29.84
CA GLU I 121 -15.35 21.66 -30.34
C GLU I 121 -15.89 22.57 -29.24
N ASN I 122 -15.58 22.25 -27.99
CA ASN I 122 -16.02 23.04 -26.84
C ASN I 122 -15.05 22.91 -25.68
N GLU I 123 -14.33 24.00 -25.39
CA GLU I 123 -13.34 23.99 -24.33
C GLU I 123 -13.96 23.95 -22.94
N ASP I 124 -15.26 24.20 -22.85
CA ASP I 124 -15.97 24.16 -21.57
C ASP I 124 -16.86 22.93 -21.45
N TRP I 125 -16.57 21.91 -22.25
CA TRP I 125 -17.40 20.70 -22.31
C TRP I 125 -17.49 20.01 -20.94
N LEU I 126 -18.69 19.59 -20.59
CA LEU I 126 -18.92 18.99 -19.28
C LEU I 126 -19.15 17.48 -19.35
N LEU I 127 -18.45 16.75 -18.50
CA LEU I 127 -18.65 15.31 -18.36
C LEU I 127 -19.91 15.05 -17.54
N THR I 128 -20.87 14.35 -18.15
CA THR I 128 -22.16 14.12 -17.53
C THR I 128 -22.39 12.66 -17.17
N VAL I 129 -23.43 12.42 -16.37
CA VAL I 129 -23.79 11.06 -15.97
C VAL I 129 -24.25 10.25 -17.20
N ASP I 130 -25.02 10.89 -18.06
CA ASP I 130 -25.51 10.24 -19.28
C ASP I 130 -24.34 9.75 -20.15
N PHE I 131 -23.30 10.56 -20.25
CA PHE I 131 -22.12 10.19 -21.03
C PHE I 131 -21.42 8.98 -20.42
N LEU I 132 -21.25 9.00 -19.10
CA LEU I 132 -20.62 7.90 -18.39
C LEU I 132 -21.42 6.60 -18.54
N GLN I 133 -22.74 6.70 -18.42
CA GLN I 133 -23.60 5.54 -18.53
C GLN I 133 -23.53 4.94 -19.92
N ALA I 134 -23.47 5.79 -20.94
CA ALA I 134 -23.30 5.34 -22.32
C ALA I 134 -21.96 4.67 -22.49
N TRP I 135 -20.94 5.21 -21.81
CA TRP I 135 -19.60 4.65 -21.87
C TRP I 135 -19.60 3.22 -21.34
N GLU I 136 -20.33 2.99 -20.25
CA GLU I 136 -20.39 1.67 -19.63
C GLU I 136 -21.03 0.62 -20.54
N GLN I 137 -21.89 1.06 -21.44
CA GLN I 137 -22.52 0.12 -22.39
C GLN I 137 -21.48 -0.44 -23.36
N ARG I 138 -20.45 0.34 -23.64
CA ARG I 138 -19.45 -0.03 -24.63
C ARG I 138 -18.20 -0.64 -24.03
N HIS I 139 -17.87 -0.26 -22.80
CA HIS I 139 -16.61 -0.68 -22.20
C HIS I 139 -16.78 -1.39 -20.86
N GLY I 140 -18.03 -1.60 -20.46
CA GLY I 140 -18.32 -2.29 -19.22
C GLY I 140 -18.42 -1.39 -18.01
N ARG I 141 -18.88 -1.95 -16.90
CA ARG I 141 -19.09 -1.22 -15.66
C ARG I 141 -17.77 -0.78 -15.03
N ILE I 142 -17.71 0.49 -14.62
CA ILE I 142 -16.54 1.02 -13.93
C ILE I 142 -16.34 0.34 -12.57
N PRO I 143 -15.20 -0.35 -12.41
CA PRO I 143 -14.97 -1.14 -11.19
C PRO I 143 -14.59 -0.27 -9.99
N ALA I 144 -14.92 -0.74 -8.80
CA ALA I 144 -14.63 0.00 -7.58
C ALA I 144 -13.12 0.06 -7.32
N GLY I 145 -12.67 1.19 -6.78
CA GLY I 145 -11.26 1.37 -6.45
C GLY I 145 -10.38 1.66 -7.65
N ALA I 146 -11.00 2.05 -8.76
CA ALA I 146 -10.25 2.36 -9.98
C ALA I 146 -10.17 3.86 -10.23
N TRP I 147 -9.06 4.29 -10.80
CA TRP I 147 -8.93 5.67 -11.28
C TRP I 147 -9.86 5.91 -12.45
N VAL I 148 -10.53 7.06 -12.45
CA VAL I 148 -11.21 7.51 -13.65
C VAL I 148 -10.35 8.57 -14.31
N LEU I 149 -9.67 8.18 -15.40
CA LEU I 149 -8.82 9.11 -16.12
C LEU I 149 -9.61 9.78 -17.26
N PHE I 150 -9.71 11.11 -17.18
CA PHE I 150 -10.49 11.90 -18.13
C PHE I 150 -9.63 12.37 -19.30
N ARG I 151 -9.68 11.65 -20.41
CA ARG I 151 -8.86 12.03 -21.56
C ARG I 151 -9.48 13.14 -22.39
N THR I 152 -8.73 14.22 -22.57
CA THR I 152 -9.21 15.37 -23.33
C THR I 152 -8.20 15.83 -24.37
N ASP I 153 -7.02 15.20 -24.38
CA ASP I 153 -5.91 15.57 -25.25
C ASP I 153 -5.42 16.98 -24.98
N TRP I 154 -5.81 17.53 -23.84
CA TRP I 154 -5.43 18.87 -23.42
C TRP I 154 -3.92 19.01 -23.24
N SER I 155 -3.26 17.91 -22.93
CA SER I 155 -1.82 17.91 -22.66
C SER I 155 -0.98 18.37 -23.87
N LEU I 156 -1.60 18.39 -25.05
CA LEU I 156 -0.91 18.85 -26.25
C LEU I 156 -0.73 20.36 -26.27
N ARG I 157 -1.38 21.05 -25.34
CA ARG I 157 -1.29 22.51 -25.25
C ARG I 157 -0.06 22.97 -24.45
N VAL I 158 0.68 22.01 -23.91
CA VAL I 158 1.72 22.30 -22.92
C VAL I 158 2.81 23.24 -23.44
N GLY I 159 3.02 23.25 -24.75
CA GLY I 159 4.03 24.12 -25.35
C GLY I 159 3.63 25.58 -25.28
N ASP I 160 2.33 25.82 -25.14
CA ASP I 160 1.79 27.17 -25.06
C ASP I 160 1.11 27.36 -23.70
N ALA I 161 1.80 28.04 -22.79
CA ALA I 161 1.29 28.24 -21.44
C ALA I 161 -0.04 29.00 -21.43
N ALA I 162 -0.18 29.96 -22.35
CA ALA I 162 -1.41 30.74 -22.45
C ALA I 162 -2.60 29.84 -22.81
N ALA I 163 -2.37 28.93 -23.76
CA ALA I 163 -3.40 28.02 -24.22
C ALA I 163 -3.69 26.94 -23.18
N PHE I 164 -2.65 26.55 -22.44
CA PHE I 164 -2.78 25.47 -21.47
C PHE I 164 -3.66 25.89 -20.29
N LEU I 165 -3.49 27.12 -19.83
CA LEU I 165 -4.31 27.65 -18.75
C LEU I 165 -5.64 28.19 -19.29
N ASN I 166 -5.60 28.72 -20.51
CA ASN I 166 -6.78 29.23 -21.21
C ASN I 166 -7.63 30.18 -20.37
N ILE I 167 -7.03 31.30 -19.98
CA ILE I 167 -7.72 32.24 -19.10
C ILE I 167 -8.21 33.47 -19.84
N ARG I 168 -9.49 33.76 -19.69
CA ARG I 168 -10.10 34.97 -20.23
C ARG I 168 -10.55 35.88 -19.11
N GLU I 169 -11.33 36.92 -19.43
CA GLU I 169 -11.69 37.92 -18.43
C GLU I 169 -12.61 37.37 -17.33
N ASP I 170 -13.22 36.23 -17.59
CA ASP I 170 -14.14 35.63 -16.62
C ASP I 170 -13.63 34.29 -16.11
N GLY I 171 -12.31 34.13 -16.08
CA GLY I 171 -11.69 32.94 -15.50
C GLY I 171 -11.20 31.94 -16.52
N ALA I 172 -10.85 30.76 -16.04
CA ALA I 172 -10.35 29.70 -16.92
C ALA I 172 -11.50 28.96 -17.60
N HIS I 173 -11.31 28.65 -18.87
CA HIS I 173 -12.28 27.87 -19.63
C HIS I 173 -11.69 26.52 -19.97
N THR I 174 -12.03 25.52 -19.16
CA THR I 174 -11.47 24.19 -19.28
C THR I 174 -12.55 23.14 -19.03
N PRO I 175 -12.40 21.93 -19.59
CA PRO I 175 -13.41 20.90 -19.40
C PRO I 175 -13.40 20.31 -17.98
N GLY I 176 -14.46 19.62 -17.61
CA GLY I 176 -14.57 19.03 -16.29
C GLY I 176 -15.93 18.38 -16.06
N PRO I 177 -16.05 17.64 -14.95
CA PRO I 177 -17.30 16.93 -14.63
C PRO I 177 -18.36 17.81 -13.99
N THR I 178 -19.62 17.44 -14.19
CA THR I 178 -20.74 18.10 -13.50
C THR I 178 -20.77 17.59 -12.06
N GLN I 179 -21.51 18.27 -11.20
CA GLN I 179 -21.62 17.83 -9.81
C GLN I 179 -22.29 16.45 -9.74
N GLU I 180 -23.31 16.25 -10.56
CA GLU I 180 -24.01 14.98 -10.60
C GLU I 180 -23.07 13.85 -11.02
N ALA I 181 -22.13 14.18 -11.90
CA ALA I 181 -21.16 13.19 -12.37
C ALA I 181 -20.20 12.79 -11.27
N VAL I 182 -19.72 13.76 -10.50
CA VAL I 182 -18.83 13.49 -9.38
C VAL I 182 -19.53 12.63 -8.33
N GLU I 183 -20.76 13.02 -7.98
CA GLU I 183 -21.55 12.30 -6.99
C GLU I 183 -21.83 10.86 -7.42
N TRP I 184 -22.11 10.69 -8.71
CA TRP I 184 -22.39 9.36 -9.27
C TRP I 184 -21.16 8.44 -9.20
N LEU I 185 -20.02 8.97 -9.63
CA LEU I 185 -18.77 8.21 -9.60
C LEU I 185 -18.41 7.76 -8.18
N ILE I 186 -18.67 8.63 -7.21
CA ILE I 186 -18.37 8.33 -5.82
C ILE I 186 -19.39 7.40 -5.20
N GLY I 187 -20.67 7.77 -5.29
CA GLY I 187 -21.73 7.05 -4.62
C GLY I 187 -22.19 5.77 -5.29
N GLU I 188 -22.14 5.72 -6.61
CA GLU I 188 -22.66 4.57 -7.34
C GLU I 188 -21.57 3.65 -7.87
N ARG I 189 -20.34 4.16 -7.97
CA ARG I 189 -19.25 3.38 -8.54
C ARG I 189 -18.04 3.25 -7.62
N ASN I 190 -17.99 4.10 -6.59
CA ASN I 190 -16.96 4.01 -5.54
C ASN I 190 -15.54 4.04 -6.11
N VAL I 191 -15.25 5.04 -6.93
CA VAL I 191 -13.97 5.13 -7.62
C VAL I 191 -12.83 5.55 -6.71
N HIS I 192 -11.60 5.34 -7.17
CA HIS I 192 -10.40 5.67 -6.42
C HIS I 192 -10.12 7.17 -6.45
N GLY I 193 -10.39 7.78 -7.60
CA GLY I 193 -10.15 9.20 -7.77
C GLY I 193 -10.35 9.66 -9.21
N PHE I 194 -10.01 10.91 -9.48
CA PHE I 194 -10.24 11.52 -10.78
C PHE I 194 -8.95 12.12 -11.33
N GLY I 195 -8.56 11.70 -12.53
CA GLY I 195 -7.35 12.19 -13.16
C GLY I 195 -7.60 12.94 -14.45
N VAL I 196 -6.93 14.08 -14.63
CA VAL I 196 -7.13 14.93 -15.80
C VAL I 196 -5.83 15.36 -16.45
N GLU I 197 -5.93 15.93 -17.65
CA GLU I 197 -4.78 16.45 -18.38
C GLU I 197 -4.60 17.94 -18.15
N THR I 198 -5.58 18.57 -17.50
CA THR I 198 -5.54 20.00 -17.24
C THR I 198 -4.87 20.30 -15.89
N ILE I 199 -4.81 21.59 -15.54
CA ILE I 199 -4.22 22.06 -14.28
C ILE I 199 -5.29 22.07 -13.18
N ASN I 200 -6.45 21.52 -13.50
CA ASN I 200 -7.56 21.48 -12.55
C ASN I 200 -8.47 20.30 -12.83
N THR I 201 -8.79 19.52 -11.79
CA THR I 201 -9.71 18.40 -11.96
C THR I 201 -11.12 18.90 -12.21
N ASP I 202 -11.41 20.12 -11.77
CA ASP I 202 -12.71 20.75 -11.96
C ASP I 202 -12.77 21.56 -13.24
N ALA I 203 -13.98 21.74 -13.77
CA ALA I 203 -14.20 22.66 -14.88
C ALA I 203 -13.83 24.07 -14.45
N GLY I 204 -13.12 24.80 -15.32
CA GLY I 204 -12.65 26.13 -14.98
C GLY I 204 -13.73 27.09 -14.53
N GLN I 205 -14.93 26.92 -15.09
CA GLN I 205 -16.05 27.82 -14.81
C GLN I 205 -16.90 27.34 -13.65
N SER I 206 -16.44 26.33 -12.92
CA SER I 206 -17.23 25.75 -11.85
C SER I 206 -17.12 26.54 -10.55
N TYR I 207 -16.33 27.61 -10.58
CA TYR I 207 -16.22 28.50 -9.42
C TYR I 207 -17.53 29.21 -9.16
N ALA I 208 -18.35 29.33 -10.21
CA ALA I 208 -19.60 30.08 -10.12
C ALA I 208 -20.82 29.16 -9.92
N TRP I 209 -20.58 27.85 -9.87
CA TRP I 209 -21.65 26.89 -9.64
C TRP I 209 -22.16 27.00 -8.21
N PRO I 210 -23.41 26.55 -7.95
CA PRO I 210 -23.99 26.56 -6.61
C PRO I 210 -23.07 25.91 -5.57
N LEU I 211 -22.37 24.86 -5.97
CA LEU I 211 -21.28 24.30 -5.17
C LEU I 211 -19.97 24.46 -5.95
N ALA I 212 -19.13 25.39 -5.52
CA ALA I 212 -17.91 25.71 -6.24
C ALA I 212 -16.91 24.55 -6.21
N TYR I 213 -16.37 24.24 -7.38
CA TYR I 213 -15.40 23.15 -7.55
C TYR I 213 -15.87 21.84 -6.92
N PRO I 214 -16.92 21.23 -7.51
CA PRO I 214 -17.55 20.05 -6.92
C PRO I 214 -16.62 18.83 -6.85
N CYS I 215 -15.72 18.67 -7.81
CA CYS I 215 -14.81 17.53 -7.81
C CYS I 215 -13.83 17.63 -6.64
N HIS I 216 -13.19 18.78 -6.47
CA HIS I 216 -12.30 18.98 -5.33
C HIS I 216 -13.06 18.79 -4.02
N THR I 217 -14.23 19.42 -3.91
CA THR I 217 -15.00 19.38 -2.69
C THR I 217 -15.48 17.97 -2.32
N LEU I 218 -16.08 17.29 -3.29
CA LEU I 218 -16.73 16.01 -3.02
C LEU I 218 -15.75 14.83 -3.02
N MET I 219 -14.80 14.84 -3.95
CA MET I 219 -13.84 13.73 -4.04
C MET I 219 -12.93 13.72 -2.82
N HIS I 220 -12.40 14.88 -2.45
CA HIS I 220 -11.55 14.99 -1.27
C HIS I 220 -12.37 14.89 0.01
N GLY I 221 -13.64 15.26 -0.08
CA GLY I 221 -14.56 15.15 1.04
C GLY I 221 -14.95 13.71 1.29
N ALA I 222 -14.72 12.86 0.29
CA ALA I 222 -15.01 11.43 0.40
C ALA I 222 -13.73 10.64 0.57
N ASN I 223 -12.66 11.34 0.96
CA ASN I 223 -11.35 10.72 1.18
C ASN I 223 -10.80 10.04 -0.08
N ARG I 224 -11.03 10.66 -1.23
CA ARG I 224 -10.51 10.15 -2.50
C ARG I 224 -9.45 11.10 -3.07
N TYR I 225 -8.83 10.72 -4.19
CA TYR I 225 -7.63 11.39 -4.67
C TYR I 225 -7.78 12.03 -6.05
N GLY I 226 -6.79 12.84 -6.43
CA GLY I 226 -6.79 13.49 -7.72
C GLY I 226 -5.42 13.47 -8.40
N LEU I 227 -5.44 13.45 -9.73
CA LEU I 227 -4.22 13.58 -10.53
C LEU I 227 -4.40 14.67 -11.57
N GLN I 228 -3.35 15.46 -11.81
CA GLN I 228 -3.44 16.57 -12.75
C GLN I 228 -2.24 16.63 -13.70
N CYS I 229 -2.43 17.28 -14.85
CA CYS I 229 -1.40 17.43 -15.87
C CYS I 229 -0.85 16.08 -16.34
N LEU I 230 -1.73 15.12 -16.55
CA LEU I 230 -1.35 13.83 -17.12
C LEU I 230 -1.15 13.97 -18.63
N LYS I 231 -0.39 13.05 -19.21
CA LYS I 231 -0.23 13.02 -20.66
C LYS I 231 -0.19 11.57 -21.15
N ASN I 232 -0.16 11.41 -22.47
CA ASN I 232 -0.16 10.10 -23.11
C ASN I 232 -1.35 9.22 -22.75
N LEU I 233 -2.49 9.82 -22.43
CA LEU I 233 -3.69 9.06 -22.16
C LEU I 233 -4.24 8.42 -23.44
N ASP I 234 -3.82 8.97 -24.57
CA ASP I 234 -4.22 8.44 -25.87
C ASP I 234 -3.56 7.08 -26.17
N GLN I 235 -2.55 6.73 -25.36
CA GLN I 235 -1.83 5.49 -25.56
C GLN I 235 -2.33 4.38 -24.65
N LEU I 236 -3.30 4.70 -23.80
CA LEU I 236 -3.89 3.72 -22.90
C LEU I 236 -5.20 3.16 -23.45
N PRO I 237 -5.49 1.89 -23.11
CA PRO I 237 -6.80 1.31 -23.45
C PRO I 237 -7.89 1.86 -22.54
N PRO I 238 -9.16 1.73 -22.94
CA PRO I 238 -10.28 2.16 -22.09
C PRO I 238 -10.29 1.43 -20.74
N ARG I 239 -9.84 0.18 -20.75
CA ARG I 239 -9.78 -0.62 -19.54
C ARG I 239 -8.57 -1.55 -19.56
N GLY I 240 -8.09 -1.91 -18.36
CA GLY I 240 -6.99 -2.86 -18.25
C GLY I 240 -5.69 -2.24 -17.79
N ALA I 241 -5.60 -0.92 -17.86
CA ALA I 241 -4.38 -0.22 -17.44
C ALA I 241 -4.23 -0.28 -15.92
N PHE I 242 -3.00 -0.36 -15.47
CA PHE I 242 -2.71 -0.35 -14.05
C PHE I 242 -1.77 0.81 -13.74
N ILE I 243 -2.18 1.68 -12.81
CA ILE I 243 -1.48 2.93 -12.56
C ILE I 243 -0.58 2.90 -11.34
N LEU I 244 0.68 3.26 -11.54
CA LEU I 244 1.62 3.48 -10.44
C LEU I 244 1.71 4.97 -10.16
N ALA I 245 1.16 5.40 -9.03
CA ALA I 245 1.16 6.80 -8.67
C ALA I 245 1.50 7.01 -7.21
N ALA I 246 2.79 7.03 -6.90
CA ALA I 246 3.25 7.21 -5.53
C ALA I 246 3.85 8.60 -5.32
N PRO I 247 3.18 9.43 -4.51
CA PRO I 247 3.59 10.82 -4.25
C PRO I 247 4.77 10.92 -3.30
N LEU I 248 5.50 12.03 -3.36
CA LEU I 248 6.61 12.28 -2.45
C LEU I 248 6.14 12.26 -1.00
N LYS I 249 6.97 11.74 -0.10
CA LYS I 249 6.60 11.67 1.30
C LYS I 249 6.89 12.99 2.01
N ILE I 250 6.13 14.02 1.65
CA ILE I 250 6.28 15.34 2.23
C ILE I 250 5.51 15.45 3.54
N GLU I 251 6.20 15.86 4.60
CA GLU I 251 5.59 15.98 5.92
C GLU I 251 4.36 16.88 5.91
N GLY I 252 3.20 16.29 6.19
CA GLY I 252 1.94 17.02 6.18
C GLY I 252 1.55 17.54 4.81
N GLY I 253 2.11 16.95 3.77
CA GLY I 253 1.92 17.44 2.41
C GLY I 253 0.52 17.25 1.85
N SER I 254 -0.04 18.32 1.31
CA SER I 254 -1.38 18.29 0.72
C SER I 254 -1.36 17.63 -0.64
N GLY I 255 -0.16 17.44 -1.18
CA GLY I 255 0.02 16.88 -2.50
C GLY I 255 1.49 16.97 -2.88
N SER I 256 1.84 16.44 -4.05
CA SER I 256 3.21 16.50 -4.53
C SER I 256 3.30 16.17 -6.01
N PRO I 257 4.32 16.69 -6.70
CA PRO I 257 4.61 16.17 -8.03
C PRO I 257 5.05 14.72 -7.92
N LEU I 258 4.83 13.94 -8.97
CA LEU I 258 5.18 12.52 -8.93
C LEU I 258 5.33 11.97 -10.34
N ARG I 259 5.95 10.80 -10.45
CA ARG I 259 6.11 10.15 -11.74
C ARG I 259 5.00 9.11 -11.91
N VAL I 260 3.93 9.51 -12.61
CA VAL I 260 2.83 8.60 -12.86
C VAL I 260 3.16 7.66 -14.02
N LEU I 261 3.11 6.35 -13.74
CA LEU I 261 3.34 5.34 -14.76
C LEU I 261 2.10 4.47 -14.96
N ALA I 262 1.98 3.88 -16.14
CA ALA I 262 0.89 2.95 -16.41
C ALA I 262 1.44 1.64 -16.95
N LEU I 263 0.99 0.53 -16.36
CA LEU I 263 1.32 -0.78 -16.88
C LEU I 263 0.21 -1.22 -17.81
N VAL I 264 0.59 -1.65 -19.02
CA VAL I 264 -0.38 -2.00 -20.04
C VAL I 264 -0.15 -3.41 -20.57
N GLU I 265 -1.16 -4.26 -20.47
CA GLU I 265 -1.05 -5.65 -20.90
C GLU I 265 -1.98 -5.94 -22.07
N ALA J 3 -3.82 -1.82 -28.85
CA ALA J 3 -2.75 -2.80 -29.01
C ALA J 3 -2.51 -3.56 -27.72
N THR J 4 -3.58 -4.10 -27.14
CA THR J 4 -3.49 -4.82 -25.88
C THR J 4 -4.03 -6.25 -26.00
N SER J 5 -3.94 -7.00 -24.91
CA SER J 5 -4.43 -8.38 -24.86
C SER J 5 -5.91 -8.44 -24.50
N THR J 6 -6.67 -9.20 -25.29
CA THR J 6 -8.11 -9.35 -25.05
C THR J 6 -8.35 -10.15 -23.77
N THR J 7 -7.47 -11.10 -23.49
CA THR J 7 -7.54 -11.88 -22.26
C THR J 7 -6.26 -11.66 -21.43
N PRO J 8 -6.26 -10.62 -20.59
CA PRO J 8 -5.10 -10.33 -19.73
C PRO J 8 -5.05 -11.28 -18.54
N THR J 9 -3.85 -11.66 -18.13
CA THR J 9 -3.68 -12.55 -17.00
C THR J 9 -2.90 -11.89 -15.86
N ILE J 10 -1.77 -11.31 -16.21
CA ILE J 10 -0.81 -10.79 -15.22
C ILE J 10 -1.36 -9.63 -14.39
N LEU J 11 -1.74 -8.55 -15.05
CA LEU J 11 -2.27 -7.38 -14.34
C LEU J 11 -3.59 -7.62 -13.60
N PRO J 12 -4.50 -8.44 -14.18
CA PRO J 12 -5.67 -8.76 -13.36
C PRO J 12 -5.33 -9.55 -12.09
N ALA J 13 -4.27 -10.34 -12.13
CA ALA J 13 -3.85 -11.11 -10.96
C ALA J 13 -3.19 -10.21 -9.91
N LEU J 14 -2.42 -9.23 -10.38
CA LEU J 14 -1.77 -8.27 -9.50
C LEU J 14 -2.80 -7.45 -8.72
N ALA J 15 -3.76 -6.88 -9.44
CA ALA J 15 -4.79 -6.05 -8.83
C ALA J 15 -5.62 -6.82 -7.81
N ALA J 16 -5.97 -8.06 -8.15
CA ALA J 16 -6.74 -8.91 -7.25
C ALA J 16 -5.94 -9.28 -6.00
N GLY J 17 -4.65 -9.53 -6.19
CA GLY J 17 -3.77 -9.88 -5.08
C GLY J 17 -3.65 -8.73 -4.09
N LEU J 18 -3.53 -7.51 -4.62
CA LEU J 18 -3.44 -6.33 -3.78
C LEU J 18 -4.73 -6.07 -3.01
N ALA J 19 -5.85 -6.41 -3.61
CA ALA J 19 -7.15 -6.16 -3.02
C ALA J 19 -7.49 -7.18 -1.93
N ARG J 20 -7.03 -8.42 -2.11
CA ARG J 20 -7.32 -9.48 -1.15
C ARG J 20 -6.25 -9.60 -0.07
N GLY J 21 -5.11 -8.95 -0.28
CA GLY J 21 -4.05 -8.94 0.71
C GLY J 21 -2.93 -9.93 0.47
N ASN J 22 -3.00 -10.69 -0.62
CA ASN J 22 -1.94 -11.63 -0.96
C ASN J 22 -0.65 -10.90 -1.33
N ILE J 23 -0.81 -9.73 -1.94
CA ILE J 23 0.32 -8.86 -2.24
C ILE J 23 0.31 -7.66 -1.29
N ARG J 24 1.42 -7.46 -0.59
CA ARG J 24 1.50 -6.39 0.39
C ARG J 24 2.43 -5.28 -0.08
N VAL J 25 2.09 -4.04 0.25
CA VAL J 25 2.92 -2.91 -0.11
C VAL J 25 3.71 -2.40 1.09
N VAL J 26 5.03 -2.26 0.92
CA VAL J 26 5.89 -1.75 1.96
C VAL J 26 6.56 -0.44 1.54
N ASP J 27 6.38 0.59 2.36
CA ASP J 27 7.01 1.89 2.13
C ASP J 27 8.48 1.86 2.54
N LEU J 28 9.37 2.22 1.62
CA LEU J 28 10.79 2.22 1.90
C LEU J 28 11.35 3.65 2.02
N THR J 29 10.45 4.61 2.10
CA THR J 29 10.81 6.02 1.96
C THR J 29 10.86 6.77 3.29
N GLN J 30 11.94 7.51 3.52
CA GLN J 30 12.03 8.42 4.66
C GLN J 30 11.17 9.67 4.42
N THR J 31 10.68 10.26 5.50
CA THR J 31 9.86 11.47 5.40
C THR J 31 10.69 12.69 5.03
N LEU J 32 10.25 13.43 4.01
CA LEU J 32 10.88 14.69 3.65
C LEU J 32 10.53 15.75 4.69
N SER J 33 11.55 16.35 5.30
CA SER J 33 11.35 17.27 6.42
C SER J 33 12.57 18.17 6.60
N PRO J 34 12.36 19.40 7.10
CA PRO J 34 13.47 20.34 7.32
C PRO J 34 14.53 19.81 8.30
N SER J 35 14.16 18.84 9.12
CA SER J 35 15.06 18.32 10.15
C SER J 35 15.95 17.18 9.64
N PHE J 36 15.64 16.65 8.47
CA PHE J 36 16.37 15.52 7.92
C PHE J 36 17.80 15.90 7.54
N PRO J 37 18.77 15.01 7.84
CA PRO J 37 20.19 15.24 7.58
C PRO J 37 20.50 15.56 6.12
N THR J 38 21.48 16.44 5.90
CA THR J 38 21.88 16.85 4.57
C THR J 38 23.30 16.44 4.28
N LEU J 39 23.56 16.01 3.05
CA LEU J 39 24.91 15.68 2.62
C LEU J 39 25.82 16.91 2.65
N GLN J 40 26.96 16.78 3.31
CA GLN J 40 27.93 17.85 3.41
C GLN J 40 29.17 17.57 2.56
N LEU J 41 29.59 18.55 1.78
CA LEU J 41 30.82 18.44 0.98
C LEU J 41 31.81 19.50 1.45
N PRO J 42 33.10 19.33 1.11
CA PRO J 42 34.08 20.37 1.42
C PRO J 42 33.60 21.75 0.95
N SER J 43 33.84 22.77 1.76
CA SER J 43 33.22 24.09 1.56
C SER J 43 33.62 24.75 0.24
N GLN J 44 34.69 24.26 -0.37
CA GLN J 44 35.15 24.80 -1.66
C GLN J 44 34.30 24.30 -2.82
N PHE J 45 33.44 23.32 -2.55
CA PHE J 45 32.56 22.78 -3.58
C PHE J 45 31.14 23.30 -3.43
N GLY J 46 30.34 23.15 -4.49
CA GLY J 46 28.94 23.51 -4.44
C GLY J 46 28.20 22.58 -3.50
N GLN J 47 27.18 23.10 -2.82
CA GLN J 47 26.49 22.31 -1.81
C GLN J 47 25.05 22.02 -2.20
N VAL J 48 24.55 20.88 -1.75
CA VAL J 48 23.16 20.52 -1.98
C VAL J 48 22.29 21.17 -0.91
N GLN J 49 21.12 21.65 -1.32
CA GLN J 49 20.20 22.33 -0.43
C GLN J 49 19.39 21.34 0.41
N PRO J 50 19.22 21.66 1.70
CA PRO J 50 18.34 20.86 2.57
C PRO J 50 16.87 21.09 2.22
N PHE J 51 16.00 20.17 2.61
CA PHE J 51 14.58 20.33 2.32
C PHE J 51 13.94 21.49 3.10
N LYS J 52 13.26 22.37 2.39
CA LYS J 52 12.58 23.50 3.00
C LYS J 52 11.14 23.59 2.50
N ILE J 53 10.22 24.00 3.36
CA ILE J 53 8.81 24.08 3.01
C ILE J 53 8.14 25.31 3.62
N GLU J 54 7.33 26.00 2.81
CA GLU J 54 6.62 27.19 3.28
C GLU J 54 5.15 27.15 2.88
N ARG J 55 4.27 27.51 3.80
CA ARG J 55 2.83 27.49 3.55
C ARG J 55 2.40 28.54 2.54
N ILE J 56 1.41 28.18 1.73
CA ILE J 56 0.75 29.13 0.85
C ILE J 56 -0.56 29.56 1.50
N SER J 57 -1.30 28.58 2.00
CA SER J 57 -2.52 28.82 2.74
C SER J 57 -2.89 27.58 3.56
N HIS J 58 -3.72 27.77 4.57
CA HIS J 58 -4.14 26.68 5.44
C HIS J 58 -5.58 26.89 5.90
N TYR J 59 -6.51 26.88 4.95
CA TYR J 59 -7.92 27.17 5.20
C TYR J 59 -8.11 28.51 5.89
N ASP J 60 -7.31 29.50 5.50
CA ASP J 60 -7.34 30.82 6.12
C ASP J 60 -7.61 31.93 5.11
N ALA J 61 -7.11 33.13 5.41
CA ALA J 61 -7.37 34.31 4.59
C ALA J 61 -6.75 34.21 3.20
N SER J 62 -5.59 33.57 3.10
CA SER J 62 -4.89 33.47 1.83
C SER J 62 -5.40 32.29 0.97
N GLY J 63 -6.34 31.53 1.51
CA GLY J 63 -6.91 30.40 0.81
C GLY J 63 -7.99 29.70 1.64
N PRO J 64 -9.22 30.25 1.61
CA PRO J 64 -10.35 29.89 2.49
C PRO J 64 -10.67 28.40 2.58
N ALA J 65 -10.67 27.69 1.45
CA ALA J 65 -11.16 26.32 1.46
C ALA J 65 -10.09 25.28 1.09
N TRP J 66 -8.84 25.72 0.95
CA TRP J 66 -7.78 24.78 0.58
C TRP J 66 -6.48 25.02 1.34
N TYR J 67 -5.62 24.01 1.28
CA TYR J 67 -4.33 24.02 1.98
C TYR J 67 -3.24 23.50 1.05
N TRP J 68 -2.11 24.18 1.00
CA TRP J 68 -0.99 23.76 0.16
C TRP J 68 0.30 24.53 0.48
N ASN J 69 1.43 23.96 0.06
CA ASN J 69 2.75 24.51 0.36
C ASN J 69 3.63 24.70 -0.88
N ASN J 70 4.63 25.58 -0.75
CA ASN J 70 5.76 25.60 -1.67
C ASN J 70 6.91 24.87 -1.01
N PHE J 71 7.79 24.26 -1.78
CA PHE J 71 8.95 23.59 -1.20
C PHE J 71 10.18 23.69 -2.09
N SER J 72 11.34 23.38 -1.51
CA SER J 72 12.59 23.41 -2.24
C SER J 72 13.57 22.41 -1.63
N CYS J 73 14.41 21.82 -2.47
CA CYS J 73 15.45 20.91 -2.02
C CYS J 73 16.38 20.59 -3.19
N GLY J 74 17.25 19.62 -2.98
CA GLY J 74 18.15 19.19 -4.03
C GLY J 74 17.64 17.94 -4.70
N GLU J 75 18.23 17.59 -5.84
CA GLU J 75 17.91 16.34 -6.51
C GLU J 75 18.26 15.16 -5.62
N HIS J 76 19.35 15.30 -4.87
CA HIS J 76 19.84 14.23 -4.01
C HIS J 76 19.54 14.53 -2.54
N THR J 77 18.26 14.67 -2.23
CA THR J 77 17.80 14.97 -0.88
C THR J 77 16.94 13.83 -0.35
N GLY J 78 17.29 13.34 0.83
CA GLY J 78 16.54 12.25 1.46
C GLY J 78 16.53 11.00 0.61
N THR J 79 15.45 10.25 0.66
CA THR J 79 15.31 9.06 -0.17
C THR J 79 15.28 9.48 -1.63
N HIS J 80 16.35 9.20 -2.35
CA HIS J 80 16.43 9.65 -3.74
C HIS J 80 17.09 8.65 -4.69
N PHE J 81 16.97 8.95 -5.97
CA PHE J 81 17.43 8.11 -7.07
C PHE J 81 18.68 8.72 -7.71
N ASP J 82 19.71 7.90 -7.93
CA ASP J 82 20.93 8.38 -8.60
C ASP J 82 20.97 7.94 -10.06
N ALA J 83 20.95 8.91 -10.98
CA ALA J 83 21.02 8.62 -12.41
C ALA J 83 22.47 8.60 -12.89
N PRO J 84 22.75 7.83 -13.95
CA PRO J 84 24.13 7.73 -14.46
C PRO J 84 24.76 9.08 -14.82
N ALA J 85 23.95 10.07 -15.18
CA ALA J 85 24.46 11.39 -15.53
C ALA J 85 25.03 12.11 -14.31
N HIS J 86 24.69 11.63 -13.12
CA HIS J 86 25.16 12.23 -11.88
C HIS J 86 26.68 12.13 -11.76
N TRP J 87 27.26 11.08 -12.33
CA TRP J 87 28.70 10.89 -12.26
C TRP J 87 29.37 10.99 -13.64
N ILE J 88 30.57 11.55 -13.64
CA ILE J 88 31.30 11.85 -14.87
C ILE J 88 31.56 10.62 -15.76
N THR J 89 31.58 9.44 -15.15
CA THR J 89 31.85 8.21 -15.91
C THR J 89 30.63 7.73 -16.70
N GLY J 90 29.47 8.33 -16.44
CA GLY J 90 28.25 7.97 -17.14
C GLY J 90 27.64 9.11 -17.94
N ARG J 91 28.45 10.14 -18.19
CA ARG J 91 27.97 11.36 -18.83
C ARG J 91 27.57 11.15 -20.30
N ASP J 92 28.17 10.15 -20.95
CA ASP J 92 28.01 10.00 -22.39
C ASP J 92 27.01 8.91 -22.79
N TYR J 93 26.32 8.32 -21.82
CA TYR J 93 25.25 7.36 -22.12
C TYR J 93 24.00 8.09 -22.57
N PRO J 94 23.32 7.56 -23.61
CA PRO J 94 22.13 8.15 -24.23
C PRO J 94 20.99 8.49 -23.27
N GLY J 95 20.47 7.50 -22.54
CA GLY J 95 19.38 7.75 -21.63
C GLY J 95 19.81 7.73 -20.18
N ASN J 96 20.60 8.74 -19.80
CA ASN J 96 21.28 8.72 -18.50
C ASN J 96 20.73 9.70 -17.47
N SER J 97 19.67 10.43 -17.81
CA SER J 97 19.06 11.37 -16.87
C SER J 97 17.62 10.95 -16.56
N VAL J 98 17.08 11.46 -15.45
CA VAL J 98 15.78 10.99 -14.95
C VAL J 98 14.60 11.24 -15.90
N ASP J 99 14.80 12.12 -16.86
CA ASP J 99 13.75 12.39 -17.84
C ASP J 99 14.00 11.67 -19.17
N THR J 100 15.13 10.98 -19.29
CA THR J 100 15.45 10.26 -20.53
C THR J 100 15.69 8.76 -20.30
N ILE J 101 15.85 8.35 -19.04
CA ILE J 101 15.95 6.92 -18.72
C ILE J 101 14.66 6.22 -19.12
N ALA J 102 14.80 5.11 -19.83
CA ALA J 102 13.64 4.31 -20.24
C ALA J 102 12.83 3.90 -19.00
N PRO J 103 11.51 4.14 -19.04
CA PRO J 103 10.61 3.91 -17.91
C PRO J 103 10.61 2.46 -17.43
N GLU J 104 11.03 1.55 -18.30
CA GLU J 104 11.13 0.14 -17.94
C GLU J 104 12.09 -0.11 -16.78
N ASN J 105 13.00 0.83 -16.56
CA ASN J 105 14.01 0.70 -15.51
C ASN J 105 13.51 1.21 -14.17
N PHE J 106 12.26 1.67 -14.12
CA PHE J 106 11.70 2.20 -12.88
C PHE J 106 11.02 1.10 -12.06
N VAL J 107 10.93 -0.10 -12.62
CA VAL J 107 10.36 -1.23 -11.91
C VAL J 107 11.24 -2.48 -12.06
N ALA J 108 11.68 -3.03 -10.93
CA ALA J 108 12.66 -4.10 -10.96
C ALA J 108 12.64 -4.97 -9.69
N PRO J 109 12.93 -6.27 -9.82
CA PRO J 109 13.07 -7.16 -8.68
C PRO J 109 14.26 -6.75 -7.80
N ALA J 110 14.34 -7.29 -6.60
CA ALA J 110 15.42 -6.94 -5.69
C ALA J 110 15.78 -8.08 -4.75
N VAL J 111 17.06 -8.14 -4.40
CA VAL J 111 17.51 -9.01 -3.32
C VAL J 111 17.94 -8.14 -2.14
N VAL J 112 17.67 -8.60 -0.94
CA VAL J 112 18.03 -7.84 0.26
C VAL J 112 19.10 -8.58 1.03
N ILE J 113 20.23 -7.91 1.22
CA ILE J 113 21.38 -8.50 1.89
C ILE J 113 21.54 -7.95 3.29
N ASP J 114 21.32 -8.82 4.27
CA ASP J 114 21.33 -8.41 5.68
C ASP J 114 22.73 -8.46 6.27
N ALA J 115 23.31 -7.29 6.51
CA ALA J 115 24.58 -7.18 7.21
C ALA J 115 24.42 -6.32 8.45
N SER J 116 23.20 -6.30 8.98
CA SER J 116 22.90 -5.49 10.16
C SER J 116 23.75 -5.84 11.37
N ALA J 117 23.94 -7.14 11.61
CA ALA J 117 24.72 -7.58 12.76
C ALA J 117 26.19 -7.16 12.64
N GLN J 118 26.71 -7.20 11.42
CA GLN J 118 28.10 -6.84 11.17
C GLN J 118 28.34 -5.34 11.35
N VAL J 119 27.44 -4.53 10.80
CA VAL J 119 27.55 -3.07 10.89
C VAL J 119 27.37 -2.59 12.33
N ARG J 120 26.59 -3.34 13.10
CA ARG J 120 26.34 -3.01 14.49
C ARG J 120 27.63 -3.10 15.31
N GLU J 121 28.58 -3.89 14.84
CA GLU J 121 29.87 -4.07 15.52
C GLU J 121 30.99 -3.25 14.87
N ASN J 122 30.72 -2.70 13.69
CA ASN J 122 31.74 -1.95 12.95
C ASN J 122 31.09 -0.97 11.96
N GLU J 123 31.22 0.32 12.26
CA GLU J 123 30.61 1.37 11.45
C GLU J 123 31.25 1.48 10.06
N ASP J 124 32.48 1.00 9.92
CA ASP J 124 33.19 1.06 8.63
C ASP J 124 33.19 -0.28 7.91
N TRP J 125 32.23 -1.14 8.24
CA TRP J 125 32.20 -2.52 7.71
C TRP J 125 32.05 -2.56 6.20
N LEU J 126 32.79 -3.47 5.56
CA LEU J 126 32.81 -3.54 4.11
C LEU J 126 32.11 -4.78 3.56
N LEU J 127 31.25 -4.56 2.57
CA LEU J 127 30.58 -5.66 1.88
C LEU J 127 31.53 -6.29 0.87
N THR J 128 31.92 -7.54 1.11
CA THR J 128 32.91 -8.22 0.30
C THR J 128 32.31 -9.25 -0.64
N VAL J 129 33.11 -9.70 -1.61
CA VAL J 129 32.69 -10.73 -2.54
C VAL J 129 32.44 -12.04 -1.80
N ASP J 130 33.32 -12.38 -0.86
CA ASP J 130 33.17 -13.58 -0.04
C ASP J 130 31.83 -13.59 0.69
N PHE J 131 31.41 -12.43 1.18
CA PHE J 131 30.14 -12.31 1.91
C PHE J 131 28.96 -12.53 0.98
N LEU J 132 29.07 -12.02 -0.25
CA LEU J 132 28.01 -12.18 -1.24
C LEU J 132 27.90 -13.63 -1.71
N GLN J 133 29.04 -14.28 -1.92
CA GLN J 133 29.05 -15.66 -2.38
C GLN J 133 28.49 -16.60 -1.32
N ALA J 134 28.71 -16.27 -0.05
CA ALA J 134 28.16 -17.04 1.05
C ALA J 134 26.65 -16.86 1.14
N TRP J 135 26.20 -15.63 0.88
CA TRP J 135 24.79 -15.30 0.84
C TRP J 135 24.06 -16.13 -0.22
N GLU J 136 24.71 -16.30 -1.37
CA GLU J 136 24.11 -17.04 -2.49
C GLU J 136 23.97 -18.54 -2.22
N GLN J 137 24.75 -19.07 -1.29
CA GLN J 137 24.65 -20.48 -0.93
C GLN J 137 23.38 -20.73 -0.12
N ARG J 138 22.94 -19.71 0.60
CA ARG J 138 21.78 -19.83 1.46
C ARG J 138 20.49 -19.35 0.78
N HIS J 139 20.60 -18.32 -0.06
CA HIS J 139 19.42 -17.68 -0.62
C HIS J 139 19.32 -17.75 -2.13
N GLY J 140 20.35 -18.29 -2.78
CA GLY J 140 20.32 -18.47 -4.22
C GLY J 140 21.05 -17.39 -4.96
N ARG J 141 21.30 -17.63 -6.24
CA ARG J 141 22.06 -16.71 -7.08
C ARG J 141 21.35 -15.38 -7.26
N ILE J 142 22.11 -14.30 -7.26
CA ILE J 142 21.57 -12.96 -7.53
C ILE J 142 21.21 -12.84 -9.00
N PRO J 143 19.91 -12.69 -9.32
CA PRO J 143 19.48 -12.64 -10.71
C PRO J 143 19.88 -11.36 -11.43
N ALA J 144 20.03 -11.44 -12.75
CA ALA J 144 20.41 -10.29 -13.55
C ALA J 144 19.25 -9.29 -13.64
N GLY J 145 19.58 -8.01 -13.47
CA GLY J 145 18.60 -6.95 -13.58
C GLY J 145 17.85 -6.69 -12.29
N ALA J 146 18.39 -7.16 -11.18
CA ALA J 146 17.75 -6.96 -9.89
C ALA J 146 18.49 -5.92 -9.07
N TRP J 147 17.74 -5.15 -8.29
CA TRP J 147 18.34 -4.25 -7.31
C TRP J 147 19.10 -5.07 -6.28
N VAL J 148 20.26 -4.57 -5.86
CA VAL J 148 20.93 -5.12 -4.69
C VAL J 148 20.76 -4.16 -3.52
N LEU J 149 19.87 -4.51 -2.59
CA LEU J 149 19.58 -3.65 -1.45
C LEU J 149 20.43 -4.02 -0.24
N PHE J 150 21.29 -3.09 0.16
CA PHE J 150 22.22 -3.31 1.28
C PHE J 150 21.60 -2.95 2.61
N ARG J 151 21.03 -3.93 3.32
CA ARG J 151 20.43 -3.66 4.62
C ARG J 151 21.48 -3.55 5.72
N THR J 152 21.50 -2.40 6.39
CA THR J 152 22.47 -2.13 7.45
C THR J 152 21.79 -1.66 8.74
N ASP J 153 20.48 -1.46 8.68
CA ASP J 153 19.69 -0.91 9.78
C ASP J 153 20.16 0.49 10.20
N TRP J 154 20.88 1.15 9.29
CA TRP J 154 21.38 2.50 9.52
C TRP J 154 20.24 3.51 9.64
N SER J 155 19.10 3.18 9.03
CA SER J 155 17.94 4.07 8.99
C SER J 155 17.34 4.28 10.38
N LEU J 156 17.75 3.46 11.34
CA LEU J 156 17.28 3.62 12.72
C LEU J 156 17.96 4.79 13.42
N ARG J 157 18.99 5.35 12.78
CA ARG J 157 19.70 6.50 13.31
C ARG J 157 19.08 7.83 12.91
N VAL J 158 18.02 7.78 12.11
CA VAL J 158 17.46 8.97 11.46
C VAL J 158 17.06 10.09 12.43
N GLY J 159 16.68 9.73 13.65
CA GLY J 159 16.27 10.73 14.63
C GLY J 159 17.40 11.60 15.15
N ASP J 160 18.64 11.13 14.95
CA ASP J 160 19.83 11.85 15.39
C ASP J 160 20.70 12.16 14.17
N ALA J 161 20.57 13.38 13.64
CA ALA J 161 21.26 13.75 12.40
C ALA J 161 22.77 13.55 12.47
N ALA J 162 23.35 13.85 13.63
CA ALA J 162 24.78 13.65 13.85
C ALA J 162 25.15 12.17 13.73
N ALA J 163 24.38 11.32 14.39
CA ALA J 163 24.65 9.88 14.35
C ALA J 163 24.39 9.30 12.95
N PHE J 164 23.46 9.89 12.23
CA PHE J 164 23.12 9.42 10.89
C PHE J 164 24.25 9.72 9.90
N LEU J 165 24.77 10.94 9.95
CA LEU J 165 25.90 11.33 9.11
C LEU J 165 27.18 10.67 9.61
N ASN J 166 27.32 10.60 10.93
CA ASN J 166 28.48 10.02 11.60
C ASN J 166 29.78 10.55 11.06
N ILE J 167 29.98 11.86 11.20
CA ILE J 167 31.15 12.54 10.66
C ILE J 167 32.18 12.85 11.74
N ARG J 168 33.43 12.50 11.47
CA ARG J 168 34.53 12.90 12.34
C ARG J 168 35.49 13.79 11.56
N GLU J 169 36.69 13.99 12.10
CA GLU J 169 37.65 14.92 11.49
C GLU J 169 38.16 14.44 10.14
N ASP J 170 38.08 13.14 9.89
CA ASP J 170 38.56 12.57 8.64
C ASP J 170 37.43 12.08 7.73
N GLY J 171 36.24 12.66 7.92
CA GLY J 171 35.11 12.36 7.04
C GLY J 171 34.04 11.46 7.65
N ALA J 172 33.15 10.98 6.80
CA ALA J 172 32.05 10.12 7.23
C ALA J 172 32.51 8.68 7.42
N HIS J 173 32.03 8.04 8.49
CA HIS J 173 32.37 6.65 8.76
C HIS J 173 31.13 5.77 8.63
N THR J 174 30.87 5.35 7.40
CA THR J 174 29.67 4.59 7.06
C THR J 174 30.05 3.34 6.25
N PRO J 175 29.24 2.28 6.33
CA PRO J 175 29.56 1.02 5.63
C PRO J 175 29.30 1.11 4.12
N GLY J 176 29.95 0.23 3.36
CA GLY J 176 29.76 0.21 1.92
C GLY J 176 30.49 -0.94 1.25
N PRO J 177 30.33 -1.07 -0.08
CA PRO J 177 30.93 -2.16 -0.85
C PRO J 177 32.39 -1.90 -1.22
N THR J 178 33.18 -2.97 -1.28
CA THR J 178 34.54 -2.88 -1.78
C THR J 178 34.49 -2.73 -3.30
N GLN J 179 35.57 -2.26 -3.90
CA GLN J 179 35.62 -2.12 -5.35
C GLN J 179 35.41 -3.46 -6.04
N GLU J 180 36.05 -4.50 -5.50
CA GLU J 180 35.91 -5.85 -6.02
C GLU J 180 34.46 -6.31 -5.99
N ALA J 181 33.76 -5.97 -4.91
CA ALA J 181 32.35 -6.32 -4.77
C ALA J 181 31.50 -5.63 -5.84
N VAL J 182 31.78 -4.35 -6.07
CA VAL J 182 31.04 -3.58 -7.06
C VAL J 182 31.28 -4.14 -8.46
N GLU J 183 32.54 -4.41 -8.79
CA GLU J 183 32.91 -4.98 -10.07
C GLU J 183 32.27 -6.35 -10.29
N TRP J 184 32.19 -7.13 -9.22
CA TRP J 184 31.59 -8.46 -9.27
C TRP J 184 30.09 -8.36 -9.56
N LEU J 185 29.40 -7.49 -8.83
CA LEU J 185 27.96 -7.32 -8.99
C LEU J 185 27.61 -6.83 -10.40
N ILE J 186 28.49 -6.03 -10.99
CA ILE J 186 28.25 -5.51 -12.33
C ILE J 186 28.64 -6.51 -13.42
N GLY J 187 29.83 -7.09 -13.29
CA GLY J 187 30.36 -7.98 -14.31
C GLY J 187 29.91 -9.42 -14.26
N GLU J 188 29.62 -9.93 -13.06
CA GLU J 188 29.29 -11.34 -12.89
C GLU J 188 27.79 -11.58 -12.65
N ARG J 189 27.09 -10.57 -12.15
CA ARG J 189 25.67 -10.72 -11.86
C ARG J 189 24.79 -9.77 -12.67
N ASN J 190 25.40 -8.75 -13.26
CA ASN J 190 24.68 -7.80 -14.11
C ASN J 190 23.47 -7.20 -13.39
N VAL J 191 23.72 -6.60 -12.23
CA VAL J 191 22.64 -6.07 -11.41
C VAL J 191 22.08 -4.77 -11.96
N HIS J 192 20.88 -4.41 -11.50
CA HIS J 192 20.21 -3.20 -11.92
C HIS J 192 20.81 -1.97 -11.24
N GLY J 193 21.17 -2.12 -9.97
CA GLY J 193 21.74 -1.03 -9.20
C GLY J 193 22.00 -1.38 -7.76
N PHE J 194 22.36 -0.36 -6.97
CA PHE J 194 22.73 -0.55 -5.58
C PHE J 194 21.96 0.41 -4.68
N GLY J 195 21.25 -0.11 -3.69
CA GLY J 195 20.46 0.71 -2.78
C GLY J 195 20.93 0.60 -1.34
N VAL J 196 21.01 1.75 -0.66
CA VAL J 196 21.54 1.81 0.70
C VAL J 196 20.63 2.56 1.67
N GLU J 197 20.83 2.35 2.97
CA GLU J 197 20.08 3.07 4.00
C GLU J 197 20.83 4.32 4.42
N THR J 198 22.12 4.38 4.10
CA THR J 198 22.95 5.52 4.42
C THR J 198 22.77 6.65 3.42
N ILE J 199 23.55 7.72 3.60
CA ILE J 199 23.41 8.91 2.77
C ILE J 199 24.38 8.87 1.58
N ASN J 200 25.05 7.72 1.43
CA ASN J 200 25.99 7.51 0.34
C ASN J 200 26.03 6.04 -0.06
N THR J 201 25.97 5.73 -1.35
CA THR J 201 26.02 4.34 -1.78
C THR J 201 27.41 3.75 -1.52
N ASP J 202 28.41 4.62 -1.46
CA ASP J 202 29.78 4.20 -1.16
C ASP J 202 30.08 4.30 0.33
N ALA J 203 31.08 3.54 0.78
CA ALA J 203 31.58 3.68 2.13
C ALA J 203 32.18 5.07 2.31
N GLY J 204 31.95 5.67 3.47
CA GLY J 204 32.41 7.02 3.73
C GLY J 204 33.91 7.23 3.56
N GLN J 205 34.69 6.20 3.89
CA GLN J 205 36.15 6.31 3.84
C GLN J 205 36.72 5.88 2.49
N SER J 206 35.86 5.62 1.51
CA SER J 206 36.30 5.15 0.20
C SER J 206 36.91 6.26 -0.66
N TYR J 207 36.97 7.47 -0.11
CA TYR J 207 37.57 8.59 -0.81
C TYR J 207 39.08 8.40 -0.91
N ALA J 208 39.63 7.55 -0.05
CA ALA J 208 41.07 7.33 0.01
C ALA J 208 41.47 5.98 -0.57
N TRP J 209 40.58 5.36 -1.34
CA TRP J 209 40.87 4.08 -1.98
C TRP J 209 41.54 4.29 -3.34
N PRO J 210 42.25 3.26 -3.86
CA PRO J 210 42.85 3.30 -5.20
C PRO J 210 41.88 3.77 -6.30
N LEU J 211 40.60 3.44 -6.15
CA LEU J 211 39.56 4.05 -6.97
C LEU J 211 38.53 4.69 -6.05
N ALA J 212 38.54 6.02 -5.97
CA ALA J 212 37.69 6.75 -5.05
C ALA J 212 36.21 6.54 -5.38
N TYR J 213 35.43 6.25 -4.34
CA TYR J 213 33.99 5.98 -4.46
C TYR J 213 33.67 5.04 -5.61
N PRO J 214 34.07 3.77 -5.47
CA PRO J 214 33.97 2.76 -6.54
C PRO J 214 32.53 2.51 -7.00
N CYS J 215 31.58 2.51 -6.06
CA CYS J 215 30.19 2.25 -6.40
C CYS J 215 29.66 3.33 -7.34
N HIS J 216 29.80 4.60 -6.95
CA HIS J 216 29.39 5.70 -7.82
C HIS J 216 30.08 5.62 -9.17
N THR J 217 31.41 5.51 -9.14
CA THR J 217 32.22 5.52 -10.35
C THR J 217 31.88 4.41 -11.34
N LEU J 218 31.81 3.17 -10.85
CA LEU J 218 31.63 2.01 -11.71
C LEU J 218 30.18 1.71 -12.06
N MET J 219 29.28 1.87 -11.09
CA MET J 219 27.87 1.59 -11.33
C MET J 219 27.31 2.57 -12.35
N HIS J 220 27.61 3.86 -12.16
CA HIS J 220 27.17 4.87 -13.12
C HIS J 220 28.01 4.78 -14.39
N GLY J 221 29.23 4.32 -14.27
CA GLY J 221 30.09 4.10 -15.43
C GLY J 221 29.59 2.94 -16.29
N ALA J 222 28.75 2.10 -15.71
CA ALA J 222 28.17 0.97 -16.43
C ALA J 222 26.69 1.21 -16.74
N ASN J 223 26.30 2.49 -16.73
CA ASN J 223 24.93 2.90 -17.01
C ASN J 223 23.91 2.26 -16.07
N ARG J 224 24.27 2.11 -14.80
CA ARG J 224 23.36 1.57 -13.79
C ARG J 224 22.98 2.65 -12.78
N TYR J 225 22.16 2.28 -11.79
CA TYR J 225 21.51 3.27 -10.93
C TYR J 225 21.79 3.08 -9.44
N GLY J 226 21.36 4.05 -8.64
CA GLY J 226 21.53 4.00 -7.20
C GLY J 226 20.32 4.50 -6.43
N LEU J 227 20.14 3.95 -5.22
CA LEU J 227 19.10 4.43 -4.30
C LEU J 227 19.73 4.72 -2.95
N GLN J 228 19.32 5.81 -2.32
CA GLN J 228 19.89 6.20 -1.03
C GLN J 228 18.82 6.52 0.00
N CYS J 229 19.19 6.42 1.27
CA CYS J 229 18.32 6.73 2.40
C CYS J 229 17.03 5.93 2.38
N LEU J 230 17.15 4.61 2.22
CA LEU J 230 16.00 3.71 2.30
C LEU J 230 15.74 3.31 3.74
N LYS J 231 14.50 2.91 4.02
CA LYS J 231 14.15 2.38 5.33
C LYS J 231 13.24 1.15 5.20
N ASN J 232 12.96 0.50 6.34
CA ASN J 232 12.12 -0.69 6.40
C ASN J 232 12.62 -1.86 5.58
N LEU J 233 13.93 -1.93 5.36
CA LEU J 233 14.51 -3.07 4.65
C LEU J 233 14.39 -4.34 5.48
N ASP J 234 14.16 -4.19 6.77
CA ASP J 234 14.04 -5.32 7.70
C ASP J 234 12.74 -6.08 7.49
N GLN J 235 11.82 -5.51 6.72
CA GLN J 235 10.52 -6.13 6.48
C GLN J 235 10.49 -6.92 5.18
N LEU J 236 11.55 -6.78 4.38
CA LEU J 236 11.61 -7.46 3.09
C LEU J 236 12.30 -8.82 3.18
N PRO J 237 11.83 -9.79 2.38
CA PRO J 237 12.49 -11.08 2.26
C PRO J 237 13.81 -10.95 1.50
N PRO J 238 14.72 -11.94 1.66
CA PRO J 238 16.00 -11.91 0.94
C PRO J 238 15.81 -11.90 -0.57
N ARG J 239 14.78 -12.60 -1.04
CA ARG J 239 14.46 -12.67 -2.46
C ARG J 239 12.95 -12.57 -2.66
N GLY J 240 12.52 -12.00 -3.78
CA GLY J 240 11.11 -11.96 -4.10
C GLY J 240 10.46 -10.59 -4.18
N ALA J 241 11.05 -9.60 -3.52
CA ALA J 241 10.47 -8.27 -3.51
C ALA J 241 10.54 -7.61 -4.89
N PHE J 242 9.51 -6.84 -5.23
CA PHE J 242 9.48 -6.09 -6.48
C PHE J 242 9.42 -4.59 -6.20
N ILE J 243 10.39 -3.84 -6.71
CA ILE J 243 10.56 -2.43 -6.35
C ILE J 243 9.99 -1.44 -7.35
N LEU J 244 9.13 -0.56 -6.86
CA LEU J 244 8.63 0.57 -7.64
C LEU J 244 9.42 1.83 -7.32
N ALA J 245 10.32 2.23 -8.21
CA ALA J 245 11.14 3.42 -7.97
C ALA J 245 11.19 4.34 -9.18
N ALA J 246 10.14 5.16 -9.33
CA ALA J 246 10.04 6.12 -10.42
C ALA J 246 10.43 7.53 -9.97
N PRO J 247 11.52 8.07 -10.54
CA PRO J 247 12.01 9.41 -10.18
C PRO J 247 11.22 10.51 -10.88
N LEU J 248 11.24 11.71 -10.31
CA LEU J 248 10.57 12.87 -10.92
C LEU J 248 11.15 13.15 -12.30
N LYS J 249 10.29 13.56 -13.23
CA LYS J 249 10.75 13.84 -14.59
C LYS J 249 11.35 15.24 -14.68
N ILE J 250 12.51 15.41 -14.06
CA ILE J 250 13.21 16.69 -14.07
C ILE J 250 14.08 16.82 -15.32
N GLU J 251 13.89 17.92 -16.05
CA GLU J 251 14.62 18.17 -17.28
C GLU J 251 16.14 18.15 -17.07
N GLY J 252 16.78 17.13 -17.61
CA GLY J 252 18.22 16.96 -17.49
C GLY J 252 18.67 16.59 -16.10
N GLY J 253 17.72 16.14 -15.28
CA GLY J 253 17.97 15.84 -13.88
C GLY J 253 18.96 14.71 -13.66
N SER J 254 19.89 14.91 -12.73
CA SER J 254 20.89 13.90 -12.40
C SER J 254 20.36 12.93 -11.35
N GLY J 255 19.13 13.16 -10.91
CA GLY J 255 18.50 12.34 -9.90
C GLY J 255 17.29 13.07 -9.34
N SER J 256 16.59 12.44 -8.39
CA SER J 256 15.44 13.09 -7.75
C SER J 256 15.00 12.34 -6.50
N PRO J 257 14.41 13.08 -5.54
CA PRO J 257 13.71 12.41 -4.44
C PRO J 257 12.51 11.64 -4.98
N LEU J 258 12.14 10.54 -4.33
CA LEU J 258 11.05 9.72 -4.86
C LEU J 258 10.43 8.83 -3.77
N ARG J 259 9.24 8.32 -4.06
CA ARG J 259 8.57 7.40 -3.16
C ARG J 259 8.88 5.96 -3.57
N VAL J 260 9.80 5.32 -2.86
CA VAL J 260 10.19 3.95 -3.16
C VAL J 260 9.25 2.96 -2.50
N LEU J 261 8.62 2.10 -3.31
CA LEU J 261 7.70 1.10 -2.81
C LEU J 261 8.18 -0.31 -3.09
N ALA J 262 7.82 -1.24 -2.21
CA ALA J 262 8.15 -2.64 -2.41
C ALA J 262 6.89 -3.50 -2.40
N LEU J 263 6.73 -4.33 -3.42
CA LEU J 263 5.66 -5.31 -3.44
C LEU J 263 6.20 -6.62 -2.90
N VAL J 264 5.44 -7.26 -2.01
CA VAL J 264 5.90 -8.48 -1.37
C VAL J 264 4.85 -9.56 -1.48
N GLU J 265 5.27 -10.74 -1.93
CA GLU J 265 4.37 -11.87 -2.13
C GLU J 265 4.86 -13.08 -1.34
MN MN K . -20.00 -22.28 -28.90
C1 SIN L . -16.30 -23.38 -24.29
O1 SIN L . -16.05 -24.12 -25.26
O2 SIN L . -15.96 -23.76 -23.14
C2 SIN L . -16.98 -22.04 -24.50
C3 SIN L . -18.45 -22.21 -24.90
C4 SIN L . -18.65 -22.34 -26.40
O3 SIN L . -19.20 -23.35 -26.87
O4 SIN L . -18.28 -21.44 -27.20
MN MN M . -18.82 -18.36 -56.65
C1 SIN N . -16.65 -18.87 -59.85
O1 SIN N . -17.36 -18.69 -58.84
O2 SIN N . -16.95 -19.77 -60.67
C2 SIN N . -15.41 -18.02 -60.09
C3 SIN N . -14.93 -18.18 -61.52
C4 SIN N . -13.81 -17.19 -61.79
O3 SIN N . -13.33 -17.06 -62.94
O4 SIN N . -13.35 -16.50 -60.86
MN MN O . 9.94 -38.31 -5.73
C1 SIN P . 8.82 -36.04 -7.61
O1 SIN P . 9.18 -35.20 -6.76
O2 SIN P . 9.50 -37.09 -7.73
C2 SIN P . 7.60 -35.80 -8.47
C3 SIN P . 7.86 -34.73 -9.52
C4 SIN P . 6.68 -34.61 -10.44
O3 SIN P . 5.61 -35.23 -10.20
O4 SIN P . 6.72 -33.89 -11.47
MN MN Q . 6.94 -48.96 19.88
C1 SIN R . 2.88 -48.89 24.62
O1 SIN R . 2.40 -48.03 25.40
O2 SIN R . 2.47 -50.07 24.69
C2 SIN R . 3.94 -48.51 23.61
C3 SIN R . 4.00 -49.57 22.51
C4 SIN R . 5.10 -49.23 21.52
O3 SIN R . 4.96 -49.50 20.30
O4 SIN R . 6.15 -48.66 21.89
MN MN S . -9.40 -9.92 21.40
C1 SIN T . -9.71 -11.92 19.86
O1 SIN T . -10.10 -11.73 21.03
O2 SIN T . -8.60 -11.44 19.52
C2 SIN T . -10.59 -12.67 18.88
C3 SIN T . -9.79 -13.31 17.76
C4 SIN T . -10.73 -13.66 16.62
O3 SIN T . -11.81 -13.04 16.48
O4 SIN T . -10.45 -14.57 15.81
MN MN U . -4.36 17.04 26.56
C1 SIN V . -3.86 22.25 23.62
O1 SIN V . -4.90 22.92 23.79
O2 SIN V . -3.01 22.65 22.79
C2 SIN V . -3.63 20.99 24.41
C3 SIN V . -4.95 20.48 24.98
C4 SIN V . -4.72 19.12 25.62
O3 SIN V . -5.63 18.27 25.66
O4 SIN V . -3.60 18.84 26.12
MN MN W . 20.18 58.71 0.51
MN MN X . 5.89 66.65 23.33
C1 SIN Y . 5.15 72.38 27.49
O1 SIN Y . 4.62 73.03 28.41
O2 SIN Y . 6.37 72.50 27.28
C2 SIN Y . 4.32 71.44 26.63
C3 SIN Y . 5.24 70.59 25.77
C4 SIN Y . 4.45 69.55 25.02
O3 SIN Y . 3.19 69.61 24.99
O4 SIN Y . 5.03 68.62 24.42
MN MN Z . -3.59 20.14 -7.25
C1 SIN AA . -7.21 25.52 -6.48
O1 SIN AA . -8.20 25.38 -7.25
O2 SIN AA . -7.19 26.52 -5.73
C2 SIN AA . -6.09 24.51 -6.48
C3 SIN AA . -6.36 23.41 -7.50
C4 SIN AA . -5.31 22.31 -7.41
O3 SIN AA . -5.53 21.29 -6.72
O4 SIN AA . -4.24 22.40 -8.03
MN MN BA . 22.71 10.93 -4.66
#